data_5SVC
#
_entry.id   5SVC
#
_cell.length_a   76.760
_cell.length_b   265.159
_cell.length_c   122.170
_cell.angle_alpha   90.00
_cell.angle_beta   92.33
_cell.angle_gamma   90.00
#
_symmetry.space_group_name_H-M   'P 1 21 1'
#
loop_
_entity.id
_entity.type
_entity.pdbx_description
1 polymer 'Acetone carboxylase alpha subunit'
2 polymer 'Acetone carboxylase beta subunit'
3 polymer 'Acetone carboxylase gamma subunit'
4 non-polymer 'MANGANESE (II) ION'
5 non-polymer 'SULFATE ION'
6 non-polymer 'ZINC ION'
7 water water
#
loop_
_entity_poly.entity_id
_entity_poly.type
_entity_poly.pdbx_seq_one_letter_code
_entity_poly.pdbx_strand_id
1 'polypeptide(L)'
;MNVTVDQSTLAGATRGIVRGGETLKEHRDRLMAATKATGRYAGLKTLELREREPILYNKLFSRLRAGVVDARETAKKIAA
SPIVEQEGELCFTLYNAAGDSLLTSTGIIIHVGTMGAAIKYMIENNWEANPGVHDKDIFCNNDSLIGNVHPCDIHTIVPI
FWEGELIGWVGGVTHVIDTGAVGPGSMATGQVQRFGDGYSITCRKVGANDTLFRDWLHESQRMVRTTRYWMLDERTRIAG
CHMIRKLVEEVVAEEGIEAYWKFAYEAVEHGRLGLQARIKAMTIPGTYRQVGFVDVPYAHEDVRVPSDFAKLDTIMHAPC
EMTIRRDGTWRLDFEGSSRWGWHTYNAHQVSFTSGIWVMMTQTLIPSEMINDGAAYGTEFRLPKGTWMNPDDRRVAFSYS
WHFLVSAWTALWRGLSRSYFGRGYLEEVNAGNANTSNWLQGGGFNQYDEIHAVNSFECAANGTGATAVQDGLSHAAAIWN
PEGDMGDMEIWELAEPLVYLGRQIKASSGGSGKYRGGCGFESLRMVWNAKDWTMFFMGNGHISSDWGLMGGYPAASGYRF
AAHKTNLKELIASGAEIPLGGDTDPENPTWDAMLPDAQIKRDKQAITTEEMFSDYDLYLNYMRGGPGFGDPLDREPQAVA
DDINGGYVLERFAGEVYGVVVRKGADGQYGVDEAGTAAARAQIRKDRLAKSVPVSEWMKGEREKILAKDAGTQVRQMFAA
SFKLGPRFEKDFRTFWSLPDSWTLPEEEIGVPTYGSRYSMDISELPDVHTVQFVEE
;
A,D
2 'polypeptide(L)'
;MHHHHHHSSGMNVPVGHLRNVQVLGIDAGGTMTDTFFVDQDGDFVVGKAQSTPQNEALGLIASSEDGLANWGMSLHEALA
QLQTGVYSGTAMLNRVVQRKGLKCGLIVNRGMEDFHRMGRAVQSHLGYAYEDRIHLNTHRYDPPLVPRHLTRGVVERTDM
IGTQVIPLREDTARDAARDLIAADAEGIVISLLHSYKNPENERRVRDIVLEEVEKSGKKIPVFASADYYPVRKETHRTNT
TILEGYAAEPSRQTLSKISNAFKERGTKFDFRVMATHGGTISWKAKELARTIVSGPIGGVIGAKYLGEVLGYKNIACSDI
GGTSFDVALITQGEMTIKNDPDMARLVLSLPLVAMDSVGAGAGSFIRLDPYTRAIKLGPDSAGYRVGVCWKESGIETVTI
SDCHMVLGYLNPDNFLGGAVKLDRQRSVDAIKAQIADPLGLSVEDAAAGVIELLDSDLRDYLRSMISGKGYSPASFVCFS
YGGAGPVHTYGYTEGLGFEDVIVPAWAAGFSAFGCAAADFEYRYDKSLDINMPTETPDTDKEKAAATLQAAWEELTKNVL
EEFKLNGYSADQVTLQPGYRMQYRGQLNDLEIESPLAQAHTAADWDQLTDAFNATYGRVYAASARSPELGYSVTGAIMRG
MVPIPKPKIPKEPEEGETPPESAKIGTRKFYRKKRWVDAQLYHMESLRPGNRVMGPAVIESDATTFVVPDGFETWLDGHR
LFHLREV
;
B,E
3 'polypeptide(L)'
;MAYTRSKIVDLVDGKIDPDTLHQMLSTPKDPERFVTYVEILQERMPWDDKIILPLGPKLFIVQQKVSKKWTVRCECGHDF
CDWKDNWKLSARVHVRDTPQKMEEIYPRLMAPTPSWQVIREYFCPECGTLHDVEAPTPWYPVIHDFSPDIEGFYQEWLGL
PVPERADA
;
C,F
#
loop_
_chem_comp.id
_chem_comp.type
_chem_comp.name
_chem_comp.formula
MN non-polymer 'MANGANESE (II) ION' 'Mn 2'
SO4 non-polymer 'SULFATE ION' 'O4 S -2'
ZN non-polymer 'ZINC ION' 'Zn 2'
#
# COMPACT_ATOMS: atom_id res chain seq x y z
N THR A 14 -30.09 21.79 -3.33
CA THR A 14 -28.90 21.71 -2.46
C THR A 14 -27.76 22.58 -2.95
N ARG A 15 -27.59 23.75 -2.32
CA ARG A 15 -26.57 24.68 -2.78
C ARG A 15 -25.21 23.98 -2.89
N GLY A 16 -24.53 24.23 -4.01
CA GLY A 16 -23.13 23.87 -4.12
C GLY A 16 -22.27 24.74 -3.23
N ILE A 17 -21.04 24.26 -3.01
CA ILE A 17 -20.17 24.88 -2.03
C ILE A 17 -19.32 26.01 -2.59
N VAL A 18 -19.29 26.19 -3.92
CA VAL A 18 -18.49 27.25 -4.48
C VAL A 18 -19.14 28.60 -4.16
N ARG A 19 -18.32 29.65 -4.21
CA ARG A 19 -18.77 31.00 -3.93
C ARG A 19 -20.03 31.38 -4.71
N GLY A 20 -20.23 30.82 -5.91
CA GLY A 20 -21.44 31.15 -6.62
C GLY A 20 -22.74 30.60 -6.02
N GLY A 21 -22.66 29.47 -5.34
CA GLY A 21 -23.80 28.60 -5.17
C GLY A 21 -23.77 27.38 -6.08
N GLU A 22 -22.91 27.37 -7.11
CA GLU A 22 -22.74 26.20 -7.95
C GLU A 22 -21.88 25.16 -7.26
N THR A 23 -22.02 23.91 -7.71
CA THR A 23 -21.10 22.87 -7.27
C THR A 23 -19.72 23.08 -7.86
N LEU A 24 -18.74 22.40 -7.27
CA LEU A 24 -17.41 22.34 -7.87
C LEU A 24 -17.49 21.89 -9.33
N LYS A 25 -18.32 20.89 -9.61
CA LYS A 25 -18.39 20.37 -10.97
C LYS A 25 -19.07 21.35 -11.92
N GLU A 26 -20.25 21.87 -11.53
CA GLU A 26 -20.91 22.87 -12.38
C GLU A 26 -20.00 24.06 -12.63
N HIS A 27 -19.30 24.52 -11.58
CA HIS A 27 -18.44 25.70 -11.71
C HIS A 27 -17.33 25.47 -12.72
N ARG A 28 -16.62 24.36 -12.61
CA ARG A 28 -15.55 24.13 -13.58
C ARG A 28 -16.11 23.84 -14.96
N ASP A 29 -17.17 23.01 -15.06
CA ASP A 29 -17.76 22.75 -16.36
C ASP A 29 -18.14 24.06 -17.09
N ARG A 30 -18.73 25.02 -16.36
CA ARG A 30 -18.98 26.32 -16.96
C ARG A 30 -17.71 26.94 -17.52
N LEU A 31 -16.63 26.94 -16.72
CA LEU A 31 -15.39 27.65 -17.09
C LEU A 31 -14.69 26.98 -18.25
N MET A 32 -14.75 25.66 -18.34
CA MET A 32 -14.08 25.03 -19.46
C MET A 32 -14.87 25.25 -20.75
N ALA A 33 -16.20 25.40 -20.63
CA ALA A 33 -17.01 25.66 -21.82
C ALA A 33 -16.69 27.02 -22.41
N ALA A 34 -16.69 28.06 -21.57
CA ALA A 34 -16.27 29.39 -22.01
C ALA A 34 -14.89 29.35 -22.61
N THR A 35 -13.97 28.62 -21.97
CA THR A 35 -12.60 28.57 -22.47
C THR A 35 -12.57 27.91 -23.84
N LYS A 36 -13.25 26.78 -23.97
CA LYS A 36 -13.30 26.11 -25.28
C LYS A 36 -13.95 27.00 -26.32
N ALA A 37 -15.14 27.54 -26.04
CA ALA A 37 -15.84 28.32 -27.05
C ALA A 37 -15.07 29.57 -27.45
N THR A 38 -14.45 30.24 -26.49
CA THR A 38 -13.93 31.58 -26.66
C THR A 38 -12.44 31.63 -26.99
N GLY A 39 -11.65 30.61 -26.63
CA GLY A 39 -10.21 30.65 -26.82
C GLY A 39 -9.41 31.37 -25.74
N ARG A 40 -10.07 31.89 -24.70
CA ARG A 40 -9.46 32.62 -23.60
C ARG A 40 -9.90 31.95 -22.31
N TYR A 41 -8.98 31.86 -21.34
CA TYR A 41 -9.31 31.17 -20.10
C TYR A 41 -10.59 31.77 -19.51
N ALA A 42 -11.57 30.92 -19.23
CA ALA A 42 -12.84 31.30 -18.62
C ALA A 42 -13.64 32.31 -19.44
N GLY A 43 -13.29 32.52 -20.71
CA GLY A 43 -14.02 33.48 -21.50
C GLY A 43 -13.57 34.90 -21.35
N LEU A 44 -12.46 35.14 -20.64
CA LEU A 44 -12.07 36.51 -20.29
C LEU A 44 -11.51 37.29 -21.47
N LYS A 45 -12.39 37.92 -22.27
CA LYS A 45 -11.90 38.73 -23.39
C LYS A 45 -11.32 40.06 -22.92
N THR A 46 -11.62 40.46 -21.69
CA THR A 46 -11.06 41.65 -21.08
C THR A 46 -10.68 41.27 -19.66
N LEU A 47 -9.69 41.95 -19.11
CA LEU A 47 -9.24 41.72 -17.73
C LEU A 47 -9.65 42.95 -16.93
N GLU A 48 -10.87 42.92 -16.40
CA GLU A 48 -11.47 44.08 -15.74
C GLU A 48 -10.52 44.71 -14.70
N LEU A 49 -10.14 43.92 -13.69
CA LEU A 49 -9.30 44.46 -12.64
C LEU A 49 -7.99 44.98 -13.21
N ARG A 50 -7.29 44.13 -13.99
CA ARG A 50 -5.96 44.51 -14.49
C ARG A 50 -6.02 45.76 -15.33
N GLU A 51 -6.97 45.82 -16.26
CA GLU A 51 -7.12 46.98 -17.11
C GLU A 51 -7.64 48.20 -16.33
N ARG A 52 -8.66 48.02 -15.49
CA ARG A 52 -9.30 49.19 -14.88
C ARG A 52 -8.72 49.59 -13.53
N GLU A 53 -8.21 48.65 -12.74
CA GLU A 53 -7.63 48.95 -11.42
C GLU A 53 -6.26 48.33 -11.33
N PRO A 54 -5.35 48.74 -12.22
CA PRO A 54 -4.04 48.06 -12.34
C PRO A 54 -3.21 48.07 -11.07
N ILE A 55 -3.28 49.17 -10.30
CA ILE A 55 -2.55 49.25 -9.03
C ILE A 55 -3.04 48.15 -8.08
N LEU A 56 -4.35 48.07 -7.88
CA LEU A 56 -4.89 47.02 -7.02
C LEU A 56 -4.53 45.62 -7.53
N TYR A 57 -4.44 45.45 -8.84
CA TYR A 57 -4.15 44.14 -9.42
C TYR A 57 -2.74 43.66 -9.05
N ASN A 58 -1.74 44.54 -9.13
CA ASN A 58 -0.38 44.11 -8.83
C ASN A 58 -0.12 44.02 -7.34
N LYS A 59 -0.76 44.87 -6.56
CA LYS A 59 -0.63 44.76 -5.12
C LYS A 59 -1.06 43.39 -4.64
N LEU A 60 -2.19 42.89 -5.15
CA LEU A 60 -2.59 41.52 -4.87
C LEU A 60 -1.53 40.53 -5.34
N PHE A 61 -1.09 40.68 -6.58
CA PHE A 61 -0.07 39.79 -7.13
C PHE A 61 1.20 39.83 -6.27
N SER A 62 1.70 41.05 -5.98
CA SER A 62 2.94 41.18 -5.24
C SER A 62 2.81 40.61 -3.82
N ARG A 63 1.68 40.85 -3.16
CA ARG A 63 1.54 40.36 -1.79
C ARG A 63 1.27 38.86 -1.75
N LEU A 64 0.57 38.31 -2.72
CA LEU A 64 0.29 36.90 -2.61
C LEU A 64 1.51 36.08 -3.06
N ARG A 65 2.17 36.49 -4.15
CA ARG A 65 3.31 35.69 -4.56
C ARG A 65 4.41 35.75 -3.51
N ALA A 66 4.54 36.86 -2.78
CA ALA A 66 5.49 36.86 -1.68
C ALA A 66 5.05 35.89 -0.58
N GLY A 67 3.74 35.76 -0.37
CA GLY A 67 3.28 34.86 0.67
C GLY A 67 3.69 33.42 0.44
N VAL A 68 3.55 32.93 -0.80
CA VAL A 68 3.81 31.52 -1.04
C VAL A 68 5.31 31.25 -1.09
N VAL A 69 6.08 32.20 -1.63
CA VAL A 69 7.53 32.11 -1.61
C VAL A 69 8.02 31.95 -0.18
N ASP A 70 7.48 32.78 0.72
CA ASP A 70 7.94 32.82 2.10
C ASP A 70 7.44 31.63 2.88
N ALA A 71 6.25 31.14 2.56
CA ALA A 71 5.75 29.93 3.20
C ALA A 71 6.66 28.73 2.93
N ARG A 72 7.03 28.53 1.66
CA ARG A 72 7.96 27.46 1.32
C ARG A 72 9.26 27.60 2.08
N GLU A 73 9.80 28.82 2.15
CA GLU A 73 11.12 29.01 2.75
C GLU A 73 11.10 28.80 4.25
N THR A 74 10.09 29.34 4.92
CA THR A 74 9.93 29.13 6.35
C THR A 74 9.69 27.65 6.67
N ALA A 75 8.63 27.07 6.10
CA ALA A 75 8.20 25.76 6.56
C ALA A 75 9.28 24.71 6.37
N LYS A 76 10.15 24.87 5.37
CA LYS A 76 11.17 23.85 5.11
C LYS A 76 12.16 23.72 6.26
N LYS A 77 12.06 24.59 7.29
CA LYS A 77 12.90 24.46 8.47
C LYS A 77 12.32 23.46 9.46
N ILE A 78 11.21 22.80 9.11
CA ILE A 78 10.61 21.79 9.97
C ILE A 78 11.11 20.39 9.65
N ALA A 79 11.64 20.17 8.44
CA ALA A 79 11.96 18.82 7.99
C ALA A 79 13.31 18.35 8.49
N ALA A 80 13.39 17.04 8.75
CA ALA A 80 14.63 16.37 9.11
C ALA A 80 15.44 15.99 7.89
N SER A 81 14.77 15.55 6.83
CA SER A 81 15.41 15.15 5.59
C SER A 81 16.08 16.33 4.92
N PRO A 82 17.35 16.22 4.50
CA PRO A 82 18.00 17.36 3.82
C PRO A 82 17.38 17.69 2.47
N ILE A 83 16.71 16.72 1.85
CA ILE A 83 16.03 16.95 0.58
C ILE A 83 15.07 18.13 0.70
N VAL A 84 14.32 18.18 1.80
CA VAL A 84 13.41 19.28 2.02
C VAL A 84 14.09 20.44 2.71
N GLU A 85 14.91 20.19 3.75
CA GLU A 85 15.40 21.31 4.57
C GLU A 85 16.46 22.12 3.85
N GLN A 86 17.40 21.46 3.21
CA GLN A 86 18.48 22.21 2.56
C GLN A 86 18.27 22.37 1.06
N GLU A 87 17.88 21.30 0.35
CA GLU A 87 17.72 21.34 -1.11
C GLU A 87 16.45 22.05 -1.56
N GLY A 88 15.41 22.10 -0.74
CA GLY A 88 14.20 22.81 -1.10
C GLY A 88 13.33 22.03 -2.06
N GLU A 89 13.35 20.70 -2.02
CA GLU A 89 12.48 19.95 -2.91
C GLU A 89 11.08 19.92 -2.29
N LEU A 90 10.44 21.07 -2.35
CA LEU A 90 9.08 21.26 -1.85
C LEU A 90 8.47 22.40 -2.64
N CYS A 91 7.14 22.41 -2.71
CA CYS A 91 6.51 23.50 -3.45
C CYS A 91 5.19 23.88 -2.79
N PHE A 92 4.83 25.17 -2.90
CA PHE A 92 3.49 25.61 -2.50
C PHE A 92 2.77 26.36 -3.61
N THR A 93 1.54 25.91 -3.92
CA THR A 93 0.72 26.48 -5.00
C THR A 93 -0.67 26.91 -4.52
N LEU A 94 -1.13 28.03 -5.05
CA LEU A 94 -2.47 28.54 -4.76
C LEU A 94 -3.35 28.40 -5.99
N TYR A 95 -4.55 27.88 -5.78
CA TYR A 95 -5.46 27.51 -6.85
C TYR A 95 -6.78 28.24 -6.69
N ASN A 96 -7.48 28.40 -7.81
CA ASN A 96 -8.84 28.92 -7.80
C ASN A 96 -9.80 27.76 -7.52
N ALA A 97 -11.09 28.03 -7.61
CA ALA A 97 -12.07 27.02 -7.23
C ALA A 97 -11.99 25.81 -8.14
N ALA A 98 -11.75 26.03 -9.42
CA ALA A 98 -11.74 24.98 -10.43
C ALA A 98 -10.40 24.25 -10.50
N GLY A 99 -9.46 24.58 -9.62
CA GLY A 99 -8.18 23.91 -9.60
C GLY A 99 -7.18 24.43 -10.59
N ASP A 100 -7.25 25.71 -10.93
CA ASP A 100 -6.23 26.31 -11.76
C ASP A 100 -5.32 27.17 -10.87
N SER A 101 -4.02 27.03 -11.05
CA SER A 101 -3.10 27.79 -10.19
C SER A 101 -3.15 29.30 -10.46
N LEU A 102 -3.08 30.09 -9.41
CA LEU A 102 -2.87 31.53 -9.58
C LEU A 102 -1.40 31.91 -9.46
N LEU A 103 -0.71 31.42 -8.42
CA LEU A 103 0.69 31.75 -8.14
C LEU A 103 1.39 30.58 -7.47
N THR A 104 2.73 30.56 -7.56
CA THR A 104 3.51 29.50 -6.92
C THR A 104 4.83 30.01 -6.38
N SER A 105 5.28 29.42 -5.29
CA SER A 105 6.69 29.49 -4.97
C SER A 105 7.49 28.67 -6.01
N THR A 106 8.80 28.93 -6.06
CA THR A 106 9.70 28.13 -6.88
C THR A 106 9.93 26.74 -6.28
N GLY A 107 10.97 26.03 -6.73
CA GLY A 107 11.23 24.69 -6.27
C GLY A 107 10.69 23.69 -7.28
N ILE A 108 10.11 22.57 -6.80
CA ILE A 108 9.63 21.51 -7.68
C ILE A 108 8.25 21.83 -8.22
N ILE A 109 8.19 22.88 -9.02
CA ILE A 109 6.93 23.47 -9.48
C ILE A 109 6.22 22.62 -10.52
N ILE A 110 6.72 21.43 -10.83
CA ILE A 110 5.97 20.55 -11.71
C ILE A 110 4.67 20.15 -11.05
N HIS A 111 4.62 20.21 -9.72
CA HIS A 111 3.42 19.85 -8.98
C HIS A 111 2.38 20.96 -8.94
N VAL A 112 2.71 22.14 -9.46
CA VAL A 112 1.67 23.08 -9.84
C VAL A 112 0.56 22.33 -10.58
N GLY A 113 0.94 21.59 -11.64
CA GLY A 113 -0.04 20.89 -12.46
C GLY A 113 -0.48 19.55 -11.90
N THR A 114 0.40 18.84 -11.21
CA THR A 114 -0.01 17.53 -10.71
C THR A 114 -1.04 17.67 -9.60
N MET A 115 -0.77 18.54 -8.61
CA MET A 115 -1.77 18.79 -7.57
C MET A 115 -3.02 19.46 -8.15
N GLY A 116 -2.88 20.21 -9.26
CA GLY A 116 -4.05 20.81 -9.90
C GLY A 116 -4.99 19.76 -10.46
N ALA A 117 -4.42 18.68 -11.00
CA ALA A 117 -5.19 17.56 -11.54
C ALA A 117 -5.85 16.69 -10.47
N ALA A 118 -5.22 16.53 -9.30
CA ALA A 118 -5.91 15.87 -8.19
C ALA A 118 -7.11 16.69 -7.74
N ILE A 119 -6.94 18.01 -7.62
CA ILE A 119 -8.07 18.87 -7.29
C ILE A 119 -9.19 18.64 -8.30
N LYS A 120 -8.80 18.50 -9.58
CA LYS A 120 -9.80 18.31 -10.63
C LYS A 120 -10.40 16.91 -10.57
N TYR A 121 -9.59 15.91 -10.26
CA TYR A 121 -10.14 14.55 -10.11
C TYR A 121 -11.20 14.52 -9.03
N MET A 122 -10.95 15.22 -7.91
CA MET A 122 -11.96 15.33 -6.87
C MET A 122 -13.19 16.03 -7.42
N ILE A 123 -12.99 17.14 -8.13
CA ILE A 123 -14.10 17.88 -8.71
C ILE A 123 -14.96 16.99 -9.60
N GLU A 124 -14.30 16.16 -10.45
CA GLU A 124 -14.96 15.37 -11.48
C GLU A 124 -15.56 14.10 -10.94
N ASN A 125 -15.17 13.66 -9.75
CA ASN A 125 -15.71 12.45 -9.17
C ASN A 125 -16.57 12.75 -7.97
N ASN A 126 -17.00 14.00 -7.83
CA ASN A 126 -18.04 14.37 -6.88
C ASN A 126 -17.59 14.06 -5.45
N TRP A 127 -16.31 14.32 -5.16
CA TRP A 127 -15.85 14.36 -3.77
C TRP A 127 -16.77 15.26 -2.96
N GLU A 128 -17.38 16.24 -3.63
CA GLU A 128 -18.26 17.17 -2.94
C GLU A 128 -19.37 16.44 -2.22
N ALA A 129 -20.04 15.52 -2.90
CA ALA A 129 -21.06 14.72 -2.22
C ALA A 129 -20.46 13.80 -1.16
N ASN A 130 -19.29 13.21 -1.45
CA ASN A 130 -18.67 12.19 -0.62
C ASN A 130 -17.22 12.08 -1.01
N PRO A 131 -16.28 12.30 -0.07
CA PRO A 131 -16.42 12.42 1.38
C PRO A 131 -16.73 13.84 1.86
N GLY A 132 -16.95 14.75 0.92
CA GLY A 132 -17.26 16.13 1.24
C GLY A 132 -16.04 17.00 1.38
N VAL A 133 -16.08 18.20 0.84
CA VAL A 133 -15.02 19.19 1.04
C VAL A 133 -15.52 20.21 2.05
N HIS A 134 -14.97 20.15 3.26
CA HIS A 134 -15.39 21.00 4.35
C HIS A 134 -14.25 21.93 4.77
N ASP A 135 -14.59 23.07 5.35
CA ASP A 135 -13.55 23.93 5.88
C ASP A 135 -12.72 23.16 6.90
N LYS A 136 -11.45 23.53 7.01
CA LYS A 136 -10.57 22.94 8.00
C LYS A 136 -10.25 21.48 7.69
N ASP A 137 -10.81 20.90 6.63
CA ASP A 137 -10.46 19.55 6.21
C ASP A 137 -9.01 19.49 5.72
N ILE A 138 -8.46 18.27 5.58
CA ILE A 138 -7.07 18.04 5.11
C ILE A 138 -7.02 16.84 4.17
N PHE A 139 -6.59 17.06 2.94
CA PHE A 139 -6.49 15.96 1.98
C PHE A 139 -5.03 15.64 1.68
N CYS A 140 -4.75 14.36 1.53
CA CYS A 140 -3.40 13.92 1.20
C CYS A 140 -3.45 13.01 -0.01
N ASN A 141 -2.53 13.20 -0.94
CA ASN A 141 -2.61 12.40 -2.16
C ASN A 141 -1.23 12.28 -2.82
N ASN A 142 -1.02 11.15 -3.52
CA ASN A 142 0.17 11.02 -4.35
C ASN A 142 -0.04 10.14 -5.57
N ASP A 143 -1.30 9.76 -5.89
CA ASP A 143 -1.62 8.75 -6.90
C ASP A 143 -1.12 9.11 -8.31
N SER A 144 -0.25 8.27 -8.85
CA SER A 144 0.32 8.52 -10.17
C SER A 144 -0.69 8.32 -11.31
N LEU A 145 -1.68 7.43 -11.14
CA LEU A 145 -2.69 7.25 -12.18
C LEU A 145 -3.52 8.51 -12.46
N ILE A 146 -3.62 9.43 -11.50
CA ILE A 146 -4.27 10.73 -11.68
C ILE A 146 -3.28 11.81 -12.13
N GLY A 147 -2.02 11.47 -12.34
CA GLY A 147 -1.07 12.41 -12.88
C GLY A 147 0.06 12.92 -12.01
N ASN A 148 0.40 12.25 -10.90
CA ASN A 148 1.57 12.60 -10.10
C ASN A 148 2.82 11.94 -10.67
N VAL A 149 3.96 12.58 -10.41
CA VAL A 149 5.24 12.16 -10.99
C VAL A 149 5.65 10.77 -10.51
N HIS A 150 5.59 10.55 -9.19
CA HIS A 150 6.06 9.33 -8.54
C HIS A 150 5.56 9.34 -7.09
N PRO A 151 5.29 8.17 -6.50
CA PRO A 151 4.67 8.16 -5.15
C PRO A 151 5.47 8.96 -4.13
N CYS A 152 6.79 9.00 -4.25
CA CYS A 152 7.59 9.68 -3.24
C CYS A 152 7.32 11.16 -3.17
N ASP A 153 6.58 11.74 -4.11
CA ASP A 153 6.23 13.15 -4.01
C ASP A 153 4.80 13.25 -3.46
N ILE A 154 4.66 13.64 -2.19
CA ILE A 154 3.35 13.58 -1.52
C ILE A 154 2.72 14.96 -1.36
N HIS A 155 1.45 15.08 -1.81
CA HIS A 155 0.67 16.32 -1.71
C HIS A 155 -0.14 16.42 -0.43
N THR A 156 -0.19 17.62 0.12
CA THR A 156 -1.24 18.03 1.05
C THR A 156 -2.11 19.09 0.39
N ILE A 157 -3.43 18.91 0.43
CA ILE A 157 -4.35 19.82 -0.24
C ILE A 157 -5.39 20.28 0.78
N VAL A 158 -5.46 21.59 1.00
CA VAL A 158 -6.43 22.21 1.92
C VAL A 158 -7.40 23.08 1.11
N PRO A 159 -8.71 22.88 1.23
CA PRO A 159 -9.65 23.88 0.68
C PRO A 159 -9.65 25.15 1.51
N ILE A 160 -9.85 26.27 0.81
CA ILE A 160 -9.97 27.58 1.43
C ILE A 160 -11.41 28.04 1.33
N PHE A 161 -11.96 28.50 2.46
CA PHE A 161 -13.34 28.96 2.50
C PHE A 161 -13.37 30.44 2.90
N TRP A 162 -14.43 31.12 2.48
CA TRP A 162 -14.67 32.51 2.84
C TRP A 162 -16.16 32.76 3.00
N GLU A 163 -16.57 33.27 4.16
CA GLU A 163 -17.97 33.51 4.43
C GLU A 163 -18.83 32.29 4.05
N GLY A 164 -18.26 31.10 4.21
CA GLY A 164 -19.01 29.87 4.10
C GLY A 164 -18.91 29.16 2.77
N GLU A 165 -18.11 29.67 1.85
CA GLU A 165 -18.03 29.13 0.50
C GLU A 165 -16.57 28.92 0.11
N LEU A 166 -16.33 27.93 -0.75
CA LEU A 166 -14.98 27.67 -1.25
C LEU A 166 -14.57 28.76 -2.23
N ILE A 167 -13.36 29.30 -2.06
CA ILE A 167 -12.78 30.27 -2.99
C ILE A 167 -11.45 29.80 -3.58
N GLY A 168 -11.06 28.56 -3.36
CA GLY A 168 -9.77 28.12 -3.85
C GLY A 168 -9.17 27.05 -2.94
N TRP A 169 -7.97 26.62 -3.33
CA TRP A 169 -7.25 25.58 -2.65
C TRP A 169 -5.81 25.99 -2.42
N VAL A 170 -5.16 25.42 -1.40
CA VAL A 170 -3.70 25.42 -1.31
C VAL A 170 -3.16 24.00 -1.49
N GLY A 171 -2.08 23.88 -2.25
CA GLY A 171 -1.33 22.62 -2.31
C GLY A 171 0.10 22.75 -1.81
N GLY A 172 0.55 21.80 -1.00
CA GLY A 172 1.97 21.63 -0.70
C GLY A 172 2.48 20.25 -1.05
N VAL A 173 3.65 20.19 -1.70
CA VAL A 173 4.32 18.93 -2.08
C VAL A 173 5.64 18.87 -1.31
N THR A 174 5.96 17.70 -0.76
CA THR A 174 7.34 17.41 -0.39
C THR A 174 7.79 16.16 -1.11
N HIS A 175 9.05 16.15 -1.57
CA HIS A 175 9.71 14.89 -1.91
C HIS A 175 10.24 14.20 -0.66
N VAL A 176 9.74 13.02 -0.43
CA VAL A 176 9.94 12.21 0.76
C VAL A 176 10.99 11.14 0.46
N ILE A 177 11.72 10.71 1.50
CA ILE A 177 12.85 9.79 1.27
C ILE A 177 12.36 8.49 0.68
N ASP A 178 11.27 7.93 1.19
CA ASP A 178 10.83 6.63 0.70
C ASP A 178 9.37 6.43 1.03
N THR A 179 8.74 5.56 0.25
CA THR A 179 7.33 5.27 0.41
C THR A 179 7.08 3.77 0.52
N GLY A 180 8.09 3.04 0.96
CA GLY A 180 7.94 1.62 1.16
C GLY A 180 7.72 0.81 -0.10
N ALA A 181 8.39 1.16 -1.20
CA ALA A 181 8.44 0.23 -2.32
C ALA A 181 9.42 -0.92 -2.03
N VAL A 182 9.47 -1.89 -2.95
CA VAL A 182 10.41 -3.01 -2.81
C VAL A 182 11.83 -2.49 -2.71
N GLY A 183 12.19 -1.55 -3.58
CA GLY A 183 13.48 -0.94 -3.51
C GLY A 183 13.58 0.01 -2.33
N PRO A 184 14.70 -0.08 -1.65
CA PRO A 184 14.98 0.89 -0.59
C PRO A 184 15.62 2.15 -1.18
N GLY A 185 14.85 3.22 -1.21
CA GLY A 185 15.21 4.48 -1.83
C GLY A 185 13.96 5.10 -2.43
N SER A 186 14.12 6.29 -3.01
CA SER A 186 12.92 6.95 -3.50
C SER A 186 12.71 6.74 -5.00
N MET A 187 13.78 6.74 -5.78
CA MET A 187 13.73 6.34 -7.18
C MET A 187 13.94 4.83 -7.32
N ALA A 188 13.18 4.03 -6.59
CA ALA A 188 13.57 2.64 -6.36
C ALA A 188 13.43 1.76 -7.59
N THR A 189 14.39 0.86 -7.78
CA THR A 189 14.19 -0.29 -8.63
C THR A 189 13.91 -1.54 -7.77
N GLY A 190 13.53 -2.63 -8.45
CA GLY A 190 13.16 -3.85 -7.77
C GLY A 190 11.76 -4.28 -8.15
N GLN A 191 10.78 -3.41 -7.85
CA GLN A 191 9.41 -3.63 -8.28
C GLN A 191 9.26 -3.33 -9.77
N VAL A 192 8.25 -3.96 -10.40
CA VAL A 192 8.14 -3.91 -11.86
C VAL A 192 6.73 -3.52 -12.32
N GLN A 193 5.80 -3.45 -11.36
CA GLN A 193 4.40 -3.08 -11.55
C GLN A 193 4.00 -2.07 -10.47
N ARG A 194 2.74 -1.63 -10.46
CA ARG A 194 2.26 -0.78 -9.36
C ARG A 194 2.36 -1.49 -8.02
N PHE A 195 1.98 -2.75 -7.97
CA PHE A 195 2.01 -3.58 -6.76
C PHE A 195 3.45 -3.82 -6.29
N GLY A 196 3.91 -3.07 -5.30
CA GLY A 196 5.30 -3.02 -4.90
C GLY A 196 5.95 -1.65 -5.16
N ASP A 197 5.27 -0.76 -5.91
CA ASP A 197 5.82 0.56 -6.21
C ASP A 197 5.61 1.58 -5.06
N GLY A 198 5.07 1.18 -3.91
CA GLY A 198 5.08 2.02 -2.72
C GLY A 198 3.70 2.52 -2.34
N TYR A 199 3.64 3.15 -1.15
CA TYR A 199 2.40 3.58 -0.50
C TYR A 199 1.63 4.57 -1.36
N SER A 200 0.46 4.17 -1.88
CA SER A 200 -0.24 4.96 -2.90
C SER A 200 -1.55 5.55 -2.36
N ILE A 201 -1.60 6.89 -2.24
CA ILE A 201 -2.72 7.58 -1.59
C ILE A 201 -3.56 8.33 -2.63
N THR A 202 -4.84 8.00 -2.73
CA THR A 202 -5.70 8.60 -3.74
C THR A 202 -6.69 9.62 -3.13
N CYS A 203 -6.25 10.87 -3.02
CA CYS A 203 -7.11 11.97 -2.55
C CYS A 203 -7.88 11.61 -1.27
N ARG A 204 -7.15 11.11 -0.28
CA ARG A 204 -7.75 10.68 0.97
C ARG A 204 -8.04 11.86 1.89
N LYS A 205 -9.20 11.83 2.55
CA LYS A 205 -9.44 12.79 3.62
C LYS A 205 -8.68 12.30 4.85
N VAL A 206 -7.68 13.08 5.25
CA VAL A 206 -6.69 12.69 6.24
C VAL A 206 -6.82 13.49 7.52
N GLY A 207 -7.56 14.60 7.47
CA GLY A 207 -7.86 15.34 8.67
C GLY A 207 -9.20 16.02 8.51
N ALA A 208 -9.75 16.41 9.65
CA ALA A 208 -10.87 17.34 9.75
C ALA A 208 -10.62 18.27 10.93
N ASN A 209 -11.33 19.38 10.93
CA ASN A 209 -11.13 20.43 11.92
C ASN A 209 -9.65 20.59 12.25
N ASP A 210 -8.86 20.67 11.19
CA ASP A 210 -7.44 21.02 11.21
C ASP A 210 -6.56 19.97 11.90
N THR A 211 -7.08 18.78 12.14
CA THR A 211 -6.40 17.76 12.93
C THR A 211 -6.34 16.44 12.20
N LEU A 212 -5.17 15.77 12.23
CA LEU A 212 -4.96 14.53 11.49
C LEU A 212 -5.64 13.33 12.14
N PHE A 213 -5.99 12.35 11.32
CA PHE A 213 -6.70 11.17 11.77
C PHE A 213 -5.72 10.12 12.30
N ARG A 214 -6.01 9.60 13.50
CA ARG A 214 -5.06 8.67 14.13
C ARG A 214 -4.84 7.43 13.27
N ASP A 215 -5.92 6.90 12.65
CA ASP A 215 -5.82 5.70 11.80
C ASP A 215 -5.04 5.96 10.52
N TRP A 216 -4.99 7.21 10.05
CA TRP A 216 -4.07 7.55 8.97
C TRP A 216 -2.65 7.61 9.49
N LEU A 217 -2.44 8.18 10.67
CA LEU A 217 -1.08 8.31 11.22
C LEU A 217 -0.45 6.93 11.44
N HIS A 218 -1.16 6.05 12.15
CA HIS A 218 -0.60 4.75 12.49
C HIS A 218 -0.35 3.91 11.23
N GLU A 219 -1.34 3.84 10.35
CA GLU A 219 -1.18 3.09 9.11
C GLU A 219 -0.08 3.69 8.24
N SER A 220 -0.14 5.00 7.97
CA SER A 220 0.81 5.57 7.01
C SER A 220 2.25 5.44 7.47
N GLN A 221 2.52 5.62 8.76
CA GLN A 221 3.92 5.67 9.19
C GLN A 221 4.62 4.30 9.13
N ARG A 222 3.86 3.20 9.24
CA ARG A 222 4.41 1.87 9.19
C ARG A 222 4.44 1.28 7.78
N MET A 223 4.01 2.03 6.78
CA MET A 223 4.16 1.58 5.40
C MET A 223 5.50 2.01 4.81
N VAL A 224 6.34 2.74 5.57
CA VAL A 224 7.61 3.24 5.05
C VAL A 224 8.76 2.91 5.98
N ARG A 225 9.97 3.16 5.47
CA ARG A 225 11.14 2.93 6.28
C ARG A 225 11.42 4.15 7.13
N THR A 226 11.62 5.30 6.49
CA THR A 226 12.13 6.51 7.15
C THR A 226 10.98 7.32 7.80
N THR A 227 10.47 6.75 8.90
CA THR A 227 9.23 7.23 9.50
C THR A 227 9.36 8.64 10.06
N ARG A 228 10.31 8.87 10.97
CA ARG A 228 10.56 10.23 11.48
C ARG A 228 10.73 11.24 10.35
N TYR A 229 11.42 10.87 9.28
CA TYR A 229 11.58 11.78 8.14
C TYR A 229 10.24 12.07 7.47
N TRP A 230 9.42 11.03 7.28
CA TRP A 230 8.11 11.21 6.67
C TRP A 230 7.20 12.05 7.57
N MET A 231 7.15 11.70 8.85
CA MET A 231 6.35 12.44 9.80
C MET A 231 6.65 13.93 9.72
N LEU A 232 7.94 14.30 9.75
CA LEU A 232 8.24 15.72 9.69
C LEU A 232 7.93 16.32 8.34
N ASP A 233 8.05 15.53 7.25
CA ASP A 233 7.70 16.03 5.92
C ASP A 233 6.21 16.36 5.81
N GLU A 234 5.37 15.67 6.60
CA GLU A 234 3.94 15.97 6.71
C GLU A 234 3.71 17.34 7.35
N ARG A 235 4.39 17.60 8.49
CA ARG A 235 4.28 18.90 9.14
C ARG A 235 4.83 20.03 8.26
N THR A 236 5.84 19.76 7.43
CA THR A 236 6.28 20.85 6.57
C THR A 236 5.17 21.25 5.60
N ARG A 237 4.38 20.28 5.10
CA ARG A 237 3.30 20.55 4.16
C ARG A 237 2.16 21.28 4.84
N ILE A 238 1.65 20.69 5.91
CA ILE A 238 0.53 21.25 6.66
C ILE A 238 0.84 22.68 7.09
N ALA A 239 2.05 22.92 7.62
CA ALA A 239 2.38 24.27 8.07
C ALA A 239 2.38 25.26 6.90
N GLY A 240 2.85 24.81 5.73
CA GLY A 240 2.84 25.69 4.56
C GLY A 240 1.45 25.97 4.04
N CYS A 241 0.63 24.92 3.89
CA CYS A 241 -0.76 25.09 3.50
C CYS A 241 -1.46 26.10 4.40
N HIS A 242 -1.31 25.95 5.72
CA HIS A 242 -2.00 26.82 6.65
C HIS A 242 -1.40 28.20 6.72
N MET A 243 -0.09 28.36 6.51
CA MET A 243 0.40 29.73 6.40
C MET A 243 -0.25 30.43 5.21
N ILE A 244 -0.46 29.68 4.11
CA ILE A 244 -1.04 30.24 2.88
C ILE A 244 -2.55 30.48 3.02
N ARG A 245 -3.27 29.57 3.67
CA ARG A 245 -4.70 29.79 3.90
C ARG A 245 -4.93 31.05 4.72
N LYS A 246 -4.14 31.22 5.78
CA LYS A 246 -4.21 32.44 6.59
C LYS A 246 -3.84 33.66 5.77
N LEU A 247 -2.78 33.56 4.96
CA LEU A 247 -2.41 34.68 4.09
C LEU A 247 -3.59 35.15 3.23
N VAL A 248 -4.27 34.20 2.57
CA VAL A 248 -5.37 34.58 1.70
C VAL A 248 -6.43 35.35 2.47
N GLU A 249 -6.90 34.76 3.58
CA GLU A 249 -7.91 35.39 4.42
C GLU A 249 -7.52 36.80 4.80
N GLU A 250 -6.26 37.02 5.14
CA GLU A 250 -5.84 38.39 5.44
C GLU A 250 -5.89 39.28 4.20
N VAL A 251 -5.50 38.74 3.05
CA VAL A 251 -5.52 39.51 1.80
C VAL A 251 -6.95 39.89 1.38
N VAL A 252 -7.89 38.93 1.47
CA VAL A 252 -9.29 39.20 1.13
C VAL A 252 -9.90 40.18 2.11
N ALA A 253 -9.66 39.97 3.41
CA ALA A 253 -10.19 40.87 4.43
C ALA A 253 -9.65 42.28 4.29
N GLU A 254 -8.43 42.43 3.79
CA GLU A 254 -7.83 43.76 3.61
C GLU A 254 -8.17 44.43 2.29
N GLU A 255 -8.47 43.68 1.21
CA GLU A 255 -8.70 44.30 -0.09
C GLU A 255 -10.07 44.01 -0.68
N GLY A 256 -10.76 42.97 -0.20
CA GLY A 256 -12.13 42.70 -0.55
C GLY A 256 -12.24 41.43 -1.35
N ILE A 257 -13.37 40.74 -1.18
CA ILE A 257 -13.63 39.54 -1.97
C ILE A 257 -13.80 39.90 -3.45
N GLU A 258 -14.39 41.06 -3.76
CA GLU A 258 -14.63 41.42 -5.14
C GLU A 258 -13.32 41.38 -5.93
N ALA A 259 -12.34 42.17 -5.48
CA ALA A 259 -11.05 42.19 -6.15
C ALA A 259 -10.40 40.81 -6.15
N TYR A 260 -10.42 40.13 -5.00
CA TYR A 260 -9.75 38.84 -4.94
C TYR A 260 -10.36 37.88 -5.94
N TRP A 261 -11.68 37.89 -6.03
CA TRP A 261 -12.37 36.98 -6.94
C TRP A 261 -12.05 37.29 -8.40
N LYS A 262 -11.98 38.58 -8.75
CA LYS A 262 -11.53 38.95 -10.10
C LYS A 262 -10.12 38.44 -10.36
N PHE A 263 -9.22 38.70 -9.41
CA PHE A 263 -7.84 38.31 -9.59
C PHE A 263 -7.71 36.80 -9.77
N ALA A 264 -8.44 36.00 -8.97
CA ALA A 264 -8.29 34.53 -8.96
C ALA A 264 -8.48 33.87 -10.32
N TYR A 265 -9.05 34.59 -11.29
CA TYR A 265 -9.21 34.10 -12.64
C TYR A 265 -8.56 35.00 -13.69
N GLU A 266 -8.53 36.32 -13.51
CA GLU A 266 -7.83 37.16 -14.47
C GLU A 266 -6.35 36.80 -14.53
N ALA A 267 -5.77 36.36 -13.41
CA ALA A 267 -4.37 35.96 -13.38
C ALA A 267 -4.07 34.80 -14.33
N VAL A 268 -5.03 33.93 -14.58
CA VAL A 268 -4.75 32.72 -15.32
C VAL A 268 -4.81 32.98 -16.81
N GLU A 269 -5.74 33.82 -17.26
CA GLU A 269 -5.71 34.29 -18.64
C GLU A 269 -4.51 35.20 -18.90
N HIS A 270 -4.07 35.93 -17.88
CA HIS A 270 -2.84 36.72 -18.01
C HIS A 270 -1.64 35.82 -18.33
N GLY A 271 -1.62 34.61 -17.77
CA GLY A 271 -0.50 33.72 -18.03
C GLY A 271 -0.55 33.15 -19.43
N ARG A 272 -1.75 32.96 -19.96
CA ARG A 272 -1.88 32.51 -21.34
C ARG A 272 -1.50 33.64 -22.29
N LEU A 273 -2.05 34.82 -22.05
CA LEU A 273 -1.62 35.98 -22.81
C LEU A 273 -0.11 36.15 -22.74
N GLY A 274 0.49 35.82 -21.58
CA GLY A 274 1.93 35.99 -21.44
C GLY A 274 2.72 35.06 -22.35
N LEU A 275 2.31 33.80 -22.43
CA LEU A 275 3.02 32.83 -23.25
C LEU A 275 2.95 33.20 -24.72
N GLN A 276 1.75 33.62 -25.17
CA GLN A 276 1.56 33.96 -26.56
C GLN A 276 2.49 35.09 -26.96
N ALA A 277 2.54 36.13 -26.13
CA ALA A 277 3.31 37.31 -26.48
C ALA A 277 4.80 37.01 -26.51
N ARG A 278 5.28 36.14 -25.61
CA ARG A 278 6.71 35.81 -25.56
C ARG A 278 7.10 34.93 -26.74
N ILE A 279 6.24 33.98 -27.11
CA ILE A 279 6.48 33.22 -28.33
C ILE A 279 6.66 34.16 -29.52
N LYS A 280 5.68 35.03 -29.75
CA LYS A 280 5.76 35.97 -30.87
C LYS A 280 6.99 36.88 -30.83
N ALA A 281 7.58 37.14 -29.67
CA ALA A 281 8.70 38.08 -29.64
C ALA A 281 10.07 37.41 -29.70
N MET A 282 10.15 36.11 -29.30
CA MET A 282 11.40 35.33 -29.14
C MET A 282 11.61 34.25 -30.21
N THR A 283 10.60 33.91 -30.98
CA THR A 283 10.53 32.68 -31.78
C THR A 283 10.48 33.04 -33.28
N ILE A 284 10.24 32.02 -34.11
CA ILE A 284 10.03 32.01 -35.54
C ILE A 284 8.92 31.00 -35.79
N PRO A 285 7.86 31.31 -36.53
CA PRO A 285 6.90 30.25 -36.89
C PRO A 285 7.57 29.20 -37.78
N GLY A 286 7.01 27.99 -37.78
CA GLY A 286 7.56 26.89 -38.53
C GLY A 286 7.40 25.57 -37.80
N THR A 287 8.14 24.57 -38.27
CA THR A 287 8.10 23.22 -37.73
C THR A 287 9.49 22.82 -37.25
N TYR A 288 9.58 22.19 -36.07
CA TYR A 288 10.84 21.75 -35.48
C TYR A 288 10.73 20.28 -35.12
N ARG A 289 11.72 19.48 -35.54
CA ARG A 289 11.68 18.05 -35.32
C ARG A 289 12.91 17.61 -34.53
N GLN A 290 12.68 16.75 -33.53
CA GLN A 290 13.77 16.33 -32.64
C GLN A 290 13.33 15.10 -31.86
N VAL A 291 14.30 14.37 -31.32
CA VAL A 291 14.06 13.04 -30.75
C VAL A 291 15.03 12.81 -29.59
N GLY A 292 14.65 11.89 -28.69
CA GLY A 292 15.40 11.59 -27.48
C GLY A 292 15.22 10.14 -27.07
N PHE A 293 16.26 9.59 -26.46
CA PHE A 293 16.29 8.17 -26.11
C PHE A 293 16.93 8.00 -24.74
N VAL A 294 16.58 6.90 -24.06
CA VAL A 294 17.35 6.47 -22.89
C VAL A 294 17.28 4.96 -22.81
N ASP A 295 18.18 4.37 -22.02
CA ASP A 295 18.32 2.92 -21.99
C ASP A 295 17.62 2.33 -20.77
N VAL A 296 17.17 1.08 -20.92
CA VAL A 296 16.61 0.32 -19.82
C VAL A 296 17.16 -1.10 -19.86
N PRO A 297 18.27 -1.31 -19.34
CA PRO A 297 18.99 -2.60 -19.50
C PRO A 297 18.55 -3.64 -18.48
N TYR A 298 17.30 -4.09 -18.59
CA TYR A 298 16.85 -5.05 -17.58
C TYR A 298 17.26 -6.46 -17.88
N ALA A 299 18.05 -6.71 -18.91
CA ALA A 299 18.48 -8.08 -19.20
C ALA A 299 19.57 -8.55 -18.22
N HIS A 300 20.39 -7.61 -17.74
CA HIS A 300 21.60 -7.87 -16.99
C HIS A 300 21.32 -8.58 -15.66
N GLU A 301 22.35 -9.28 -15.19
CA GLU A 301 22.23 -10.21 -14.07
C GLU A 301 21.85 -9.51 -12.76
N ASP A 302 22.34 -8.29 -12.57
CA ASP A 302 22.19 -7.47 -11.37
C ASP A 302 20.92 -6.62 -11.35
N VAL A 303 20.08 -6.72 -12.36
CA VAL A 303 18.70 -6.26 -12.27
C VAL A 303 17.87 -7.49 -11.90
N ARG A 304 17.72 -7.73 -10.61
CA ARG A 304 17.04 -8.94 -10.20
C ARG A 304 15.58 -8.58 -9.95
N VAL A 305 14.73 -8.88 -10.93
CA VAL A 305 13.31 -8.56 -10.81
C VAL A 305 12.51 -9.85 -10.76
N PRO A 306 11.42 -9.89 -10.00
CA PRO A 306 10.75 -11.18 -9.74
C PRO A 306 9.98 -11.74 -10.92
N SER A 307 9.54 -10.89 -11.85
CA SER A 307 8.63 -11.28 -12.92
C SER A 307 9.46 -11.53 -14.17
N ASP A 308 9.44 -12.77 -14.68
CA ASP A 308 10.25 -13.15 -15.83
C ASP A 308 9.92 -12.35 -17.08
N PHE A 309 8.71 -11.77 -17.17
CA PHE A 309 8.36 -11.07 -18.39
C PHE A 309 8.96 -9.69 -18.46
N ALA A 310 9.74 -9.28 -17.46
CA ALA A 310 10.30 -7.94 -17.40
C ALA A 310 11.78 -7.90 -17.71
N LYS A 311 12.42 -9.05 -17.93
CA LYS A 311 13.86 -9.14 -18.17
C LYS A 311 14.09 -9.13 -19.67
N LEU A 312 14.22 -7.92 -20.21
CA LEU A 312 14.67 -7.60 -21.56
C LEU A 312 15.24 -6.18 -21.51
N ASP A 313 16.19 -5.91 -22.42
CA ASP A 313 16.66 -4.56 -22.66
C ASP A 313 15.65 -3.83 -23.54
N THR A 314 15.52 -2.52 -23.35
CA THR A 314 14.69 -1.72 -24.23
C THR A 314 15.18 -0.28 -24.26
N ILE A 315 14.62 0.51 -25.16
CA ILE A 315 14.98 1.91 -25.27
C ILE A 315 13.71 2.76 -25.32
N MET A 316 13.66 3.81 -24.50
CA MET A 316 12.58 4.79 -24.59
C MET A 316 12.80 5.62 -25.86
N HIS A 317 11.73 5.76 -26.63
CA HIS A 317 11.76 6.53 -27.88
C HIS A 317 10.71 7.62 -27.76
N ALA A 318 11.14 8.88 -27.87
CA ALA A 318 10.23 10.01 -27.73
C ALA A 318 10.50 11.01 -28.84
N PRO A 319 9.82 10.88 -29.98
CA PRO A 319 9.94 11.90 -31.01
C PRO A 319 8.94 13.03 -30.74
N CYS A 320 9.36 14.25 -31.05
CA CYS A 320 8.51 15.43 -30.90
C CYS A 320 8.47 16.22 -32.20
N GLU A 321 7.25 16.42 -32.73
CA GLU A 321 7.00 17.40 -33.79
C GLU A 321 6.45 18.67 -33.12
N MET A 322 7.26 19.73 -33.18
CA MET A 322 6.98 21.01 -32.54
C MET A 322 6.49 21.99 -33.60
N THR A 323 5.24 22.38 -33.52
CA THR A 323 4.66 23.29 -34.49
C THR A 323 4.40 24.63 -33.81
N ILE A 324 4.96 25.70 -34.38
CA ILE A 324 4.79 27.06 -33.92
C ILE A 324 4.09 27.88 -34.99
N ARG A 325 3.02 28.56 -34.59
CA ARG A 325 2.09 29.15 -35.54
C ARG A 325 2.20 30.68 -35.55
N ARG A 326 1.68 31.27 -36.62
CA ARG A 326 1.74 32.72 -36.79
C ARG A 326 0.96 33.47 -35.72
N ASP A 327 -0.09 32.85 -35.18
CA ASP A 327 -0.88 33.48 -34.13
C ASP A 327 -0.28 33.34 -32.75
N GLY A 328 0.85 32.64 -32.60
CA GLY A 328 1.49 32.54 -31.30
C GLY A 328 1.02 31.39 -30.41
N THR A 329 0.20 30.50 -30.93
CA THR A 329 -0.03 29.23 -30.29
C THR A 329 1.04 28.24 -30.75
N TRP A 330 1.09 27.10 -30.09
CA TRP A 330 2.05 26.10 -30.53
C TRP A 330 1.63 24.72 -30.07
N ARG A 331 2.19 23.71 -30.75
CA ARG A 331 1.72 22.34 -30.66
C ARG A 331 2.89 21.40 -30.49
N LEU A 332 2.72 20.39 -29.63
CA LEU A 332 3.76 19.39 -29.37
C LEU A 332 3.15 18.00 -29.55
N ASP A 333 3.52 17.34 -30.64
CA ASP A 333 2.96 16.06 -31.07
C ASP A 333 3.99 14.96 -30.87
N PHE A 334 3.62 13.94 -30.11
CA PHE A 334 4.56 12.89 -29.75
C PHE A 334 4.24 11.56 -30.41
N GLU A 335 3.50 11.61 -31.52
CA GLU A 335 3.37 10.49 -32.45
C GLU A 335 4.72 9.83 -32.75
N GLY A 336 4.75 8.49 -32.67
CA GLY A 336 5.93 7.69 -32.91
C GLY A 336 6.54 7.10 -31.65
N SER A 337 6.23 7.68 -30.50
CA SER A 337 6.68 7.24 -29.18
C SER A 337 6.39 5.77 -28.88
N SER A 338 7.15 5.24 -27.94
CA SER A 338 7.16 3.84 -27.56
C SER A 338 6.21 3.57 -26.39
N ARG A 339 6.04 2.29 -26.08
CA ARG A 339 5.07 1.84 -25.11
C ARG A 339 5.62 1.89 -23.68
N TRP A 340 4.70 1.93 -22.72
CA TRP A 340 5.03 1.72 -21.33
C TRP A 340 5.60 0.31 -21.15
N GLY A 341 6.29 0.12 -20.04
CA GLY A 341 6.99 -1.13 -19.80
C GLY A 341 6.92 -1.57 -18.36
N TRP A 342 7.49 -2.76 -18.13
CA TRP A 342 7.63 -3.35 -16.80
C TRP A 342 8.93 -2.83 -16.22
N HIS A 343 8.83 -1.66 -15.64
CA HIS A 343 9.91 -0.96 -14.96
C HIS A 343 9.19 0.14 -14.20
N THR A 344 9.96 1.08 -13.62
CA THR A 344 9.42 2.18 -12.86
C THR A 344 9.64 3.53 -13.55
N TYR A 345 9.71 3.54 -14.90
CA TYR A 345 10.06 4.76 -15.66
C TYR A 345 8.90 5.31 -16.47
N ASN A 346 7.73 4.70 -16.37
CA ASN A 346 6.55 5.25 -16.99
C ASN A 346 6.19 6.61 -16.39
N ALA A 347 5.24 7.25 -17.05
CA ALA A 347 4.78 8.57 -16.66
C ALA A 347 3.29 8.61 -16.90
N HIS A 348 2.77 9.83 -16.96
CA HIS A 348 1.35 10.12 -17.05
C HIS A 348 1.20 11.37 -17.91
N GLN A 349 0.06 11.50 -18.60
CA GLN A 349 -0.11 12.66 -19.45
C GLN A 349 0.07 13.97 -18.67
N VAL A 350 -0.27 13.99 -17.37
CA VAL A 350 -0.05 15.19 -16.55
C VAL A 350 1.43 15.38 -16.23
N SER A 351 2.07 14.35 -15.67
CA SER A 351 3.53 14.32 -15.50
C SER A 351 4.24 14.95 -16.68
N PHE A 352 3.97 14.41 -17.87
CA PHE A 352 4.69 14.82 -19.07
C PHE A 352 4.42 16.29 -19.40
N THR A 353 3.15 16.66 -19.51
CA THR A 353 2.87 18.02 -19.92
C THR A 353 3.27 19.04 -18.86
N SER A 354 3.16 18.71 -17.57
CA SER A 354 3.67 19.72 -16.62
C SER A 354 5.18 19.86 -16.72
N GLY A 355 5.88 18.74 -17.03
CA GLY A 355 7.29 18.82 -17.31
C GLY A 355 7.62 19.84 -18.38
N ILE A 356 6.89 19.81 -19.50
CA ILE A 356 7.13 20.77 -20.57
C ILE A 356 6.84 22.19 -20.12
N TRP A 357 5.83 22.38 -19.25
CA TRP A 357 5.54 23.69 -18.67
C TRP A 357 6.67 24.22 -17.79
N VAL A 358 7.24 23.38 -16.92
CA VAL A 358 8.38 23.82 -16.10
C VAL A 358 9.52 24.28 -17.00
N MET A 359 9.73 23.62 -18.15
CA MET A 359 10.74 24.10 -19.10
C MET A 359 10.39 25.49 -19.64
N MET A 360 9.12 25.73 -19.98
CA MET A 360 8.84 27.07 -20.49
C MET A 360 8.90 28.12 -19.37
N THR A 361 8.72 27.74 -18.09
CA THR A 361 9.03 28.68 -17.01
C THR A 361 10.51 29.07 -16.96
N GLN A 362 11.37 28.27 -17.58
CA GLN A 362 12.80 28.46 -17.49
C GLN A 362 13.42 29.14 -18.71
N THR A 363 12.67 29.33 -19.80
CA THR A 363 13.25 30.10 -20.91
C THR A 363 12.25 31.10 -21.51
N LEU A 364 11.01 30.67 -21.71
CA LEU A 364 10.00 31.45 -22.42
C LEU A 364 9.33 32.49 -21.53
N ILE A 365 8.87 32.10 -20.36
CA ILE A 365 8.07 32.99 -19.51
C ILE A 365 8.66 33.28 -18.14
N PRO A 366 9.99 33.27 -17.89
CA PRO A 366 10.44 33.57 -16.52
C PRO A 366 9.84 34.85 -15.98
N SER A 367 9.65 35.84 -16.85
CA SER A 367 9.20 37.17 -16.44
C SER A 367 7.70 37.37 -16.62
N GLU A 368 6.94 36.30 -16.76
CA GLU A 368 5.48 36.37 -16.82
C GLU A 368 4.88 35.64 -15.64
N MET A 369 3.55 35.66 -15.59
CA MET A 369 2.81 34.92 -14.57
C MET A 369 3.08 33.43 -14.70
N ILE A 370 3.62 32.86 -13.63
CA ILE A 370 3.86 31.42 -13.52
C ILE A 370 2.59 30.80 -12.95
N ASN A 371 1.76 30.22 -13.82
CA ASN A 371 0.58 29.50 -13.39
C ASN A 371 0.07 28.68 -14.58
N ASP A 372 -1.11 28.09 -14.46
CA ASP A 372 -1.67 27.25 -15.52
C ASP A 372 -2.02 28.03 -16.84
N GLY A 373 -1.72 29.33 -16.92
CA GLY A 373 -2.04 30.07 -18.11
C GLY A 373 -1.34 29.53 -19.34
N ALA A 374 -0.03 29.23 -19.21
CA ALA A 374 0.72 28.71 -20.36
C ALA A 374 0.20 27.34 -20.78
N ALA A 375 -0.19 26.54 -19.78
CA ALA A 375 -0.85 25.26 -20.05
C ALA A 375 -2.05 25.43 -21.00
N TYR A 376 -2.92 26.42 -20.76
CA TYR A 376 -4.05 26.65 -21.63
C TYR A 376 -3.65 27.21 -22.99
N GLY A 377 -2.42 27.69 -23.14
CA GLY A 377 -1.91 28.21 -24.38
C GLY A 377 -1.03 27.25 -25.16
N THR A 378 -0.92 25.99 -24.72
CA THR A 378 -0.14 24.97 -25.42
C THR A 378 -1.05 23.80 -25.81
N GLU A 379 -0.76 23.20 -26.97
CA GLU A 379 -1.47 22.04 -27.49
C GLU A 379 -0.58 20.82 -27.36
N PHE A 380 -1.14 19.74 -26.85
CA PHE A 380 -0.39 18.53 -26.58
C PHE A 380 -1.12 17.37 -27.24
N ARG A 381 -0.39 16.55 -28.01
CA ARG A 381 -0.91 15.29 -28.52
C ARG A 381 0.00 14.17 -28.03
N LEU A 382 -0.57 13.33 -27.16
CA LEU A 382 0.10 12.18 -26.54
C LEU A 382 -0.70 10.93 -26.87
N PRO A 383 -0.26 10.13 -27.82
CA PRO A 383 -1.03 8.93 -28.18
C PRO A 383 -1.28 8.01 -26.98
N LYS A 384 -2.53 7.54 -26.87
CA LYS A 384 -2.86 6.57 -25.84
C LYS A 384 -2.07 5.30 -25.99
N GLY A 385 -1.44 4.85 -24.91
CA GLY A 385 -0.65 3.64 -24.88
C GLY A 385 0.84 3.87 -24.90
N THR A 386 1.28 5.10 -25.17
CA THR A 386 2.70 5.37 -25.09
C THR A 386 3.13 5.48 -23.62
N TRP A 387 4.42 5.42 -23.39
CA TRP A 387 4.92 5.57 -22.03
C TRP A 387 4.44 6.86 -21.38
N MET A 388 4.27 7.94 -22.16
CA MET A 388 3.88 9.20 -21.57
C MET A 388 2.36 9.30 -21.36
N ASN A 389 1.62 8.32 -21.84
CA ASN A 389 0.19 8.30 -21.67
C ASN A 389 -0.29 6.86 -21.56
N PRO A 390 0.10 6.11 -20.53
CA PRO A 390 -0.25 4.69 -20.49
C PRO A 390 -1.75 4.47 -20.39
N ASP A 391 -2.15 3.28 -20.82
CA ASP A 391 -3.54 2.85 -20.81
C ASP A 391 -3.72 1.64 -19.91
N ASP A 392 -2.84 1.53 -18.92
CA ASP A 392 -2.78 0.36 -18.05
C ASP A 392 -2.67 0.78 -16.59
N ARG A 393 -3.45 0.14 -15.72
CA ARG A 393 -3.47 0.54 -14.32
C ARG A 393 -2.51 -0.30 -13.47
N ARG A 394 -1.77 -1.24 -14.07
CA ARG A 394 -0.70 -1.95 -13.38
C ARG A 394 0.65 -1.22 -13.41
N VAL A 395 0.80 -0.23 -14.29
CA VAL A 395 2.02 0.54 -14.52
C VAL A 395 2.74 1.03 -13.25
N ALA A 396 4.08 1.20 -13.31
CA ALA A 396 4.87 1.66 -12.17
C ALA A 396 5.61 2.96 -12.44
N PHE A 397 5.85 3.75 -11.37
CA PHE A 397 6.23 5.15 -11.54
C PHE A 397 7.45 5.64 -10.76
N SER A 398 8.04 4.85 -9.84
CA SER A 398 8.86 5.51 -8.83
C SER A 398 10.03 6.31 -9.42
N TYR A 399 10.52 5.95 -10.61
CA TYR A 399 11.53 6.81 -11.21
C TYR A 399 11.08 7.26 -12.60
N SER A 400 9.99 8.04 -12.64
CA SER A 400 9.48 8.57 -13.90
C SER A 400 10.51 9.43 -14.62
N TRP A 401 11.43 10.04 -13.86
CA TRP A 401 12.35 11.00 -14.45
C TRP A 401 13.23 10.34 -15.48
N HIS A 402 13.45 9.04 -15.37
CA HIS A 402 14.30 8.37 -16.34
C HIS A 402 13.87 8.67 -17.76
N PHE A 403 12.59 8.45 -18.05
CA PHE A 403 12.04 8.77 -19.37
C PHE A 403 11.75 10.26 -19.50
N LEU A 404 10.97 10.81 -18.57
CA LEU A 404 10.57 12.21 -18.62
C LEU A 404 11.74 13.16 -18.93
N VAL A 405 12.84 13.08 -18.16
CA VAL A 405 13.94 14.03 -18.38
C VAL A 405 14.69 13.75 -19.65
N SER A 406 14.56 12.54 -20.22
CA SER A 406 15.16 12.32 -21.54
C SER A 406 14.25 12.79 -22.68
N ALA A 407 12.95 12.95 -22.46
CA ALA A 407 12.13 13.49 -23.53
C ALA A 407 12.22 15.02 -23.58
N TRP A 408 12.14 15.70 -22.41
CA TRP A 408 12.06 17.16 -22.47
C TRP A 408 13.34 17.77 -23.02
N THR A 409 14.48 17.09 -22.89
CA THR A 409 15.74 17.72 -23.30
C THR A 409 15.75 18.03 -24.81
N ALA A 410 15.06 17.21 -25.61
CA ALA A 410 14.97 17.48 -27.05
C ALA A 410 14.39 18.86 -27.34
N LEU A 411 13.44 19.31 -26.52
CA LEU A 411 12.64 20.48 -26.84
C LEU A 411 13.43 21.76 -26.61
N TRP A 412 14.39 21.73 -25.70
CA TRP A 412 15.37 22.82 -25.62
C TRP A 412 16.03 23.08 -26.95
N ARG A 413 16.49 22.00 -27.62
CA ARG A 413 17.16 22.15 -28.91
C ARG A 413 16.21 22.78 -29.94
N GLY A 414 15.03 22.17 -30.12
CA GLY A 414 14.05 22.74 -31.02
C GLY A 414 13.78 24.20 -30.74
N LEU A 415 13.41 24.52 -29.49
CA LEU A 415 13.14 25.90 -29.11
C LEU A 415 14.38 26.79 -29.30
N SER A 416 15.60 26.21 -29.16
CA SER A 416 16.83 27.01 -29.31
C SER A 416 17.15 27.37 -30.76
N ARG A 417 16.69 26.58 -31.74
CA ARG A 417 16.90 26.97 -33.13
C ARG A 417 16.17 28.26 -33.46
N SER A 418 15.04 28.50 -32.80
CA SER A 418 14.28 29.70 -33.09
C SER A 418 14.91 30.94 -32.45
N TYR A 419 15.46 30.82 -31.25
CA TYR A 419 16.18 31.96 -30.69
C TYR A 419 17.40 32.28 -31.53
N PHE A 420 18.06 31.23 -32.05
CA PHE A 420 19.32 31.39 -32.77
C PHE A 420 19.10 32.05 -34.12
N GLY A 421 18.15 31.55 -34.90
CA GLY A 421 17.81 32.21 -36.15
C GLY A 421 17.43 33.66 -35.95
N ARG A 422 16.68 33.96 -34.87
CA ARG A 422 16.15 35.30 -34.67
C ARG A 422 17.15 36.25 -34.03
N GLY A 423 18.19 35.75 -33.37
CA GLY A 423 19.23 36.61 -32.86
C GLY A 423 19.27 36.73 -31.36
N TYR A 424 18.43 35.99 -30.63
CA TYR A 424 18.44 36.02 -29.17
C TYR A 424 19.35 34.88 -28.67
N LEU A 425 20.65 35.06 -28.95
CA LEU A 425 21.59 33.97 -28.66
C LEU A 425 21.79 33.79 -27.16
N GLU A 426 21.55 34.85 -26.39
CA GLU A 426 21.59 34.71 -24.95
C GLU A 426 20.64 33.65 -24.44
N GLU A 427 19.58 33.31 -25.20
CA GLU A 427 18.57 32.36 -24.72
C GLU A 427 18.75 30.94 -25.25
N VAL A 428 19.67 30.71 -26.18
CA VAL A 428 19.89 29.36 -26.69
C VAL A 428 20.42 28.47 -25.58
N ASN A 429 19.92 27.23 -25.53
CA ASN A 429 20.35 26.26 -24.55
C ASN A 429 20.15 24.89 -25.15
N ALA A 430 21.22 24.09 -25.19
CA ALA A 430 21.21 22.81 -25.87
C ALA A 430 20.52 21.70 -25.07
N GLY A 431 20.07 21.94 -23.85
CA GLY A 431 19.18 21.01 -23.17
C GLY A 431 19.74 20.57 -21.83
N ASN A 432 18.86 19.89 -21.08
CA ASN A 432 19.17 19.50 -19.71
C ASN A 432 19.99 18.22 -19.66
N ALA A 433 20.77 18.11 -18.60
CA ALA A 433 21.47 16.89 -18.27
C ALA A 433 20.48 15.78 -17.90
N ASN A 434 20.94 14.53 -18.02
CA ASN A 434 20.18 13.45 -17.39
C ASN A 434 20.34 13.65 -15.89
N THR A 435 19.23 13.83 -15.17
CA THR A 435 19.32 14.24 -13.78
C THR A 435 19.55 12.97 -12.96
N SER A 436 20.80 12.51 -12.98
CA SER A 436 21.04 11.17 -12.49
C SER A 436 22.41 10.81 -11.96
N ASN A 437 22.46 9.48 -11.85
CA ASN A 437 22.65 8.63 -10.67
C ASN A 437 22.11 9.19 -9.37
N TRP A 438 21.26 8.33 -8.80
CA TRP A 438 20.54 8.51 -7.55
C TRP A 438 21.08 7.47 -6.55
N LEU A 439 21.95 7.92 -5.66
CA LEU A 439 22.48 7.06 -4.61
C LEU A 439 21.37 6.61 -3.69
N GLN A 440 21.15 5.31 -3.61
CA GLN A 440 20.01 4.81 -2.85
C GLN A 440 20.43 3.55 -2.10
N GLY A 441 19.80 3.33 -0.95
CA GLY A 441 20.05 2.10 -0.22
C GLY A 441 19.25 2.12 1.04
N GLY A 442 19.30 1.00 1.76
CA GLY A 442 18.50 0.85 2.96
C GLY A 442 19.10 -0.15 3.92
N GLY A 443 18.61 -0.09 5.14
CA GLY A 443 19.06 -0.98 6.16
C GLY A 443 19.01 -0.28 7.52
N PHE A 444 20.00 -0.58 8.36
CA PHE A 444 20.15 0.08 9.64
C PHE A 444 21.23 1.14 9.52
N ASN A 445 20.94 2.33 10.03
CA ASN A 445 21.82 3.49 9.93
C ASN A 445 22.62 3.66 11.22
N GLN A 446 23.31 4.80 11.34
CA GLN A 446 24.19 5.04 12.48
C GLN A 446 23.43 5.24 13.77
N TYR A 447 22.15 5.56 13.71
CA TYR A 447 21.27 5.58 14.87
C TYR A 447 20.59 4.24 15.11
N ASP A 448 20.98 3.20 14.37
CA ASP A 448 20.42 1.86 14.54
C ASP A 448 18.90 1.84 14.34
N GLU A 449 18.42 2.66 13.41
CA GLU A 449 17.03 2.61 12.99
C GLU A 449 16.94 2.20 11.52
N ILE A 450 15.89 1.42 11.21
CA ILE A 450 15.49 1.18 9.84
C ILE A 450 15.49 2.48 9.07
N HIS A 451 16.01 2.44 7.84
CA HIS A 451 16.36 3.67 7.16
C HIS A 451 16.51 3.42 5.66
N ALA A 452 16.45 4.50 4.90
CA ALA A 452 16.65 4.46 3.46
C ALA A 452 17.39 5.73 3.06
N VAL A 453 18.01 5.70 1.90
CA VAL A 453 18.87 6.78 1.46
C VAL A 453 18.42 7.16 0.07
N ASN A 454 18.81 8.37 -0.35
CA ASN A 454 18.47 8.86 -1.68
C ASN A 454 19.13 10.21 -1.92
N SER A 455 20.40 10.23 -2.33
CA SER A 455 21.11 11.51 -2.39
C SER A 455 20.54 12.42 -3.48
N PHE A 456 20.24 13.67 -3.09
CA PHE A 456 19.90 14.72 -4.05
C PHE A 456 21.13 15.52 -4.49
N GLU A 457 22.30 14.85 -4.58
CA GLU A 457 23.45 15.41 -5.28
C GLU A 457 23.17 15.61 -6.78
N CYS A 458 22.37 14.74 -7.40
CA CYS A 458 21.94 14.97 -8.78
C CYS A 458 20.86 16.07 -8.91
N ALA A 459 20.74 16.95 -7.92
CA ALA A 459 20.10 18.24 -8.16
C ALA A 459 21.04 19.22 -8.83
N ALA A 460 22.33 18.87 -8.94
CA ALA A 460 23.41 19.75 -9.37
C ALA A 460 24.23 19.06 -10.47
N ASN A 461 23.54 18.68 -11.53
CA ASN A 461 24.21 18.30 -12.75
C ASN A 461 24.60 19.55 -13.52
N GLY A 462 25.34 19.34 -14.59
CA GLY A 462 25.65 20.42 -15.49
C GLY A 462 24.52 20.69 -16.42
N THR A 463 24.60 21.84 -17.07
CA THR A 463 23.52 22.28 -17.92
C THR A 463 24.08 22.59 -19.29
N GLY A 464 23.19 22.53 -20.27
CA GLY A 464 23.51 22.82 -21.65
C GLY A 464 24.27 24.10 -21.95
N ALA A 465 25.27 23.95 -22.81
CA ALA A 465 25.96 25.08 -23.39
C ALA A 465 24.99 26.01 -24.13
N THR A 466 25.46 27.24 -24.36
CA THR A 466 24.73 28.32 -25.00
C THR A 466 25.37 28.55 -26.36
N ALA A 467 24.77 29.46 -27.15
CA ALA A 467 25.43 30.02 -28.32
C ALA A 467 26.46 31.08 -27.95
N VAL A 468 26.58 31.41 -26.66
CA VAL A 468 27.31 32.57 -26.19
C VAL A 468 28.46 32.14 -25.26
N GLN A 469 28.26 31.05 -24.52
CA GLN A 469 29.21 30.70 -23.45
C GLN A 469 28.96 29.28 -22.98
N ASP A 470 29.92 28.76 -22.20
CA ASP A 470 29.90 27.39 -21.73
C ASP A 470 28.73 27.18 -20.77
N GLY A 471 28.17 25.96 -20.80
CA GLY A 471 27.21 25.57 -19.78
C GLY A 471 27.78 25.64 -18.37
N LEU A 472 26.87 25.74 -17.40
CA LEU A 472 27.26 25.72 -15.99
C LEU A 472 27.55 24.31 -15.49
N SER A 473 28.60 24.18 -14.71
CA SER A 473 28.93 22.89 -14.10
C SER A 473 28.28 22.76 -12.73
N HIS A 474 27.84 21.54 -12.41
CA HIS A 474 27.28 21.14 -11.11
C HIS A 474 26.28 22.17 -10.57
N ALA A 475 25.18 22.36 -11.34
CA ALA A 475 24.40 23.59 -11.21
C ALA A 475 22.89 23.40 -11.11
N ALA A 476 22.32 22.43 -11.82
CA ALA A 476 20.85 22.43 -11.88
C ALA A 476 20.32 21.08 -12.32
N ALA A 477 19.00 20.97 -12.26
CA ALA A 477 18.26 19.85 -12.81
C ALA A 477 17.04 20.39 -13.55
N ILE A 478 16.50 19.60 -14.49
CA ILE A 478 15.37 20.08 -15.29
C ILE A 478 14.16 20.41 -14.40
N TRP A 479 13.95 19.65 -13.32
CA TRP A 479 12.79 19.78 -12.42
C TRP A 479 12.98 20.82 -11.30
N ASN A 480 14.17 21.44 -11.18
CA ASN A 480 14.42 22.56 -10.27
C ASN A 480 15.69 23.30 -10.68
N PRO A 481 15.56 24.46 -11.32
CA PRO A 481 16.74 25.23 -11.75
C PRO A 481 17.60 25.79 -10.60
N GLU A 482 17.11 25.83 -9.37
CA GLU A 482 17.89 26.35 -8.25
C GLU A 482 18.70 25.21 -7.65
N GLY A 483 19.82 24.92 -8.29
CA GLY A 483 20.61 23.77 -7.89
C GLY A 483 21.19 23.91 -6.50
N ASP A 484 21.37 22.77 -5.86
CA ASP A 484 21.95 22.71 -4.54
C ASP A 484 22.55 21.32 -4.36
N MET A 485 23.85 21.23 -4.06
CA MET A 485 24.32 19.88 -3.79
C MET A 485 24.22 19.52 -2.31
N GLY A 486 24.03 20.49 -1.43
CA GLY A 486 23.90 20.16 -0.03
C GLY A 486 25.26 19.90 0.56
N ASP A 487 25.42 20.17 1.84
CA ASP A 487 26.72 20.05 2.47
C ASP A 487 27.06 18.60 2.77
N MET A 488 28.34 18.27 2.58
CA MET A 488 28.82 16.98 3.03
C MET A 488 28.48 16.75 4.51
N GLU A 489 28.76 17.76 5.33
CA GLU A 489 28.48 17.58 6.75
C GLU A 489 27.00 17.34 7.04
N ILE A 490 26.09 17.84 6.20
CA ILE A 490 24.67 17.58 6.47
C ILE A 490 24.25 16.19 5.96
N TRP A 491 24.69 15.79 4.77
CA TRP A 491 24.31 14.48 4.27
C TRP A 491 24.77 13.37 5.24
N GLU A 492 25.95 13.53 5.83
CA GLU A 492 26.44 12.48 6.72
C GLU A 492 25.67 12.39 8.01
N LEU A 493 24.75 13.34 8.30
CA LEU A 493 23.82 13.14 9.40
C LEU A 493 22.71 12.15 9.06
N ALA A 494 22.37 11.99 7.78
CA ALA A 494 21.26 11.15 7.35
C ALA A 494 21.64 9.93 6.53
N GLU A 495 22.91 9.74 6.18
CA GLU A 495 23.26 8.47 5.57
C GLU A 495 24.41 7.82 6.33
N PRO A 496 24.43 6.55 6.45
CA PRO A 496 25.59 5.89 7.08
C PRO A 496 26.73 5.65 6.10
N LEU A 497 27.29 6.76 5.60
CA LEU A 497 28.39 6.79 4.64
C LEU A 497 29.27 7.99 4.97
N VAL A 498 30.57 7.90 4.65
CA VAL A 498 31.48 9.04 4.79
C VAL A 498 32.05 9.40 3.42
N TYR A 499 32.28 10.70 3.21
CA TYR A 499 32.82 11.19 1.94
C TYR A 499 34.32 10.94 1.85
N LEU A 500 34.78 10.25 0.80
CA LEU A 500 36.20 10.24 0.50
C LEU A 500 36.56 11.13 -0.69
N GLY A 501 35.58 11.76 -1.32
CA GLY A 501 35.89 12.70 -2.37
C GLY A 501 34.68 13.47 -2.88
N ARG A 502 34.92 14.69 -3.34
CA ARG A 502 33.94 15.46 -4.07
C ARG A 502 34.76 16.22 -5.10
N GLN A 503 34.34 16.11 -6.36
CA GLN A 503 35.25 16.48 -7.44
C GLN A 503 34.43 16.77 -8.68
N ILE A 504 34.85 17.82 -9.40
CA ILE A 504 34.31 18.08 -10.72
C ILE A 504 34.59 16.87 -11.61
N LYS A 505 33.57 16.44 -12.35
CA LYS A 505 33.65 15.21 -13.13
C LYS A 505 34.19 15.53 -14.52
N ALA A 506 35.51 15.37 -14.68
CA ALA A 506 36.20 15.72 -15.91
C ALA A 506 35.65 14.96 -17.11
N SER A 507 35.52 15.68 -18.25
CA SER A 507 35.05 15.12 -19.54
C SER A 507 33.65 14.53 -19.43
N SER A 508 32.87 15.02 -18.46
CA SER A 508 31.45 14.76 -18.45
C SER A 508 30.71 15.75 -19.32
N GLY A 509 31.22 16.97 -19.43
CA GLY A 509 30.59 17.94 -20.29
C GLY A 509 30.71 17.57 -21.75
N GLY A 510 29.62 17.81 -22.49
CA GLY A 510 29.62 17.59 -23.93
C GLY A 510 30.53 18.57 -24.64
N SER A 511 31.26 18.08 -25.61
CA SER A 511 32.22 18.98 -26.21
C SER A 511 31.53 19.93 -27.20
N GLY A 512 32.17 21.08 -27.43
CA GLY A 512 31.70 21.97 -28.48
C GLY A 512 32.52 23.24 -28.52
N LYS A 513 32.13 24.11 -29.45
CA LYS A 513 32.58 25.50 -29.43
C LYS A 513 32.42 26.08 -28.04
N TYR A 514 31.33 25.70 -27.38
CA TYR A 514 31.06 25.99 -25.98
C TYR A 514 30.78 24.65 -25.35
N ARG A 515 31.49 24.39 -24.26
CA ARG A 515 31.39 23.08 -23.64
C ARG A 515 30.19 23.04 -22.72
N GLY A 516 29.47 21.93 -22.77
CA GLY A 516 28.45 21.69 -21.79
C GLY A 516 29.01 21.66 -20.38
N GLY A 517 28.12 21.88 -19.42
CA GLY A 517 28.52 21.79 -18.03
C GLY A 517 28.95 20.38 -17.66
N CYS A 518 30.00 20.32 -16.86
CA CYS A 518 30.46 19.06 -16.30
C CYS A 518 29.59 18.67 -15.11
N GLY A 519 29.39 17.37 -14.95
CA GLY A 519 28.87 16.85 -13.71
C GLY A 519 29.92 16.91 -12.61
N PHE A 520 29.65 16.18 -11.54
CA PHE A 520 30.62 16.02 -10.46
C PHE A 520 30.49 14.62 -9.90
N GLU A 521 31.42 14.27 -9.01
CA GLU A 521 31.48 12.91 -8.50
C GLU A 521 31.80 12.92 -7.01
N SER A 522 31.33 11.87 -6.35
CA SER A 522 31.36 11.70 -4.90
C SER A 522 31.74 10.25 -4.64
N LEU A 523 32.77 10.03 -3.86
CA LEU A 523 33.20 8.67 -3.51
C LEU A 523 32.85 8.43 -2.05
N ARG A 524 32.09 7.37 -1.80
CA ARG A 524 31.57 7.10 -0.46
C ARG A 524 32.14 5.80 0.10
N MET A 525 32.37 5.79 1.41
CA MET A 525 32.69 4.58 2.15
C MET A 525 31.54 4.34 3.10
N VAL A 526 30.97 3.12 3.06
CA VAL A 526 29.92 2.73 4.01
C VAL A 526 30.48 2.77 5.42
N TRP A 527 29.81 3.48 6.31
CA TRP A 527 30.34 3.66 7.66
C TRP A 527 29.21 3.68 8.68
N ASN A 528 29.27 2.77 9.65
CA ASN A 528 28.30 2.68 10.74
C ASN A 528 26.94 2.25 10.22
N ALA A 529 26.94 1.46 9.15
CA ALA A 529 25.72 0.87 8.62
C ALA A 529 25.63 -0.60 9.02
N LYS A 530 24.41 -1.10 9.19
CA LYS A 530 24.21 -2.51 9.47
C LYS A 530 23.13 -3.10 8.57
N ASP A 531 23.35 -4.32 8.11
CA ASP A 531 22.42 -5.04 7.26
C ASP A 531 22.00 -4.15 6.10
N TRP A 532 23.02 -3.64 5.41
CA TRP A 532 22.93 -2.51 4.50
C TRP A 532 23.04 -2.94 3.03
N THR A 533 22.24 -2.32 2.18
CA THR A 533 22.28 -2.57 0.75
C THR A 533 22.31 -1.25 0.00
N MET A 534 22.83 -1.28 -1.23
CA MET A 534 22.87 -0.11 -2.11
C MET A 534 22.56 -0.52 -3.55
N PHE A 535 22.21 0.46 -4.39
CA PHE A 535 22.02 0.23 -5.83
C PHE A 535 22.22 1.54 -6.59
N PHE A 536 22.29 1.43 -7.91
CA PHE A 536 22.56 2.56 -8.78
C PHE A 536 21.36 2.72 -9.69
N MET A 537 21.19 3.94 -10.20
CA MET A 537 19.99 4.24 -10.98
C MET A 537 20.28 5.50 -11.80
N GLY A 538 20.78 5.29 -12.99
CA GLY A 538 20.84 6.35 -13.96
C GLY A 538 20.88 5.74 -15.31
N ASN A 539 21.28 6.56 -16.28
CA ASN A 539 21.43 6.11 -17.65
C ASN A 539 22.83 5.55 -17.87
N GLY A 540 22.92 4.44 -18.60
CA GLY A 540 24.24 3.94 -18.89
C GLY A 540 24.64 3.99 -20.35
N HIS A 541 24.02 3.12 -21.13
CA HIS A 541 24.42 2.85 -22.52
C HIS A 541 24.20 4.03 -23.48
N ILE A 542 23.38 5.01 -23.08
CA ILE A 542 22.78 6.00 -23.96
C ILE A 542 22.79 7.36 -23.27
N SER A 543 23.24 8.40 -23.98
CA SER A 543 23.14 9.77 -23.50
C SER A 543 21.84 10.42 -23.96
N SER A 544 21.07 10.99 -23.01
CA SER A 544 19.77 11.52 -23.38
C SER A 544 19.89 12.84 -24.14
N ASP A 545 20.73 13.75 -23.65
CA ASP A 545 20.91 15.04 -24.30
C ASP A 545 21.72 14.90 -25.59
N TRP A 546 21.38 15.69 -26.59
CA TRP A 546 22.28 15.89 -27.72
C TRP A 546 22.85 17.31 -27.69
N GLY A 547 24.03 17.47 -28.26
CA GLY A 547 24.55 18.79 -28.52
C GLY A 547 23.75 19.47 -29.61
N LEU A 548 24.24 20.65 -30.01
CA LEU A 548 23.46 21.55 -30.84
C LEU A 548 24.38 22.28 -31.81
N MET A 549 24.01 22.28 -33.09
CA MET A 549 24.73 23.00 -34.18
C MET A 549 26.23 22.68 -34.24
N GLY A 550 26.54 21.38 -34.19
CA GLY A 550 27.85 20.89 -33.81
C GLY A 550 27.68 20.00 -32.60
N GLY A 551 28.57 20.16 -31.64
CA GLY A 551 28.18 19.82 -30.29
C GLY A 551 27.78 18.39 -30.00
N TYR A 552 28.54 17.76 -29.12
CA TYR A 552 28.34 16.35 -28.84
C TYR A 552 27.48 16.15 -27.62
N PRO A 553 26.87 14.98 -27.48
CA PRO A 553 26.23 14.66 -26.20
C PRO A 553 27.25 14.66 -25.05
N ALA A 554 26.76 15.01 -23.88
CA ALA A 554 27.42 14.75 -22.61
C ALA A 554 27.78 13.27 -22.44
N ALA A 555 28.70 12.94 -21.54
CA ALA A 555 28.98 11.55 -21.21
C ALA A 555 27.75 10.81 -20.68
N SER A 556 27.74 9.50 -20.90
CA SER A 556 26.76 8.60 -20.35
C SER A 556 27.26 8.04 -19.01
N GLY A 557 26.61 7.02 -18.47
CA GLY A 557 26.84 6.67 -17.08
C GLY A 557 27.65 5.40 -16.92
N TYR A 558 28.21 5.19 -15.73
CA TYR A 558 28.81 3.91 -15.43
C TYR A 558 28.72 3.70 -13.93
N ARG A 559 29.04 2.47 -13.50
CA ARG A 559 28.99 2.12 -12.08
C ARG A 559 30.37 1.76 -11.55
N PHE A 560 30.57 2.07 -10.27
CA PHE A 560 31.76 1.64 -9.54
C PHE A 560 31.37 1.34 -8.10
N ALA A 561 31.56 0.08 -7.71
CA ALA A 561 31.46 -0.43 -6.35
C ALA A 561 32.65 -1.36 -6.09
N ALA A 562 33.19 -1.26 -4.89
CA ALA A 562 34.23 -2.14 -4.40
C ALA A 562 33.68 -2.83 -3.16
N HIS A 563 33.69 -4.16 -3.16
CA HIS A 563 33.35 -4.94 -1.98
C HIS A 563 34.60 -5.60 -1.44
N LYS A 564 34.61 -5.83 -0.11
CA LYS A 564 35.75 -6.46 0.58
C LYS A 564 37.06 -5.71 0.33
N THR A 565 37.01 -4.40 0.52
CA THR A 565 38.15 -3.56 0.15
C THR A 565 39.37 -3.81 1.01
N ASN A 566 39.22 -4.47 2.15
CA ASN A 566 40.27 -4.54 3.15
C ASN A 566 40.76 -3.14 3.53
N LEU A 567 39.81 -2.19 3.65
CA LEU A 567 40.20 -0.81 3.88
C LEU A 567 40.40 -0.49 5.36
N LYS A 568 39.83 -1.27 6.27
CA LYS A 568 40.20 -1.08 7.66
C LYS A 568 41.72 -1.21 7.81
N GLU A 569 42.27 -2.34 7.32
CA GLU A 569 43.72 -2.54 7.38
C GLU A 569 44.48 -1.48 6.61
N LEU A 570 44.01 -1.11 5.42
CA LEU A 570 44.78 -0.20 4.57
C LEU A 570 44.91 1.19 5.21
N ILE A 571 43.80 1.74 5.71
CA ILE A 571 43.85 2.98 6.48
C ILE A 571 44.85 2.86 7.62
N ALA A 572 44.72 1.79 8.43
CA ALA A 572 45.50 1.62 9.67
C ALA A 572 46.99 1.41 9.41
N SER A 573 47.35 0.70 8.34
CA SER A 573 48.75 0.38 8.07
C SER A 573 49.46 1.46 7.26
N GLY A 574 48.78 2.55 6.92
CA GLY A 574 49.41 3.65 6.20
C GLY A 574 49.53 3.46 4.71
N ALA A 575 48.86 2.44 4.15
CA ALA A 575 48.89 2.19 2.72
C ALA A 575 48.09 3.26 1.95
N GLU A 576 48.22 3.22 0.62
CA GLU A 576 47.39 4.06 -0.26
C GLU A 576 45.92 3.73 -0.08
N ILE A 577 45.10 4.78 0.04
CA ILE A 577 43.64 4.62 0.03
C ILE A 577 43.01 5.50 -1.05
N PRO A 578 41.89 5.05 -1.61
CA PRO A 578 41.25 5.79 -2.69
C PRO A 578 40.57 7.05 -2.18
N LEU A 579 40.83 8.17 -2.87
CA LEU A 579 40.32 9.48 -2.51
C LEU A 579 39.94 10.26 -3.76
N GLY A 580 39.07 11.27 -3.56
CA GLY A 580 38.62 12.18 -4.61
C GLY A 580 37.62 11.54 -5.56
N GLY A 581 37.72 11.95 -6.83
CA GLY A 581 36.96 11.34 -7.89
C GLY A 581 37.73 10.32 -8.75
N ASP A 582 36.97 9.66 -9.63
CA ASP A 582 37.44 8.59 -10.52
C ASP A 582 37.90 9.20 -11.86
N THR A 583 39.02 9.94 -11.78
CA THR A 583 39.31 10.98 -12.76
C THR A 583 39.31 10.47 -14.20
N ASP A 584 39.95 9.34 -14.46
CA ASP A 584 39.95 8.76 -15.80
C ASP A 584 39.47 7.32 -15.68
N PRO A 585 38.17 7.07 -15.81
CA PRO A 585 37.67 5.70 -15.61
C PRO A 585 38.28 4.71 -16.55
N GLU A 586 38.89 5.19 -17.65
CA GLU A 586 39.54 4.30 -18.59
C GLU A 586 40.96 3.97 -18.15
N ASN A 587 41.53 4.78 -17.26
CA ASN A 587 42.82 4.52 -16.63
C ASN A 587 42.65 4.75 -15.14
N PRO A 588 41.93 3.85 -14.46
CA PRO A 588 41.67 4.06 -13.04
C PRO A 588 42.90 3.92 -12.17
N THR A 589 42.85 4.60 -11.02
CA THR A 589 43.90 4.54 -10.01
C THR A 589 43.50 3.80 -8.73
N TRP A 590 42.21 3.69 -8.46
CA TRP A 590 41.79 3.08 -7.21
C TRP A 590 41.96 1.57 -7.25
N ASP A 591 41.69 0.98 -8.41
CA ASP A 591 41.70 -0.48 -8.54
C ASP A 591 43.05 -1.08 -8.15
N ALA A 592 44.14 -0.43 -8.55
CA ALA A 592 45.45 -0.96 -8.22
C ALA A 592 45.67 -0.99 -6.72
N MET A 593 45.05 -0.06 -6.01
CA MET A 593 45.18 0.13 -4.57
C MET A 593 44.44 -0.92 -3.75
N LEU A 594 43.55 -1.71 -4.37
CA LEU A 594 42.61 -2.58 -3.67
C LEU A 594 42.76 -4.02 -4.15
N PRO A 595 43.92 -4.62 -3.91
CA PRO A 595 44.22 -5.92 -4.54
C PRO A 595 43.31 -7.04 -4.08
N ASP A 596 42.59 -6.88 -2.99
CA ASP A 596 41.74 -7.96 -2.51
C ASP A 596 40.28 -7.72 -2.80
N ALA A 597 39.94 -6.58 -3.38
CA ALA A 597 38.53 -6.21 -3.44
C ALA A 597 37.82 -6.89 -4.61
N GLN A 598 36.52 -7.06 -4.46
CA GLN A 598 35.61 -7.34 -5.57
C GLN A 598 35.12 -6.00 -6.12
N ILE A 599 35.65 -5.61 -7.28
CA ILE A 599 35.38 -4.31 -7.88
C ILE A 599 34.37 -4.51 -8.98
N LYS A 600 33.26 -3.76 -8.92
CA LYS A 600 32.28 -3.75 -10.01
C LYS A 600 32.46 -2.44 -10.75
N ARG A 601 32.95 -2.52 -11.98
CA ARG A 601 33.23 -1.35 -12.81
C ARG A 601 32.75 -1.64 -14.22
N ASP A 602 31.59 -1.13 -14.59
CA ASP A 602 30.97 -1.51 -15.86
C ASP A 602 29.93 -0.48 -16.23
N LYS A 603 29.15 -0.78 -17.27
CA LYS A 603 28.22 0.21 -17.76
C LYS A 603 26.84 0.07 -17.17
N GLN A 604 26.61 -1.00 -16.40
CA GLN A 604 25.30 -1.31 -15.89
C GLN A 604 24.91 -0.30 -14.82
N ALA A 605 24.36 0.83 -15.28
CA ALA A 605 24.04 1.98 -14.45
C ALA A 605 22.73 1.82 -13.68
N ILE A 606 22.02 0.69 -13.84
CA ILE A 606 20.78 0.39 -13.13
C ILE A 606 20.88 -0.99 -12.47
N THR A 607 20.76 -1.05 -11.15
CA THR A 607 20.83 -2.33 -10.46
C THR A 607 19.74 -2.38 -9.41
N THR A 608 19.53 -3.57 -8.87
CA THR A 608 18.76 -3.73 -7.65
C THR A 608 19.70 -3.81 -6.44
N GLU A 609 19.10 -3.73 -5.25
CA GLU A 609 19.72 -3.91 -3.94
C GLU A 609 20.91 -4.87 -3.92
N GLU A 610 21.99 -4.48 -3.27
CA GLU A 610 23.16 -5.35 -3.19
C GLU A 610 23.76 -5.20 -1.80
N MET A 611 23.97 -6.32 -1.11
CA MET A 611 24.63 -6.25 0.19
C MET A 611 25.91 -5.44 0.09
N PHE A 612 26.04 -4.44 0.94
CA PHE A 612 27.30 -3.75 1.21
C PHE A 612 27.60 -3.84 2.70
N SER A 613 28.88 -3.64 3.05
CA SER A 613 29.37 -3.64 4.43
C SER A 613 30.36 -2.49 4.65
N ASP A 614 30.68 -2.28 5.92
CA ASP A 614 31.50 -1.15 6.30
C ASP A 614 32.85 -1.21 5.61
N TYR A 615 33.23 -0.08 5.02
CA TYR A 615 34.46 0.11 4.27
C TYR A 615 34.30 -0.29 2.80
N ASP A 616 33.13 -0.78 2.35
CA ASP A 616 32.93 -0.96 0.91
C ASP A 616 32.83 0.40 0.22
N LEU A 617 33.04 0.42 -1.11
CA LEU A 617 33.01 1.69 -1.86
C LEU A 617 31.90 1.77 -2.92
N TYR A 618 31.36 2.99 -3.08
CA TYR A 618 30.28 3.33 -4.01
C TYR A 618 30.61 4.67 -4.63
N LEU A 619 30.71 4.73 -5.97
CA LEU A 619 30.94 6.00 -6.67
C LEU A 619 29.61 6.63 -7.11
N ASN A 620 29.31 7.84 -6.61
CA ASN A 620 28.14 8.60 -7.04
C ASN A 620 28.58 9.55 -8.15
N TYR A 621 27.99 9.42 -9.33
CA TYR A 621 28.36 10.19 -10.52
C TYR A 621 27.17 11.02 -11.01
N MET A 622 27.29 12.35 -11.07
CA MET A 622 26.20 13.15 -11.64
C MET A 622 26.66 13.67 -12.99
N ARG A 623 25.73 13.65 -13.95
CA ARG A 623 26.02 13.74 -15.38
C ARG A 623 26.37 15.17 -15.78
N GLY A 624 26.84 15.30 -17.01
CA GLY A 624 27.11 16.59 -17.60
C GLY A 624 26.03 16.99 -18.58
N GLY A 625 26.23 18.19 -19.16
CA GLY A 625 25.34 18.74 -20.16
C GLY A 625 25.97 18.83 -21.53
N PRO A 626 25.14 18.86 -22.57
CA PRO A 626 25.65 18.85 -23.94
C PRO A 626 26.18 20.21 -24.35
N GLY A 627 27.03 20.19 -25.38
CA GLY A 627 27.75 21.36 -25.83
C GLY A 627 27.12 21.96 -27.07
N PHE A 628 27.76 23.02 -27.55
CA PHE A 628 27.28 23.84 -28.66
C PHE A 628 28.41 24.08 -29.64
N GLY A 629 28.12 23.92 -30.93
CA GLY A 629 29.03 24.24 -32.00
C GLY A 629 30.12 23.20 -32.23
N ASP A 630 30.70 23.27 -33.42
CA ASP A 630 31.87 22.49 -33.78
C ASP A 630 32.98 22.66 -32.74
N PRO A 631 33.51 21.56 -32.17
CA PRO A 631 34.54 21.72 -31.13
C PRO A 631 35.80 22.43 -31.59
N LEU A 632 36.16 22.33 -32.86
CA LEU A 632 37.41 22.97 -33.23
C LEU A 632 37.21 24.42 -33.62
N ASP A 633 36.04 25.00 -33.32
CA ASP A 633 35.82 26.44 -33.20
C ASP A 633 35.98 26.95 -31.76
N ARG A 634 36.13 26.07 -30.77
CA ARG A 634 36.32 26.55 -29.40
C ARG A 634 37.62 27.34 -29.32
N GLU A 635 37.61 28.39 -28.50
CA GLU A 635 38.80 29.17 -28.31
C GLU A 635 39.86 28.31 -27.64
N PRO A 636 41.08 28.23 -28.20
CA PRO A 636 42.07 27.28 -27.64
C PRO A 636 42.36 27.53 -26.18
N GLN A 637 42.49 28.79 -25.79
CA GLN A 637 42.76 29.07 -24.39
C GLN A 637 41.72 28.46 -23.48
N ALA A 638 40.47 28.39 -23.93
CA ALA A 638 39.43 27.75 -23.10
C ALA A 638 39.75 26.28 -22.88
N VAL A 639 40.22 25.61 -23.93
CA VAL A 639 40.60 24.20 -23.83
C VAL A 639 41.72 24.03 -22.80
N ALA A 640 42.75 24.89 -22.86
CA ALA A 640 43.87 24.81 -21.93
C ALA A 640 43.42 25.02 -20.50
N ASP A 641 42.54 26.00 -20.30
CA ASP A 641 41.99 26.26 -18.97
C ASP A 641 41.13 25.10 -18.50
N ASP A 642 40.36 24.50 -19.41
CA ASP A 642 39.64 23.29 -19.04
C ASP A 642 40.57 22.21 -18.53
N ILE A 643 41.75 22.08 -19.13
CA ILE A 643 42.67 21.02 -18.72
C ILE A 643 43.17 21.26 -17.30
N ASN A 644 43.69 22.47 -17.03
CA ASN A 644 44.11 22.83 -15.66
C ASN A 644 42.94 22.84 -14.69
N GLY A 645 41.80 23.43 -15.09
CA GLY A 645 40.71 23.48 -14.16
C GLY A 645 40.09 22.13 -13.85
N GLY A 646 40.55 21.06 -14.48
CA GLY A 646 40.00 19.75 -14.24
C GLY A 646 38.74 19.42 -15.03
N TYR A 647 38.40 20.22 -16.05
CA TYR A 647 37.13 19.98 -16.73
C TYR A 647 37.25 18.97 -17.87
N VAL A 648 38.37 18.97 -18.59
CA VAL A 648 38.60 18.06 -19.70
C VAL A 648 39.95 17.38 -19.53
N LEU A 649 39.99 16.08 -19.77
CA LEU A 649 41.24 15.32 -19.70
C LEU A 649 42.14 15.67 -20.88
N GLU A 650 43.44 15.82 -20.61
CA GLU A 650 44.37 16.35 -21.60
C GLU A 650 44.37 15.56 -22.89
N ARG A 651 44.15 14.24 -22.81
CA ARG A 651 44.05 13.39 -23.99
C ARG A 651 43.19 14.00 -25.10
N PHE A 652 41.99 14.46 -24.74
CA PHE A 652 41.05 14.91 -25.76
C PHE A 652 41.26 16.33 -26.20
N ALA A 653 42.16 17.09 -25.56
CA ALA A 653 42.47 18.42 -26.05
C ALA A 653 42.84 18.37 -27.53
N GLY A 654 43.78 17.50 -27.89
CA GLY A 654 44.13 17.36 -29.29
C GLY A 654 43.07 16.59 -30.07
N GLU A 655 42.65 15.44 -29.55
CA GLU A 655 41.79 14.55 -30.32
C GLU A 655 40.41 15.14 -30.62
N VAL A 656 39.91 16.09 -29.84
CA VAL A 656 38.56 16.61 -30.02
C VAL A 656 38.55 18.05 -30.50
N TYR A 657 39.42 18.89 -29.94
CA TYR A 657 39.43 20.31 -30.22
C TYR A 657 40.56 20.74 -31.15
N GLY A 658 41.46 19.83 -31.54
CA GLY A 658 42.63 20.20 -32.32
C GLY A 658 43.54 21.19 -31.62
N VAL A 659 43.54 21.17 -30.29
CA VAL A 659 44.33 22.10 -29.51
C VAL A 659 45.59 21.39 -29.03
N VAL A 660 46.72 22.00 -29.33
CA VAL A 660 48.02 21.45 -28.92
C VAL A 660 48.48 22.23 -27.71
N VAL A 661 48.69 21.54 -26.59
CA VAL A 661 49.06 22.18 -25.33
C VAL A 661 50.41 21.70 -24.83
N ARG A 662 51.22 22.65 -24.31
CA ARG A 662 52.52 22.37 -23.73
C ARG A 662 52.52 22.80 -22.26
N LYS A 663 53.08 21.95 -21.41
CA LYS A 663 53.12 22.23 -19.98
C LYS A 663 54.24 23.21 -19.70
N GLY A 664 53.94 24.26 -18.95
CA GLY A 664 54.94 25.26 -18.65
C GLY A 664 55.82 24.84 -17.49
N ALA A 665 56.81 25.70 -17.20
CA ALA A 665 57.67 25.46 -16.04
C ALA A 665 56.83 25.39 -14.78
N ASP A 666 55.78 26.21 -14.71
CA ASP A 666 54.86 26.21 -13.57
C ASP A 666 54.01 24.95 -13.49
N GLY A 667 54.09 24.04 -14.47
CA GLY A 667 53.33 22.81 -14.43
C GLY A 667 51.94 22.91 -15.04
N GLN A 668 51.45 24.11 -15.31
CA GLN A 668 50.17 24.33 -15.94
C GLN A 668 50.28 24.25 -17.47
N TYR A 669 49.15 24.00 -18.13
CA TYR A 669 49.14 23.88 -19.58
C TYR A 669 48.97 25.23 -20.24
N GLY A 670 49.67 25.41 -21.36
CA GLY A 670 49.49 26.57 -22.20
C GLY A 670 49.22 26.14 -23.63
N VAL A 671 48.86 27.12 -24.45
CA VAL A 671 48.51 26.85 -25.85
C VAL A 671 49.77 26.92 -26.71
N ASP A 672 49.96 25.90 -27.55
CA ASP A 672 50.92 25.92 -28.65
C ASP A 672 50.15 26.38 -29.89
N GLU A 673 50.38 27.62 -30.34
CA GLU A 673 49.42 28.21 -31.28
C GLU A 673 49.62 27.67 -32.69
N ALA A 674 50.85 27.65 -33.16
CA ALA A 674 51.12 27.10 -34.48
C ALA A 674 50.73 25.64 -34.54
N GLY A 675 51.08 24.88 -33.50
CA GLY A 675 50.64 23.50 -33.45
C GLY A 675 49.14 23.37 -33.50
N THR A 676 48.42 24.24 -32.78
CA THR A 676 46.97 24.14 -32.71
C THR A 676 46.32 24.48 -34.04
N ALA A 677 46.81 25.51 -34.72
CA ALA A 677 46.31 25.79 -36.05
C ALA A 677 46.53 24.60 -36.97
N ALA A 678 47.77 24.11 -37.03
CA ALA A 678 48.09 23.04 -37.96
C ALA A 678 47.30 21.78 -37.65
N ALA A 679 47.06 21.51 -36.36
CA ALA A 679 46.30 20.32 -36.00
C ALA A 679 44.84 20.47 -36.44
N ARG A 680 44.30 21.70 -36.31
CA ARG A 680 42.94 21.95 -36.78
C ARG A 680 42.86 21.82 -38.31
N ALA A 681 43.84 22.39 -39.02
CA ALA A 681 43.92 22.18 -40.46
C ALA A 681 43.90 20.70 -40.82
N GLN A 682 44.65 19.88 -40.07
CA GLN A 682 44.74 18.47 -40.41
C GLN A 682 43.48 17.72 -40.04
N ILE A 683 42.79 18.13 -38.97
CA ILE A 683 41.54 17.47 -38.59
C ILE A 683 40.50 17.63 -39.68
N ARG A 684 40.49 18.80 -40.34
CA ARG A 684 39.49 19.05 -41.36
C ARG A 684 39.67 18.11 -42.55
N LYS A 685 40.92 17.87 -42.94
CA LYS A 685 41.17 16.91 -44.03
C LYS A 685 40.79 15.50 -43.62
N ASP A 686 41.06 15.13 -42.36
CA ASP A 686 40.69 13.78 -41.89
C ASP A 686 39.20 13.59 -41.91
N ARG A 687 38.44 14.64 -41.58
CA ARG A 687 36.98 14.57 -41.60
C ARG A 687 36.49 14.37 -43.02
N LEU A 688 37.02 15.11 -43.97
CA LEU A 688 36.72 14.85 -45.38
C LEU A 688 37.04 13.40 -45.72
N ALA A 689 38.24 12.93 -45.35
CA ALA A 689 38.68 11.60 -45.76
C ALA A 689 37.89 10.47 -45.10
N LYS A 690 37.33 10.68 -43.92
CA LYS A 690 36.73 9.56 -43.20
C LYS A 690 35.22 9.49 -43.32
N SER A 691 34.58 10.58 -43.71
CA SER A 691 33.16 10.59 -43.94
C SER A 691 32.88 10.12 -45.37
N VAL A 692 31.60 9.93 -45.65
CA VAL A 692 31.13 9.57 -46.99
C VAL A 692 29.84 10.34 -47.25
N PRO A 693 29.48 10.49 -48.52
CA PRO A 693 28.17 11.07 -48.84
C PRO A 693 27.06 10.31 -48.11
N VAL A 694 26.07 11.06 -47.63
CA VAL A 694 24.99 10.42 -46.90
C VAL A 694 24.21 9.45 -47.80
N SER A 695 24.10 9.75 -49.09
CA SER A 695 23.65 8.75 -50.05
C SER A 695 24.34 7.41 -49.81
N GLU A 696 25.67 7.45 -49.71
CA GLU A 696 26.44 6.22 -49.61
C GLU A 696 26.10 5.49 -48.31
N TRP A 697 26.24 6.19 -47.17
CA TRP A 697 25.92 5.62 -45.86
C TRP A 697 24.49 5.08 -45.82
N MET A 698 23.54 5.81 -46.41
CA MET A 698 22.15 5.40 -46.30
C MET A 698 21.90 4.01 -46.90
N LYS A 699 22.50 3.70 -48.06
CA LYS A 699 22.20 2.40 -48.67
C LYS A 699 22.84 1.27 -47.88
N GLY A 700 23.94 1.56 -47.18
CA GLY A 700 24.47 0.61 -46.22
C GLY A 700 23.52 0.34 -45.06
N GLU A 701 23.04 1.40 -44.40
CA GLU A 701 22.12 1.22 -43.28
C GLU A 701 20.82 0.57 -43.73
N ARG A 702 20.35 0.90 -44.93
CA ARG A 702 19.14 0.27 -45.46
C ARG A 702 19.30 -1.23 -45.59
N GLU A 703 20.47 -1.68 -46.10
CA GLU A 703 20.77 -3.11 -46.14
C GLU A 703 20.72 -3.73 -44.75
N LYS A 704 21.28 -3.07 -43.72
CA LYS A 704 21.18 -3.60 -42.37
C LYS A 704 19.73 -3.71 -41.92
N ILE A 705 18.91 -2.69 -42.22
CA ILE A 705 17.49 -2.73 -41.86
C ILE A 705 16.80 -3.92 -42.53
N LEU A 706 16.90 -4.01 -43.85
CA LEU A 706 16.20 -5.07 -44.57
C LEU A 706 16.59 -6.42 -44.01
N ALA A 707 17.85 -6.56 -43.59
CA ALA A 707 18.37 -7.78 -42.99
C ALA A 707 18.03 -7.90 -41.51
N LYS A 708 17.37 -6.88 -40.94
CA LYS A 708 16.98 -6.90 -39.53
C LYS A 708 18.20 -7.07 -38.61
N ASP A 709 19.23 -6.27 -38.91
CA ASP A 709 20.56 -6.35 -38.29
C ASP A 709 20.64 -5.29 -37.21
N ALA A 710 20.27 -5.68 -36.01
CA ALA A 710 20.30 -4.79 -34.85
C ALA A 710 19.93 -5.62 -33.62
N GLY A 711 20.38 -5.15 -32.47
CA GLY A 711 20.05 -5.83 -31.24
C GLY A 711 18.56 -5.84 -30.98
N THR A 712 18.15 -6.81 -30.18
CA THR A 712 16.74 -6.95 -29.85
C THR A 712 16.13 -5.66 -29.29
N GLN A 713 16.91 -4.85 -28.54
CA GLN A 713 16.38 -3.62 -27.97
C GLN A 713 16.20 -2.54 -29.03
N VAL A 714 17.02 -2.57 -30.09
CA VAL A 714 16.77 -1.66 -31.19
C VAL A 714 15.55 -2.11 -31.98
N ARG A 715 15.39 -3.42 -32.17
CA ARG A 715 14.25 -3.88 -32.96
C ARG A 715 12.94 -3.76 -32.19
N GLN A 716 12.99 -3.86 -30.87
CA GLN A 716 11.78 -3.73 -30.06
C GLN A 716 11.29 -2.27 -30.01
N MET A 717 12.23 -1.32 -29.94
CA MET A 717 11.87 0.10 -29.92
C MET A 717 11.07 0.45 -31.16
N PHE A 718 11.49 -0.04 -32.34
CA PHE A 718 10.80 0.27 -33.58
C PHE A 718 9.49 -0.48 -33.72
N ALA A 719 9.50 -1.78 -33.45
CA ALA A 719 8.29 -2.57 -33.54
C ALA A 719 7.18 -1.95 -32.71
N ALA A 720 7.46 -1.70 -31.42
CA ALA A 720 6.46 -1.11 -30.54
C ALA A 720 6.06 0.29 -31.01
N SER A 721 7.05 1.10 -31.41
CA SER A 721 6.77 2.46 -31.86
C SER A 721 5.90 2.49 -33.11
N PHE A 722 6.19 1.65 -34.12
CA PHE A 722 5.35 1.59 -35.31
C PHE A 722 3.89 1.33 -34.95
N LYS A 723 3.67 0.43 -33.98
CA LYS A 723 2.30 0.02 -33.64
C LYS A 723 1.50 1.16 -33.01
N LEU A 724 2.12 2.00 -32.20
CA LEU A 724 1.43 3.10 -31.57
C LEU A 724 1.36 4.35 -32.44
N GLY A 725 2.20 4.46 -33.46
CA GLY A 725 2.29 5.69 -34.21
C GLY A 725 2.42 5.48 -35.70
N PRO A 726 1.32 5.11 -36.35
CA PRO A 726 1.39 4.79 -37.78
C PRO A 726 2.03 5.89 -38.63
N ARG A 727 1.73 7.16 -38.36
CA ARG A 727 2.37 8.21 -39.13
C ARG A 727 3.89 8.11 -39.00
N PHE A 728 4.41 7.60 -37.88
CA PHE A 728 5.85 7.42 -37.77
C PHE A 728 6.33 6.22 -38.59
N GLU A 729 5.58 5.11 -38.57
CA GLU A 729 5.98 3.98 -39.42
C GLU A 729 5.97 4.37 -40.89
N LYS A 730 4.87 4.99 -41.35
CA LYS A 730 4.80 5.52 -42.70
C LYS A 730 6.03 6.33 -43.03
N ASP A 731 6.49 7.15 -42.08
CA ASP A 731 7.62 8.03 -42.40
C ASP A 731 8.93 7.26 -42.49
N PHE A 732 9.14 6.32 -41.55
CA PHE A 732 10.31 5.42 -41.60
C PHE A 732 10.35 4.67 -42.93
N ARG A 733 9.26 3.97 -43.26
CA ARG A 733 9.18 3.22 -44.51
C ARG A 733 9.48 4.13 -45.70
N THR A 734 8.87 5.30 -45.74
CA THR A 734 9.19 6.19 -46.85
C THR A 734 10.67 6.56 -46.84
N PHE A 735 11.21 6.91 -45.67
CA PHE A 735 12.57 7.41 -45.65
C PHE A 735 13.57 6.38 -46.15
N TRP A 736 13.43 5.14 -45.71
CA TRP A 736 14.36 4.09 -46.07
C TRP A 736 13.96 3.39 -47.36
N SER A 737 12.81 3.72 -47.93
CA SER A 737 12.35 3.16 -49.20
C SER A 737 12.20 1.65 -49.11
N LEU A 738 11.43 1.17 -48.10
CA LEU A 738 11.33 -0.25 -47.75
C LEU A 738 10.12 -0.90 -48.42
N PRO A 739 10.21 -2.11 -48.94
CA PRO A 739 9.02 -2.73 -49.54
C PRO A 739 7.96 -3.01 -48.49
N ASP A 740 6.73 -3.18 -48.96
CA ASP A 740 5.70 -3.64 -48.06
C ASP A 740 5.91 -5.08 -47.62
N SER A 741 6.85 -5.79 -48.26
CA SER A 741 7.22 -7.15 -47.83
C SER A 741 8.04 -7.14 -46.53
N TRP A 742 8.73 -6.04 -46.24
CA TRP A 742 9.46 -5.92 -44.99
C TRP A 742 8.48 -5.56 -43.87
N THR A 743 8.44 -6.38 -42.83
CA THR A 743 7.54 -6.16 -41.70
C THR A 743 8.31 -6.50 -40.43
N LEU A 744 7.96 -5.80 -39.36
CA LEU A 744 8.68 -5.94 -38.10
C LEU A 744 7.70 -6.24 -36.97
N PRO A 745 7.11 -7.43 -36.95
CA PRO A 745 6.22 -7.78 -35.82
C PRO A 745 7.02 -7.91 -34.52
N GLU A 746 6.49 -7.31 -33.43
CA GLU A 746 7.23 -7.36 -32.17
C GLU A 746 7.44 -8.78 -31.69
N GLU A 747 6.46 -9.65 -31.94
CA GLU A 747 6.43 -11.05 -31.53
C GLU A 747 7.51 -11.91 -32.20
N GLU A 748 8.17 -11.41 -33.24
CA GLU A 748 9.26 -12.14 -33.87
C GLU A 748 10.63 -11.85 -33.27
N ILE A 749 10.73 -10.89 -32.33
CA ILE A 749 12.04 -10.47 -31.83
C ILE A 749 12.59 -11.40 -30.76
N GLY A 750 11.78 -12.32 -30.23
CA GLY A 750 12.24 -13.26 -29.23
C GLY A 750 12.11 -12.80 -27.79
N VAL A 751 11.90 -11.52 -27.56
CA VAL A 751 11.86 -10.99 -26.21
C VAL A 751 10.42 -11.03 -25.73
N PRO A 752 10.17 -11.09 -24.41
CA PRO A 752 8.78 -11.04 -23.92
C PRO A 752 8.04 -9.80 -24.40
N THR A 753 6.73 -9.98 -24.64
CA THR A 753 5.91 -8.90 -25.16
C THR A 753 4.62 -8.74 -24.36
N TYR A 754 4.68 -9.01 -23.06
CA TYR A 754 3.49 -8.88 -22.24
C TYR A 754 3.03 -7.44 -22.20
N GLY A 755 1.71 -7.24 -22.22
CA GLY A 755 1.14 -5.91 -22.31
C GLY A 755 1.28 -5.19 -23.65
N SER A 756 1.52 -5.90 -24.74
CA SER A 756 1.65 -5.21 -26.01
C SER A 756 0.30 -5.07 -26.74
N ARG A 757 -0.62 -6.02 -26.51
CA ARG A 757 -1.98 -5.96 -27.03
C ARG A 757 -3.02 -5.76 -25.95
N TYR A 758 -2.97 -6.52 -24.85
CA TYR A 758 -4.01 -6.45 -23.81
C TYR A 758 -3.64 -5.43 -22.75
N SER A 759 -4.61 -4.59 -22.37
CA SER A 759 -4.41 -3.57 -21.36
C SER A 759 -5.76 -3.17 -20.78
N MET A 760 -5.74 -2.65 -19.54
CA MET A 760 -6.94 -2.23 -18.83
C MET A 760 -6.61 -0.91 -18.13
N ASP A 761 -7.43 0.09 -18.39
CA ASP A 761 -7.17 1.45 -17.97
C ASP A 761 -7.82 1.71 -16.61
N ILE A 762 -7.33 2.74 -15.90
CA ILE A 762 -7.97 3.05 -14.63
C ILE A 762 -9.43 3.41 -14.85
N SER A 763 -9.75 4.04 -15.98
CA SER A 763 -11.09 4.51 -16.31
C SER A 763 -12.09 3.39 -16.54
N GLU A 764 -11.65 2.16 -16.63
CA GLU A 764 -12.53 1.01 -16.71
C GLU A 764 -12.98 0.50 -15.33
N LEU A 765 -12.49 1.09 -14.23
CA LEU A 765 -12.92 0.70 -12.89
C LEU A 765 -14.18 1.48 -12.48
N PRO A 766 -14.97 0.98 -11.53
CA PRO A 766 -16.24 1.65 -11.24
C PRO A 766 -16.04 3.05 -10.67
N ASP A 767 -17.03 3.90 -10.93
CA ASP A 767 -17.14 5.29 -10.48
C ASP A 767 -15.96 6.16 -10.86
N VAL A 768 -15.05 5.69 -11.71
CA VAL A 768 -13.90 6.49 -12.08
C VAL A 768 -14.22 7.36 -13.29
N HIS A 769 -14.08 8.67 -13.12
CA HIS A 769 -14.21 9.66 -14.16
C HIS A 769 -12.87 10.34 -14.27
N THR A 770 -12.14 10.12 -15.33
CA THR A 770 -10.84 10.74 -15.35
C THR A 770 -10.89 12.00 -16.19
N VAL A 771 -9.96 12.89 -15.92
CA VAL A 771 -9.87 14.17 -16.61
C VAL A 771 -8.87 14.04 -17.73
N GLN A 772 -9.19 14.66 -18.87
CA GLN A 772 -8.35 14.63 -20.04
C GLN A 772 -7.82 16.04 -20.27
N PHE A 773 -6.50 16.16 -20.42
CA PHE A 773 -5.83 17.44 -20.63
C PHE A 773 -5.09 17.50 -21.95
N VAL A 774 -5.14 16.42 -22.74
CA VAL A 774 -4.23 16.15 -23.84
C VAL A 774 -5.02 15.58 -25.01
N GLU A 775 -4.53 15.83 -26.24
CA GLU A 775 -5.28 15.42 -27.42
C GLU A 775 -5.43 13.90 -27.50
N GLU A 776 -4.35 13.14 -27.28
CA GLU A 776 -4.45 11.69 -27.02
C GLU A 776 -4.69 10.84 -28.28
N LEU B 18 29.83 70.44 35.54
CA LEU B 18 28.92 70.78 34.45
C LEU B 18 28.38 69.55 33.70
N ARG B 19 29.11 69.08 32.68
CA ARG B 19 28.62 68.04 31.80
C ARG B 19 29.48 66.78 31.88
N ASN B 20 28.82 65.63 32.03
CA ASN B 20 29.50 64.35 32.11
C ASN B 20 29.19 63.56 30.84
N VAL B 21 30.21 63.31 30.03
CA VAL B 21 30.06 62.61 28.76
C VAL B 21 30.29 61.14 28.97
N GLN B 22 29.33 60.31 28.56
CA GLN B 22 29.32 58.93 29.02
C GLN B 22 29.29 57.88 27.91
N VAL B 23 28.75 58.18 26.74
CA VAL B 23 28.62 57.18 25.69
C VAL B 23 29.10 57.75 24.38
N LEU B 24 29.87 56.96 23.62
CA LEU B 24 30.40 57.37 22.32
C LEU B 24 30.12 56.31 21.27
N GLY B 25 29.50 56.72 20.15
CA GLY B 25 29.31 55.86 18.99
C GLY B 25 30.07 56.34 17.77
N ILE B 26 30.38 55.43 16.84
CA ILE B 26 31.38 55.68 15.79
C ILE B 26 30.97 54.95 14.51
N ASP B 27 30.96 55.66 13.37
CA ASP B 27 30.89 55.05 12.03
C ASP B 27 32.14 55.50 11.27
N ALA B 28 33.11 54.58 11.19
CA ALA B 28 34.33 54.77 10.41
C ALA B 28 34.03 54.30 9.00
N GLY B 29 33.85 55.26 8.09
CA GLY B 29 33.42 55.00 6.74
C GLY B 29 34.49 55.30 5.69
N GLY B 30 34.17 54.97 4.43
CA GLY B 30 35.08 55.24 3.32
C GLY B 30 35.35 56.73 3.07
N THR B 31 34.49 57.62 3.58
CA THR B 31 34.57 59.06 3.36
C THR B 31 34.79 59.85 4.62
N MET B 32 33.93 59.65 5.62
CA MET B 32 33.92 60.42 6.86
C MET B 32 33.86 59.47 8.05
N THR B 33 34.54 59.85 9.12
CA THR B 33 34.45 59.12 10.38
C THR B 33 33.57 59.92 11.34
N ASP B 34 32.42 59.33 11.70
CA ASP B 34 31.40 60.00 12.51
C ASP B 34 31.60 59.69 13.99
N THR B 35 31.39 60.69 14.83
CA THR B 35 31.41 60.48 16.27
C THR B 35 30.11 60.99 16.87
N PHE B 36 29.54 60.20 17.78
CA PHE B 36 28.28 60.54 18.44
C PHE B 36 28.46 60.46 19.95
N PHE B 37 28.50 61.62 20.61
CA PHE B 37 28.68 61.72 22.06
C PHE B 37 27.35 61.90 22.77
N VAL B 38 27.10 61.07 23.78
CA VAL B 38 25.93 61.18 24.66
C VAL B 38 26.39 61.55 26.07
N ASP B 39 25.74 62.55 26.67
CA ASP B 39 26.07 62.90 28.04
C ASP B 39 25.06 62.27 29.01
N GLN B 40 25.16 62.61 30.30
CA GLN B 40 24.41 61.91 31.34
C GLN B 40 22.91 62.08 31.18
N ASP B 41 22.45 63.26 30.76
CA ASP B 41 21.04 63.57 30.61
C ASP B 41 20.48 63.23 29.21
N GLY B 42 21.27 62.59 28.35
CA GLY B 42 20.84 62.26 27.02
C GLY B 42 21.20 63.27 25.95
N ASP B 43 21.53 64.50 26.32
CA ASP B 43 21.93 65.51 25.34
C ASP B 43 23.14 65.02 24.55
N PHE B 44 23.23 65.43 23.28
CA PHE B 44 24.31 64.92 22.44
C PHE B 44 24.86 65.99 21.51
N VAL B 45 25.98 65.65 20.88
CA VAL B 45 26.62 66.44 19.84
C VAL B 45 27.38 65.48 18.94
N VAL B 46 27.63 65.89 17.68
CA VAL B 46 28.10 64.98 16.64
C VAL B 46 29.26 65.60 15.89
N GLY B 47 30.31 64.82 15.64
CA GLY B 47 31.49 65.30 14.96
C GLY B 47 31.76 64.58 13.66
N LYS B 48 32.35 65.30 12.72
CA LYS B 48 32.71 64.76 11.41
C LYS B 48 34.14 65.13 11.08
N ALA B 49 34.83 64.21 10.39
CA ALA B 49 36.19 64.35 9.92
C ALA B 49 36.41 63.40 8.77
N GLN B 50 37.31 63.75 7.86
CA GLN B 50 37.70 62.82 6.81
C GLN B 50 38.32 61.57 7.42
N SER B 51 37.98 60.41 6.88
CA SER B 51 38.59 59.17 7.34
C SER B 51 40.07 59.17 7.01
N THR B 52 40.82 58.40 7.78
CA THR B 52 42.23 58.12 7.54
C THR B 52 42.28 56.60 7.49
N PRO B 53 41.93 56.01 6.35
CA PRO B 53 41.70 54.56 6.33
C PRO B 53 42.95 53.73 6.63
N GLN B 54 44.15 54.25 6.40
CA GLN B 54 45.34 53.49 6.72
C GLN B 54 45.67 53.51 8.22
N ASN B 55 45.01 54.38 8.99
CA ASN B 55 45.09 54.34 10.46
C ASN B 55 43.92 55.17 11.00
N GLU B 56 42.77 54.51 11.20
CA GLU B 56 41.53 55.20 11.50
C GLU B 56 41.57 55.95 12.83
N ALA B 57 42.59 55.74 13.65
CA ALA B 57 42.71 56.55 14.86
C ALA B 57 42.81 58.02 14.51
N LEU B 58 43.56 58.36 13.46
CA LEU B 58 43.77 59.77 13.16
C LEU B 58 42.47 60.51 12.87
N GLY B 59 41.58 59.90 12.08
CA GLY B 59 40.32 60.54 11.80
C GLY B 59 39.40 60.51 13.01
N LEU B 60 39.45 59.41 13.76
CA LEU B 60 38.65 59.31 14.99
C LEU B 60 38.96 60.48 15.93
N ILE B 61 40.24 60.75 16.16
CA ILE B 61 40.65 61.88 17.02
C ILE B 61 40.13 63.21 16.46
N ALA B 62 40.29 63.42 15.16
CA ALA B 62 39.88 64.68 14.54
C ALA B 62 38.37 64.89 14.67
N SER B 63 37.59 63.86 14.35
CA SER B 63 36.14 63.92 14.47
C SER B 63 35.72 64.18 15.91
N SER B 64 36.33 63.44 16.85
CA SER B 64 36.07 63.66 18.27
C SER B 64 36.26 65.11 18.64
N GLU B 65 37.40 65.69 18.22
CA GLU B 65 37.68 67.07 18.57
C GLU B 65 36.71 68.03 17.89
N ASP B 66 36.20 67.67 16.70
CA ASP B 66 35.19 68.50 16.05
C ASP B 66 33.87 68.45 16.83
N GLY B 67 33.39 67.23 17.12
CA GLY B 67 32.15 67.11 17.88
C GLY B 67 32.25 67.70 19.27
N LEU B 68 33.34 67.40 19.97
CA LEU B 68 33.45 67.91 21.32
C LEU B 68 33.57 69.42 21.33
N ALA B 69 34.14 70.03 20.29
CA ALA B 69 34.28 71.49 20.32
C ALA B 69 32.93 72.21 20.34
N ASN B 70 31.86 71.57 19.88
CA ASN B 70 30.55 72.20 19.97
C ASN B 70 30.08 72.31 21.41
N TRP B 71 30.51 71.37 22.25
CA TRP B 71 30.27 71.46 23.68
C TRP B 71 31.36 72.23 24.39
N GLY B 72 32.18 72.98 23.65
CA GLY B 72 33.29 73.70 24.27
C GLY B 72 34.10 72.86 25.22
N MET B 73 34.40 71.64 24.83
CA MET B 73 35.02 70.63 25.68
C MET B 73 36.17 70.01 24.90
N SER B 74 37.22 69.63 25.62
CA SER B 74 38.38 68.99 25.01
C SER B 74 38.19 67.47 24.91
N LEU B 75 38.91 66.87 23.96
CA LEU B 75 38.98 65.41 23.85
C LEU B 75 39.58 64.80 25.11
N HIS B 76 40.57 65.47 25.71
CA HIS B 76 41.18 64.97 26.95
C HIS B 76 40.19 64.85 28.09
N GLU B 77 39.40 65.92 28.32
CA GLU B 77 38.47 65.98 29.44
C GLU B 77 37.33 65.00 29.28
N ALA B 78 36.85 64.81 28.05
CA ALA B 78 35.73 63.92 27.81
C ALA B 78 36.11 62.46 28.04
N LEU B 79 37.31 62.04 27.56
CA LEU B 79 37.65 60.62 27.52
C LEU B 79 37.76 60.02 28.91
N ALA B 80 38.12 60.85 29.90
CA ALA B 80 38.18 60.41 31.29
C ALA B 80 36.80 60.08 31.85
N GLN B 81 35.73 60.59 31.22
CA GLN B 81 34.38 60.37 31.72
C GLN B 81 33.60 59.29 30.97
N LEU B 82 33.98 58.96 29.72
CA LEU B 82 33.27 57.95 28.97
C LEU B 82 33.23 56.62 29.72
N GLN B 83 32.04 56.03 29.78
CA GLN B 83 31.84 54.73 30.39
C GLN B 83 31.74 53.61 29.36
N THR B 84 31.40 53.93 28.12
CA THR B 84 31.42 52.92 27.09
C THR B 84 31.39 53.58 25.72
N GLY B 85 31.91 52.85 24.75
CA GLY B 85 31.89 53.28 23.37
C GLY B 85 31.67 52.09 22.46
N VAL B 86 31.03 52.36 21.32
CA VAL B 86 30.78 51.34 20.32
C VAL B 86 31.34 51.82 19.00
N TYR B 87 32.16 50.97 18.39
CA TYR B 87 32.73 51.19 17.07
C TYR B 87 31.93 50.43 16.02
N SER B 88 31.73 51.06 14.87
CA SER B 88 31.21 50.41 13.66
C SER B 88 31.94 51.02 12.47
N GLY B 89 32.03 50.26 11.38
CA GLY B 89 32.76 50.74 10.22
C GLY B 89 32.38 50.00 8.95
N THR B 90 33.08 50.34 7.86
CA THR B 90 32.80 49.71 6.56
C THR B 90 34.03 49.22 5.79
N ALA B 91 35.24 49.30 6.36
CA ALA B 91 36.41 49.00 5.55
C ALA B 91 36.45 47.53 5.14
N MET B 92 36.12 46.62 6.06
CA MET B 92 36.20 45.20 5.74
C MET B 92 35.12 44.80 4.73
N LEU B 93 33.87 45.20 4.97
CA LEU B 93 32.75 44.87 4.07
C LEU B 93 33.04 45.28 2.62
N ASN B 94 33.64 46.45 2.45
CA ASN B 94 33.98 46.95 1.13
C ASN B 94 35.01 46.04 0.46
N ARG B 95 36.05 45.67 1.21
CA ARG B 95 37.08 44.77 0.70
C ARG B 95 36.47 43.48 0.13
N VAL B 96 35.49 42.90 0.83
CA VAL B 96 34.82 41.69 0.32
C VAL B 96 34.08 41.97 -0.98
N VAL B 97 33.24 43.00 -0.96
CA VAL B 97 32.34 43.28 -2.07
C VAL B 97 33.12 43.54 -3.35
N GLN B 98 34.22 44.28 -3.26
CA GLN B 98 35.04 44.61 -4.42
C GLN B 98 36.14 43.60 -4.67
N ARG B 99 36.10 42.45 -4.00
CA ARG B 99 37.12 41.39 -4.09
C ARG B 99 38.53 41.96 -4.18
N LYS B 100 38.86 42.76 -3.19
CA LYS B 100 40.20 43.32 -3.06
C LYS B 100 40.89 42.80 -1.79
N GLY B 101 40.63 41.54 -1.42
CA GLY B 101 41.22 40.95 -0.25
C GLY B 101 42.64 40.49 -0.50
N LEU B 102 43.10 39.55 0.33
CA LEU B 102 44.47 39.07 0.29
C LEU B 102 44.55 37.73 -0.43
N LYS B 103 45.72 37.47 -1.01
CA LYS B 103 46.05 36.24 -1.72
C LYS B 103 46.12 35.10 -0.69
N CYS B 104 44.96 34.57 -0.35
CA CYS B 104 44.78 33.63 0.74
C CYS B 104 44.67 32.20 0.20
N GLY B 105 45.20 31.24 0.95
CA GLY B 105 45.16 29.85 0.53
C GLY B 105 44.44 28.92 1.50
N LEU B 106 44.09 27.71 1.07
CA LEU B 106 43.20 26.85 1.85
C LEU B 106 43.70 25.40 1.86
N ILE B 107 43.60 24.76 3.03
CA ILE B 107 43.90 23.34 3.23
C ILE B 107 42.61 22.69 3.76
N VAL B 108 42.11 21.67 3.06
CA VAL B 108 40.91 20.94 3.46
C VAL B 108 41.22 19.45 3.36
N ASN B 109 40.21 18.59 3.48
CA ASN B 109 40.44 17.15 3.44
C ASN B 109 40.79 16.72 2.02
N ARG B 110 41.84 15.89 1.91
CA ARG B 110 42.32 15.43 0.61
C ARG B 110 41.23 14.60 -0.06
N GLY B 111 41.04 14.84 -1.36
CA GLY B 111 39.95 14.29 -2.12
C GLY B 111 38.75 15.20 -2.24
N MET B 112 38.69 16.24 -1.43
CA MET B 112 37.55 17.14 -1.44
C MET B 112 37.98 18.58 -1.65
N GLU B 113 39.20 18.79 -2.19
CA GLU B 113 39.74 20.13 -2.43
C GLU B 113 38.79 21.00 -3.26
N ASP B 114 37.94 20.36 -4.07
CA ASP B 114 37.09 21.04 -5.04
C ASP B 114 35.86 21.72 -4.42
N PHE B 115 35.62 21.58 -3.12
CA PHE B 115 34.27 21.96 -2.72
C PHE B 115 34.13 23.48 -2.65
N HIS B 116 35.15 24.19 -2.17
CA HIS B 116 35.09 25.65 -2.23
C HIS B 116 34.67 26.17 -3.62
N ARG B 117 35.44 25.86 -4.66
CA ARG B 117 35.13 26.40 -5.98
C ARG B 117 33.84 25.83 -6.58
N MET B 118 33.29 24.71 -6.06
CA MET B 118 32.02 24.27 -6.62
C MET B 118 30.85 25.08 -6.06
N GLY B 119 31.07 25.88 -5.01
CA GLY B 119 30.06 26.77 -4.49
C GLY B 119 28.78 26.10 -4.06
N ARG B 120 28.82 24.81 -3.79
CA ARG B 120 27.66 23.98 -3.41
C ARG B 120 26.52 24.12 -4.43
N ALA B 121 26.82 24.58 -5.65
CA ALA B 121 25.85 24.78 -6.73
C ALA B 121 25.00 26.02 -6.50
N VAL B 122 24.31 26.05 -5.35
CA VAL B 122 23.65 27.21 -4.77
C VAL B 122 24.23 28.52 -5.25
N GLN B 123 25.52 28.77 -5.00
CA GLN B 123 26.06 30.14 -5.27
C GLN B 123 26.06 30.50 -6.74
N SER B 124 25.48 29.72 -7.64
CA SER B 124 25.21 30.23 -8.98
C SER B 124 23.81 30.83 -9.09
N HIS B 125 23.16 31.14 -7.96
CA HIS B 125 21.87 31.84 -8.04
C HIS B 125 21.49 32.50 -6.72
N LEU B 126 22.46 32.59 -5.80
CA LEU B 126 22.27 33.24 -4.51
C LEU B 126 21.78 34.68 -4.69
N GLY B 127 20.76 35.04 -3.91
CA GLY B 127 20.22 36.38 -3.97
C GLY B 127 19.65 36.68 -5.35
N TYR B 128 18.79 35.82 -5.87
CA TYR B 128 18.19 36.08 -7.15
C TYR B 128 16.72 36.39 -6.96
N ALA B 129 16.26 37.41 -7.68
CA ALA B 129 14.83 37.70 -7.68
C ALA B 129 14.06 36.51 -8.26
N TYR B 130 12.79 36.44 -7.88
CA TYR B 130 11.91 35.36 -8.30
C TYR B 130 12.17 34.97 -9.76
N GLU B 131 12.21 35.97 -10.62
CA GLU B 131 12.25 35.75 -12.06
C GLU B 131 13.57 35.09 -12.49
N ASP B 132 14.67 35.45 -11.86
CA ASP B 132 15.96 34.87 -12.26
C ASP B 132 16.26 33.55 -11.60
N ARG B 133 15.65 33.27 -10.45
CA ARG B 133 15.73 31.93 -9.87
C ARG B 133 15.26 30.88 -10.90
N ILE B 134 14.20 31.16 -11.64
CA ILE B 134 13.79 30.18 -12.65
C ILE B 134 14.44 30.41 -14.01
N HIS B 135 14.79 31.65 -14.37
CA HIS B 135 15.40 31.86 -15.68
C HIS B 135 16.78 31.22 -15.68
N LEU B 136 16.86 29.98 -16.18
CA LEU B 136 18.07 29.17 -15.99
C LEU B 136 19.32 29.89 -16.51
N ASN B 137 19.25 30.44 -17.74
CA ASN B 137 20.44 31.01 -18.37
C ASN B 137 21.01 32.21 -17.64
N THR B 138 20.36 32.57 -16.57
CA THR B 138 20.77 33.68 -15.71
C THR B 138 21.81 33.25 -14.67
N HIS B 139 21.84 31.98 -14.33
CA HIS B 139 22.72 31.53 -13.26
C HIS B 139 24.16 31.74 -13.67
N ARG B 140 24.99 32.13 -12.71
CA ARG B 140 26.37 32.48 -12.96
C ARG B 140 27.20 32.30 -11.67
N TYR B 141 28.38 31.71 -11.81
CA TYR B 141 29.32 31.52 -10.70
C TYR B 141 30.29 32.69 -10.66
N ASP B 142 30.52 33.23 -9.48
CA ASP B 142 31.60 34.20 -9.34
C ASP B 142 32.93 33.46 -9.20
N PRO B 143 34.05 34.15 -9.37
CA PRO B 143 35.36 33.55 -8.99
C PRO B 143 35.33 33.05 -7.56
N PRO B 144 36.02 31.94 -7.27
CA PRO B 144 36.14 31.50 -5.87
C PRO B 144 37.08 32.42 -5.09
N LEU B 145 36.78 32.59 -3.80
CA LEU B 145 37.66 33.36 -2.93
C LEU B 145 39.07 32.79 -2.96
N VAL B 146 39.20 31.47 -2.88
CA VAL B 146 40.49 30.80 -2.98
C VAL B 146 40.53 29.93 -4.23
N PRO B 147 41.36 30.29 -5.21
CA PRO B 147 41.50 29.47 -6.42
C PRO B 147 42.08 28.09 -6.14
N ARG B 148 41.94 27.23 -7.15
CA ARG B 148 42.31 25.83 -7.02
C ARG B 148 43.81 25.65 -6.80
N HIS B 149 44.62 26.51 -7.38
CA HIS B 149 46.04 26.31 -7.18
C HIS B 149 46.52 26.77 -5.81
N LEU B 150 45.67 27.37 -4.98
CA LEU B 150 46.04 27.69 -3.61
C LEU B 150 45.29 26.86 -2.59
N THR B 151 44.54 25.85 -3.03
CA THR B 151 43.94 24.84 -2.16
C THR B 151 44.86 23.60 -2.11
N ARG B 152 44.90 22.95 -0.94
CA ARG B 152 45.59 21.67 -0.77
C ARG B 152 44.79 20.75 0.16
N GLY B 153 45.16 19.48 0.19
CA GLY B 153 44.41 18.49 0.94
C GLY B 153 45.27 17.66 1.87
N VAL B 154 44.75 17.40 3.08
CA VAL B 154 45.38 16.48 4.02
C VAL B 154 44.52 15.23 4.11
N VAL B 155 45.16 14.12 4.46
CA VAL B 155 44.50 12.82 4.51
C VAL B 155 44.06 12.57 5.94
N GLU B 156 42.79 12.86 6.22
CA GLU B 156 42.22 12.71 7.54
C GLU B 156 40.70 12.58 7.36
N ARG B 157 40.05 11.85 8.28
CA ARG B 157 38.60 11.75 8.23
C ARG B 157 38.02 11.47 9.61
N THR B 158 37.14 12.39 10.06
CA THR B 158 36.45 12.34 11.35
C THR B 158 34.94 12.34 11.09
N ASP B 159 34.20 11.43 11.72
CA ASP B 159 32.81 11.28 11.34
C ASP B 159 31.90 12.16 12.22
N MET B 160 30.59 12.12 11.97
CA MET B 160 29.66 13.10 12.51
C MET B 160 29.61 13.12 14.05
N ILE B 161 30.29 12.20 14.75
CA ILE B 161 30.37 12.28 16.22
C ILE B 161 31.79 12.22 16.77
N GLY B 162 32.78 12.69 16.00
CA GLY B 162 34.14 12.83 16.50
C GLY B 162 35.05 11.62 16.36
N THR B 163 34.51 10.48 15.94
CA THR B 163 35.36 9.32 15.78
C THR B 163 36.28 9.49 14.57
N GLN B 164 37.54 9.09 14.74
CA GLN B 164 38.59 9.31 13.74
C GLN B 164 38.72 8.06 12.89
N VAL B 165 37.89 7.98 11.84
CA VAL B 165 37.85 6.80 10.97
C VAL B 165 39.16 6.62 10.22
N ILE B 166 39.66 7.71 9.63
CA ILE B 166 40.95 7.75 8.95
C ILE B 166 41.81 8.71 9.77
N PRO B 167 42.76 8.19 10.54
CA PRO B 167 43.58 9.07 11.38
C PRO B 167 44.44 9.97 10.51
N LEU B 168 44.76 11.16 11.05
CA LEU B 168 45.52 12.15 10.30
C LEU B 168 46.92 11.64 9.98
N ARG B 169 47.22 11.53 8.70
CA ARG B 169 48.56 11.19 8.25
C ARG B 169 49.38 12.47 8.18
N GLU B 170 50.01 12.81 9.31
CA GLU B 170 50.68 14.10 9.49
C GLU B 170 51.64 14.51 8.38
N ASP B 171 52.16 13.57 7.59
CA ASP B 171 53.07 13.98 6.52
C ASP B 171 52.35 14.81 5.48
N THR B 172 51.15 14.39 5.10
CA THR B 172 50.41 15.13 4.09
C THR B 172 50.10 16.56 4.54
N ALA B 173 50.08 16.80 5.85
CA ALA B 173 49.92 18.17 6.36
C ALA B 173 51.19 18.97 6.18
N ARG B 174 52.35 18.35 6.27
CA ARG B 174 53.59 19.09 6.12
C ARG B 174 53.81 19.51 4.67
N ASP B 175 53.44 18.63 3.71
CA ASP B 175 53.51 19.01 2.30
C ASP B 175 52.47 20.08 1.95
N ALA B 176 51.25 19.94 2.49
CA ALA B 176 50.25 20.99 2.31
C ALA B 176 50.80 22.34 2.71
N ALA B 177 51.47 22.42 3.87
CA ALA B 177 51.99 23.72 4.31
C ALA B 177 53.08 24.20 3.37
N ARG B 178 54.04 23.33 3.05
CA ARG B 178 55.15 23.72 2.21
C ARG B 178 54.68 24.19 0.83
N ASP B 179 53.66 23.53 0.27
CA ASP B 179 53.11 23.94 -1.03
C ASP B 179 52.62 25.39 -1.00
N LEU B 180 51.76 25.74 -0.02
CA LEU B 180 51.22 27.08 0.02
C LEU B 180 52.25 28.11 0.46
N ILE B 181 53.19 27.73 1.34
CA ILE B 181 54.31 28.61 1.64
C ILE B 181 55.08 28.89 0.37
N ALA B 182 55.28 27.87 -0.48
CA ALA B 182 56.04 28.07 -1.69
C ALA B 182 55.29 28.94 -2.67
N ALA B 183 53.97 28.76 -2.77
CA ALA B 183 53.10 29.57 -3.60
C ALA B 183 52.98 31.00 -3.14
N ASP B 184 53.70 31.39 -2.08
CA ASP B 184 53.67 32.74 -1.52
C ASP B 184 52.25 33.16 -1.13
N ALA B 185 51.51 32.23 -0.52
CA ALA B 185 50.22 32.55 0.09
C ALA B 185 50.39 33.57 1.23
N GLU B 186 49.37 34.40 1.40
CA GLU B 186 49.41 35.51 2.36
C GLU B 186 48.64 35.21 3.63
N GLY B 187 47.85 34.15 3.64
CA GLY B 187 47.29 33.58 4.85
C GLY B 187 46.82 32.20 4.48
N ILE B 188 46.66 31.34 5.47
CA ILE B 188 46.32 29.94 5.22
C ILE B 188 45.17 29.55 6.11
N VAL B 189 44.11 29.01 5.53
CA VAL B 189 42.88 28.64 6.23
C VAL B 189 42.75 27.12 6.16
N ILE B 190 42.29 26.51 7.27
CA ILE B 190 42.23 25.05 7.40
C ILE B 190 40.83 24.65 7.78
N SER B 191 40.20 23.84 6.95
CA SER B 191 38.81 23.45 7.19
C SER B 191 38.71 21.96 6.96
N LEU B 192 38.56 21.20 8.05
CA LEU B 192 38.43 19.75 7.98
C LEU B 192 37.05 19.35 8.43
N LEU B 193 36.48 18.34 7.78
CA LEU B 193 35.08 17.98 8.03
C LEU B 193 34.85 17.50 9.46
N HIS B 194 33.77 18.00 10.07
CA HIS B 194 33.31 17.69 11.42
C HIS B 194 34.30 18.08 12.50
N SER B 195 35.16 19.06 12.22
CA SER B 195 36.12 19.51 13.21
C SER B 195 35.44 20.24 14.36
N TYR B 196 34.30 20.89 14.09
CA TYR B 196 33.53 21.50 15.19
C TYR B 196 33.25 20.47 16.27
N LYS B 197 33.09 19.19 15.89
CA LYS B 197 32.76 18.18 16.89
C LYS B 197 34.01 17.67 17.60
N ASN B 198 35.05 17.34 16.84
CA ASN B 198 36.33 16.89 17.39
C ASN B 198 37.43 17.65 16.65
N PRO B 199 38.02 18.67 17.28
CA PRO B 199 39.01 19.49 16.59
C PRO B 199 40.44 18.98 16.70
N GLU B 200 40.63 17.76 17.21
CA GLU B 200 41.98 17.24 17.40
C GLU B 200 42.77 17.32 16.10
N ASN B 201 42.26 16.67 15.04
CA ASN B 201 43.01 16.62 13.79
C ASN B 201 43.17 17.99 13.16
N GLU B 202 42.14 18.85 13.24
CA GLU B 202 42.27 20.14 12.58
C GLU B 202 43.26 21.05 13.30
N ARG B 203 43.39 20.88 14.62
CA ARG B 203 44.34 21.67 15.39
C ARG B 203 45.76 21.10 15.30
N ARG B 204 45.91 19.79 15.10
CA ARG B 204 47.22 19.27 14.77
C ARG B 204 47.70 19.83 13.43
N VAL B 205 46.83 19.79 12.40
CA VAL B 205 47.17 20.39 11.10
C VAL B 205 47.63 21.83 11.29
N ARG B 206 46.82 22.60 12.02
CA ARG B 206 47.15 24.02 12.28
C ARG B 206 48.52 24.15 12.92
N ASP B 207 48.80 23.33 13.94
CA ASP B 207 50.12 23.37 14.58
C ASP B 207 51.22 23.01 13.59
N ILE B 208 50.99 21.97 12.78
CA ILE B 208 52.00 21.56 11.80
C ILE B 208 52.25 22.67 10.78
N VAL B 209 51.17 23.29 10.29
CA VAL B 209 51.32 24.42 9.37
C VAL B 209 52.09 25.54 10.05
N LEU B 210 51.66 25.95 11.25
CA LEU B 210 52.36 26.96 12.02
C LEU B 210 53.85 26.63 12.13
N GLU B 211 54.19 25.35 12.36
CA GLU B 211 55.60 24.95 12.41
C GLU B 211 56.31 25.26 11.09
N GLU B 212 55.68 24.95 9.96
CA GLU B 212 56.34 25.12 8.68
C GLU B 212 56.53 26.58 8.29
N VAL B 213 55.62 27.45 8.72
CA VAL B 213 55.80 28.87 8.44
C VAL B 213 56.95 29.46 9.25
N GLU B 214 57.15 28.94 10.48
CA GLU B 214 58.29 29.37 11.30
C GLU B 214 59.60 29.06 10.59
N LYS B 215 59.73 27.85 10.07
CA LYS B 215 60.96 27.50 9.36
C LYS B 215 61.17 28.36 8.13
N SER B 216 60.08 28.77 7.46
CA SER B 216 60.20 29.50 6.20
C SER B 216 60.68 30.93 6.41
N GLY B 217 60.51 31.47 7.61
CA GLY B 217 60.74 32.86 7.88
C GLY B 217 59.65 33.78 7.41
N LYS B 218 58.65 33.27 6.69
CA LYS B 218 57.61 34.13 6.12
C LYS B 218 56.57 34.51 7.18
N LYS B 219 55.89 35.63 6.93
CA LYS B 219 54.81 36.10 7.78
C LYS B 219 53.49 35.64 7.17
N ILE B 220 53.01 34.47 7.59
CA ILE B 220 51.78 33.90 7.09
C ILE B 220 50.93 33.48 8.29
N PRO B 221 49.75 34.08 8.51
CA PRO B 221 48.90 33.65 9.61
C PRO B 221 47.98 32.51 9.19
N VAL B 222 47.63 31.68 10.17
CA VAL B 222 46.89 30.44 9.98
C VAL B 222 45.56 30.56 10.69
N PHE B 223 44.49 30.04 10.07
CA PHE B 223 43.14 30.11 10.63
C PHE B 223 42.52 28.72 10.63
N ALA B 224 42.38 28.11 11.81
CA ALA B 224 41.63 26.87 11.92
C ALA B 224 40.15 27.18 12.05
N SER B 225 39.33 26.51 11.23
CA SER B 225 37.90 26.83 11.24
C SER B 225 37.29 26.56 12.61
N ALA B 226 37.78 25.54 13.31
CA ALA B 226 37.29 25.24 14.65
C ALA B 226 37.65 26.32 15.64
N ASP B 227 38.71 27.07 15.37
CA ASP B 227 39.06 28.15 16.28
C ASP B 227 38.16 29.35 16.12
N TYR B 228 37.52 29.49 14.96
CA TYR B 228 36.72 30.67 14.63
C TYR B 228 35.23 30.37 14.54
N TYR B 229 34.78 29.45 13.69
CA TYR B 229 33.35 29.24 13.46
C TYR B 229 32.95 27.77 13.60
N PRO B 230 32.98 27.25 14.84
CA PRO B 230 32.71 25.83 15.06
C PRO B 230 31.26 25.45 14.83
N VAL B 231 30.82 25.44 13.58
CA VAL B 231 29.44 25.12 13.25
C VAL B 231 29.40 24.28 12.00
N ARG B 232 28.38 23.43 11.92
CA ARG B 232 28.10 22.54 10.81
C ARG B 232 27.96 23.30 9.49
N LYS B 233 27.84 22.53 8.40
CA LYS B 233 27.74 22.97 7.02
C LYS B 233 29.09 23.53 6.60
N GLU B 234 29.88 22.73 5.85
CA GLU B 234 31.28 23.07 5.65
C GLU B 234 31.49 24.19 4.64
N THR B 235 30.55 24.39 3.71
CA THR B 235 30.68 25.51 2.78
C THR B 235 30.49 26.83 3.49
N HIS B 236 29.55 26.86 4.46
CA HIS B 236 29.31 28.06 5.27
C HIS B 236 30.51 28.37 6.16
N ARG B 237 30.98 27.34 6.89
CA ARG B 237 32.10 27.51 7.82
C ARG B 237 33.36 27.93 7.10
N THR B 238 33.61 27.36 5.92
CA THR B 238 34.87 27.64 5.23
C THR B 238 34.86 29.05 4.62
N ASN B 239 33.74 29.45 4.01
CA ASN B 239 33.61 30.81 3.52
C ASN B 239 33.84 31.83 4.63
N THR B 240 33.13 31.67 5.74
CA THR B 240 33.29 32.56 6.88
C THR B 240 34.73 32.58 7.40
N THR B 241 35.36 31.42 7.54
CA THR B 241 36.75 31.41 8.00
C THR B 241 37.67 32.06 6.97
N ILE B 242 37.46 31.79 5.68
CA ILE B 242 38.28 32.44 4.64
C ILE B 242 38.21 33.95 4.77
N LEU B 243 37.04 34.47 5.20
CA LEU B 243 36.88 35.91 5.38
C LEU B 243 37.90 36.48 6.37
N GLU B 244 38.23 35.74 7.42
CA GLU B 244 39.25 36.20 8.35
C GLU B 244 40.59 36.39 7.67
N GLY B 245 40.92 35.52 6.71
CA GLY B 245 42.18 35.69 6.01
C GLY B 245 42.09 36.72 4.92
N TYR B 246 41.01 36.64 4.16
CA TYR B 246 40.86 37.44 2.95
C TYR B 246 40.74 38.92 3.27
N ALA B 247 39.72 39.28 4.04
CA ALA B 247 39.32 40.67 4.20
C ALA B 247 39.52 41.21 5.60
N ALA B 248 39.40 40.37 6.62
CA ALA B 248 39.50 40.87 7.98
C ALA B 248 40.90 41.32 8.31
N GLU B 249 41.91 40.57 7.87
CA GLU B 249 43.28 40.79 8.31
C GLU B 249 43.76 42.23 8.11
N PRO B 250 43.56 42.87 6.95
CA PRO B 250 44.00 44.27 6.84
C PRO B 250 43.44 45.17 7.94
N SER B 251 42.14 45.09 8.26
CA SER B 251 41.57 45.96 9.29
C SER B 251 41.71 45.37 10.71
N ARG B 252 42.47 44.27 10.87
CA ARG B 252 42.77 43.75 12.19
C ARG B 252 43.61 44.73 13.01
N GLN B 253 44.53 45.42 12.34
CA GLN B 253 45.29 46.47 12.98
C GLN B 253 44.37 47.52 13.60
N THR B 254 43.26 47.81 12.92
CA THR B 254 42.51 49.04 13.19
C THR B 254 41.91 49.08 14.60
N LEU B 255 41.30 47.97 15.06
CA LEU B 255 40.67 48.04 16.38
C LEU B 255 41.70 48.07 17.51
N SER B 256 42.92 47.57 17.30
CA SER B 256 43.91 47.72 18.36
C SER B 256 44.66 49.04 18.23
N LYS B 257 44.74 49.62 17.04
CA LYS B 257 45.32 50.95 16.93
C LYS B 257 44.43 51.99 17.60
N ILE B 258 43.12 51.90 17.35
CA ILE B 258 42.14 52.81 17.97
C ILE B 258 42.07 52.60 19.48
N SER B 259 41.90 51.36 19.93
CA SER B 259 41.77 51.11 21.36
C SER B 259 43.03 51.51 22.11
N ASN B 260 44.20 51.23 21.52
CA ASN B 260 45.42 51.68 22.16
C ASN B 260 45.50 53.20 22.18
N ALA B 261 45.17 53.83 21.06
CA ALA B 261 45.22 55.30 21.03
C ALA B 261 44.29 55.91 22.07
N PHE B 262 43.21 55.21 22.41
CA PHE B 262 42.25 55.81 23.32
C PHE B 262 42.56 55.53 24.79
N LYS B 263 43.10 54.35 25.13
CA LYS B 263 43.45 54.08 26.52
C LYS B 263 44.71 54.85 26.92
N GLU B 264 45.68 54.92 26.02
CA GLU B 264 46.76 55.90 26.05
C GLU B 264 46.23 57.25 26.49
N ARG B 265 45.07 57.64 25.94
CA ARG B 265 44.51 58.95 26.16
C ARG B 265 43.52 59.01 27.35
N GLY B 266 43.34 57.92 28.07
CA GLY B 266 42.64 57.90 29.34
C GLY B 266 41.25 57.30 29.39
N THR B 267 40.85 56.48 28.41
CA THR B 267 39.60 55.76 28.51
C THR B 267 39.73 54.63 29.53
N LYS B 268 38.62 54.35 30.23
CA LYS B 268 38.60 53.27 31.22
C LYS B 268 37.60 52.17 30.84
N PHE B 269 37.34 51.98 29.55
CA PHE B 269 36.41 50.96 29.11
C PHE B 269 37.01 50.24 27.92
N ASP B 270 36.44 49.07 27.62
CA ASP B 270 36.77 48.32 26.41
C ASP B 270 35.72 48.58 25.35
N PHE B 271 36.18 48.92 24.16
CA PHE B 271 35.26 49.21 23.07
C PHE B 271 34.44 47.98 22.73
N ARG B 272 33.24 48.23 22.26
CA ARG B 272 32.40 47.19 21.68
C ARG B 272 32.21 47.50 20.21
N VAL B 273 31.81 46.48 19.45
CA VAL B 273 31.63 46.61 18.01
C VAL B 273 30.23 46.14 17.67
N MET B 274 29.59 46.79 16.70
CA MET B 274 28.32 46.27 16.24
C MET B 274 28.58 45.02 15.38
N ALA B 275 27.75 44.00 15.57
CA ALA B 275 27.94 42.70 14.94
C ALA B 275 26.71 42.34 14.10
N THR B 276 26.87 41.33 13.24
CA THR B 276 25.90 41.06 12.18
C THR B 276 24.46 40.84 12.67
N HIS B 277 24.26 40.38 13.91
CA HIS B 277 22.92 40.09 14.41
C HIS B 277 22.28 41.29 15.12
N GLY B 278 22.87 42.47 15.00
CA GLY B 278 22.39 43.67 15.65
C GLY B 278 22.84 43.85 17.09
N GLY B 279 23.65 42.95 17.62
CA GLY B 279 24.10 43.11 18.98
C GLY B 279 25.56 43.46 19.01
N THR B 280 26.02 44.00 20.13
CA THR B 280 27.41 44.38 20.26
C THR B 280 28.22 43.22 20.81
N ILE B 281 29.47 43.15 20.37
CA ILE B 281 30.44 42.20 20.87
C ILE B 281 31.67 42.99 21.31
N SER B 282 32.68 42.30 21.83
CA SER B 282 33.88 42.98 22.24
C SER B 282 34.83 43.21 21.08
N TRP B 283 35.54 44.34 21.13
CA TRP B 283 36.56 44.69 20.15
C TRP B 283 37.71 43.70 20.12
N LYS B 284 37.89 42.92 21.21
CA LYS B 284 39.02 42.01 21.33
C LYS B 284 38.85 40.72 20.53
N ALA B 285 37.60 40.32 20.26
CA ALA B 285 37.33 39.04 19.61
C ALA B 285 38.14 38.88 18.33
N LYS B 286 38.73 37.70 18.15
CA LYS B 286 39.49 37.53 16.91
C LYS B 286 38.59 37.33 15.69
N GLU B 287 37.28 37.08 15.87
CA GLU B 287 36.36 36.86 14.75
C GLU B 287 35.83 38.20 14.24
N LEU B 288 36.73 38.94 13.59
CA LEU B 288 36.35 40.23 13.00
C LEU B 288 35.27 40.08 11.95
N ALA B 289 35.09 38.88 11.37
CA ALA B 289 34.03 38.75 10.38
C ALA B 289 32.67 38.93 11.01
N ARG B 290 32.54 38.74 12.32
CA ARG B 290 31.29 39.07 12.99
C ARG B 290 30.94 40.55 12.83
N THR B 291 31.96 41.40 12.64
CA THR B 291 31.79 42.85 12.63
C THR B 291 31.82 43.43 11.23
N ILE B 292 31.44 42.63 10.22
CA ILE B 292 31.67 43.01 8.83
C ILE B 292 30.60 44.00 8.33
N VAL B 293 29.33 43.84 8.75
CA VAL B 293 28.31 44.82 8.36
C VAL B 293 27.97 45.73 9.55
N SER B 294 29.01 46.14 10.27
CA SER B 294 28.83 46.91 11.50
C SER B 294 28.27 48.31 11.23
N GLY B 295 28.75 48.98 10.18
CA GLY B 295 28.30 50.31 9.83
C GLY B 295 26.82 50.39 9.43
N PRO B 296 26.43 49.65 8.39
CA PRO B 296 25.00 49.64 8.03
C PRO B 296 24.10 49.25 9.20
N ILE B 297 24.46 48.22 9.96
CA ILE B 297 23.60 47.82 11.06
C ILE B 297 23.52 48.93 12.11
N GLY B 298 24.57 49.75 12.23
CA GLY B 298 24.44 50.95 13.04
C GLY B 298 23.24 51.80 12.66
N GLY B 299 23.06 52.05 11.37
CA GLY B 299 21.92 52.86 10.94
C GLY B 299 20.58 52.20 11.26
N VAL B 300 20.46 50.91 10.95
CA VAL B 300 19.20 50.20 11.19
C VAL B 300 18.82 50.27 12.66
N ILE B 301 19.81 50.23 13.56
CA ILE B 301 19.52 50.22 14.99
C ILE B 301 19.07 51.60 15.47
N GLY B 302 19.68 52.66 14.96
CA GLY B 302 19.21 54.01 15.29
C GLY B 302 17.78 54.24 14.82
N ALA B 303 17.49 53.83 13.58
CA ALA B 303 16.12 53.95 13.08
C ALA B 303 15.16 53.12 13.92
N LYS B 304 15.60 51.94 14.38
CA LYS B 304 14.77 51.14 15.27
C LYS B 304 14.51 51.89 16.58
N TYR B 305 15.57 52.42 17.18
CA TYR B 305 15.46 53.16 18.42
C TYR B 305 14.51 54.34 18.26
N LEU B 306 14.81 55.20 17.28
CA LEU B 306 13.99 56.37 17.01
C LEU B 306 12.52 56.01 16.84
N GLY B 307 12.24 54.97 16.05
CA GLY B 307 10.86 54.50 15.94
C GLY B 307 10.22 54.20 17.28
N GLU B 308 10.94 53.50 18.16
CA GLU B 308 10.36 53.13 19.45
C GLU B 308 9.99 54.36 20.27
N VAL B 309 10.81 55.42 20.19
CA VAL B 309 10.49 56.61 20.96
C VAL B 309 9.24 57.27 20.41
N LEU B 310 9.09 57.26 19.10
CA LEU B 310 8.02 58.01 18.46
C LEU B 310 6.94 57.12 17.87
N GLY B 311 6.94 55.83 18.19
CA GLY B 311 5.84 54.96 17.79
C GLY B 311 5.81 54.55 16.34
N TYR B 312 6.82 54.89 15.54
CA TYR B 312 6.89 54.34 14.19
C TYR B 312 7.31 52.89 14.28
N LYS B 313 6.38 51.99 13.98
CA LYS B 313 6.63 50.55 14.05
C LYS B 313 7.07 49.97 12.71
N ASN B 314 6.70 50.59 11.60
CA ASN B 314 7.06 50.06 10.29
C ASN B 314 7.84 51.13 9.52
N ILE B 315 9.16 50.93 9.45
CA ILE B 315 10.11 51.91 8.93
C ILE B 315 10.96 51.23 7.85
N ALA B 316 11.14 51.93 6.73
CA ALA B 316 12.10 51.54 5.72
C ALA B 316 13.32 52.46 5.84
N CYS B 317 14.49 51.85 6.07
CA CYS B 317 15.72 52.62 6.28
C CYS B 317 16.43 52.80 4.96
N SER B 318 16.90 54.03 4.71
CA SER B 318 17.59 54.35 3.47
C SER B 318 18.79 55.25 3.78
N ASP B 319 19.97 54.74 3.44
CA ASP B 319 21.26 55.34 3.76
C ASP B 319 22.04 55.47 2.46
N ILE B 320 22.57 56.66 2.20
CA ILE B 320 23.46 56.93 1.06
C ILE B 320 24.74 57.52 1.60
N GLY B 321 25.84 56.78 1.42
CA GLY B 321 27.12 57.22 1.89
C GLY B 321 28.00 57.63 0.73
N GLY B 322 29.30 57.74 1.01
CA GLY B 322 30.21 58.07 -0.05
C GLY B 322 30.32 56.99 -1.12
N THR B 323 29.91 55.75 -0.81
CA THR B 323 30.12 54.66 -1.74
C THR B 323 28.87 53.86 -2.13
N SER B 324 27.90 53.65 -1.22
CA SER B 324 26.74 52.80 -1.54
C SER B 324 25.45 53.37 -0.95
N PHE B 325 24.35 52.64 -1.18
CA PHE B 325 22.98 53.03 -0.84
C PHE B 325 22.39 51.88 -0.06
N ASP B 326 22.34 51.98 1.27
CA ASP B 326 21.94 50.86 2.11
C ASP B 326 20.46 50.98 2.49
N VAL B 327 19.77 49.83 2.51
CA VAL B 327 18.31 49.78 2.60
C VAL B 327 17.87 48.54 3.41
N ALA B 328 17.05 48.78 4.43
CA ALA B 328 16.45 47.70 5.20
C ALA B 328 15.06 48.11 5.66
N LEU B 329 14.28 47.11 6.09
CA LEU B 329 12.92 47.31 6.57
C LEU B 329 12.84 46.91 8.04
N ILE B 330 12.21 47.77 8.86
CA ILE B 330 11.88 47.49 10.26
C ILE B 330 10.39 47.21 10.32
N THR B 331 10.04 45.94 10.52
CA THR B 331 8.68 45.45 10.35
C THR B 331 8.12 45.12 11.73
N GLN B 332 7.13 45.92 12.17
CA GLN B 332 6.50 45.82 13.49
C GLN B 332 7.49 45.86 14.66
N GLY B 333 8.35 46.88 14.67
CA GLY B 333 9.23 47.16 15.78
C GLY B 333 10.56 46.42 15.75
N GLU B 334 10.72 45.43 14.87
CA GLU B 334 11.88 44.55 14.89
C GLU B 334 12.58 44.57 13.54
N MET B 335 13.86 44.19 13.56
CA MET B 335 14.57 43.83 12.34
C MET B 335 14.53 42.32 12.15
N THR B 336 14.70 41.92 10.90
CA THR B 336 14.75 40.50 10.56
C THR B 336 16.21 40.04 10.54
N ILE B 337 16.47 38.91 11.19
CA ILE B 337 17.82 38.36 11.30
C ILE B 337 17.79 36.96 10.70
N LYS B 338 18.57 36.76 9.63
CA LYS B 338 18.65 35.49 8.92
C LYS B 338 19.72 34.61 9.57
N ASN B 339 19.43 33.31 9.69
CA ASN B 339 20.33 32.44 10.42
C ASN B 339 21.53 31.98 9.58
N ASP B 340 21.31 31.21 8.52
CA ASP B 340 22.49 30.78 7.75
C ASP B 340 22.49 31.51 6.43
N PRO B 341 22.81 32.79 6.44
CA PRO B 341 22.41 33.68 5.34
C PRO B 341 23.37 33.56 4.17
N ASP B 342 23.10 34.35 3.14
CA ASP B 342 24.06 34.63 2.09
C ASP B 342 24.33 36.13 2.08
N MET B 343 25.53 36.50 1.62
CA MET B 343 25.88 37.90 1.52
C MET B 343 27.02 37.99 0.53
N ALA B 344 26.89 38.88 -0.46
CA ALA B 344 27.81 38.93 -1.59
C ALA B 344 27.95 37.54 -2.22
N ARG B 345 26.79 36.89 -2.44
CA ARG B 345 26.69 35.58 -3.10
C ARG B 345 27.63 34.54 -2.49
N LEU B 346 27.66 34.48 -1.15
CA LEU B 346 28.50 33.58 -0.36
C LEU B 346 27.64 33.02 0.74
N VAL B 347 27.71 31.73 0.99
CA VAL B 347 27.01 31.19 2.15
C VAL B 347 27.88 31.44 3.36
N LEU B 348 27.27 31.79 4.49
CA LEU B 348 28.05 32.14 5.65
C LEU B 348 27.41 31.51 6.89
N SER B 349 28.21 31.38 7.94
CA SER B 349 27.71 30.78 9.19
C SER B 349 27.38 31.84 10.25
N LEU B 350 27.31 33.11 9.87
CA LEU B 350 26.99 33.99 10.98
C LEU B 350 25.63 34.67 10.81
N PRO B 351 24.86 34.77 11.90
CA PRO B 351 23.51 35.37 11.83
C PRO B 351 23.60 36.81 11.38
N LEU B 352 22.72 37.20 10.49
CA LEU B 352 22.84 38.46 9.78
C LEU B 352 21.51 39.23 9.79
N VAL B 353 21.58 40.56 9.89
CA VAL B 353 20.38 41.38 9.77
C VAL B 353 20.06 41.55 8.29
N ALA B 354 18.79 41.36 7.93
CA ALA B 354 18.37 41.43 6.54
C ALA B 354 18.40 42.87 6.05
N MET B 355 19.31 43.16 5.12
CA MET B 355 19.51 44.47 4.54
C MET B 355 19.73 44.32 3.03
N ASP B 356 19.91 45.44 2.34
CA ASP B 356 20.20 45.44 0.91
C ASP B 356 20.89 46.76 0.57
N SER B 357 21.65 46.74 -0.53
CA SER B 357 22.24 47.98 -1.00
C SER B 357 22.49 47.92 -2.49
N VAL B 358 22.88 49.07 -3.03
CA VAL B 358 23.35 49.24 -4.40
C VAL B 358 24.58 50.15 -4.32
N GLY B 359 25.58 49.86 -5.15
CA GLY B 359 26.89 50.48 -4.99
C GLY B 359 27.09 51.89 -5.52
N ALA B 360 26.23 52.82 -5.14
CA ALA B 360 26.34 54.19 -5.64
C ALA B 360 26.29 55.15 -4.46
N GLY B 361 27.11 56.20 -4.52
CA GLY B 361 27.10 57.18 -3.48
C GLY B 361 27.72 58.49 -3.94
N ALA B 362 27.95 59.39 -2.97
CA ALA B 362 28.35 60.76 -3.30
C ALA B 362 29.68 60.80 -4.03
N GLY B 363 30.53 59.80 -3.81
CA GLY B 363 31.83 59.72 -4.45
C GLY B 363 31.97 58.69 -5.54
N SER B 364 30.89 57.99 -5.92
CA SER B 364 31.00 56.99 -6.96
C SER B 364 31.44 57.63 -8.26
N PHE B 365 32.33 56.94 -8.98
CA PHE B 365 32.96 57.51 -10.16
C PHE B 365 32.09 57.40 -11.42
N ILE B 366 32.08 58.47 -12.20
CA ILE B 366 31.24 58.61 -13.38
C ILE B 366 32.10 58.34 -14.62
N ARG B 367 31.84 57.21 -15.28
CA ARG B 367 32.57 56.84 -16.48
C ARG B 367 31.61 56.54 -17.62
N LEU B 368 32.09 56.73 -18.85
CA LEU B 368 31.37 56.42 -20.08
C LEU B 368 31.97 55.17 -20.72
N ASP B 369 31.11 54.21 -21.06
CA ASP B 369 31.56 53.03 -21.80
C ASP B 369 32.20 53.52 -23.10
N PRO B 370 33.43 53.11 -23.41
CA PRO B 370 34.06 53.63 -24.63
C PRO B 370 33.27 53.35 -25.89
N TYR B 371 32.55 52.22 -25.94
CA TYR B 371 31.80 51.80 -27.12
C TYR B 371 30.34 52.23 -27.08
N THR B 372 29.67 52.09 -25.93
CA THR B 372 28.28 52.48 -25.79
C THR B 372 28.12 53.98 -25.58
N ARG B 373 29.14 54.63 -25.01
CA ARG B 373 29.08 56.02 -24.54
C ARG B 373 27.92 56.22 -23.55
N ALA B 374 27.59 55.18 -22.80
CA ALA B 374 26.59 55.25 -21.74
C ALA B 374 27.30 55.50 -20.40
N ILE B 375 26.57 56.14 -19.48
CA ILE B 375 27.12 56.50 -18.17
C ILE B 375 27.06 55.30 -17.25
N LYS B 376 28.20 54.97 -16.63
CA LYS B 376 28.27 53.92 -15.61
C LYS B 376 28.77 54.54 -14.31
N LEU B 377 27.93 54.49 -13.29
CA LEU B 377 28.24 55.00 -11.96
C LEU B 377 28.97 53.91 -11.20
N GLY B 378 30.09 54.25 -10.60
CA GLY B 378 30.83 53.28 -9.83
C GLY B 378 31.40 52.15 -10.67
N PRO B 379 31.63 50.98 -10.02
CA PRO B 379 31.25 50.68 -8.63
C PRO B 379 32.19 51.24 -7.56
N ASP B 380 33.42 51.58 -7.94
CA ASP B 380 34.36 52.17 -7.01
C ASP B 380 33.97 53.60 -6.67
N SER B 381 34.56 54.10 -5.59
CA SER B 381 34.27 55.43 -5.08
C SER B 381 35.59 56.18 -4.88
N ALA B 382 35.45 57.49 -4.67
CA ALA B 382 36.62 58.33 -4.39
C ALA B 382 36.91 58.43 -2.89
N GLY B 383 35.89 58.31 -2.04
CA GLY B 383 36.11 58.16 -0.61
C GLY B 383 36.30 59.49 0.09
N TYR B 384 37.31 59.58 0.95
CA TYR B 384 37.60 60.85 1.61
C TYR B 384 38.09 61.91 0.61
N ARG B 385 38.82 61.51 -0.43
CA ARG B 385 39.00 62.38 -1.58
C ARG B 385 37.66 62.51 -2.27
N VAL B 386 37.14 63.74 -2.37
CA VAL B 386 35.74 63.87 -2.76
C VAL B 386 35.52 63.75 -4.28
N GLY B 387 36.51 64.09 -5.07
CA GLY B 387 36.41 64.13 -6.51
C GLY B 387 37.32 65.23 -7.03
N VAL B 388 37.05 65.65 -8.27
CA VAL B 388 37.89 66.68 -8.87
C VAL B 388 37.73 68.01 -8.16
N CYS B 389 36.54 68.27 -7.58
CA CYS B 389 36.24 69.60 -7.04
C CYS B 389 37.22 70.01 -5.96
N TRP B 390 37.77 69.06 -5.21
CA TRP B 390 38.77 69.33 -4.19
C TRP B 390 40.14 69.35 -4.84
N LYS B 391 40.81 70.51 -4.81
CA LYS B 391 42.04 70.70 -5.58
C LYS B 391 43.12 69.69 -5.17
N GLU B 392 43.26 69.43 -3.87
CA GLU B 392 44.38 68.64 -3.40
C GLU B 392 44.13 67.13 -3.42
N SER B 393 42.95 66.69 -3.84
CA SER B 393 42.64 65.26 -3.77
C SER B 393 43.35 64.45 -4.84
N GLY B 394 43.85 65.10 -5.89
CA GLY B 394 44.46 64.32 -6.94
C GLY B 394 43.52 63.43 -7.70
N ILE B 395 42.20 63.57 -7.51
CA ILE B 395 41.22 62.77 -8.22
C ILE B 395 40.98 63.36 -9.61
N GLU B 396 41.13 62.53 -10.64
CA GLU B 396 41.00 63.01 -12.02
C GLU B 396 39.66 62.67 -12.64
N THR B 397 39.10 61.50 -12.34
CA THR B 397 37.76 61.13 -12.79
C THR B 397 36.69 61.84 -11.97
N VAL B 398 35.64 62.31 -12.67
CA VAL B 398 34.57 63.02 -11.97
C VAL B 398 33.74 62.04 -11.16
N THR B 399 33.14 62.53 -10.09
CA THR B 399 32.28 61.77 -9.22
C THR B 399 30.91 62.46 -9.14
N ILE B 400 29.91 61.71 -8.66
CA ILE B 400 28.58 62.27 -8.47
C ILE B 400 28.67 63.55 -7.66
N SER B 401 29.57 63.60 -6.69
CA SER B 401 29.81 64.83 -5.94
C SER B 401 30.21 65.97 -6.86
N ASP B 402 30.87 65.67 -7.99
CA ASP B 402 31.19 66.76 -8.91
C ASP B 402 29.95 67.28 -9.61
N CYS B 403 28.96 66.43 -9.86
CA CYS B 403 27.71 66.89 -10.44
C CYS B 403 26.91 67.71 -9.44
N HIS B 404 27.00 67.36 -8.17
CA HIS B 404 26.37 68.16 -7.13
C HIS B 404 26.83 69.62 -7.23
N MET B 405 28.13 69.83 -7.40
CA MET B 405 28.65 71.19 -7.49
C MET B 405 28.16 71.90 -8.75
N VAL B 406 28.13 71.20 -9.88
CA VAL B 406 27.77 71.85 -11.14
C VAL B 406 26.32 72.32 -11.10
N LEU B 407 25.44 71.51 -10.51
CA LEU B 407 24.01 71.75 -10.48
C LEU B 407 23.55 72.66 -9.34
N GLY B 408 24.44 73.01 -8.41
CA GLY B 408 24.04 73.82 -7.28
C GLY B 408 23.45 73.05 -6.10
N TYR B 409 23.57 71.73 -6.09
CA TYR B 409 23.18 70.94 -4.93
C TYR B 409 24.05 71.27 -3.72
N LEU B 410 25.38 71.20 -3.89
CA LEU B 410 26.34 71.45 -2.81
C LEU B 410 26.76 72.91 -2.76
N ASN B 411 27.10 73.36 -1.56
CA ASN B 411 27.69 74.67 -1.35
C ASN B 411 29.20 74.55 -1.39
N PRO B 412 29.88 75.17 -2.36
CA PRO B 412 31.34 75.05 -2.45
C PRO B 412 32.07 75.40 -1.16
N ASP B 413 31.52 76.30 -0.37
CA ASP B 413 32.20 76.83 0.81
C ASP B 413 31.64 76.28 2.10
N ASN B 414 30.92 75.16 2.06
CA ASN B 414 30.43 74.59 3.31
C ASN B 414 30.62 73.08 3.38
N PHE B 415 31.55 72.52 2.60
CA PHE B 415 31.90 71.13 2.83
C PHE B 415 32.61 71.02 4.18
N LEU B 416 32.05 70.24 5.11
CA LEU B 416 32.57 70.12 6.47
C LEU B 416 32.62 71.47 7.19
N GLY B 417 31.60 72.29 6.94
CA GLY B 417 31.54 73.62 7.53
C GLY B 417 32.45 74.64 6.89
N GLY B 418 32.95 74.35 5.69
CA GLY B 418 33.89 75.23 5.05
C GLY B 418 35.32 74.96 5.44
N ALA B 419 35.58 73.87 6.17
CA ALA B 419 36.95 73.45 6.45
C ALA B 419 37.63 72.84 5.23
N VAL B 420 36.87 72.54 4.17
CA VAL B 420 37.40 71.90 2.96
C VAL B 420 37.06 72.77 1.74
N LYS B 421 38.10 73.13 0.99
CA LYS B 421 38.06 73.91 -0.24
C LYS B 421 37.49 73.08 -1.40
N LEU B 422 36.27 73.37 -1.83
CA LEU B 422 35.67 72.72 -2.99
C LEU B 422 35.42 73.76 -4.08
N ASP B 423 36.08 73.58 -5.24
CA ASP B 423 36.06 74.56 -6.32
C ASP B 423 35.10 74.10 -7.41
N ARG B 424 34.11 74.94 -7.73
CA ARG B 424 33.09 74.51 -8.68
C ARG B 424 33.65 74.43 -10.10
N GLN B 425 34.54 75.35 -10.46
CA GLN B 425 35.06 75.39 -11.83
C GLN B 425 35.92 74.17 -12.13
N ARG B 426 36.53 73.56 -11.11
CA ARG B 426 37.18 72.29 -11.34
C ARG B 426 36.17 71.24 -11.75
N SER B 427 35.02 71.20 -11.05
CA SER B 427 33.95 70.27 -11.40
C SER B 427 33.42 70.54 -12.81
N VAL B 428 33.31 71.81 -13.19
CA VAL B 428 32.73 72.14 -14.49
C VAL B 428 33.66 71.74 -15.62
N ASP B 429 34.96 71.98 -15.47
CA ASP B 429 35.90 71.66 -16.55
C ASP B 429 36.03 70.16 -16.74
N ALA B 430 36.10 69.40 -15.64
CA ALA B 430 36.24 67.96 -15.71
C ALA B 430 34.94 67.27 -16.13
N ILE B 431 33.79 67.90 -15.91
CA ILE B 431 32.54 67.32 -16.40
C ILE B 431 32.41 67.50 -17.90
N LYS B 432 32.80 68.70 -18.38
CA LYS B 432 32.79 69.00 -19.81
C LYS B 432 33.68 68.03 -20.58
N ALA B 433 34.96 67.96 -20.20
CA ALA B 433 35.91 67.17 -20.96
C ALA B 433 35.54 65.70 -20.98
N GLN B 434 35.12 65.16 -19.84
CA GLN B 434 34.91 63.72 -19.71
C GLN B 434 33.52 63.30 -20.19
N ILE B 435 32.49 64.01 -19.76
CA ILE B 435 31.12 63.61 -20.01
C ILE B 435 30.46 64.48 -21.08
N ALA B 436 30.46 65.80 -20.87
CA ALA B 436 29.58 66.67 -21.65
C ALA B 436 29.93 66.69 -23.12
N ASP B 437 31.20 66.87 -23.45
CA ASP B 437 31.62 67.02 -24.84
C ASP B 437 31.65 65.69 -25.60
N PRO B 438 32.07 64.57 -24.97
CA PRO B 438 31.88 63.27 -25.65
C PRO B 438 30.42 62.93 -25.93
N LEU B 439 29.48 63.56 -25.22
CA LEU B 439 28.06 63.28 -25.40
C LEU B 439 27.32 64.39 -26.13
N GLY B 440 28.02 65.46 -26.53
CA GLY B 440 27.36 66.58 -27.19
C GLY B 440 26.25 67.17 -26.33
N LEU B 441 26.58 67.47 -25.07
CA LEU B 441 25.64 68.10 -24.15
C LEU B 441 26.36 69.20 -23.41
N SER B 442 25.57 70.09 -22.82
CA SER B 442 26.12 71.10 -21.93
C SER B 442 26.55 70.47 -20.62
N VAL B 443 27.38 71.21 -19.87
CA VAL B 443 27.79 70.78 -18.54
C VAL B 443 26.58 70.68 -17.61
N GLU B 444 25.61 71.60 -17.78
CA GLU B 444 24.36 71.48 -17.03
C GLU B 444 23.66 70.17 -17.34
N ASP B 445 23.42 69.89 -18.62
CA ASP B 445 22.74 68.67 -19.00
C ASP B 445 23.61 67.43 -18.80
N ALA B 446 24.93 67.58 -18.92
CA ALA B 446 25.81 66.48 -18.53
C ALA B 446 25.58 66.10 -17.08
N ALA B 447 25.63 67.10 -16.18
CA ALA B 447 25.52 66.78 -14.76
C ALA B 447 24.09 66.35 -14.40
N ALA B 448 23.08 66.97 -15.00
CA ALA B 448 21.70 66.67 -14.63
C ALA B 448 21.28 65.27 -15.05
N GLY B 449 21.82 64.76 -16.17
CA GLY B 449 21.49 63.42 -16.60
C GLY B 449 22.11 62.33 -15.73
N VAL B 450 23.29 62.58 -15.18
CA VAL B 450 23.87 61.64 -14.21
C VAL B 450 23.00 61.58 -12.95
N ILE B 451 22.61 62.75 -12.43
CA ILE B 451 21.78 62.79 -11.22
C ILE B 451 20.41 62.17 -11.50
N GLU B 452 19.86 62.41 -12.68
CA GLU B 452 18.55 61.86 -13.01
C GLU B 452 18.60 60.34 -13.09
N LEU B 453 19.64 59.78 -13.72
CA LEU B 453 19.79 58.34 -13.79
C LEU B 453 19.90 57.73 -12.39
N LEU B 454 20.75 58.33 -11.55
CA LEU B 454 20.90 57.85 -10.19
C LEU B 454 19.57 57.92 -9.44
N ASP B 455 18.85 59.04 -9.60
CA ASP B 455 17.56 59.19 -8.93
C ASP B 455 16.64 58.03 -9.26
N SER B 456 16.54 57.70 -10.54
CA SER B 456 15.64 56.62 -10.94
C SER B 456 16.19 55.27 -10.51
N ASP B 457 17.50 55.06 -10.64
CA ASP B 457 18.11 53.78 -10.25
C ASP B 457 17.90 53.50 -8.76
N LEU B 458 18.15 54.51 -7.91
CA LEU B 458 17.90 54.30 -6.48
C LEU B 458 16.41 54.09 -6.22
N ARG B 459 15.55 54.83 -6.95
CA ARG B 459 14.11 54.75 -6.69
C ARG B 459 13.54 53.38 -7.03
N ASP B 460 13.92 52.85 -8.20
CA ASP B 460 13.44 51.54 -8.64
C ASP B 460 13.95 50.43 -7.75
N TYR B 461 15.12 50.60 -7.15
CA TYR B 461 15.62 49.59 -6.22
C TYR B 461 14.79 49.59 -4.95
N LEU B 462 14.68 50.76 -4.31
CA LEU B 462 13.90 50.88 -3.07
C LEU B 462 12.46 50.40 -3.27
N ARG B 463 11.84 50.76 -4.41
CA ARG B 463 10.49 50.26 -4.69
C ARG B 463 10.46 48.74 -4.79
N SER B 464 11.52 48.15 -5.36
CA SER B 464 11.47 46.73 -5.68
C SER B 464 11.82 45.85 -4.47
N MET B 465 12.80 46.27 -3.65
CA MET B 465 13.04 45.51 -2.43
C MET B 465 11.77 45.43 -1.58
N ILE B 466 10.96 46.49 -1.59
CA ILE B 466 9.70 46.47 -0.85
C ILE B 466 8.68 45.57 -1.55
N SER B 467 8.47 45.77 -2.87
CA SER B 467 7.57 44.88 -3.64
C SER B 467 7.92 43.43 -3.39
N GLY B 468 9.23 43.12 -3.44
CA GLY B 468 9.69 41.76 -3.31
C GLY B 468 9.30 41.14 -1.99
N LYS B 469 9.44 41.90 -0.90
CA LYS B 469 9.11 41.32 0.41
C LYS B 469 7.59 41.24 0.65
N GLY B 470 6.78 41.64 -0.33
CA GLY B 470 5.34 41.51 -0.28
C GLY B 470 4.58 42.69 0.28
N TYR B 471 5.26 43.81 0.50
CA TYR B 471 4.71 44.98 1.16
C TYR B 471 4.43 46.08 0.14
N SER B 472 3.43 47.07 0.53
CA SER B 472 3.34 48.30 -0.24
C SER B 472 4.13 49.41 0.44
N PRO B 473 4.73 50.33 -0.31
CA PRO B 473 5.46 51.43 0.32
C PRO B 473 4.59 52.30 1.21
N ALA B 474 3.28 52.30 0.99
CA ALA B 474 2.40 53.08 1.84
C ALA B 474 2.18 52.45 3.20
N SER B 475 2.67 51.22 3.42
CA SER B 475 2.55 50.59 4.73
C SER B 475 3.65 51.04 5.68
N PHE B 476 4.59 51.85 5.22
CA PHE B 476 5.83 52.15 5.91
C PHE B 476 6.04 53.65 5.96
N VAL B 477 6.91 54.07 6.87
CA VAL B 477 7.47 55.41 6.89
C VAL B 477 8.95 55.29 6.50
N CYS B 478 9.43 56.22 5.69
CA CYS B 478 10.78 56.15 5.14
C CYS B 478 11.71 57.10 5.88
N PHE B 479 12.61 56.54 6.69
CA PHE B 479 13.70 57.27 7.33
C PHE B 479 14.86 57.39 6.35
N SER B 480 15.35 58.61 6.14
CA SER B 480 16.41 58.88 5.17
C SER B 480 17.57 59.62 5.84
N TYR B 481 18.77 59.06 5.75
CA TYR B 481 19.82 59.57 6.62
C TYR B 481 21.21 59.25 6.13
N GLY B 482 21.45 59.34 4.83
CA GLY B 482 22.75 58.96 4.32
C GLY B 482 23.92 59.74 4.90
N GLY B 483 23.73 61.01 5.26
CA GLY B 483 24.86 61.91 5.23
C GLY B 483 25.07 62.49 3.83
N ALA B 484 24.77 61.70 2.80
CA ALA B 484 24.49 62.19 1.46
C ALA B 484 23.14 61.77 0.95
N GLY B 485 22.37 61.01 1.73
CA GLY B 485 21.02 60.63 1.37
C GLY B 485 20.01 61.76 1.40
N PRO B 486 20.13 62.70 2.35
CA PRO B 486 19.25 63.87 2.32
C PRO B 486 19.44 64.74 1.08
N VAL B 487 20.42 64.43 0.23
CA VAL B 487 20.55 65.12 -1.05
C VAL B 487 19.65 64.50 -2.12
N HIS B 488 19.22 63.26 -1.95
CA HIS B 488 18.36 62.64 -2.94
C HIS B 488 17.06 62.09 -2.38
N THR B 489 16.70 62.46 -1.16
CA THR B 489 15.40 62.04 -0.62
C THR B 489 14.26 62.29 -1.62
N TYR B 490 14.27 63.44 -2.30
CA TYR B 490 13.24 63.69 -3.32
C TYR B 490 13.29 62.64 -4.42
N GLY B 491 14.49 62.18 -4.75
CA GLY B 491 14.71 61.38 -5.91
C GLY B 491 14.12 60.01 -5.73
N TYR B 492 14.67 59.25 -4.80
CA TYR B 492 14.25 57.86 -4.69
C TYR B 492 12.92 57.70 -3.99
N THR B 493 12.32 58.77 -3.46
CA THR B 493 11.02 58.65 -2.82
C THR B 493 9.87 59.16 -3.69
N GLU B 494 10.17 59.96 -4.70
CA GLU B 494 9.14 60.63 -5.49
C GLU B 494 8.06 59.67 -5.96
N GLY B 495 6.83 59.90 -5.49
CA GLY B 495 5.68 59.15 -5.94
C GLY B 495 5.59 57.71 -5.48
N LEU B 496 6.47 57.26 -4.59
CA LEU B 496 6.39 55.88 -4.09
C LEU B 496 5.19 55.65 -3.17
N GLY B 497 4.66 56.72 -2.58
CA GLY B 497 3.50 56.61 -1.71
C GLY B 497 3.81 56.23 -0.29
N PHE B 498 4.98 56.61 0.22
CA PHE B 498 5.27 56.37 1.62
C PHE B 498 4.32 57.18 2.50
N GLU B 499 3.91 56.58 3.63
CA GLU B 499 3.07 57.26 4.61
C GLU B 499 3.68 58.61 4.99
N ASP B 500 4.98 58.61 5.27
CA ASP B 500 5.76 59.80 5.54
C ASP B 500 7.22 59.53 5.19
N VAL B 501 7.94 60.62 4.90
CA VAL B 501 9.35 60.58 4.56
C VAL B 501 10.05 61.58 5.46
N ILE B 502 10.98 61.08 6.27
CA ILE B 502 11.57 61.87 7.35
C ILE B 502 13.08 61.97 7.18
N VAL B 503 13.58 63.19 7.26
CA VAL B 503 15.01 63.49 7.33
C VAL B 503 15.30 64.00 8.73
N PRO B 504 15.80 63.17 9.64
CA PRO B 504 16.15 63.66 10.97
C PRO B 504 17.33 64.62 10.86
N ALA B 505 17.39 65.57 11.79
CA ALA B 505 18.39 66.63 11.70
C ALA B 505 19.81 66.08 11.86
N TRP B 506 19.98 65.00 12.61
CA TRP B 506 21.31 64.40 12.79
C TRP B 506 21.60 63.33 11.75
N ALA B 507 21.12 63.50 10.52
CA ALA B 507 21.16 62.41 9.55
C ALA B 507 22.58 61.99 9.25
N ALA B 508 23.54 62.91 9.34
CA ALA B 508 24.87 62.65 8.82
C ALA B 508 25.65 61.66 9.70
N GLY B 509 25.41 61.67 11.01
CA GLY B 509 26.01 60.66 11.85
C GLY B 509 25.00 59.62 12.34
N PHE B 510 24.11 59.18 11.46
CA PHE B 510 22.96 58.42 11.95
C PHE B 510 23.36 57.04 12.44
N SER B 511 24.32 56.39 11.77
CA SER B 511 24.81 55.11 12.27
C SER B 511 25.53 55.27 13.62
N ALA B 512 26.45 56.24 13.73
CA ALA B 512 27.06 56.55 15.01
C ALA B 512 26.02 56.93 16.05
N PHE B 513 24.86 57.43 15.60
CA PHE B 513 23.73 57.61 16.50
C PHE B 513 23.17 56.26 16.94
N GLY B 514 22.95 55.35 16.00
CA GLY B 514 22.51 54.02 16.39
C GLY B 514 23.52 53.24 17.20
N CYS B 515 24.80 53.59 17.13
CA CYS B 515 25.79 52.87 17.91
C CYS B 515 25.80 53.34 19.35
N ALA B 516 25.67 54.64 19.57
CA ALA B 516 25.57 55.16 20.93
C ALA B 516 24.27 54.75 21.60
N ALA B 517 23.26 54.42 20.80
CA ALA B 517 21.96 53.97 21.25
C ALA B 517 21.93 52.46 21.55
N ALA B 518 22.97 51.72 21.19
CA ALA B 518 22.92 50.27 21.31
C ALA B 518 22.97 49.84 22.77
N ASP B 519 22.11 48.85 23.11
CA ASP B 519 22.06 48.30 24.46
C ASP B 519 23.44 47.83 24.92
N PHE B 520 23.74 48.06 26.20
CA PHE B 520 24.92 47.46 26.81
C PHE B 520 24.52 46.06 27.25
N GLU B 521 24.78 45.08 26.39
CA GLU B 521 24.34 43.72 26.62
C GLU B 521 25.47 42.73 26.34
N TYR B 522 25.61 41.74 27.24
CA TYR B 522 26.48 40.58 27.02
C TYR B 522 25.59 39.34 26.90
N ARG B 523 25.97 38.44 25.97
CA ARG B 523 25.28 37.18 25.74
C ARG B 523 26.27 36.02 25.84
N TYR B 524 25.79 34.88 26.36
CA TYR B 524 26.61 33.70 26.52
C TYR B 524 25.79 32.44 26.27
N ASP B 525 26.41 31.47 25.59
CA ASP B 525 25.74 30.28 25.13
C ASP B 525 26.50 29.03 25.52
N LYS B 526 25.75 27.95 25.74
CA LYS B 526 26.30 26.61 25.93
C LYS B 526 25.32 25.59 25.34
N SER B 527 25.84 24.70 24.50
CA SER B 527 25.02 23.67 23.89
C SER B 527 24.72 22.55 24.89
N LEU B 528 23.84 21.63 24.49
CA LEU B 528 23.25 20.67 25.41
C LEU B 528 22.70 19.46 24.64
N ASP B 529 22.38 18.40 25.38
CA ASP B 529 21.90 17.15 24.81
C ASP B 529 20.74 16.55 25.61
N ILE B 530 19.72 17.35 25.89
CA ILE B 530 18.55 16.88 26.62
C ILE B 530 17.52 16.31 25.64
N ASN B 531 17.19 15.03 25.81
CA ASN B 531 16.23 14.31 24.97
C ASN B 531 15.11 13.77 25.84
N MET B 532 13.87 14.20 25.56
CA MET B 532 12.72 13.78 26.35
C MET B 532 11.67 13.22 25.40
N PRO B 533 11.11 12.05 25.68
CA PRO B 533 9.83 11.70 25.06
C PRO B 533 8.71 12.55 25.66
N THR B 534 7.54 12.44 25.04
CA THR B 534 6.36 13.09 25.58
C THR B 534 6.00 12.53 26.95
N GLU B 535 5.70 11.22 26.99
CA GLU B 535 5.45 10.50 28.23
C GLU B 535 6.78 10.24 28.92
N THR B 536 7.04 10.94 30.02
CA THR B 536 8.25 10.74 30.80
C THR B 536 7.89 10.84 32.27
N PRO B 537 8.51 10.05 33.12
CA PRO B 537 8.26 10.17 34.56
C PRO B 537 8.89 11.45 35.09
N ASP B 538 8.35 11.92 36.22
CA ASP B 538 8.77 13.19 36.81
C ASP B 538 10.14 13.15 37.45
N THR B 539 10.92 12.10 37.19
CA THR B 539 12.29 12.01 37.68
C THR B 539 13.28 12.23 36.56
N ASP B 540 13.08 11.58 35.41
CA ASP B 540 13.75 11.99 34.18
C ASP B 540 13.47 13.45 33.87
N LYS B 541 12.31 13.95 34.31
CA LYS B 541 11.86 15.30 34.05
C LYS B 541 12.57 16.31 34.95
N GLU B 542 12.82 15.94 36.21
CA GLU B 542 13.59 16.82 37.08
C GLU B 542 15.07 16.76 36.76
N LYS B 543 15.59 15.58 36.39
CA LYS B 543 16.98 15.50 35.96
C LYS B 543 17.24 16.44 34.80
N ALA B 544 16.35 16.44 33.80
CA ALA B 544 16.51 17.35 32.67
C ALA B 544 16.48 18.81 33.12
N ALA B 545 15.54 19.15 34.01
CA ALA B 545 15.47 20.51 34.52
C ALA B 545 16.68 20.85 35.38
N ALA B 546 17.32 19.85 35.99
CA ALA B 546 18.51 20.12 36.78
C ALA B 546 19.67 20.53 35.89
N THR B 547 19.88 19.79 34.80
CA THR B 547 21.04 20.02 33.94
C THR B 547 20.92 21.32 33.17
N LEU B 548 19.70 21.68 32.72
CA LEU B 548 19.52 23.01 32.15
C LEU B 548 19.68 24.08 33.21
N GLN B 549 19.17 23.81 34.42
CA GLN B 549 19.32 24.74 35.54
C GLN B 549 20.78 25.01 35.85
N ALA B 550 21.62 23.97 35.76
CA ALA B 550 23.05 24.13 35.95
C ALA B 550 23.65 25.03 34.88
N ALA B 551 23.37 24.74 33.60
CA ALA B 551 23.95 25.51 32.50
C ALA B 551 23.65 26.99 32.60
N TRP B 552 22.42 27.34 33.00
CA TRP B 552 22.07 28.75 33.24
C TRP B 552 22.93 29.36 34.34
N GLU B 553 23.20 28.60 35.40
CA GLU B 553 24.05 29.11 36.47
C GLU B 553 25.50 29.23 36.02
N GLU B 554 26.00 28.24 35.28
CA GLU B 554 27.35 28.35 34.73
C GLU B 554 27.44 29.55 33.80
N LEU B 555 26.40 29.76 33.00
CA LEU B 555 26.38 30.92 32.11
C LEU B 555 26.18 32.21 32.92
N THR B 556 25.32 32.17 33.95
CA THR B 556 25.02 33.37 34.73
C THR B 556 26.29 33.94 35.37
N LYS B 557 27.17 33.07 35.84
CA LYS B 557 28.40 33.59 36.42
C LYS B 557 29.35 34.15 35.36
N ASN B 558 29.22 33.71 34.09
CA ASN B 558 30.02 34.27 33.00
C ASN B 558 29.60 35.69 32.67
N VAL B 559 28.29 35.94 32.57
CA VAL B 559 27.78 37.28 32.29
C VAL B 559 28.22 38.25 33.37
N LEU B 560 28.05 37.82 34.63
CA LEU B 560 28.39 38.70 35.75
C LEU B 560 29.89 38.88 35.87
N GLU B 561 30.67 37.83 35.57
CA GLU B 561 32.12 37.96 35.67
C GLU B 561 32.67 38.92 34.61
N GLU B 562 32.09 38.93 33.41
CA GLU B 562 32.62 39.91 32.46
C GLU B 562 32.12 41.32 32.77
N PHE B 563 30.94 41.45 33.38
CA PHE B 563 30.51 42.78 33.77
C PHE B 563 31.34 43.33 34.92
N LYS B 564 31.89 42.46 35.77
CA LYS B 564 32.81 42.94 36.81
C LYS B 564 34.07 43.52 36.21
N LEU B 565 34.67 42.81 35.25
CA LEU B 565 35.89 43.31 34.60
C LEU B 565 35.65 44.61 33.86
N ASN B 566 34.39 44.96 33.60
CA ASN B 566 34.03 46.24 33.01
C ASN B 566 33.50 47.23 34.03
N GLY B 567 33.65 46.95 35.34
CA GLY B 567 33.29 47.93 36.37
C GLY B 567 31.84 47.96 36.79
N TYR B 568 31.11 46.87 36.61
CA TYR B 568 29.69 46.78 36.93
C TYR B 568 29.47 45.69 37.96
N SER B 569 28.89 46.05 39.09
CA SER B 569 28.50 45.06 40.09
C SER B 569 27.26 44.29 39.62
N ALA B 570 27.03 43.13 40.24
CA ALA B 570 25.90 42.30 39.85
C ALA B 570 24.54 42.97 40.06
N ASP B 571 24.48 44.02 40.89
CA ASP B 571 23.19 44.65 41.16
C ASP B 571 22.69 45.41 39.94
N GLN B 572 23.60 45.89 39.11
CA GLN B 572 23.23 46.69 37.95
C GLN B 572 22.91 45.83 36.73
N VAL B 573 23.21 44.54 36.79
CA VAL B 573 22.98 43.65 35.66
C VAL B 573 21.57 43.08 35.74
N THR B 574 20.78 43.28 34.68
CA THR B 574 19.50 42.61 34.51
C THR B 574 19.71 41.37 33.64
N LEU B 575 19.15 40.24 34.09
CA LEU B 575 19.44 38.94 33.52
C LEU B 575 18.19 38.36 32.89
N GLN B 576 18.37 37.70 31.74
CA GLN B 576 17.27 37.11 30.99
C GLN B 576 17.71 35.75 30.46
N PRO B 577 17.27 34.65 31.08
CA PRO B 577 17.61 33.32 30.58
C PRO B 577 16.75 32.88 29.40
N GLY B 578 17.37 32.10 28.51
CA GLY B 578 16.70 31.56 27.34
C GLY B 578 17.32 30.23 26.96
N TYR B 579 16.62 29.51 26.08
CA TYR B 579 17.03 28.16 25.70
C TYR B 579 16.59 27.84 24.28
N ARG B 580 17.20 26.79 23.70
CA ARG B 580 16.92 26.36 22.33
C ARG B 580 16.31 24.95 22.33
N MET B 581 15.12 24.81 21.73
CA MET B 581 14.35 23.56 21.76
C MET B 581 13.89 23.20 20.35
N GLN B 582 13.44 21.94 20.19
CA GLN B 582 13.05 21.41 18.90
C GLN B 582 12.34 20.07 19.12
N TYR B 583 11.62 19.60 18.10
CA TYR B 583 11.18 18.21 18.09
C TYR B 583 12.38 17.32 17.77
N ARG B 584 12.31 16.05 18.20
CA ARG B 584 13.53 15.31 18.46
C ARG B 584 14.39 15.15 17.21
N GLY B 585 13.80 14.74 16.11
CA GLY B 585 14.69 14.47 14.99
C GLY B 585 15.16 15.62 14.12
N GLN B 586 14.86 16.88 14.46
CA GLN B 586 14.96 18.02 13.56
C GLN B 586 16.40 18.49 13.38
N LEU B 587 16.56 19.44 12.44
CA LEU B 587 17.84 20.07 12.05
C LEU B 587 18.00 21.50 12.52
N ASN B 588 16.89 22.22 12.70
CA ASN B 588 16.88 23.59 13.19
C ASN B 588 16.11 23.66 14.50
N ASP B 589 16.43 24.65 15.32
CA ASP B 589 15.81 24.83 16.64
C ASP B 589 15.23 26.24 16.77
N LEU B 590 14.53 26.52 17.87
CA LEU B 590 13.98 27.84 18.16
C LEU B 590 14.57 28.41 19.45
N GLU B 591 14.99 29.66 19.42
CA GLU B 591 15.30 30.34 20.66
C GLU B 591 14.01 30.71 21.40
N ILE B 592 13.98 30.45 22.70
CA ILE B 592 12.80 30.70 23.50
C ILE B 592 13.20 31.42 24.76
N GLU B 593 12.50 32.51 25.06
CA GLU B 593 12.75 33.23 26.28
C GLU B 593 12.10 32.51 27.44
N SER B 594 12.90 32.17 28.44
CA SER B 594 12.39 31.39 29.54
C SER B 594 11.38 32.22 30.31
N PRO B 595 10.20 31.68 30.58
CA PRO B 595 9.27 32.38 31.49
C PRO B 595 9.72 32.32 32.94
N LEU B 596 10.50 31.30 33.29
CA LEU B 596 10.96 31.04 34.64
C LEU B 596 12.44 31.33 34.73
N ALA B 597 12.86 32.06 35.76
CA ALA B 597 14.28 32.31 35.90
C ALA B 597 15.02 31.15 36.56
N GLN B 598 14.34 30.04 36.87
CA GLN B 598 15.00 29.09 37.76
C GLN B 598 14.77 27.59 37.55
N ALA B 599 13.74 27.17 36.81
CA ALA B 599 13.59 25.73 36.48
C ALA B 599 13.31 24.79 37.66
N HIS B 600 14.21 23.83 37.88
CA HIS B 600 14.18 22.89 39.01
C HIS B 600 13.18 21.73 38.96
N THR B 601 11.88 22.04 39.09
CA THR B 601 10.89 21.07 39.59
C THR B 601 9.84 20.71 38.56
N ALA B 602 10.09 19.64 37.79
CA ALA B 602 9.06 18.92 37.06
C ALA B 602 8.09 19.81 36.30
N ALA B 603 7.08 20.32 37.00
CA ALA B 603 6.10 21.21 36.39
C ALA B 603 6.75 22.36 35.64
N ASP B 604 7.93 22.81 36.10
CA ASP B 604 8.63 23.86 35.38
C ASP B 604 9.14 23.36 34.04
N TRP B 605 9.67 22.14 34.01
CA TRP B 605 10.00 21.56 32.72
C TRP B 605 8.76 21.44 31.85
N ASP B 606 7.60 21.23 32.47
CA ASP B 606 6.39 21.27 31.67
C ASP B 606 6.16 22.69 31.13
N GLN B 607 6.44 23.72 31.92
CA GLN B 607 6.29 25.08 31.40
C GLN B 607 7.24 25.34 30.23
N LEU B 608 8.45 24.78 30.29
CA LEU B 608 9.42 25.10 29.25
C LEU B 608 9.00 24.46 27.92
N THR B 609 8.58 23.19 27.97
CA THR B 609 8.01 22.56 26.80
C THR B 609 6.77 23.29 26.29
N ASP B 610 5.83 23.60 27.19
CA ASP B 610 4.60 24.28 26.77
C ASP B 610 4.92 25.58 26.04
N ALA B 611 5.84 26.37 26.61
CA ALA B 611 6.29 27.60 25.96
C ALA B 611 6.82 27.32 24.57
N PHE B 612 7.65 26.29 24.43
CA PHE B 612 8.16 25.92 23.13
C PHE B 612 7.01 25.72 22.15
N ASN B 613 6.19 24.68 22.36
CA ASN B 613 4.96 24.41 21.62
C ASN B 613 4.25 25.70 21.21
N ALA B 614 4.02 26.59 22.17
CA ALA B 614 3.34 27.84 21.87
C ALA B 614 4.00 28.60 20.72
N THR B 615 5.31 28.87 20.84
CA THR B 615 6.01 29.64 19.80
C THR B 615 6.07 28.86 18.47
N TYR B 616 6.21 27.54 18.53
CA TYR B 616 6.19 26.75 17.30
C TYR B 616 4.87 26.93 16.56
N GLY B 617 3.76 27.05 17.28
CA GLY B 617 2.52 27.33 16.60
C GLY B 617 2.54 28.67 15.91
N ARG B 618 3.08 29.68 16.58
CA ARG B 618 3.13 31.03 16.01
C ARG B 618 4.12 31.09 14.87
N VAL B 619 5.30 30.53 15.08
CA VAL B 619 6.34 30.61 14.06
C VAL B 619 5.89 29.89 12.81
N TYR B 620 5.17 28.79 12.98
CA TYR B 620 4.75 28.02 11.83
C TYR B 620 3.23 28.02 11.75
N ALA B 621 2.63 27.02 12.39
CA ALA B 621 1.19 26.82 12.38
C ALA B 621 0.84 25.79 13.42
N ALA B 622 -0.21 26.03 14.15
CA ALA B 622 -0.70 25.13 15.18
C ALA B 622 -0.64 23.68 14.74
N SER B 623 -0.99 23.40 13.49
CA SER B 623 -1.02 22.02 12.99
C SER B 623 0.36 21.50 12.54
N ALA B 624 1.38 22.36 12.53
CA ALA B 624 2.75 21.92 12.38
C ALA B 624 3.25 21.13 13.60
N ARG B 625 2.58 21.25 14.74
CA ARG B 625 3.09 20.70 16.00
C ARG B 625 3.06 19.18 16.00
N SER B 626 4.20 18.57 16.38
CA SER B 626 4.39 17.12 16.37
C SER B 626 4.91 16.64 17.73
N PRO B 627 4.17 16.90 18.80
CA PRO B 627 4.67 16.54 20.14
C PRO B 627 5.10 15.10 20.27
N GLU B 628 4.43 14.20 19.56
CA GLU B 628 4.73 12.77 19.62
C GLU B 628 6.18 12.44 19.23
N LEU B 629 6.91 13.36 18.62
CA LEU B 629 8.31 13.06 18.33
C LEU B 629 9.19 13.19 19.55
N GLY B 630 8.66 13.75 20.63
CA GLY B 630 9.48 14.09 21.77
C GLY B 630 10.29 15.34 21.53
N TYR B 631 10.97 15.75 22.59
CA TYR B 631 11.64 17.03 22.62
C TYR B 631 13.14 16.87 22.78
N SER B 632 13.84 17.91 22.35
CA SER B 632 15.30 17.94 22.40
C SER B 632 15.68 19.38 22.73
N VAL B 633 16.32 19.57 23.88
CA VAL B 633 16.85 20.87 24.26
C VAL B 633 18.29 20.93 23.78
N THR B 634 18.59 21.94 22.96
CA THR B 634 19.84 21.96 22.20
C THR B 634 20.87 22.95 22.72
N GLY B 635 20.46 23.94 23.52
CA GLY B 635 21.37 24.91 24.09
C GLY B 635 20.73 25.68 25.22
N ALA B 636 21.54 26.54 25.86
CA ALA B 636 21.10 27.46 26.89
C ALA B 636 21.77 28.81 26.68
N ILE B 637 21.04 29.88 27.02
CA ILE B 637 21.43 31.26 26.73
C ILE B 637 21.28 32.10 28.00
N MET B 638 22.13 33.12 28.12
CA MET B 638 22.01 34.08 29.22
C MET B 638 22.39 35.46 28.71
N ARG B 639 21.45 36.42 28.84
CA ARG B 639 21.65 37.82 28.47
C ARG B 639 21.93 38.68 29.71
N GLY B 640 22.69 39.76 29.50
CA GLY B 640 23.00 40.68 30.58
C GLY B 640 22.99 42.14 30.20
N MET B 641 22.00 42.90 30.70
CA MET B 641 21.84 44.32 30.41
C MET B 641 22.25 45.15 31.63
N VAL B 642 22.99 46.22 31.38
CA VAL B 642 23.19 47.27 32.37
C VAL B 642 22.67 48.56 31.75
N PRO B 643 22.17 49.49 32.56
CA PRO B 643 21.62 50.73 32.00
C PRO B 643 22.71 51.67 31.50
N ILE B 644 22.33 52.48 30.52
CA ILE B 644 23.23 53.40 29.82
C ILE B 644 22.42 54.62 29.41
N PRO B 645 22.99 55.82 29.43
CA PRO B 645 22.28 56.97 28.88
C PRO B 645 21.96 56.80 27.40
N LYS B 646 20.63 56.63 27.04
CA LYS B 646 20.35 56.61 25.60
C LYS B 646 20.16 58.04 25.10
N PRO B 647 20.47 58.31 23.84
CA PRO B 647 20.30 59.67 23.30
C PRO B 647 18.85 60.13 23.38
N LYS B 648 18.66 61.34 23.88
CA LYS B 648 17.33 61.89 24.18
C LYS B 648 16.81 62.65 22.96
N ILE B 649 15.67 62.21 22.43
CA ILE B 649 15.07 62.83 21.24
C ILE B 649 14.42 64.14 21.66
N PRO B 650 14.70 65.24 20.98
CA PRO B 650 14.11 66.52 21.36
C PRO B 650 12.59 66.50 21.32
N LYS B 651 11.98 67.31 22.19
CA LYS B 651 10.54 67.52 22.26
C LYS B 651 10.25 69.01 22.37
N GLU B 652 10.60 69.77 21.33
CA GLU B 652 10.50 71.22 21.32
C GLU B 652 9.05 71.68 21.15
N PRO B 653 8.69 72.84 21.70
CA PRO B 653 7.35 73.41 21.43
C PRO B 653 7.28 73.94 20.00
N GLU B 654 6.21 73.58 19.30
CA GLU B 654 6.05 73.96 17.89
C GLU B 654 5.53 75.38 17.77
N GLU B 655 6.04 76.12 16.80
CA GLU B 655 5.64 77.50 16.59
C GLU B 655 5.16 77.69 15.14
N GLY B 656 5.18 78.94 14.70
CA GLY B 656 4.52 79.29 13.45
C GLY B 656 5.16 78.61 12.25
N GLU B 657 4.39 78.51 11.19
CA GLU B 657 4.87 77.88 9.97
C GLU B 657 5.81 78.79 9.19
N THR B 658 5.75 80.08 9.40
CA THR B 658 6.65 81.00 8.72
C THR B 658 8.02 80.98 9.40
N PRO B 659 9.10 80.64 8.70
CA PRO B 659 10.42 80.56 9.35
C PRO B 659 11.04 81.94 9.54
N PRO B 660 11.95 82.09 10.50
CA PRO B 660 12.51 83.41 10.81
C PRO B 660 13.39 83.95 9.69
N GLU B 661 13.40 85.28 9.58
CA GLU B 661 14.30 85.92 8.61
C GLU B 661 15.75 85.57 8.88
N SER B 662 16.09 85.25 10.14
CA SER B 662 17.46 84.88 10.50
C SER B 662 17.95 83.66 9.72
N ALA B 663 17.04 82.77 9.35
CA ALA B 663 17.44 81.51 8.72
C ALA B 663 17.78 81.64 7.25
N LYS B 664 17.46 82.77 6.61
CA LYS B 664 17.76 82.96 5.20
C LYS B 664 19.23 83.28 4.99
N ILE B 665 19.90 82.49 4.14
CA ILE B 665 21.33 82.66 3.85
C ILE B 665 21.57 82.90 2.37
N GLY B 666 20.60 83.50 1.67
CA GLY B 666 20.72 83.77 0.24
C GLY B 666 20.24 82.64 -0.65
N THR B 667 20.71 82.67 -1.90
CA THR B 667 20.29 81.69 -2.88
C THR B 667 21.48 81.14 -3.66
N ARG B 668 21.24 80.00 -4.31
CA ARG B 668 22.15 79.38 -5.25
C ARG B 668 21.43 79.06 -6.55
N LYS B 669 22.19 79.15 -7.65
CA LYS B 669 21.68 78.71 -8.94
C LYS B 669 21.50 77.20 -8.92
N PHE B 670 20.25 76.78 -9.10
CA PHE B 670 19.86 75.37 -8.98
C PHE B 670 19.24 74.95 -10.30
N TYR B 671 19.73 73.86 -10.87
CA TYR B 671 19.30 73.37 -12.18
C TYR B 671 18.70 71.98 -12.02
N ARG B 672 17.42 71.82 -12.41
CA ARG B 672 16.83 70.49 -12.42
C ARG B 672 16.28 70.23 -13.82
N LYS B 673 14.97 70.31 -14.03
CA LYS B 673 14.41 69.80 -15.29
C LYS B 673 14.57 70.86 -16.39
N LYS B 674 15.79 70.91 -16.95
CA LYS B 674 16.24 71.92 -17.91
C LYS B 674 15.85 73.33 -17.53
N ARG B 675 15.89 73.64 -16.24
CA ARG B 675 15.49 74.96 -15.77
C ARG B 675 16.41 75.37 -14.62
N TRP B 676 16.78 76.64 -14.63
CA TRP B 676 17.53 77.28 -13.56
C TRP B 676 16.58 78.11 -12.71
N VAL B 677 16.69 77.98 -11.39
CA VAL B 677 15.90 78.78 -10.45
C VAL B 677 16.81 79.20 -9.31
N ASP B 678 16.51 80.35 -8.72
CA ASP B 678 17.23 80.86 -7.55
C ASP B 678 16.65 80.22 -6.29
N ALA B 679 17.30 79.17 -5.80
CA ALA B 679 16.78 78.37 -4.70
C ALA B 679 17.22 78.96 -3.36
N GLN B 680 16.26 79.18 -2.47
CA GLN B 680 16.57 79.78 -1.18
C GLN B 680 17.52 78.89 -0.40
N LEU B 681 18.34 79.50 0.45
CA LEU B 681 19.25 78.76 1.32
C LEU B 681 18.86 79.00 2.78
N TYR B 682 18.79 77.91 3.56
CA TYR B 682 18.36 77.97 4.96
C TYR B 682 19.39 77.33 5.87
N HIS B 683 19.63 77.99 7.00
CA HIS B 683 20.49 77.45 8.04
C HIS B 683 19.68 76.45 8.89
N MET B 684 20.07 75.17 8.84
CA MET B 684 19.27 74.14 9.49
C MET B 684 18.97 74.47 10.95
N GLU B 685 20.01 74.82 11.72
CA GLU B 685 19.82 75.06 13.14
C GLU B 685 18.92 76.27 13.42
N SER B 686 18.90 77.25 12.51
CA SER B 686 18.09 78.45 12.69
C SER B 686 16.63 78.22 12.35
N LEU B 687 16.26 77.01 11.95
CA LEU B 687 14.85 76.71 11.70
C LEU B 687 14.16 76.32 13.00
N ARG B 688 12.89 76.66 13.09
CA ARG B 688 12.11 76.44 14.29
C ARG B 688 11.02 75.39 14.09
N PRO B 689 10.65 74.68 15.15
CA PRO B 689 9.59 73.68 15.04
C PRO B 689 8.30 74.28 14.48
N GLY B 690 7.79 73.64 13.42
CA GLY B 690 6.56 74.05 12.77
C GLY B 690 6.75 74.79 11.45
N ASN B 691 7.96 75.28 11.18
CA ASN B 691 8.22 76.00 9.95
C ASN B 691 7.90 75.15 8.72
N ARG B 692 7.77 75.83 7.59
CA ARG B 692 7.63 75.17 6.30
C ARG B 692 8.61 75.78 5.31
N VAL B 693 9.12 74.94 4.41
CA VAL B 693 10.01 75.39 3.35
C VAL B 693 9.48 74.85 2.02
N MET B 694 9.03 75.75 1.14
CA MET B 694 8.62 75.42 -0.21
C MET B 694 9.86 75.36 -1.12
N GLY B 695 9.95 74.31 -1.92
CA GLY B 695 10.97 74.24 -2.96
C GLY B 695 10.77 75.31 -4.02
N PRO B 696 11.86 75.75 -4.68
CA PRO B 696 13.23 75.22 -4.58
C PRO B 696 14.05 75.80 -3.42
N ALA B 697 14.62 74.94 -2.59
CA ALA B 697 15.50 75.37 -1.50
C ALA B 697 16.44 74.23 -1.10
N VAL B 698 17.60 74.61 -0.58
CA VAL B 698 18.58 73.69 0.01
C VAL B 698 18.76 74.06 1.47
N ILE B 699 18.67 73.08 2.35
CA ILE B 699 18.83 73.28 3.79
C ILE B 699 20.19 72.75 4.21
N GLU B 700 21.04 73.65 4.72
CA GLU B 700 22.44 73.38 5.02
C GLU B 700 22.72 73.59 6.51
N SER B 701 23.59 72.73 7.04
CA SER B 701 24.21 72.90 8.34
C SER B 701 25.70 72.62 8.13
N ASP B 702 26.43 72.40 9.23
CA ASP B 702 27.86 72.10 9.13
C ASP B 702 28.12 70.92 8.19
N ALA B 703 27.30 69.88 8.27
CA ALA B 703 27.64 68.67 7.51
C ALA B 703 26.43 67.92 6.97
N THR B 704 25.27 68.57 6.79
CA THR B 704 24.18 67.95 6.08
C THR B 704 23.59 68.95 5.10
N THR B 705 23.31 68.48 3.88
CA THR B 705 22.69 69.26 2.82
C THR B 705 21.39 68.59 2.41
N PHE B 706 20.27 69.26 2.67
CA PHE B 706 18.93 68.71 2.44
C PHE B 706 18.32 69.43 1.26
N VAL B 707 18.03 68.68 0.19
CA VAL B 707 17.63 69.23 -1.10
C VAL B 707 16.11 69.14 -1.23
N VAL B 708 15.48 70.29 -1.46
CA VAL B 708 14.04 70.34 -1.71
C VAL B 708 13.82 71.03 -3.05
N PRO B 709 13.79 70.30 -4.17
CA PRO B 709 13.68 70.97 -5.47
C PRO B 709 12.34 71.68 -5.60
N ASP B 710 12.21 72.54 -6.62
CA ASP B 710 10.88 73.05 -6.91
C ASP B 710 9.99 71.86 -7.21
N GLY B 711 8.78 71.91 -6.67
CA GLY B 711 7.88 70.78 -6.75
C GLY B 711 7.81 69.95 -5.51
N PHE B 712 8.53 70.34 -4.45
CA PHE B 712 8.51 69.64 -3.17
C PHE B 712 8.32 70.65 -2.05
N GLU B 713 8.13 70.12 -0.84
CA GLU B 713 7.98 70.95 0.35
C GLU B 713 8.46 70.16 1.56
N THR B 714 8.95 70.90 2.58
CA THR B 714 9.34 70.29 3.86
C THR B 714 8.78 71.11 5.00
N TRP B 715 8.56 70.43 6.14
CA TRP B 715 8.28 71.08 7.41
C TRP B 715 9.03 70.35 8.51
N LEU B 716 9.32 71.09 9.58
CA LEU B 716 10.05 70.60 10.73
C LEU B 716 9.12 70.41 11.92
N ASP B 717 9.31 69.31 12.65
CA ASP B 717 8.52 68.98 13.83
C ASP B 717 9.34 69.23 15.08
N GLY B 718 8.71 68.98 16.24
CA GLY B 718 9.34 69.21 17.54
C GLY B 718 10.51 68.30 17.86
N HIS B 719 10.73 67.25 17.07
CA HIS B 719 11.81 66.30 17.32
C HIS B 719 12.99 66.52 16.38
N ARG B 720 13.11 67.71 15.80
CA ARG B 720 14.14 68.01 14.82
C ARG B 720 14.12 67.04 13.65
N LEU B 721 12.94 66.54 13.31
CA LEU B 721 12.74 65.74 12.11
C LEU B 721 12.11 66.64 11.06
N PHE B 722 12.53 66.46 9.82
CA PHE B 722 11.85 67.13 8.72
C PHE B 722 10.91 66.14 8.05
N HIS B 723 9.97 66.67 7.26
CA HIS B 723 9.03 65.81 6.56
C HIS B 723 8.94 66.26 5.10
N LEU B 724 9.27 65.36 4.18
CA LEU B 724 9.11 65.65 2.77
C LEU B 724 7.68 65.36 2.35
N ARG B 725 7.07 66.35 1.69
CA ARG B 725 5.78 66.19 1.05
C ARG B 725 5.98 66.28 -0.47
N GLU B 726 5.10 65.60 -1.21
CA GLU B 726 5.14 65.69 -2.65
C GLU B 726 4.77 67.11 -3.09
N VAL B 727 3.53 67.53 -2.84
CA VAL B 727 3.09 68.92 -3.10
C VAL B 727 3.10 69.32 -4.59
N ALA C 2 17.01 48.54 -28.87
CA ALA C 2 17.56 49.25 -27.71
C ALA C 2 19.08 49.09 -27.63
N TYR C 3 19.56 47.86 -27.83
CA TYR C 3 20.96 47.56 -27.53
C TYR C 3 21.91 48.15 -28.55
N THR C 4 23.08 48.61 -28.06
CA THR C 4 24.13 49.10 -28.93
C THR C 4 24.55 48.02 -29.91
N ARG C 5 24.91 48.45 -31.12
CA ARG C 5 25.25 47.49 -32.17
C ARG C 5 26.47 46.67 -31.77
N SER C 6 27.53 47.34 -31.29
CA SER C 6 28.74 46.64 -30.86
C SER C 6 28.45 45.64 -29.75
N LYS C 7 27.40 45.86 -28.96
CA LYS C 7 27.07 44.90 -27.92
C LYS C 7 26.43 43.64 -28.49
N ILE C 8 25.63 43.76 -29.55
CA ILE C 8 25.10 42.54 -30.18
C ILE C 8 26.18 41.82 -31.00
N VAL C 9 27.22 42.55 -31.41
CA VAL C 9 28.36 41.89 -32.02
C VAL C 9 29.07 41.04 -30.99
N ASP C 10 29.42 41.64 -29.85
CA ASP C 10 30.07 40.91 -28.77
C ASP C 10 29.27 39.65 -28.40
N LEU C 11 27.95 39.75 -28.47
CA LEU C 11 27.13 38.59 -28.15
C LEU C 11 27.35 37.47 -29.15
N VAL C 12 27.59 37.82 -30.44
CA VAL C 12 27.80 36.83 -31.49
C VAL C 12 29.18 36.19 -31.36
N ASP C 13 30.20 37.03 -31.10
CA ASP C 13 31.58 36.68 -30.83
C ASP C 13 31.81 36.04 -29.46
N GLY C 14 30.76 35.77 -28.68
CA GLY C 14 30.92 35.17 -27.37
C GLY C 14 31.77 35.99 -26.42
N LYS C 15 31.71 37.32 -26.53
CA LYS C 15 32.56 38.18 -25.73
C LYS C 15 31.79 39.28 -24.99
N ILE C 16 30.49 39.11 -24.79
CA ILE C 16 29.68 40.18 -24.22
C ILE C 16 29.88 40.22 -22.72
N ASP C 17 29.78 41.42 -22.12
CA ASP C 17 29.95 41.58 -20.68
C ASP C 17 28.75 41.04 -19.92
N PRO C 18 28.93 40.65 -18.66
CA PRO C 18 27.82 40.03 -17.93
C PRO C 18 26.68 41.01 -17.63
N ASP C 19 26.96 42.29 -17.43
CA ASP C 19 25.87 43.20 -17.10
C ASP C 19 24.87 43.26 -18.23
N THR C 20 25.38 43.45 -19.46
CA THR C 20 24.51 43.52 -20.63
C THR C 20 23.94 42.16 -20.97
N LEU C 21 24.64 41.08 -20.59
CA LEU C 21 24.08 39.75 -20.81
C LEU C 21 22.86 39.53 -19.92
N HIS C 22 22.95 39.99 -18.66
CA HIS C 22 21.79 39.93 -17.77
C HIS C 22 20.69 40.87 -18.23
N GLN C 23 21.07 42.07 -18.68
CA GLN C 23 20.07 43.01 -19.19
C GLN C 23 19.27 42.41 -20.35
N MET C 24 19.98 41.80 -21.32
CA MET C 24 19.34 41.15 -22.46
C MET C 24 18.38 40.04 -22.04
N LEU C 25 18.71 39.31 -20.96
CA LEU C 25 17.90 38.17 -20.55
C LEU C 25 16.70 38.60 -19.72
N SER C 26 16.88 39.55 -18.83
CA SER C 26 15.90 39.79 -17.80
C SER C 26 14.85 40.81 -18.19
N THR C 27 14.98 41.45 -19.34
CA THR C 27 14.10 42.53 -19.75
C THR C 27 13.43 42.14 -21.06
N PRO C 28 12.37 42.83 -21.47
CA PRO C 28 11.70 42.49 -22.73
C PRO C 28 12.65 42.57 -23.92
N LYS C 29 12.46 41.68 -24.89
CA LYS C 29 13.42 41.66 -25.99
C LYS C 29 13.27 42.88 -26.91
N ASP C 30 14.36 43.19 -27.61
CA ASP C 30 14.44 44.32 -28.51
C ASP C 30 13.90 43.91 -29.87
N PRO C 31 12.78 44.49 -30.33
CA PRO C 31 12.19 44.07 -31.61
C PRO C 31 13.16 44.06 -32.76
N GLU C 32 14.15 44.99 -32.74
CA GLU C 32 15.16 45.24 -33.76
C GLU C 32 16.26 44.18 -33.82
N ARG C 33 16.25 43.19 -32.94
CA ARG C 33 17.41 42.31 -32.83
C ARG C 33 17.71 41.65 -34.19
N PHE C 34 16.74 40.93 -34.76
CA PHE C 34 16.98 40.10 -35.93
C PHE C 34 17.63 40.88 -37.08
N VAL C 35 17.10 42.06 -37.40
CA VAL C 35 17.62 42.81 -38.54
C VAL C 35 19.05 43.27 -38.26
N THR C 36 19.37 43.62 -37.00
CA THR C 36 20.76 43.99 -36.65
C THR C 36 21.67 42.76 -36.66
N TYR C 37 21.18 41.65 -36.13
CA TYR C 37 21.91 40.39 -36.10
C TYR C 37 22.28 39.93 -37.50
N VAL C 38 21.26 39.75 -38.35
CA VAL C 38 21.50 39.22 -39.69
C VAL C 38 22.40 40.14 -40.49
N GLU C 39 22.30 41.46 -40.30
CA GLU C 39 23.23 42.35 -40.98
C GLU C 39 24.65 42.17 -40.44
N ILE C 40 24.79 41.89 -39.13
CA ILE C 40 26.12 41.65 -38.54
C ILE C 40 26.76 40.40 -39.16
N LEU C 41 25.98 39.34 -39.34
CA LEU C 41 26.47 38.14 -40.02
C LEU C 41 26.80 38.42 -41.48
N GLN C 42 25.99 39.21 -42.16
CA GLN C 42 26.20 39.44 -43.58
C GLN C 42 27.59 40.01 -43.85
N GLU C 43 27.96 41.09 -43.14
CA GLU C 43 29.27 41.73 -43.35
C GLU C 43 30.44 40.84 -42.97
N ARG C 44 30.20 39.65 -42.39
CA ARG C 44 31.26 38.72 -42.05
C ARG C 44 31.38 37.56 -43.04
N MET C 45 30.46 37.51 -44.09
CA MET C 45 30.53 36.52 -45.16
C MET C 45 31.42 37.01 -46.30
N PRO C 46 32.08 36.08 -47.03
CA PRO C 46 32.92 36.48 -48.16
C PRO C 46 32.19 36.36 -49.49
N TRP C 47 30.86 36.26 -49.46
CA TRP C 47 29.99 36.21 -50.64
C TRP C 47 28.81 37.14 -50.42
N ASP C 48 28.46 37.93 -51.44
CA ASP C 48 27.53 39.02 -51.19
C ASP C 48 26.06 38.61 -51.25
N ASP C 49 25.75 37.34 -51.54
CA ASP C 49 24.36 36.93 -51.59
C ASP C 49 23.70 37.14 -50.23
N LYS C 50 22.46 37.63 -50.24
CA LYS C 50 21.75 37.99 -49.02
C LYS C 50 21.49 36.77 -48.13
N ILE C 51 21.60 36.97 -46.80
CA ILE C 51 21.22 35.94 -45.82
C ILE C 51 19.75 36.11 -45.47
N ILE C 52 19.00 35.01 -45.41
CA ILE C 52 17.58 35.06 -45.10
C ILE C 52 17.30 34.59 -43.67
N LEU C 53 18.00 33.53 -43.22
CA LEU C 53 17.84 33.03 -41.86
C LEU C 53 19.07 32.23 -41.43
N PRO C 54 19.67 32.53 -40.28
CA PRO C 54 20.81 31.70 -39.82
C PRO C 54 20.33 30.34 -39.30
N LEU C 55 21.03 29.27 -39.73
CA LEU C 55 20.70 27.92 -39.34
C LEU C 55 21.62 27.36 -38.27
N GLY C 56 22.82 27.89 -38.20
CA GLY C 56 23.84 27.56 -37.23
C GLY C 56 24.90 28.64 -37.28
N PRO C 57 25.99 28.42 -36.56
CA PRO C 57 27.06 29.44 -36.53
C PRO C 57 27.70 29.67 -37.90
N LYS C 58 27.73 28.64 -38.75
CA LYS C 58 28.38 28.59 -40.06
C LYS C 58 27.44 28.03 -41.13
N LEU C 59 26.13 28.29 -40.99
CA LEU C 59 25.10 27.69 -41.82
C LEU C 59 23.93 28.66 -41.94
N PHE C 60 23.40 28.82 -43.15
CA PHE C 60 22.41 29.86 -43.41
C PHE C 60 21.45 29.46 -44.52
N ILE C 61 20.23 30.03 -44.47
CA ILE C 61 19.38 30.10 -45.67
C ILE C 61 19.65 31.41 -46.36
N VAL C 62 19.84 31.35 -47.67
CA VAL C 62 20.50 32.38 -48.43
C VAL C 62 19.73 32.60 -49.73
N GLN C 63 19.84 33.81 -50.27
CA GLN C 63 19.16 34.19 -51.50
C GLN C 63 20.18 34.46 -52.58
N GLN C 64 20.18 33.62 -53.62
CA GLN C 64 21.13 33.78 -54.71
C GLN C 64 20.95 35.12 -55.41
N LYS C 65 22.04 35.88 -55.51
CA LYS C 65 21.95 37.27 -55.96
C LYS C 65 21.27 37.40 -57.31
N VAL C 66 21.39 36.38 -58.17
CA VAL C 66 20.91 36.47 -59.55
C VAL C 66 19.63 35.66 -59.74
N SER C 67 19.66 34.38 -59.42
CA SER C 67 18.49 33.56 -59.68
C SER C 67 17.37 33.79 -58.68
N LYS C 68 17.67 34.30 -57.48
CA LYS C 68 16.71 34.54 -56.42
C LYS C 68 16.19 33.25 -55.81
N LYS C 69 16.91 32.16 -56.00
CA LYS C 69 16.54 30.93 -55.34
C LYS C 69 16.99 30.94 -53.90
N TRP C 70 16.25 30.24 -53.07
CA TRP C 70 16.63 30.07 -51.68
C TRP C 70 17.37 28.75 -51.53
N THR C 71 18.52 28.81 -50.84
CA THR C 71 19.37 27.64 -50.63
C THR C 71 19.95 27.67 -49.22
N VAL C 72 20.43 26.49 -48.80
CA VAL C 72 21.21 26.29 -47.57
C VAL C 72 22.67 26.51 -47.92
N ARG C 73 23.36 27.31 -47.14
CA ARG C 73 24.76 27.54 -47.48
C ARG C 73 25.65 27.51 -46.24
N CYS C 74 26.83 26.92 -46.42
CA CYS C 74 27.93 27.05 -45.47
C CYS C 74 28.43 28.48 -45.48
N GLU C 75 29.23 28.84 -44.48
CA GLU C 75 29.89 30.15 -44.54
C GLU C 75 30.94 30.20 -45.65
N CYS C 76 31.57 29.05 -45.96
CA CYS C 76 32.67 29.01 -46.93
C CYS C 76 32.16 29.25 -48.36
N GLY C 77 31.00 28.70 -48.70
CA GLY C 77 30.40 28.95 -50.00
C GLY C 77 29.48 27.86 -50.50
N HIS C 78 29.65 26.66 -49.97
CA HIS C 78 28.97 25.49 -50.53
C HIS C 78 27.45 25.57 -50.34
N ASP C 79 26.71 25.54 -51.45
CA ASP C 79 25.25 25.36 -51.41
C ASP C 79 24.93 23.87 -51.32
N PHE C 80 24.14 23.48 -50.31
CA PHE C 80 23.79 22.07 -50.10
C PHE C 80 22.58 21.65 -50.93
N CYS C 81 21.51 22.44 -50.88
CA CYS C 81 20.22 22.05 -51.45
C CYS C 81 19.28 23.25 -51.43
N ASP C 82 18.08 23.05 -51.97
CA ASP C 82 16.99 24.03 -51.91
C ASP C 82 16.53 24.15 -50.47
N TRP C 83 16.02 25.34 -50.09
CA TRP C 83 15.80 25.57 -48.65
C TRP C 83 14.72 24.69 -48.04
N LYS C 84 13.81 24.15 -48.82
CA LYS C 84 12.80 23.25 -48.28
C LYS C 84 13.29 21.82 -48.09
N ASP C 85 14.54 21.52 -48.42
CA ASP C 85 15.11 20.18 -48.26
C ASP C 85 16.00 20.10 -47.03
N ASN C 86 16.20 18.86 -46.57
CA ASN C 86 17.16 18.56 -45.51
C ASN C 86 18.58 18.70 -46.05
N TRP C 87 19.34 19.67 -45.51
CA TRP C 87 20.71 19.86 -45.96
C TRP C 87 21.56 18.62 -45.70
N LYS C 88 21.30 17.96 -44.56
CA LYS C 88 22.12 16.82 -44.17
C LYS C 88 22.08 15.73 -45.22
N LEU C 89 21.00 15.64 -45.99
CA LEU C 89 20.93 14.65 -47.05
C LEU C 89 21.98 14.89 -48.13
N SER C 90 22.47 16.11 -48.27
CA SER C 90 23.48 16.40 -49.28
C SER C 90 24.82 16.74 -48.64
N ALA C 91 25.05 16.24 -47.43
CA ALA C 91 26.29 16.46 -46.69
C ALA C 91 27.08 15.15 -46.59
N ARG C 92 28.24 15.20 -45.94
CA ARG C 92 28.99 14.01 -45.64
C ARG C 92 28.93 13.68 -44.15
N VAL C 93 28.90 12.38 -43.85
CA VAL C 93 28.60 11.90 -42.49
C VAL C 93 29.67 10.92 -41.99
N HIS C 94 30.08 11.08 -40.72
CA HIS C 94 30.92 10.11 -40.03
C HIS C 94 30.11 9.48 -38.92
N VAL C 95 30.02 8.16 -38.93
CA VAL C 95 29.25 7.39 -37.94
C VAL C 95 30.19 6.68 -36.96
N ARG C 96 30.05 7.01 -35.67
CA ARG C 96 30.77 6.34 -34.59
C ARG C 96 29.95 5.15 -34.09
N ASP C 97 30.25 3.97 -34.64
CA ASP C 97 29.50 2.76 -34.31
C ASP C 97 30.35 1.65 -33.69
N THR C 98 31.60 1.95 -33.30
CA THR C 98 32.43 0.99 -32.59
C THR C 98 33.04 1.60 -31.34
N PRO C 99 33.32 0.76 -30.33
CA PRO C 99 34.04 1.24 -29.13
C PRO C 99 35.34 2.01 -29.43
N GLN C 100 36.07 1.63 -30.48
CA GLN C 100 37.28 2.34 -30.87
C GLN C 100 37.02 3.79 -31.27
N LYS C 101 35.95 4.02 -32.06
CA LYS C 101 35.62 5.38 -32.47
C LYS C 101 34.98 6.17 -31.32
N MET C 102 34.14 5.54 -30.49
CA MET C 102 33.54 6.28 -29.38
C MET C 102 34.59 6.73 -28.38
N GLU C 103 35.64 5.92 -28.21
CA GLU C 103 36.71 6.17 -27.27
C GLU C 103 37.71 7.18 -27.78
N GLU C 104 37.41 7.84 -28.91
CA GLU C 104 38.16 8.99 -29.42
C GLU C 104 37.60 10.31 -28.92
N ILE C 105 36.39 10.31 -28.39
CA ILE C 105 35.73 11.52 -27.94
C ILE C 105 35.13 11.35 -26.56
N TYR C 106 35.34 10.21 -25.93
CA TYR C 106 34.89 9.86 -24.63
C TYR C 106 35.96 8.95 -24.06
N PRO C 107 36.25 9.04 -22.78
CA PRO C 107 36.97 7.94 -22.15
C PRO C 107 36.04 6.73 -22.07
N ARG C 108 36.64 5.55 -22.14
CA ARG C 108 35.87 4.32 -22.00
C ARG C 108 35.01 4.40 -20.73
N LEU C 109 33.91 3.64 -20.73
CA LEU C 109 32.92 3.64 -19.65
C LEU C 109 32.00 4.90 -19.68
N MET C 110 32.55 6.08 -20.03
CA MET C 110 31.72 7.25 -20.24
C MET C 110 31.21 7.37 -21.67
N ALA C 111 31.73 6.57 -22.60
CA ALA C 111 31.19 6.50 -23.95
C ALA C 111 29.85 5.75 -23.98
N PRO C 112 28.94 6.12 -24.86
CA PRO C 112 27.74 5.30 -25.06
C PRO C 112 28.15 3.98 -25.69
N THR C 113 27.28 2.98 -25.55
CA THR C 113 27.50 1.71 -26.23
C THR C 113 26.89 1.78 -27.62
N PRO C 114 27.67 1.51 -28.69
CA PRO C 114 27.19 1.81 -30.05
C PRO C 114 26.17 0.83 -30.60
N SER C 115 25.95 -0.32 -29.96
CA SER C 115 24.78 -1.10 -30.31
C SER C 115 23.50 -0.50 -29.72
N TRP C 116 23.57 0.55 -28.89
CA TRP C 116 22.36 1.24 -28.44
C TRP C 116 22.26 2.65 -28.98
N GLN C 117 23.39 3.30 -29.23
CA GLN C 117 23.39 4.73 -29.53
C GLN C 117 24.61 5.04 -30.37
N VAL C 118 24.42 5.84 -31.41
CA VAL C 118 25.45 6.14 -32.38
C VAL C 118 25.64 7.64 -32.45
N ILE C 119 26.86 8.06 -32.70
CA ILE C 119 27.18 9.46 -32.97
C ILE C 119 27.34 9.62 -34.48
N ARG C 120 26.47 10.40 -35.10
CA ARG C 120 26.55 10.71 -36.51
C ARG C 120 26.96 12.16 -36.70
N GLU C 121 28.19 12.37 -37.15
CA GLU C 121 28.69 13.73 -37.40
C GLU C 121 28.44 14.13 -38.84
N TYR C 122 28.05 15.39 -39.07
CA TYR C 122 27.68 15.88 -40.41
C TYR C 122 28.52 17.08 -40.83
N PHE C 123 29.29 16.93 -41.93
CA PHE C 123 30.26 17.92 -42.38
C PHE C 123 29.90 18.53 -43.73
N CYS C 124 30.33 19.78 -43.91
CA CYS C 124 30.31 20.41 -45.21
C CYS C 124 31.34 19.72 -46.10
N PRO C 125 31.05 19.55 -47.39
CA PRO C 125 31.98 18.83 -48.26
C PRO C 125 33.24 19.61 -48.57
N GLU C 126 33.19 20.94 -48.55
CA GLU C 126 34.34 21.74 -48.98
C GLU C 126 35.28 22.10 -47.84
N CYS C 127 34.75 22.38 -46.63
CA CYS C 127 35.57 22.93 -45.56
C CYS C 127 35.66 22.03 -44.34
N GLY C 128 34.97 20.89 -44.31
CA GLY C 128 35.06 20.01 -43.18
C GLY C 128 34.45 20.52 -41.92
N THR C 129 33.61 21.54 -42.00
CA THR C 129 33.03 22.12 -40.80
C THR C 129 31.92 21.22 -40.28
N LEU C 130 31.91 21.04 -38.98
CA LEU C 130 30.91 20.20 -38.34
C LEU C 130 29.67 21.04 -38.04
N HIS C 131 28.65 20.91 -38.87
CA HIS C 131 27.45 21.72 -38.72
C HIS C 131 26.44 21.11 -37.78
N ASP C 132 26.44 19.77 -37.59
CA ASP C 132 25.51 19.10 -36.69
C ASP C 132 25.94 17.65 -36.35
N VAL C 133 25.73 17.25 -35.09
CA VAL C 133 25.99 15.87 -34.63
C VAL C 133 24.72 15.33 -33.99
N GLU C 134 24.21 14.20 -34.53
CA GLU C 134 23.07 13.45 -34.02
C GLU C 134 23.54 12.32 -33.11
N ALA C 135 22.64 11.87 -32.24
CA ALA C 135 22.91 10.76 -31.33
C ALA C 135 21.74 9.79 -31.25
N PRO C 136 21.29 9.23 -32.41
CA PRO C 136 20.15 8.30 -32.37
C PRO C 136 20.56 6.85 -32.17
N THR C 137 19.62 5.95 -32.42
CA THR C 137 19.89 4.52 -32.43
C THR C 137 20.32 4.06 -33.81
N PRO C 138 20.79 2.83 -33.92
CA PRO C 138 20.88 2.21 -35.25
C PRO C 138 19.53 2.26 -35.91
N TRP C 139 19.55 2.34 -37.25
CA TRP C 139 18.41 2.36 -38.19
C TRP C 139 17.73 3.72 -38.27
N TYR C 140 17.99 4.63 -37.35
CA TYR C 140 17.07 5.76 -37.19
C TYR C 140 17.24 6.74 -38.34
N PRO C 141 16.16 7.20 -38.95
CA PRO C 141 16.30 8.11 -40.08
C PRO C 141 17.15 9.33 -39.74
N VAL C 142 17.62 9.97 -40.79
CA VAL C 142 18.20 11.29 -40.65
C VAL C 142 17.07 12.25 -40.29
N ILE C 143 17.40 13.30 -39.55
CA ILE C 143 16.41 14.18 -38.96
C ILE C 143 16.43 15.53 -39.68
N HIS C 144 15.26 15.94 -40.14
CA HIS C 144 15.06 17.25 -40.74
C HIS C 144 14.75 18.20 -39.60
N ASP C 145 15.77 18.95 -39.16
CA ASP C 145 15.69 19.66 -37.89
C ASP C 145 14.57 20.70 -37.91
N PHE C 146 14.57 21.56 -38.93
CA PHE C 146 13.85 22.82 -38.87
C PHE C 146 13.37 23.21 -40.27
N SER C 147 12.05 23.38 -40.40
CA SER C 147 11.37 23.83 -41.60
C SER C 147 10.70 25.14 -41.24
N PRO C 148 11.37 26.28 -41.47
CA PRO C 148 10.85 27.56 -40.99
C PRO C 148 9.82 28.16 -41.92
N ASP C 149 8.79 28.79 -41.32
CA ASP C 149 7.78 29.58 -42.03
C ASP C 149 8.36 30.97 -42.27
N ILE C 150 9.25 31.05 -43.26
CA ILE C 150 10.01 32.26 -43.49
C ILE C 150 9.12 33.42 -43.89
N GLU C 151 8.10 33.16 -44.72
CA GLU C 151 7.18 34.20 -45.17
C GLU C 151 6.44 34.85 -44.01
N GLY C 152 5.76 34.05 -43.20
CA GLY C 152 5.05 34.60 -42.06
C GLY C 152 5.95 35.36 -41.11
N PHE C 153 7.18 34.88 -40.92
CA PHE C 153 8.11 35.55 -40.00
C PHE C 153 8.37 36.96 -40.44
N TYR C 154 8.89 37.11 -41.66
CA TYR C 154 9.20 38.42 -42.20
C TYR C 154 7.94 39.30 -42.31
N GLN C 155 6.84 38.70 -42.77
CA GLN C 155 5.65 39.47 -43.16
C GLN C 155 4.76 39.81 -41.98
N GLU C 156 4.42 38.84 -41.15
CA GLU C 156 3.52 39.06 -40.02
C GLU C 156 4.27 39.41 -38.72
N TRP C 157 5.41 38.78 -38.39
CA TRP C 157 6.05 39.09 -37.11
C TRP C 157 7.05 40.23 -37.18
N LEU C 158 7.65 40.47 -38.35
CA LEU C 158 8.69 41.48 -38.49
C LEU C 158 8.24 42.72 -39.24
N GLY C 159 7.12 42.66 -39.98
CA GLY C 159 6.68 43.81 -40.76
C GLY C 159 7.58 44.14 -41.91
N LEU C 160 8.21 43.12 -42.51
CA LEU C 160 9.16 43.25 -43.60
C LEU C 160 8.67 42.55 -44.86
N PRO C 161 9.01 43.09 -46.03
CA PRO C 161 8.70 42.36 -47.27
C PRO C 161 9.47 41.05 -47.29
N VAL C 162 8.84 40.05 -47.89
CA VAL C 162 9.58 38.80 -48.08
C VAL C 162 10.63 39.03 -49.14
N PRO C 163 11.83 38.45 -49.03
CA PRO C 163 12.80 38.57 -50.12
C PRO C 163 12.26 37.88 -51.37
N GLU C 164 12.66 38.41 -52.54
CA GLU C 164 12.28 37.80 -53.80
C GLU C 164 12.58 36.30 -53.81
N ARG C 165 11.73 35.51 -54.46
CA ARG C 165 11.95 34.08 -54.41
C ARG C 165 11.53 33.42 -55.71
N ALA C 166 12.46 32.67 -56.30
CA ALA C 166 12.23 31.73 -57.39
C ALA C 166 12.25 30.29 -56.85
N ASP C 167 12.08 29.32 -57.74
CA ASP C 167 12.08 27.90 -57.33
C ASP C 167 13.36 27.15 -57.69
N THR D 14 -14.68 14.57 29.77
CA THR D 14 -15.89 14.11 29.10
C THR D 14 -16.10 12.60 29.36
N ARG D 15 -17.30 12.10 29.04
CA ARG D 15 -17.72 10.76 29.48
C ARG D 15 -17.46 9.68 28.43
N GLY D 16 -16.96 8.54 28.88
CA GLY D 16 -16.68 7.43 27.98
C GLY D 16 -17.93 6.85 27.35
N ILE D 17 -17.69 6.09 26.26
CA ILE D 17 -18.76 5.62 25.38
C ILE D 17 -19.34 4.28 25.79
N VAL D 18 -18.73 3.55 26.73
CA VAL D 18 -19.23 2.22 27.01
C VAL D 18 -20.52 2.35 27.81
N ARG D 19 -21.35 1.31 27.72
CA ARG D 19 -22.61 1.29 28.45
C ARG D 19 -22.46 1.75 29.90
N GLY D 20 -21.31 1.50 30.53
CA GLY D 20 -21.14 1.97 31.89
C GLY D 20 -21.06 3.49 32.04
N GLY D 21 -20.59 4.19 31.02
CA GLY D 21 -20.07 5.53 31.19
C GLY D 21 -18.55 5.58 31.18
N GLU D 22 -17.89 4.44 31.34
CA GLU D 22 -16.44 4.40 31.23
C GLU D 22 -16.03 4.33 29.77
N THR D 23 -14.81 4.76 29.51
CA THR D 23 -14.20 4.60 28.20
C THR D 23 -13.93 3.13 27.91
N LEU D 24 -13.72 2.85 26.61
CA LEU D 24 -13.27 1.53 26.17
C LEU D 24 -12.03 1.07 26.93
N LYS D 25 -11.07 1.97 27.15
CA LYS D 25 -9.82 1.57 27.79
C LYS D 25 -10.01 1.31 29.28
N GLU D 26 -10.68 2.23 29.98
CA GLU D 26 -10.95 1.97 31.39
C GLU D 26 -11.74 0.68 31.54
N HIS D 27 -12.70 0.45 30.65
CA HIS D 27 -13.57 -0.70 30.78
C HIS D 27 -12.77 -2.00 30.67
N ARG D 28 -11.94 -2.12 29.62
CA ARG D 28 -11.16 -3.35 29.48
C ARG D 28 -10.09 -3.45 30.56
N ASP D 29 -9.38 -2.35 30.86
CA ASP D 29 -8.37 -2.38 31.91
C ASP D 29 -8.95 -2.90 33.23
N ARG D 30 -10.13 -2.40 33.64
CA ARG D 30 -10.82 -2.92 34.81
C ARG D 30 -11.02 -4.43 34.70
N LEU D 31 -11.48 -4.91 33.54
CA LEU D 31 -11.80 -6.34 33.39
C LEU D 31 -10.55 -7.20 33.33
N MET D 32 -9.47 -6.71 32.74
CA MET D 32 -8.27 -7.55 32.70
C MET D 32 -7.64 -7.62 34.09
N ALA D 33 -7.78 -6.58 34.88
CA ALA D 33 -7.26 -6.61 36.24
C ALA D 33 -8.01 -7.64 37.08
N ALA D 34 -9.34 -7.60 37.02
CA ALA D 34 -10.14 -8.63 37.72
C ALA D 34 -9.69 -10.03 37.30
N THR D 35 -9.49 -10.24 36.00
CA THR D 35 -9.10 -11.55 35.50
C THR D 35 -7.72 -11.93 36.02
N LYS D 36 -6.76 -11.00 35.98
CA LYS D 36 -5.43 -11.29 36.52
C LYS D 36 -5.51 -11.63 38.01
N ALA D 37 -6.14 -10.77 38.81
CA ALA D 37 -6.17 -11.01 40.25
C ALA D 37 -6.92 -12.30 40.60
N THR D 38 -7.99 -12.60 39.86
CA THR D 38 -8.96 -13.59 40.27
C THR D 38 -8.80 -14.95 39.61
N GLY D 39 -8.20 -15.03 38.41
CA GLY D 39 -8.10 -16.28 37.68
C GLY D 39 -9.32 -16.68 36.87
N ARG D 40 -10.38 -15.89 36.90
CA ARG D 40 -11.63 -16.14 36.17
C ARG D 40 -11.89 -14.92 35.31
N TYR D 41 -12.38 -15.16 34.08
CA TYR D 41 -12.61 -14.04 33.16
C TYR D 41 -13.51 -13.01 33.85
N ALA D 42 -13.03 -11.75 33.93
CA ALA D 42 -13.72 -10.59 34.50
C ALA D 42 -14.05 -10.72 35.99
N GLY D 43 -13.45 -11.67 36.68
CA GLY D 43 -13.76 -11.85 38.08
C GLY D 43 -14.96 -12.70 38.39
N LEU D 44 -15.58 -13.32 37.38
CA LEU D 44 -16.86 -14.02 37.56
C LEU D 44 -16.68 -15.34 38.32
N LYS D 45 -16.65 -15.24 39.67
CA LYS D 45 -16.58 -16.45 40.49
C LYS D 45 -17.91 -17.18 40.49
N THR D 46 -18.98 -16.49 40.13
CA THR D 46 -20.30 -17.08 39.96
C THR D 46 -20.89 -16.47 38.70
N LEU D 47 -21.74 -17.24 38.04
CA LEU D 47 -22.38 -16.82 36.79
C LEU D 47 -23.85 -16.52 37.11
N GLU D 48 -24.15 -15.26 37.39
CA GLU D 48 -25.48 -14.86 37.84
C GLU D 48 -26.59 -15.39 36.93
N LEU D 49 -26.57 -14.96 35.66
CA LEU D 49 -27.64 -15.32 34.74
C LEU D 49 -27.77 -16.83 34.62
N ARG D 50 -26.66 -17.52 34.30
CA ARG D 50 -26.67 -18.97 34.06
C ARG D 50 -27.14 -19.76 35.27
N GLU D 51 -26.63 -19.43 36.44
CA GLU D 51 -27.10 -20.11 37.64
C GLU D 51 -28.55 -19.72 37.93
N ARG D 52 -28.89 -18.43 37.83
CA ARG D 52 -30.19 -18.01 38.34
C ARG D 52 -31.31 -18.08 37.31
N GLU D 53 -31.03 -17.87 36.03
CA GLU D 53 -32.05 -17.94 34.98
C GLU D 53 -31.52 -18.79 33.83
N PRO D 54 -31.19 -20.05 34.09
CA PRO D 54 -30.56 -20.86 33.04
C PRO D 54 -31.39 -20.95 31.77
N ILE D 55 -32.73 -20.90 31.90
CA ILE D 55 -33.60 -20.89 30.72
C ILE D 55 -33.33 -19.66 29.89
N LEU D 56 -33.40 -18.48 30.51
CA LEU D 56 -33.10 -17.24 29.80
C LEU D 56 -31.67 -17.22 29.27
N TYR D 57 -30.75 -17.86 29.98
CA TYR D 57 -29.36 -17.88 29.54
C TYR D 57 -29.20 -18.66 28.24
N ASN D 58 -29.87 -19.81 28.13
CA ASN D 58 -29.69 -20.62 26.94
C ASN D 58 -30.48 -20.07 25.76
N LYS D 59 -31.65 -19.47 26.05
CA LYS D 59 -32.48 -18.85 25.02
C LYS D 59 -31.73 -17.73 24.32
N LEU D 60 -31.03 -16.87 25.10
CA LEU D 60 -30.14 -15.89 24.48
C LEU D 60 -29.04 -16.58 23.66
N PHE D 61 -28.41 -17.61 24.24
CA PHE D 61 -27.34 -18.31 23.54
C PHE D 61 -27.85 -18.90 22.22
N SER D 62 -28.95 -19.66 22.27
CA SER D 62 -29.46 -20.37 21.10
C SER D 62 -29.90 -19.42 19.99
N ARG D 63 -30.52 -18.29 20.34
CA ARG D 63 -30.96 -17.35 19.32
C ARG D 63 -29.81 -16.56 18.72
N LEU D 64 -28.78 -16.23 19.51
CA LEU D 64 -27.68 -15.44 18.96
C LEU D 64 -26.72 -16.31 18.17
N ARG D 65 -26.42 -17.52 18.63
CA ARG D 65 -25.56 -18.34 17.80
C ARG D 65 -26.24 -18.70 16.49
N ALA D 66 -27.57 -18.85 16.50
CA ALA D 66 -28.27 -19.07 15.24
C ALA D 66 -28.13 -17.86 14.34
N GLY D 67 -28.17 -16.67 14.93
CA GLY D 67 -28.05 -15.45 14.14
C GLY D 67 -26.74 -15.33 13.38
N VAL D 68 -25.63 -15.68 14.02
CA VAL D 68 -24.35 -15.50 13.35
C VAL D 68 -24.11 -16.61 12.33
N VAL D 69 -24.55 -17.82 12.65
CA VAL D 69 -24.52 -18.94 11.70
C VAL D 69 -25.30 -18.57 10.44
N ASP D 70 -26.51 -18.00 10.62
CA ASP D 70 -27.42 -17.71 9.51
C ASP D 70 -26.98 -16.48 8.74
N ALA D 71 -26.38 -15.51 9.43
CA ALA D 71 -25.81 -14.33 8.75
C ALA D 71 -24.69 -14.74 7.81
N ARG D 72 -23.73 -15.53 8.31
CA ARG D 72 -22.64 -16.00 7.46
C ARG D 72 -23.20 -16.76 6.26
N GLU D 73 -24.22 -17.57 6.49
CA GLU D 73 -24.74 -18.42 5.43
C GLU D 73 -25.42 -17.60 4.33
N THR D 74 -26.25 -16.63 4.71
CA THR D 74 -26.93 -15.74 3.78
C THR D 74 -25.94 -14.87 3.01
N ALA D 75 -25.14 -14.07 3.72
CA ALA D 75 -24.35 -13.05 3.07
C ALA D 75 -23.34 -13.64 2.08
N LYS D 76 -22.93 -14.89 2.28
CA LYS D 76 -21.94 -15.44 1.36
C LYS D 76 -22.49 -15.62 -0.04
N LYS D 77 -23.79 -15.41 -0.25
CA LYS D 77 -24.39 -15.44 -1.58
C LYS D 77 -24.25 -14.10 -2.31
N ILE D 78 -23.54 -13.14 -1.72
CA ILE D 78 -23.32 -11.86 -2.37
C ILE D 78 -22.01 -11.88 -3.15
N ALA D 79 -21.11 -12.80 -2.84
CA ALA D 79 -19.76 -12.73 -3.40
C ALA D 79 -19.67 -13.39 -4.78
N ALA D 80 -18.83 -12.79 -5.62
CA ALA D 80 -18.50 -13.37 -6.92
C ALA D 80 -17.41 -14.42 -6.79
N SER D 81 -16.44 -14.21 -5.90
CA SER D 81 -15.36 -15.15 -5.69
C SER D 81 -15.88 -16.45 -5.10
N PRO D 82 -15.55 -17.61 -5.68
CA PRO D 82 -16.03 -18.88 -5.11
C PRO D 82 -15.43 -19.19 -3.74
N ILE D 83 -14.29 -18.60 -3.41
CA ILE D 83 -13.69 -18.74 -2.09
C ILE D 83 -14.71 -18.42 -1.01
N VAL D 84 -15.47 -17.35 -1.20
CA VAL D 84 -16.49 -16.98 -0.22
C VAL D 84 -17.81 -17.68 -0.51
N GLU D 85 -18.23 -17.71 -1.79
CA GLU D 85 -19.59 -18.13 -2.11
C GLU D 85 -19.78 -19.63 -1.93
N GLN D 86 -18.84 -20.45 -2.39
CA GLN D 86 -19.02 -21.89 -2.26
C GLN D 86 -18.21 -22.49 -1.12
N GLU D 87 -16.93 -22.11 -1.01
CA GLU D 87 -16.07 -22.71 0.01
C GLU D 87 -16.33 -22.15 1.39
N GLY D 88 -16.88 -20.95 1.47
CA GLY D 88 -17.21 -20.41 2.77
C GLY D 88 -16.02 -19.95 3.57
N GLU D 89 -14.93 -19.49 2.92
CA GLU D 89 -13.83 -18.94 3.71
C GLU D 89 -14.20 -17.52 4.13
N LEU D 90 -15.15 -17.46 5.06
CA LEU D 90 -15.65 -16.22 5.63
C LEU D 90 -16.10 -16.56 7.05
N CYS D 91 -16.11 -15.56 7.93
CA CYS D 91 -16.51 -15.80 9.32
C CYS D 91 -17.22 -14.57 9.89
N PHE D 92 -18.20 -14.81 10.79
CA PHE D 92 -18.78 -13.68 11.56
C PHE D 92 -18.73 -13.93 13.05
N THR D 93 -18.20 -12.94 13.80
CA THR D 93 -18.02 -13.02 15.25
C THR D 93 -18.65 -11.84 15.99
N LEU D 94 -19.27 -12.13 17.12
CA LEU D 94 -19.88 -11.13 17.99
C LEU D 94 -19.04 -10.97 19.25
N TYR D 95 -18.78 -9.72 19.63
CA TYR D 95 -17.85 -9.33 20.70
C TYR D 95 -18.53 -8.47 21.77
N ASN D 96 -17.99 -8.52 22.98
CA ASN D 96 -18.45 -7.59 24.00
C ASN D 96 -17.69 -6.28 23.81
N ALA D 97 -17.90 -5.35 24.74
CA ALA D 97 -17.27 -4.04 24.61
C ALA D 97 -15.77 -4.14 24.65
N ALA D 98 -15.25 -5.05 25.49
CA ALA D 98 -13.81 -5.18 25.70
C ALA D 98 -13.13 -5.99 24.60
N GLY D 99 -13.89 -6.39 23.58
CA GLY D 99 -13.31 -7.12 22.46
C GLY D 99 -13.13 -8.59 22.71
N ASP D 100 -13.95 -9.19 23.55
CA ASP D 100 -13.90 -10.62 23.75
C ASP D 100 -15.07 -11.29 23.04
N SER D 101 -14.80 -12.35 22.29
CA SER D 101 -15.87 -12.97 21.53
C SER D 101 -16.88 -13.63 22.46
N LEU D 102 -18.16 -13.47 22.14
CA LEU D 102 -19.20 -14.25 22.79
C LEU D 102 -19.55 -15.48 21.99
N LEU D 103 -19.75 -15.33 20.67
CA LEU D 103 -20.17 -16.43 19.79
C LEU D 103 -19.62 -16.24 18.39
N THR D 104 -19.56 -17.34 17.62
CA THR D 104 -19.09 -17.27 16.23
C THR D 104 -19.86 -18.23 15.33
N SER D 105 -20.01 -17.83 14.07
CA SER D 105 -20.26 -18.83 13.04
C SER D 105 -19.04 -19.71 12.85
N THR D 106 -19.24 -20.86 12.23
CA THR D 106 -18.11 -21.70 11.83
C THR D 106 -17.38 -21.04 10.66
N GLY D 107 -16.49 -21.80 9.98
CA GLY D 107 -15.70 -21.27 8.88
C GLY D 107 -14.30 -20.91 9.32
N ILE D 108 -13.73 -19.79 8.83
CA ILE D 108 -12.34 -19.41 9.16
C ILE D 108 -12.29 -18.71 10.52
N ILE D 109 -12.59 -19.46 11.57
CA ILE D 109 -12.80 -18.91 12.90
C ILE D 109 -11.49 -18.50 13.58
N ILE D 110 -10.36 -18.64 12.89
CA ILE D 110 -9.13 -18.11 13.50
C ILE D 110 -9.27 -16.61 13.68
N HIS D 111 -10.15 -15.96 12.93
CA HIS D 111 -10.29 -14.52 13.05
C HIS D 111 -11.18 -14.08 14.21
N VAL D 112 -11.83 -15.01 14.89
CA VAL D 112 -12.32 -14.73 16.23
C VAL D 112 -11.25 -13.97 17.02
N GLY D 113 -10.01 -14.50 17.02
CA GLY D 113 -8.93 -13.85 17.73
C GLY D 113 -8.31 -12.67 16.99
N THR D 114 -8.27 -12.72 15.66
CA THR D 114 -7.62 -11.62 14.97
C THR D 114 -8.46 -10.36 15.07
N MET D 115 -9.74 -10.44 14.76
CA MET D 115 -10.59 -9.26 14.89
C MET D 115 -10.67 -8.81 16.36
N GLY D 116 -10.55 -9.72 17.32
CA GLY D 116 -10.54 -9.31 18.72
C GLY D 116 -9.32 -8.49 19.07
N ALA D 117 -8.17 -8.86 18.50
CA ALA D 117 -6.91 -8.15 18.69
C ALA D 117 -6.91 -6.80 17.98
N ALA D 118 -7.59 -6.71 16.84
CA ALA D 118 -7.79 -5.41 16.21
C ALA D 118 -8.69 -4.53 17.08
N ILE D 119 -9.80 -5.06 17.59
CA ILE D 119 -10.67 -4.27 18.45
C ILE D 119 -9.89 -3.77 19.66
N LYS D 120 -9.03 -4.63 20.22
CA LYS D 120 -8.27 -4.26 21.40
C LYS D 120 -7.15 -3.28 21.06
N TYR D 121 -6.54 -3.41 19.89
CA TYR D 121 -5.54 -2.42 19.49
C TYR D 121 -6.15 -1.02 19.48
N MET D 122 -7.39 -0.89 18.95
CA MET D 122 -8.10 0.38 18.97
C MET D 122 -8.31 0.86 20.40
N ILE D 123 -8.74 -0.05 21.28
CA ILE D 123 -8.99 0.29 22.67
C ILE D 123 -7.75 0.93 23.29
N GLU D 124 -6.57 0.37 22.98
CA GLU D 124 -5.34 0.75 23.66
C GLU D 124 -4.71 1.98 23.08
N ASN D 125 -5.10 2.35 21.87
CA ASN D 125 -4.49 3.50 21.21
C ASN D 125 -5.45 4.65 21.11
N ASN D 126 -6.52 4.61 21.91
CA ASN D 126 -7.36 5.77 22.13
C ASN D 126 -8.07 6.18 20.85
N TRP D 127 -8.52 5.18 20.07
CA TRP D 127 -9.39 5.43 18.92
C TRP D 127 -10.60 6.20 19.34
N GLU D 128 -11.01 6.03 20.60
CA GLU D 128 -12.17 6.73 21.11
C GLU D 128 -11.98 8.23 20.97
N ALA D 129 -10.82 8.76 21.40
CA ALA D 129 -10.55 10.19 21.22
C ALA D 129 -10.42 10.57 19.74
N ASN D 130 -9.76 9.72 18.93
CA ASN D 130 -9.49 9.96 17.51
C ASN D 130 -9.17 8.63 16.85
N PRO D 131 -9.95 8.24 15.80
CA PRO D 131 -10.94 9.04 15.05
C PRO D 131 -12.38 9.05 15.62
N GLY D 132 -12.55 8.44 16.79
CA GLY D 132 -13.85 8.31 17.41
C GLY D 132 -14.52 7.03 16.99
N VAL D 133 -15.20 6.35 17.92
CA VAL D 133 -16.08 5.24 17.58
C VAL D 133 -17.51 5.78 17.70
N HIS D 134 -18.13 6.03 16.56
CA HIS D 134 -19.48 6.59 16.52
C HIS D 134 -20.43 5.52 16.02
N ASP D 135 -21.71 5.65 16.39
CA ASP D 135 -22.71 4.73 15.88
C ASP D 135 -22.70 4.78 14.37
N LYS D 136 -23.10 3.68 13.74
CA LYS D 136 -23.26 3.64 12.30
C LYS D 136 -21.93 3.71 11.57
N ASP D 137 -20.81 3.89 12.27
CA ASP D 137 -19.47 3.89 11.66
C ASP D 137 -19.14 2.51 11.08
N ILE D 138 -18.08 2.45 10.23
CA ILE D 138 -17.61 1.20 9.62
C ILE D 138 -16.09 1.17 9.58
N PHE D 139 -15.49 0.16 10.17
CA PHE D 139 -14.03 0.04 10.18
C PHE D 139 -13.57 -1.11 9.30
N CYS D 140 -12.45 -0.89 8.63
CA CYS D 140 -11.86 -1.95 7.81
C CYS D 140 -10.41 -2.13 8.20
N ASN D 141 -9.98 -3.38 8.29
CA ASN D 141 -8.62 -3.61 8.75
C ASN D 141 -8.10 -4.97 8.27
N ASN D 142 -6.77 -5.06 8.09
CA ASN D 142 -6.11 -6.36 7.88
C ASN D 142 -4.67 -6.41 8.37
N ASP D 143 -4.21 -5.42 9.14
CA ASP D 143 -2.80 -5.27 9.50
C ASP D 143 -2.24 -6.49 10.27
N SER D 144 -1.26 -7.17 9.67
CA SER D 144 -0.66 -8.36 10.26
C SER D 144 0.26 -8.05 11.44
N LEU D 145 0.85 -6.85 11.49
CA LEU D 145 1.65 -6.51 12.66
C LEU D 145 0.81 -6.47 13.94
N ILE D 146 -0.51 -6.23 13.82
CA ILE D 146 -1.41 -6.29 14.96
C ILE D 146 -2.00 -7.69 15.17
N GLY D 147 -1.60 -8.67 14.40
CA GLY D 147 -2.05 -10.00 14.66
C GLY D 147 -3.02 -10.60 13.70
N ASN D 148 -3.13 -10.05 12.49
CA ASN D 148 -3.91 -10.70 11.44
C ASN D 148 -3.06 -11.77 10.75
N VAL D 149 -3.75 -12.78 10.21
CA VAL D 149 -3.04 -13.92 9.63
C VAL D 149 -2.17 -13.50 8.45
N HIS D 150 -2.74 -12.73 7.50
CA HIS D 150 -2.12 -12.35 6.23
C HIS D 150 -2.95 -11.24 5.59
N PRO D 151 -2.38 -10.38 4.74
CA PRO D 151 -3.20 -9.26 4.22
C PRO D 151 -4.48 -9.71 3.52
N CYS D 152 -4.49 -10.86 2.87
CA CYS D 152 -5.68 -11.24 2.12
C CYS D 152 -6.90 -11.51 2.96
N ASP D 153 -6.77 -11.57 4.29
CA ASP D 153 -7.95 -11.78 5.13
C ASP D 153 -8.37 -10.40 5.69
N ILE D 154 -9.44 -9.85 5.13
CA ILE D 154 -9.82 -8.47 5.41
C ILE D 154 -11.01 -8.47 6.35
N HIS D 155 -10.88 -7.73 7.47
CA HIS D 155 -11.95 -7.56 8.47
C HIS D 155 -12.78 -6.34 8.16
N THR D 156 -14.09 -6.45 8.36
CA THR D 156 -14.99 -5.32 8.61
C THR D 156 -15.42 -5.36 10.07
N ILE D 157 -15.31 -4.23 10.76
CA ILE D 157 -15.63 -4.15 12.17
C ILE D 157 -16.64 -3.03 12.40
N VAL D 158 -17.81 -3.37 12.92
CA VAL D 158 -18.85 -2.39 13.23
C VAL D 158 -19.08 -2.36 14.73
N PRO D 159 -19.05 -1.20 15.37
CA PRO D 159 -19.53 -1.12 16.76
C PRO D 159 -21.05 -1.25 16.81
N ILE D 160 -21.52 -1.85 17.90
CA ILE D 160 -22.96 -1.96 18.19
C ILE D 160 -23.28 -1.04 19.36
N PHE D 161 -24.30 -0.20 19.20
CA PHE D 161 -24.67 0.77 20.22
C PHE D 161 -26.06 0.48 20.72
N TRP D 162 -26.30 0.88 21.97
CA TRP D 162 -27.62 0.73 22.58
C TRP D 162 -27.90 1.94 23.44
N GLU D 163 -29.00 2.62 23.15
CA GLU D 163 -29.38 3.82 23.88
C GLU D 163 -28.20 4.79 24.01
N GLY D 164 -27.36 4.84 22.98
CA GLY D 164 -26.31 5.83 22.89
C GLY D 164 -24.97 5.38 23.39
N GLU D 165 -24.82 4.11 23.75
CA GLU D 165 -23.60 3.58 24.33
C GLU D 165 -23.16 2.32 23.60
N LEU D 166 -21.85 2.10 23.53
CA LEU D 166 -21.35 0.88 22.92
C LEU D 166 -21.61 -0.29 23.85
N ILE D 167 -22.15 -1.39 23.30
CA ILE D 167 -22.33 -2.62 24.07
C ILE D 167 -21.60 -3.81 23.44
N GLY D 168 -20.79 -3.59 22.43
CA GLY D 168 -20.13 -4.68 21.75
C GLY D 168 -19.85 -4.30 20.31
N TRP D 169 -19.24 -5.24 19.59
CA TRP D 169 -18.86 -5.05 18.20
C TRP D 169 -19.28 -6.25 17.37
N VAL D 170 -19.48 -6.06 16.05
CA VAL D 170 -19.50 -7.19 15.11
C VAL D 170 -18.25 -7.14 14.23
N GLY D 171 -17.65 -8.31 13.99
CA GLY D 171 -16.57 -8.46 13.01
C GLY D 171 -16.95 -9.41 11.89
N GLY D 172 -16.65 -9.00 10.65
CA GLY D 172 -16.73 -9.93 9.53
C GLY D 172 -15.42 -10.12 8.75
N VAL D 173 -15.05 -11.36 8.44
CA VAL D 173 -13.84 -11.66 7.67
C VAL D 173 -14.20 -12.34 6.35
N THR D 174 -13.61 -11.86 5.26
CA THR D 174 -13.52 -12.65 4.02
C THR D 174 -12.07 -12.80 3.57
N HIS D 175 -11.73 -13.99 3.11
CA HIS D 175 -10.50 -14.18 2.33
C HIS D 175 -10.71 -13.68 0.91
N VAL D 176 -9.88 -12.76 0.54
CA VAL D 176 -9.95 -12.02 -0.70
C VAL D 176 -8.97 -12.66 -1.66
N ILE D 177 -9.26 -12.58 -2.97
CA ILE D 177 -8.41 -13.28 -3.91
C ILE D 177 -7.00 -12.70 -3.87
N ASP D 178 -6.89 -11.37 -3.81
CA ASP D 178 -5.55 -10.77 -3.87
C ASP D 178 -5.63 -9.37 -3.34
N THR D 179 -4.50 -8.91 -2.83
CA THR D 179 -4.43 -7.59 -2.23
C THR D 179 -3.29 -6.78 -2.83
N GLY D 180 -2.95 -7.08 -4.08
CA GLY D 180 -1.93 -6.34 -4.77
C GLY D 180 -0.52 -6.51 -4.23
N ALA D 181 -0.14 -7.71 -3.83
CA ALA D 181 1.27 -7.96 -3.56
C ALA D 181 2.07 -8.05 -4.87
N VAL D 182 3.39 -8.21 -4.76
CA VAL D 182 4.23 -8.40 -5.94
C VAL D 182 3.80 -9.67 -6.69
N GLY D 183 3.54 -10.74 -5.95
CA GLY D 183 3.01 -11.96 -6.50
C GLY D 183 1.53 -11.89 -6.82
N PRO D 184 1.15 -12.47 -7.94
CA PRO D 184 -0.27 -12.57 -8.29
C PRO D 184 -0.92 -13.80 -7.65
N GLY D 185 -1.71 -13.57 -6.62
CA GLY D 185 -2.31 -14.63 -5.83
C GLY D 185 -2.42 -14.22 -4.38
N SER D 186 -2.94 -15.10 -3.53
CA SER D 186 -3.11 -14.71 -2.14
C SER D 186 -1.97 -15.23 -1.26
N MET D 187 -1.54 -16.46 -1.48
CA MET D 187 -0.37 -16.97 -0.77
C MET D 187 0.90 -16.60 -1.53
N ALA D 188 1.06 -15.29 -1.79
CA ALA D 188 1.99 -14.85 -2.83
C ALA D 188 3.45 -14.98 -2.41
N THR D 189 4.27 -15.38 -3.37
CA THR D 189 5.70 -15.16 -3.33
C THR D 189 6.12 -14.05 -4.30
N GLY D 190 7.38 -13.65 -4.18
CA GLY D 190 7.92 -12.55 -4.96
C GLY D 190 8.51 -11.50 -4.04
N GLN D 191 7.67 -10.93 -3.19
CA GLN D 191 8.10 -9.99 -2.18
C GLN D 191 8.75 -10.69 -0.99
N VAL D 192 9.65 -9.98 -0.31
CA VAL D 192 10.48 -10.57 0.72
C VAL D 192 10.43 -9.77 2.03
N GLN D 193 9.75 -8.61 1.99
CA GLN D 193 9.53 -7.73 3.15
C GLN D 193 8.07 -7.32 3.20
N ARG D 194 7.71 -6.52 4.22
CA ARG D 194 6.37 -5.94 4.23
C ARG D 194 6.15 -5.09 2.98
N PHE D 195 7.17 -4.33 2.57
CA PHE D 195 7.10 -3.45 1.41
C PHE D 195 6.98 -4.24 0.11
N GLY D 196 5.76 -4.37 -0.40
CA GLY D 196 5.44 -5.27 -1.49
C GLY D 196 4.49 -6.39 -1.12
N ASP D 197 4.23 -6.60 0.16
CA ASP D 197 3.38 -7.70 0.59
C ASP D 197 1.87 -7.40 0.47
N GLY D 198 1.47 -6.28 -0.10
CA GLY D 198 0.08 -6.05 -0.44
C GLY D 198 -0.59 -5.02 0.46
N TYR D 199 -1.78 -4.61 0.05
CA TYR D 199 -2.50 -3.47 0.62
C TYR D 199 -2.75 -3.67 2.11
N SER D 200 -2.14 -2.87 2.97
CA SER D 200 -2.21 -3.10 4.43
C SER D 200 -3.01 -2.01 5.14
N ILE D 201 -4.19 -2.35 5.64
CA ILE D 201 -5.12 -1.38 6.25
C ILE D 201 -5.08 -1.52 7.78
N THR D 202 -4.74 -0.44 8.47
CA THR D 202 -4.60 -0.47 9.95
C THR D 202 -5.82 0.19 10.60
N CYS D 203 -6.85 -0.63 10.87
CA CYS D 203 -8.06 -0.18 11.57
C CYS D 203 -8.59 1.15 11.00
N ARG D 204 -8.80 1.20 9.68
CA ARG D 204 -9.22 2.44 9.06
C ARG D 204 -10.71 2.63 9.30
N LYS D 205 -11.12 3.88 9.58
CA LYS D 205 -12.54 4.20 9.51
C LYS D 205 -12.87 4.43 8.04
N VAL D 206 -13.70 3.54 7.51
CA VAL D 206 -13.93 3.41 6.09
C VAL D 206 -15.35 3.81 5.74
N GLY D 207 -16.22 3.90 6.73
CA GLY D 207 -17.54 4.42 6.51
C GLY D 207 -18.00 5.10 7.78
N ALA D 208 -18.99 5.98 7.60
CA ALA D 208 -19.80 6.59 8.64
C ALA D 208 -21.24 6.62 8.16
N ASN D 209 -22.15 6.80 9.09
CA ASN D 209 -23.58 6.75 8.78
C ASN D 209 -23.87 5.65 7.77
N ASP D 210 -23.29 4.50 8.03
CA ASP D 210 -23.59 3.26 7.31
C ASP D 210 -23.20 3.33 5.83
N THR D 211 -22.36 4.30 5.43
CA THR D 211 -22.03 4.47 4.02
C THR D 211 -20.53 4.56 3.82
N LEU D 212 -20.00 3.85 2.80
CA LEU D 212 -18.55 3.84 2.57
C LEU D 212 -18.05 5.17 1.99
N PHE D 213 -16.80 5.48 2.25
CA PHE D 213 -16.19 6.74 1.83
C PHE D 213 -15.62 6.59 0.42
N ARG D 214 -15.92 7.56 -0.45
CA ARG D 214 -15.54 7.47 -1.86
C ARG D 214 -14.02 7.40 -2.04
N ASP D 215 -13.27 8.14 -1.23
CA ASP D 215 -11.80 8.11 -1.34
C ASP D 215 -11.22 6.77 -0.92
N TRP D 216 -11.91 6.05 -0.02
CA TRP D 216 -11.54 4.68 0.29
C TRP D 216 -11.90 3.78 -0.86
N LEU D 217 -13.04 4.02 -1.49
CA LEU D 217 -13.50 3.17 -2.58
C LEU D 217 -12.54 3.22 -3.76
N HIS D 218 -12.19 4.43 -4.20
CA HIS D 218 -11.37 4.59 -5.38
C HIS D 218 -9.97 4.08 -5.14
N GLU D 219 -9.38 4.50 -4.03
CA GLU D 219 -8.02 4.08 -3.71
C GLU D 219 -7.95 2.58 -3.58
N SER D 220 -8.80 2.01 -2.71
CA SER D 220 -8.66 0.59 -2.41
C SER D 220 -8.84 -0.27 -3.67
N GLN D 221 -9.78 0.09 -4.55
CA GLN D 221 -10.06 -0.80 -5.68
C GLN D 221 -8.94 -0.82 -6.71
N ARG D 222 -8.13 0.24 -6.78
CA ARG D 222 -6.98 0.29 -7.69
C ARG D 222 -5.67 -0.20 -7.04
N MET D 223 -5.69 -0.65 -5.78
CA MET D 223 -4.51 -1.31 -5.23
C MET D 223 -4.51 -2.82 -5.45
N VAL D 224 -5.57 -3.39 -6.03
CA VAL D 224 -5.65 -4.84 -6.21
C VAL D 224 -5.95 -5.22 -7.65
N ARG D 225 -5.79 -6.51 -7.94
CA ARG D 225 -6.10 -6.97 -9.27
C ARG D 225 -7.58 -7.28 -9.39
N THR D 226 -8.07 -8.20 -8.58
CA THR D 226 -9.40 -8.77 -8.79
C THR D 226 -10.46 -7.87 -8.14
N THR D 227 -10.69 -6.73 -8.79
CA THR D 227 -11.45 -5.63 -8.20
C THR D 227 -12.91 -6.01 -7.96
N ARG D 228 -13.65 -6.39 -9.02
CA ARG D 228 -15.06 -6.76 -8.81
C ARG D 228 -15.23 -7.76 -7.67
N TYR D 229 -14.31 -8.72 -7.57
CA TYR D 229 -14.35 -9.69 -6.48
C TYR D 229 -14.20 -9.03 -5.12
N TRP D 230 -13.25 -8.07 -5.02
CA TRP D 230 -12.98 -7.37 -3.78
C TRP D 230 -14.18 -6.52 -3.38
N MET D 231 -14.73 -5.78 -4.33
CA MET D 231 -15.90 -4.97 -4.07
C MET D 231 -17.01 -5.81 -3.44
N LEU D 232 -17.33 -6.94 -4.07
CA LEU D 232 -18.43 -7.75 -3.54
C LEU D 232 -18.05 -8.41 -2.22
N ASP D 233 -16.77 -8.69 -1.99
CA ASP D 233 -16.38 -9.21 -0.67
C ASP D 233 -16.59 -8.16 0.42
N GLU D 234 -16.53 -6.88 0.07
CA GLU D 234 -16.86 -5.84 1.04
C GLU D 234 -18.34 -5.90 1.39
N ARG D 235 -19.22 -5.95 0.38
CA ARG D 235 -20.65 -6.04 0.62
C ARG D 235 -21.03 -7.34 1.36
N THR D 236 -20.33 -8.44 1.15
CA THR D 236 -20.66 -9.60 1.95
C THR D 236 -20.33 -9.35 3.41
N ARG D 237 -19.26 -8.60 3.69
CA ARG D 237 -18.86 -8.32 5.06
C ARG D 237 -19.81 -7.37 5.71
N ILE D 238 -20.04 -6.23 5.04
CA ILE D 238 -20.95 -5.22 5.56
C ILE D 238 -22.32 -5.81 5.87
N ALA D 239 -22.87 -6.61 4.93
CA ALA D 239 -24.22 -7.16 5.11
C ALA D 239 -24.31 -8.09 6.32
N GLY D 240 -23.29 -8.90 6.55
CA GLY D 240 -23.30 -9.78 7.70
C GLY D 240 -23.21 -9.02 9.00
N CYS D 241 -22.29 -8.06 9.08
CA CYS D 241 -22.21 -7.19 10.24
C CYS D 241 -23.57 -6.58 10.55
N HIS D 242 -24.24 -6.00 9.55
CA HIS D 242 -25.50 -5.31 9.77
C HIS D 242 -26.66 -6.26 10.03
N MET D 243 -26.66 -7.46 9.44
CA MET D 243 -27.65 -8.45 9.89
C MET D 243 -27.44 -8.76 11.38
N ILE D 244 -26.16 -8.82 11.83
CA ILE D 244 -25.86 -9.16 13.22
C ILE D 244 -26.13 -7.97 14.16
N ARG D 245 -25.83 -6.74 13.73
CA ARG D 245 -26.17 -5.58 14.54
C ARG D 245 -27.67 -5.50 14.76
N LYS D 246 -28.43 -5.69 13.68
CA LYS D 246 -29.89 -5.68 13.77
C LYS D 246 -30.38 -6.82 14.65
N LEU D 247 -29.76 -7.99 14.53
CA LEU D 247 -30.11 -9.14 15.35
C LEU D 247 -30.04 -8.80 16.84
N VAL D 248 -28.91 -8.27 17.26
CA VAL D 248 -28.69 -8.00 18.68
C VAL D 248 -29.75 -7.05 19.20
N GLU D 249 -29.93 -5.92 18.52
CA GLU D 249 -30.94 -4.96 18.91
C GLU D 249 -32.31 -5.60 19.06
N GLU D 250 -32.66 -6.53 18.17
CA GLU D 250 -33.95 -7.19 18.34
C GLU D 250 -33.95 -8.13 19.55
N VAL D 251 -32.84 -8.80 19.79
CA VAL D 251 -32.73 -9.67 20.96
C VAL D 251 -32.81 -8.85 22.26
N VAL D 252 -32.09 -7.72 22.29
CA VAL D 252 -32.09 -6.85 23.47
C VAL D 252 -33.45 -6.21 23.68
N ALA D 253 -34.06 -5.71 22.61
CA ALA D 253 -35.38 -5.13 22.73
C ALA D 253 -36.40 -6.16 23.22
N GLU D 254 -36.18 -7.44 22.93
CA GLU D 254 -37.11 -8.48 23.38
C GLU D 254 -36.81 -9.04 24.76
N GLU D 255 -35.55 -9.00 25.21
CA GLU D 255 -35.20 -9.68 26.45
C GLU D 255 -34.64 -8.77 27.53
N GLY D 256 -34.14 -7.60 27.17
CA GLY D 256 -33.71 -6.57 28.09
C GLY D 256 -32.22 -6.39 28.01
N ILE D 257 -31.78 -5.15 28.23
CA ILE D 257 -30.34 -4.89 28.28
C ILE D 257 -29.68 -5.56 29.48
N GLU D 258 -30.36 -5.64 30.64
CA GLU D 258 -29.76 -6.30 31.80
C GLU D 258 -29.32 -7.72 31.47
N ALA D 259 -30.23 -8.53 30.93
CA ALA D 259 -29.86 -9.91 30.60
C ALA D 259 -28.71 -9.96 29.58
N TYR D 260 -28.81 -9.16 28.51
CA TYR D 260 -27.80 -9.23 27.47
C TYR D 260 -26.45 -8.82 28.00
N TRP D 261 -26.42 -7.79 28.86
CA TRP D 261 -25.14 -7.33 29.42
C TRP D 261 -24.53 -8.38 30.34
N LYS D 262 -25.37 -9.09 31.11
CA LYS D 262 -24.83 -10.22 31.85
C LYS D 262 -24.28 -11.29 30.91
N PHE D 263 -25.06 -11.67 29.90
CA PHE D 263 -24.65 -12.75 28.99
C PHE D 263 -23.31 -12.46 28.32
N ALA D 264 -23.13 -11.23 27.82
CA ALA D 264 -21.93 -10.85 27.08
C ALA D 264 -20.62 -11.07 27.83
N TYR D 265 -20.66 -11.35 29.12
CA TYR D 265 -19.43 -11.65 29.86
C TYR D 265 -19.49 -13.00 30.56
N GLU D 266 -20.64 -13.40 31.08
CA GLU D 266 -20.73 -14.74 31.63
C GLU D 266 -20.45 -15.79 30.57
N ALA D 267 -20.76 -15.49 29.31
CA ALA D 267 -20.46 -16.41 28.21
C ALA D 267 -18.97 -16.70 28.09
N VAL D 268 -18.12 -15.76 28.47
CA VAL D 268 -16.71 -15.93 28.19
C VAL D 268 -16.02 -16.70 29.30
N GLU D 269 -16.40 -16.46 30.56
CA GLU D 269 -15.97 -17.34 31.65
C GLU D 269 -16.58 -18.73 31.53
N HIS D 270 -17.82 -18.84 31.02
CA HIS D 270 -18.37 -20.17 30.74
C HIS D 270 -17.47 -20.94 29.78
N GLY D 271 -16.82 -20.26 28.85
CA GLY D 271 -15.98 -20.95 27.90
C GLY D 271 -14.68 -21.39 28.52
N ARG D 272 -14.17 -20.62 29.48
CA ARG D 272 -12.96 -20.98 30.18
C ARG D 272 -13.21 -22.18 31.08
N LEU D 273 -14.31 -22.12 31.83
CA LEU D 273 -14.73 -23.27 32.60
C LEU D 273 -14.84 -24.50 31.71
N GLY D 274 -15.34 -24.31 30.48
CA GLY D 274 -15.50 -25.44 29.58
C GLY D 274 -14.18 -26.06 29.20
N LEU D 275 -13.17 -25.23 28.92
CA LEU D 275 -11.87 -25.78 28.56
C LEU D 275 -11.28 -26.57 29.72
N GLN D 276 -11.39 -26.03 30.93
CA GLN D 276 -10.82 -26.69 32.09
C GLN D 276 -11.48 -28.04 32.31
N ALA D 277 -12.80 -28.08 32.25
CA ALA D 277 -13.50 -29.31 32.55
C ALA D 277 -13.16 -30.38 31.52
N ARG D 278 -12.97 -29.97 30.27
CA ARG D 278 -12.68 -30.94 29.20
C ARG D 278 -11.24 -31.45 29.30
N ILE D 279 -10.29 -30.59 29.63
CA ILE D 279 -8.95 -31.08 29.88
C ILE D 279 -8.97 -32.13 30.99
N LYS D 280 -9.50 -31.76 32.15
CA LYS D 280 -9.54 -32.68 33.27
C LYS D 280 -10.28 -33.97 32.95
N ALA D 281 -11.17 -33.98 31.96
CA ALA D 281 -11.95 -35.19 31.69
C ALA D 281 -11.37 -36.07 30.58
N MET D 282 -10.60 -35.52 29.65
CA MET D 282 -10.13 -36.23 28.45
C MET D 282 -8.65 -36.57 28.47
N THR D 283 -7.89 -36.02 29.41
CA THR D 283 -6.44 -35.91 29.30
C THR D 283 -5.76 -36.69 30.42
N ILE D 284 -4.46 -36.52 30.52
CA ILE D 284 -3.60 -37.01 31.60
C ILE D 284 -2.71 -35.83 31.93
N PRO D 285 -2.55 -35.45 33.20
CA PRO D 285 -1.52 -34.44 33.53
C PRO D 285 -0.12 -34.97 33.24
N GLY D 286 0.81 -34.04 32.97
CA GLY D 286 2.18 -34.36 32.65
C GLY D 286 2.78 -33.42 31.61
N THR D 287 3.91 -33.82 31.05
CA THR D 287 4.66 -33.02 30.09
C THR D 287 4.72 -33.76 28.75
N TYR D 288 4.51 -33.02 27.66
CA TYR D 288 4.52 -33.56 26.31
C TYR D 288 5.47 -32.75 25.45
N ARG D 289 6.31 -33.46 24.68
CA ARG D 289 7.34 -32.82 23.88
C ARG D 289 7.19 -33.23 22.41
N GLN D 290 7.31 -32.25 21.52
CA GLN D 290 7.09 -32.49 20.11
C GLN D 290 7.64 -31.29 19.35
N VAL D 291 7.81 -31.49 18.05
CA VAL D 291 8.54 -30.57 17.19
C VAL D 291 7.93 -30.65 15.80
N GLY D 292 8.18 -29.61 15.00
CA GLY D 292 7.68 -29.53 13.64
C GLY D 292 8.64 -28.72 12.79
N PHE D 293 8.67 -29.05 11.50
CA PHE D 293 9.58 -28.40 10.56
C PHE D 293 8.85 -28.17 9.23
N VAL D 294 9.34 -27.20 8.45
CA VAL D 294 9.01 -27.09 7.02
C VAL D 294 10.20 -26.49 6.28
N ASP D 295 10.17 -26.56 4.94
CA ASP D 295 11.28 -26.07 4.12
C ASP D 295 11.01 -24.70 3.52
N VAL D 296 12.10 -24.00 3.22
CA VAL D 296 12.08 -22.68 2.62
C VAL D 296 13.32 -22.63 1.75
N PRO D 297 13.24 -23.34 0.56
CA PRO D 297 14.48 -23.30 -0.24
C PRO D 297 14.57 -22.13 -1.22
N TYR D 298 14.73 -20.92 -0.68
CA TYR D 298 14.88 -19.74 -1.53
C TYR D 298 16.19 -19.73 -2.28
N ALA D 299 16.99 -20.78 -2.17
CA ALA D 299 18.26 -20.78 -2.89
C ALA D 299 18.06 -21.00 -4.38
N HIS D 300 17.02 -21.73 -4.77
CA HIS D 300 16.80 -22.21 -6.12
C HIS D 300 16.55 -21.07 -7.13
N GLU D 301 16.88 -21.37 -8.39
CA GLU D 301 16.91 -20.41 -9.50
C GLU D 301 15.53 -19.79 -9.78
N ASP D 302 14.47 -20.59 -9.63
CA ASP D 302 13.09 -20.24 -9.92
C ASP D 302 12.39 -19.52 -8.75
N VAL D 303 13.04 -19.32 -7.62
CA VAL D 303 12.60 -18.35 -6.63
C VAL D 303 13.37 -17.06 -6.93
N ARG D 304 12.77 -16.20 -7.72
CA ARG D 304 13.45 -14.98 -8.14
C ARG D 304 12.98 -13.85 -7.23
N VAL D 305 13.78 -13.51 -6.23
CA VAL D 305 13.44 -12.41 -5.33
C VAL D 305 14.45 -11.30 -5.51
N PRO D 306 14.04 -10.04 -5.38
CA PRO D 306 14.91 -8.92 -5.74
C PRO D 306 16.05 -8.70 -4.77
N SER D 307 15.91 -9.18 -3.54
CA SER D 307 16.83 -8.88 -2.45
C SER D 307 17.82 -10.04 -2.32
N ASP D 308 19.11 -9.76 -2.53
CA ASP D 308 20.12 -10.80 -2.41
C ASP D 308 20.25 -11.38 -1.01
N PHE D 309 19.84 -10.65 0.03
CA PHE D 309 20.00 -11.16 1.38
C PHE D 309 18.92 -12.16 1.76
N ALA D 310 18.01 -12.48 0.84
CA ALA D 310 16.95 -13.42 1.06
C ALA D 310 17.14 -14.72 0.32
N LYS D 311 18.25 -14.87 -0.43
CA LYS D 311 18.47 -16.08 -1.22
C LYS D 311 19.31 -17.05 -0.39
N LEU D 312 18.61 -17.87 0.39
CA LEU D 312 19.17 -19.02 1.07
C LEU D 312 18.07 -20.02 1.39
N ASP D 313 18.47 -21.27 1.51
CA ASP D 313 17.62 -22.33 2.03
C ASP D 313 17.53 -22.19 3.54
N THR D 314 16.38 -22.55 4.11
CA THR D 314 16.22 -22.56 5.56
C THR D 314 15.14 -23.54 5.97
N ILE D 315 15.05 -23.76 7.28
CA ILE D 315 14.07 -24.69 7.83
C ILE D 315 13.41 -24.03 9.02
N MET D 316 12.08 -24.02 9.02
CA MET D 316 11.35 -23.57 10.20
C MET D 316 11.47 -24.65 11.26
N HIS D 317 11.84 -24.25 12.46
CA HIS D 317 11.98 -25.15 13.60
C HIS D 317 11.01 -24.68 14.66
N ALA D 318 10.08 -25.56 15.02
CA ALA D 318 9.00 -25.24 15.96
C ALA D 318 8.88 -26.35 17.00
N PRO D 319 9.59 -26.25 18.11
CA PRO D 319 9.42 -27.22 19.19
C PRO D 319 8.38 -26.74 20.18
N CYS D 320 7.63 -27.69 20.76
CA CYS D 320 6.64 -27.38 21.78
C CYS D 320 6.82 -28.27 23.01
N GLU D 321 7.00 -27.66 24.19
CA GLU D 321 6.84 -28.34 25.47
C GLU D 321 5.43 -28.05 25.98
N MET D 322 4.62 -29.09 26.07
CA MET D 322 3.21 -29.00 26.46
C MET D 322 3.08 -29.48 27.90
N THR D 323 2.69 -28.57 28.80
CA THR D 323 2.54 -28.91 30.20
C THR D 323 1.06 -28.86 30.58
N ILE D 324 0.53 -29.99 31.06
CA ILE D 324 -0.85 -30.15 31.49
C ILE D 324 -0.85 -30.38 33.00
N ARG D 325 -1.67 -29.63 33.73
CA ARG D 325 -1.56 -29.60 35.17
C ARG D 325 -2.76 -30.26 35.83
N ARG D 326 -2.58 -30.57 37.11
CA ARG D 326 -3.61 -31.22 37.89
C ARG D 326 -4.85 -30.34 38.06
N ASP D 327 -4.68 -29.02 38.03
CA ASP D 327 -5.83 -28.12 38.15
C ASP D 327 -6.56 -27.92 36.83
N GLY D 328 -6.07 -28.49 35.73
CA GLY D 328 -6.74 -28.35 34.46
C GLY D 328 -6.35 -27.12 33.66
N THR D 329 -5.34 -26.37 34.08
CA THR D 329 -4.75 -25.38 33.21
C THR D 329 -3.70 -26.05 32.35
N TRP D 330 -3.22 -25.33 31.33
CA TRP D 330 -2.17 -25.95 30.55
C TRP D 330 -1.33 -24.92 29.81
N ARG D 331 -0.08 -25.31 29.51
CA ARG D 331 0.96 -24.39 29.10
C ARG D 331 1.68 -24.92 27.87
N LEU D 332 1.94 -24.03 26.91
CA LEU D 332 2.59 -24.35 25.63
C LEU D 332 3.76 -23.41 25.42
N ASP D 333 4.99 -23.94 25.55
CA ASP D 333 6.23 -23.17 25.51
C ASP D 333 7.00 -23.53 24.23
N PHE D 334 7.33 -22.51 23.44
CA PHE D 334 7.95 -22.72 22.15
C PHE D 334 9.40 -22.25 22.14
N GLU D 335 10.01 -22.17 23.32
CA GLU D 335 11.46 -22.06 23.44
C GLU D 335 12.18 -23.00 22.48
N GLY D 336 13.21 -22.46 21.81
CA GLY D 336 14.02 -23.22 20.90
C GLY D 336 13.73 -22.92 19.45
N SER D 337 12.55 -22.38 19.18
CA SER D 337 12.11 -22.02 17.84
C SER D 337 13.10 -21.15 17.10
N SER D 338 12.94 -21.11 15.77
CA SER D 338 13.83 -20.43 14.86
C SER D 338 13.38 -18.98 14.64
N ARG D 339 14.24 -18.21 13.96
CA ARG D 339 14.00 -16.79 13.74
C ARG D 339 13.10 -16.58 12.52
N TRP D 340 12.43 -15.43 12.49
CA TRP D 340 11.75 -14.95 11.29
C TRP D 340 12.75 -14.75 10.16
N GLY D 341 12.25 -14.70 8.93
CA GLY D 341 13.12 -14.63 7.79
C GLY D 341 12.59 -13.70 6.71
N TRP D 342 13.41 -13.53 5.68
CA TRP D 342 13.05 -12.71 4.51
C TRP D 342 12.31 -13.63 3.55
N HIS D 343 11.02 -13.75 3.82
CA HIS D 343 10.04 -14.52 3.07
C HIS D 343 8.68 -14.04 3.54
N THR D 344 7.64 -14.77 3.16
CA THR D 344 6.25 -14.44 3.47
C THR D 344 5.60 -15.46 4.39
N TYR D 345 6.41 -16.13 5.24
CA TYR D 345 5.94 -17.21 6.12
C TYR D 345 5.97 -16.84 7.60
N ASN D 346 6.39 -15.64 7.93
CA ASN D 346 6.38 -15.15 9.29
C ASN D 346 4.94 -15.02 9.81
N ALA D 347 4.85 -14.82 11.10
CA ALA D 347 3.56 -14.81 11.75
C ALA D 347 3.59 -13.76 12.84
N HIS D 348 2.59 -13.85 13.71
CA HIS D 348 2.35 -12.94 14.80
C HIS D 348 1.79 -13.74 15.96
N GLN D 349 2.05 -13.26 17.18
CA GLN D 349 1.59 -14.01 18.35
C GLN D 349 0.06 -14.22 18.33
N VAL D 350 -0.71 -13.29 17.77
CA VAL D 350 -2.15 -13.50 17.75
C VAL D 350 -2.50 -14.59 16.74
N SER D 351 -2.02 -14.44 15.50
CA SER D 351 -2.06 -15.50 14.49
C SER D 351 -1.82 -16.88 15.08
N PHE D 352 -0.65 -17.04 15.70
CA PHE D 352 -0.22 -18.34 16.22
C PHE D 352 -1.18 -18.89 17.29
N THR D 353 -1.46 -18.09 18.32
CA THR D 353 -2.28 -18.60 19.42
C THR D 353 -3.73 -18.81 19.00
N SER D 354 -4.30 -17.94 18.15
CA SER D 354 -5.66 -18.26 17.71
C SER D 354 -5.69 -19.53 16.87
N GLY D 355 -4.59 -19.83 16.16
CA GLY D 355 -4.47 -21.12 15.49
C GLY D 355 -4.64 -22.29 16.44
N ILE D 356 -3.89 -22.27 17.55
CA ILE D 356 -4.00 -23.36 18.52
C ILE D 356 -5.40 -23.38 19.13
N TRP D 357 -6.03 -22.22 19.26
CA TRP D 357 -7.42 -22.19 19.71
C TRP D 357 -8.36 -22.86 18.70
N VAL D 358 -8.21 -22.56 17.40
CA VAL D 358 -9.02 -23.28 16.40
C VAL D 358 -8.79 -24.79 16.50
N MET D 359 -7.56 -25.22 16.75
CA MET D 359 -7.31 -26.64 16.93
C MET D 359 -8.07 -27.19 18.15
N MET D 360 -8.09 -26.45 19.27
CA MET D 360 -8.82 -26.99 20.41
C MET D 360 -10.33 -26.94 20.22
N THR D 361 -10.85 -26.04 19.37
CA THR D 361 -12.26 -26.18 18.98
C THR D 361 -12.55 -27.50 18.25
N GLN D 362 -11.53 -28.16 17.72
CA GLN D 362 -11.74 -29.32 16.87
C GLN D 362 -11.63 -30.65 17.60
N THR D 363 -11.13 -30.67 18.84
CA THR D 363 -11.08 -31.94 19.56
C THR D 363 -11.51 -31.75 21.02
N LEU D 364 -11.03 -30.66 21.66
CA LEU D 364 -11.18 -30.44 23.11
C LEU D 364 -12.54 -29.85 23.50
N ILE D 365 -12.96 -28.78 22.84
CA ILE D 365 -14.18 -28.09 23.26
C ILE D 365 -15.26 -28.03 22.17
N PRO D 366 -15.38 -28.98 21.21
CA PRO D 366 -16.45 -28.84 20.20
C PRO D 366 -17.81 -28.59 20.83
N SER D 367 -18.07 -29.21 21.98
CA SER D 367 -19.39 -29.13 22.59
C SER D 367 -19.47 -28.09 23.70
N GLU D 368 -18.53 -27.15 23.75
CA GLU D 368 -18.56 -26.07 24.71
C GLU D 368 -18.70 -24.74 23.97
N MET D 369 -18.75 -23.66 24.75
CA MET D 369 -18.85 -22.32 24.18
C MET D 369 -17.62 -22.02 23.34
N ILE D 370 -17.84 -21.75 22.05
CA ILE D 370 -16.78 -21.33 21.14
C ILE D 370 -16.64 -19.82 21.25
N ASN D 371 -15.68 -19.37 22.04
CA ASN D 371 -15.37 -17.95 22.18
C ASN D 371 -14.00 -17.84 22.82
N ASP D 372 -13.62 -16.64 23.25
CA ASP D 372 -12.33 -16.43 23.86
C ASP D 372 -12.16 -17.09 25.25
N GLY D 373 -13.14 -17.84 25.75
CA GLY D 373 -12.98 -18.41 27.09
C GLY D 373 -11.76 -19.30 27.19
N ALA D 374 -11.53 -20.14 26.18
CA ALA D 374 -10.39 -21.06 26.18
C ALA D 374 -9.07 -20.32 26.06
N ALA D 375 -9.04 -19.24 25.26
CA ALA D 375 -7.86 -18.39 25.21
C ALA D 375 -7.43 -17.96 26.61
N TYR D 376 -8.38 -17.57 27.46
CA TYR D 376 -8.05 -17.17 28.82
C TYR D 376 -7.64 -18.36 29.69
N GLY D 377 -7.91 -19.58 29.26
CA GLY D 377 -7.54 -20.76 30.02
C GLY D 377 -6.28 -21.46 29.55
N THR D 378 -5.52 -20.88 28.60
CA THR D 378 -4.30 -21.46 28.09
C THR D 378 -3.12 -20.51 28.29
N GLU D 379 -1.95 -21.07 28.57
CA GLU D 379 -0.73 -20.30 28.77
C GLU D 379 0.14 -20.44 27.53
N PHE D 380 0.67 -19.34 27.06
CA PHE D 380 1.48 -19.35 25.86
C PHE D 380 2.79 -18.63 26.15
N ARG D 381 3.91 -19.27 25.79
CA ARG D 381 5.21 -18.62 25.83
C ARG D 381 5.82 -18.69 24.44
N LEU D 382 5.93 -17.52 23.79
CA LEU D 382 6.53 -17.39 22.47
C LEU D 382 7.72 -16.44 22.55
N PRO D 383 8.94 -16.94 22.55
CA PRO D 383 10.09 -16.03 22.67
C PRO D 383 10.10 -14.93 21.62
N LYS D 384 10.32 -13.69 22.08
CA LYS D 384 10.41 -12.55 21.17
C LYS D 384 11.55 -12.71 20.20
N GLY D 385 11.25 -12.52 18.92
CA GLY D 385 12.24 -12.66 17.88
C GLY D 385 12.13 -13.95 17.09
N THR D 386 11.33 -14.92 17.54
CA THR D 386 11.09 -16.11 16.73
C THR D 386 10.15 -15.79 15.56
N TRP D 387 10.09 -16.72 14.61
CA TRP D 387 9.14 -16.55 13.51
C TRP D 387 7.72 -16.36 14.02
N MET D 388 7.34 -16.98 15.14
CA MET D 388 5.97 -16.83 15.61
C MET D 388 5.76 -15.57 16.42
N ASN D 389 6.81 -14.86 16.76
CA ASN D 389 6.66 -13.65 17.54
C ASN D 389 7.73 -12.67 17.10
N PRO D 390 7.74 -12.24 15.84
CA PRO D 390 8.84 -11.42 15.36
C PRO D 390 8.89 -10.09 16.08
N ASP D 391 10.08 -9.49 16.06
CA ASP D 391 10.37 -8.20 16.69
C ASP D 391 10.79 -7.18 15.64
N ASP D 392 10.35 -7.39 14.39
CA ASP D 392 10.76 -6.55 13.27
C ASP D 392 9.54 -6.18 12.43
N ARG D 393 9.43 -4.90 12.07
CA ARG D 393 8.27 -4.38 11.37
C ARG D 393 8.44 -4.37 9.85
N ARG D 394 9.58 -4.86 9.31
CA ARG D 394 9.74 -5.08 7.88
C ARG D 394 9.18 -6.44 7.41
N VAL D 395 8.93 -7.37 8.32
CA VAL D 395 8.42 -8.73 8.10
C VAL D 395 7.24 -8.84 7.13
N ALA D 396 7.15 -9.96 6.40
CA ALA D 396 6.06 -10.19 5.47
C ALA D 396 5.23 -11.44 5.83
N PHE D 397 3.95 -11.43 5.44
CA PHE D 397 2.99 -12.34 6.03
C PHE D 397 2.19 -13.16 5.06
N SER D 398 2.30 -12.91 3.75
CA SER D 398 1.19 -13.29 2.87
C SER D 398 0.91 -14.80 2.87
N TYR D 399 1.89 -15.64 3.15
CA TYR D 399 1.60 -17.08 3.29
C TYR D 399 2.08 -17.54 4.66
N SER D 400 1.43 -17.03 5.70
CA SER D 400 1.73 -17.44 7.07
C SER D 400 1.48 -18.92 7.30
N TRP D 401 0.53 -19.52 6.56
CA TRP D 401 0.12 -20.88 6.84
C TRP D 401 1.28 -21.85 6.68
N HIS D 402 2.25 -21.51 5.84
CA HIS D 402 3.39 -22.38 5.65
C HIS D 402 4.01 -22.78 6.98
N PHE D 403 4.35 -21.79 7.80
CA PHE D 403 4.90 -22.07 9.12
C PHE D 403 3.80 -22.47 10.09
N LEU D 404 2.74 -21.65 10.17
CA LEU D 404 1.64 -21.87 11.11
C LEU D 404 1.09 -23.30 11.05
N VAL D 405 0.72 -23.80 9.86
CA VAL D 405 0.09 -25.12 9.81
C VAL D 405 1.07 -26.25 10.06
N SER D 406 2.38 -26.00 9.89
CA SER D 406 3.36 -27.02 10.22
C SER D 406 3.74 -27.00 11.70
N ALA D 407 3.44 -25.91 12.41
CA ALA D 407 3.68 -25.94 13.84
C ALA D 407 2.53 -26.60 14.58
N TRP D 408 1.28 -26.31 14.23
CA TRP D 408 0.19 -26.81 15.05
C TRP D 408 0.07 -28.32 14.98
N THR D 409 0.50 -28.94 13.88
CA THR D 409 0.25 -30.37 13.73
C THR D 409 0.96 -31.18 14.83
N ALA D 410 2.09 -30.70 15.33
CA ALA D 410 2.77 -31.36 16.45
C ALA D 410 1.86 -31.51 17.65
N LEU D 411 0.97 -30.52 17.88
CA LEU D 411 0.21 -30.49 19.12
C LEU D 411 -0.91 -31.50 19.12
N TRP D 412 -1.44 -31.83 17.94
CA TRP D 412 -2.34 -32.96 17.81
C TRP D 412 -1.73 -34.22 18.37
N ARG D 413 -0.48 -34.53 17.95
CA ARG D 413 0.17 -35.75 18.42
C ARG D 413 0.34 -35.72 19.94
N GLY D 414 0.93 -34.64 20.45
CA GLY D 414 1.06 -34.50 21.89
C GLY D 414 -0.26 -34.69 22.60
N LEU D 415 -1.28 -33.93 22.19
CA LEU D 415 -2.60 -34.07 22.80
C LEU D 415 -3.14 -35.49 22.63
N SER D 416 -2.77 -36.18 21.53
CA SER D 416 -3.33 -37.51 21.25
C SER D 416 -2.79 -38.57 22.20
N ARG D 417 -1.57 -38.40 22.69
CA ARG D 417 -1.03 -39.35 23.65
C ARG D 417 -1.83 -39.36 24.96
N SER D 418 -2.46 -38.22 25.31
CA SER D 418 -3.26 -38.21 26.52
C SER D 418 -4.60 -38.89 26.30
N TYR D 419 -5.20 -38.73 25.11
CA TYR D 419 -6.41 -39.50 24.86
C TYR D 419 -6.10 -40.99 24.79
N PHE D 420 -4.98 -41.33 24.13
CA PHE D 420 -4.67 -42.73 23.88
C PHE D 420 -4.39 -43.48 25.18
N GLY D 421 -3.56 -42.90 26.04
CA GLY D 421 -3.37 -43.49 27.35
C GLY D 421 -4.66 -43.63 28.13
N ARG D 422 -5.54 -42.61 28.06
CA ARG D 422 -6.70 -42.63 28.95
C ARG D 422 -7.83 -43.47 28.39
N GLY D 423 -7.84 -43.75 27.10
CA GLY D 423 -8.81 -44.68 26.53
C GLY D 423 -9.83 -44.05 25.61
N TYR D 424 -9.72 -42.76 25.34
CA TYR D 424 -10.63 -42.08 24.42
C TYR D 424 -9.97 -42.11 23.04
N LEU D 425 -9.91 -43.34 22.50
CA LEU D 425 -9.19 -43.53 21.24
C LEU D 425 -9.95 -42.91 20.09
N GLU D 426 -11.27 -42.81 20.22
CA GLU D 426 -12.07 -42.12 19.23
C GLU D 426 -11.59 -40.69 18.97
N GLU D 427 -10.85 -40.08 19.90
CA GLU D 427 -10.42 -38.70 19.80
C GLU D 427 -8.98 -38.53 19.33
N VAL D 428 -8.20 -39.62 19.22
CA VAL D 428 -6.81 -39.51 18.76
C VAL D 428 -6.75 -39.14 17.30
N ASN D 429 -5.80 -38.26 16.96
CA ASN D 429 -5.57 -37.84 15.58
C ASN D 429 -4.12 -37.43 15.43
N ALA D 430 -3.44 -38.01 14.41
CA ALA D 430 -1.99 -37.84 14.26
C ALA D 430 -1.59 -36.47 13.66
N GLY D 431 -2.54 -35.61 13.32
CA GLY D 431 -2.22 -34.23 13.00
C GLY D 431 -2.76 -33.82 11.67
N ASN D 432 -2.71 -32.50 11.43
CA ASN D 432 -3.29 -31.93 10.22
C ASN D 432 -2.32 -32.04 9.03
N ALA D 433 -2.90 -32.13 7.85
CA ALA D 433 -2.09 -32.08 6.64
C ALA D 433 -1.45 -30.71 6.51
N ASN D 434 -0.33 -30.66 5.77
CA ASN D 434 0.14 -29.38 5.28
C ASN D 434 -0.87 -28.92 4.24
N THR D 435 -1.51 -27.79 4.51
CA THR D 435 -2.67 -27.37 3.73
C THR D 435 -2.15 -26.65 2.50
N SER D 436 -1.72 -27.46 1.54
CA SER D 436 -0.97 -26.86 0.46
C SER D 436 -0.95 -27.58 -0.84
N ASN D 437 -0.02 -27.00 -1.60
CA ASN D 437 -0.15 -26.27 -2.86
C ASN D 437 -1.39 -25.39 -3.08
N TRP D 438 -1.07 -24.15 -3.40
CA TRP D 438 -2.02 -23.09 -3.73
C TRP D 438 -1.76 -22.66 -5.16
N LEU D 439 -2.59 -23.16 -6.08
CA LEU D 439 -2.54 -22.75 -7.47
C LEU D 439 -2.80 -21.26 -7.57
N GLN D 440 -1.82 -20.51 -8.07
CA GLN D 440 -1.93 -19.04 -8.08
C GLN D 440 -1.37 -18.49 -9.38
N GLY D 441 -1.90 -17.36 -9.83
CA GLY D 441 -1.29 -16.74 -10.99
C GLY D 441 -2.09 -15.52 -11.36
N GLY D 442 -1.59 -14.81 -12.36
CA GLY D 442 -2.22 -13.55 -12.72
C GLY D 442 -2.00 -13.22 -14.18
N GLY D 443 -2.80 -12.27 -14.64
CA GLY D 443 -2.76 -11.76 -16.00
C GLY D 443 -4.17 -11.34 -16.46
N PHE D 444 -4.44 -11.59 -17.74
CA PHE D 444 -5.75 -11.36 -18.31
C PHE D 444 -6.52 -12.67 -18.39
N ASN D 445 -7.78 -12.64 -17.96
CA ASN D 445 -8.62 -13.81 -17.89
C ASN D 445 -9.52 -13.89 -19.13
N GLN D 446 -10.49 -14.81 -19.10
CA GLN D 446 -11.33 -15.06 -20.27
C GLN D 446 -12.31 -13.92 -20.56
N TYR D 447 -12.56 -13.05 -19.59
CA TYR D 447 -13.34 -11.83 -19.81
C TYR D 447 -12.46 -10.64 -20.19
N ASP D 448 -11.18 -10.88 -20.45
CA ASP D 448 -10.27 -9.83 -20.90
C ASP D 448 -10.11 -8.72 -19.86
N GLU D 449 -10.16 -9.10 -18.58
CA GLU D 449 -9.84 -8.22 -17.48
C GLU D 449 -8.62 -8.70 -16.72
N ILE D 450 -7.84 -7.73 -16.20
CA ILE D 450 -6.82 -8.00 -15.18
C ILE D 450 -7.39 -8.88 -14.08
N HIS D 451 -6.60 -9.84 -13.64
CA HIS D 451 -7.15 -10.89 -12.79
C HIS D 451 -6.00 -11.63 -12.10
N ALA D 452 -6.34 -12.31 -11.02
CA ALA D 452 -5.42 -13.18 -10.31
C ALA D 452 -6.21 -14.41 -9.86
N VAL D 453 -5.50 -15.48 -9.53
CA VAL D 453 -6.13 -16.75 -9.23
C VAL D 453 -5.58 -17.25 -7.91
N ASN D 454 -6.27 -18.22 -7.31
CA ASN D 454 -5.83 -18.77 -6.03
C ASN D 454 -6.69 -19.93 -5.60
N SER D 455 -6.51 -21.12 -6.17
CA SER D 455 -7.48 -22.18 -5.94
C SER D 455 -7.53 -22.61 -4.47
N PHE D 456 -8.74 -22.66 -3.92
CA PHE D 456 -8.96 -23.23 -2.60
C PHE D 456 -9.32 -24.70 -2.67
N GLU D 457 -8.74 -25.43 -3.64
CA GLU D 457 -8.79 -26.89 -3.64
C GLU D 457 -8.06 -27.48 -2.42
N CYS D 458 -7.00 -26.81 -1.93
CA CYS D 458 -6.31 -27.25 -0.72
C CYS D 458 -7.05 -26.90 0.59
N ALA D 459 -8.34 -26.57 0.53
CA ALA D 459 -9.16 -26.64 1.73
C ALA D 459 -9.54 -28.07 2.08
N ALA D 460 -9.25 -28.99 1.16
CA ALA D 460 -9.73 -30.36 1.20
C ALA D 460 -8.52 -31.29 1.04
N ASN D 461 -7.55 -31.09 1.92
CA ASN D 461 -6.48 -32.05 2.07
C ASN D 461 -6.95 -33.22 2.92
N GLY D 462 -6.10 -34.20 3.03
CA GLY D 462 -6.41 -35.32 3.90
C GLY D 462 -6.09 -35.02 5.33
N THR D 463 -6.62 -35.85 6.21
CA THR D 463 -6.46 -35.63 7.63
C THR D 463 -5.87 -36.86 8.31
N GLY D 464 -5.26 -36.59 9.48
CA GLY D 464 -4.66 -37.60 10.32
C GLY D 464 -5.52 -38.80 10.65
N ALA D 465 -4.90 -39.96 10.51
CA ALA D 465 -5.44 -41.21 10.97
C ALA D 465 -5.71 -41.15 12.47
N THR D 466 -6.54 -42.09 12.94
CA THR D 466 -7.01 -42.17 14.31
C THR D 466 -6.38 -43.40 14.94
N ALA D 467 -6.62 -43.62 16.24
CA ALA D 467 -6.27 -44.90 16.86
C ALA D 467 -7.28 -45.98 16.52
N VAL D 468 -8.31 -45.63 15.75
CA VAL D 468 -9.50 -46.44 15.54
C VAL D 468 -9.63 -46.76 14.06
N GLN D 469 -9.16 -45.84 13.20
CA GLN D 469 -9.52 -45.94 11.79
C GLN D 469 -8.71 -44.97 10.94
N ASP D 470 -8.81 -45.19 9.62
CA ASP D 470 -8.06 -44.41 8.63
C ASP D 470 -8.52 -42.97 8.64
N GLY D 471 -7.56 -42.05 8.40
CA GLY D 471 -7.88 -40.66 8.15
C GLY D 471 -8.79 -40.48 6.94
N LEU D 472 -9.48 -39.36 6.95
CA LEU D 472 -10.33 -38.98 5.83
C LEU D 472 -9.50 -38.46 4.66
N SER D 473 -9.88 -38.86 3.46
CA SER D 473 -9.16 -38.33 2.30
C SER D 473 -9.87 -37.10 1.75
N HIS D 474 -9.07 -36.16 1.26
CA HIS D 474 -9.51 -34.96 0.55
C HIS D 474 -10.69 -34.29 1.30
N ALA D 475 -10.43 -33.85 2.52
CA ALA D 475 -11.57 -33.67 3.43
C ALA D 475 -11.59 -32.37 4.20
N ALA D 476 -10.44 -31.83 4.60
CA ALA D 476 -10.46 -30.72 5.54
C ALA D 476 -9.13 -29.99 5.53
N ALA D 477 -9.11 -28.87 6.23
CA ALA D 477 -7.89 -28.13 6.50
C ALA D 477 -7.90 -27.68 7.94
N ILE D 478 -6.71 -27.38 8.48
CA ILE D 478 -6.57 -27.04 9.90
C ILE D 478 -7.38 -25.79 10.26
N TRP D 479 -7.47 -24.81 9.34
CA TRP D 479 -8.15 -23.52 9.54
C TRP D 479 -9.62 -23.56 9.17
N ASN D 480 -10.10 -24.67 8.59
CA ASN D 480 -11.53 -24.85 8.39
C ASN D 480 -11.84 -26.34 8.22
N PRO D 481 -12.31 -27.00 9.28
CA PRO D 481 -12.65 -28.43 9.19
C PRO D 481 -13.85 -28.74 8.27
N GLU D 482 -14.60 -27.74 7.80
CA GLU D 482 -15.67 -28.02 6.84
C GLU D 482 -15.08 -27.94 5.43
N GLY D 483 -14.41 -29.01 5.04
CA GLY D 483 -13.72 -29.01 3.77
C GLY D 483 -14.66 -28.91 2.60
N ASP D 484 -14.17 -28.29 1.53
CA ASP D 484 -14.91 -28.18 0.29
C ASP D 484 -13.91 -28.01 -0.84
N MET D 485 -13.92 -28.88 -1.86
CA MET D 485 -13.00 -28.62 -2.95
C MET D 485 -13.58 -27.71 -4.01
N GLY D 486 -14.90 -27.49 -3.98
CA GLY D 486 -15.54 -26.62 -4.94
C GLY D 486 -15.78 -27.34 -6.25
N ASP D 487 -16.77 -26.87 -7.00
CA ASP D 487 -17.13 -27.51 -8.26
C ASP D 487 -16.15 -27.12 -9.35
N MET D 488 -15.80 -28.09 -10.18
CA MET D 488 -15.02 -27.79 -11.37
C MET D 488 -15.69 -26.72 -12.22
N GLU D 489 -16.98 -26.91 -12.49
CA GLU D 489 -17.70 -25.96 -13.32
C GLU D 489 -17.74 -24.56 -12.71
N ILE D 490 -17.74 -24.43 -11.37
CA ILE D 490 -17.72 -23.11 -10.75
C ILE D 490 -16.31 -22.52 -10.77
N TRP D 491 -15.31 -23.34 -10.48
CA TRP D 491 -13.95 -22.83 -10.54
C TRP D 491 -13.65 -22.29 -11.94
N GLU D 492 -14.13 -22.96 -12.99
CA GLU D 492 -13.82 -22.47 -14.32
C GLU D 492 -14.55 -21.20 -14.70
N LEU D 493 -15.49 -20.72 -13.87
CA LEU D 493 -16.02 -19.38 -14.11
C LEU D 493 -15.02 -18.29 -13.71
N ALA D 494 -14.09 -18.59 -12.82
CA ALA D 494 -13.19 -17.56 -12.34
C ALA D 494 -11.72 -17.80 -12.67
N GLU D 495 -11.36 -18.94 -13.24
CA GLU D 495 -9.97 -19.01 -13.70
C GLU D 495 -9.89 -19.34 -15.19
N PRO D 496 -8.95 -18.81 -15.87
CA PRO D 496 -8.76 -19.17 -17.29
C PRO D 496 -7.94 -20.46 -17.45
N LEU D 497 -8.51 -21.57 -16.97
CA LEU D 497 -7.94 -22.91 -16.96
C LEU D 497 -9.04 -23.92 -17.18
N VAL D 498 -8.73 -25.07 -17.79
CA VAL D 498 -9.73 -26.12 -17.93
C VAL D 498 -9.22 -27.37 -17.22
N TYR D 499 -10.13 -28.10 -16.56
CA TYR D 499 -9.75 -29.29 -15.82
C TYR D 499 -9.54 -30.46 -16.77
N LEU D 500 -8.35 -31.08 -16.73
CA LEU D 500 -8.13 -32.35 -17.43
C LEU D 500 -8.09 -33.56 -16.50
N GLY D 501 -8.15 -33.37 -15.19
CA GLY D 501 -8.26 -34.49 -14.29
C GLY D 501 -8.54 -34.07 -12.86
N ARG D 502 -9.22 -34.92 -12.12
CA ARG D 502 -9.39 -34.75 -10.68
C ARG D 502 -9.30 -36.15 -10.11
N GLN D 503 -8.42 -36.33 -9.13
CA GLN D 503 -8.05 -37.70 -8.83
C GLN D 503 -7.56 -37.76 -7.40
N ILE D 504 -7.96 -38.82 -6.72
CA ILE D 504 -7.36 -39.15 -5.44
C ILE D 504 -5.87 -39.39 -5.65
N LYS D 505 -5.06 -38.82 -4.77
CA LYS D 505 -3.61 -38.75 -4.92
C LYS D 505 -2.99 -39.98 -4.26
N ALA D 506 -2.70 -40.99 -5.07
CA ALA D 506 -2.20 -42.28 -4.56
C ALA D 506 -0.92 -42.15 -3.74
N SER D 507 -0.88 -42.88 -2.63
CA SER D 507 0.28 -42.96 -1.72
C SER D 507 0.69 -41.60 -1.14
N SER D 508 -0.26 -40.67 -1.04
CA SER D 508 -0.02 -39.43 -0.32
C SER D 508 -0.29 -39.55 1.16
N GLY D 509 -1.19 -40.45 1.56
CA GLY D 509 -1.44 -40.69 2.97
C GLY D 509 -0.25 -41.33 3.66
N GLY D 510 -0.02 -40.93 4.91
CA GLY D 510 1.02 -41.56 5.72
C GLY D 510 0.66 -43.00 6.04
N SER D 511 1.67 -43.87 5.99
CA SER D 511 1.40 -45.28 6.19
C SER D 511 1.19 -45.62 7.68
N GLY D 512 0.45 -46.67 7.94
CA GLY D 512 0.33 -47.13 9.31
C GLY D 512 -0.66 -48.26 9.43
N LYS D 513 -0.82 -48.71 10.68
CA LYS D 513 -1.97 -49.54 11.04
C LYS D 513 -3.26 -48.92 10.51
N TYR D 514 -3.35 -47.61 10.58
CA TYR D 514 -4.39 -46.86 9.95
C TYR D 514 -3.67 -45.83 9.10
N ARG D 515 -4.08 -45.74 7.85
CA ARG D 515 -3.45 -44.85 6.90
C ARG D 515 -4.03 -43.46 7.05
N GLY D 516 -3.15 -42.46 6.96
CA GLY D 516 -3.60 -41.10 6.83
C GLY D 516 -4.39 -40.87 5.56
N GLY D 517 -5.17 -39.81 5.56
CA GLY D 517 -5.95 -39.46 4.38
C GLY D 517 -5.07 -39.04 3.21
N CYS D 518 -5.47 -39.47 2.01
CA CYS D 518 -4.79 -39.07 0.81
C CYS D 518 -5.19 -37.67 0.40
N GLY D 519 -4.25 -36.96 -0.22
CA GLY D 519 -4.64 -35.76 -0.92
C GLY D 519 -5.36 -36.12 -2.21
N PHE D 520 -5.48 -35.13 -3.06
CA PHE D 520 -5.95 -35.30 -4.42
C PHE D 520 -5.20 -34.33 -5.29
N GLU D 521 -5.41 -34.49 -6.58
CA GLU D 521 -4.66 -33.78 -7.59
C GLU D 521 -5.59 -33.34 -8.70
N SER D 522 -5.21 -32.24 -9.33
CA SER D 522 -6.01 -31.59 -10.33
C SER D 522 -5.04 -31.24 -11.44
N LEU D 523 -5.34 -31.64 -12.66
CA LEU D 523 -4.47 -31.31 -13.77
C LEU D 523 -5.15 -30.25 -14.60
N ARG D 524 -4.49 -29.11 -14.77
CA ARG D 524 -5.08 -27.98 -15.46
C ARG D 524 -4.36 -27.70 -16.78
N MET D 525 -5.14 -27.24 -17.75
CA MET D 525 -4.66 -26.68 -19.00
C MET D 525 -5.03 -25.21 -18.98
N VAL D 526 -4.03 -24.35 -19.24
CA VAL D 526 -4.27 -22.90 -19.36
C VAL D 526 -5.16 -22.64 -20.56
N TRP D 527 -6.24 -21.93 -20.35
CA TRP D 527 -7.20 -21.77 -21.44
C TRP D 527 -7.81 -20.37 -21.42
N ASN D 528 -7.72 -19.66 -22.53
CA ASN D 528 -8.34 -18.35 -22.67
C ASN D 528 -7.65 -17.33 -21.77
N ALA D 529 -6.35 -17.54 -21.53
CA ALA D 529 -5.57 -16.60 -20.76
C ALA D 529 -4.72 -15.73 -21.68
N LYS D 530 -4.40 -14.52 -21.23
CA LYS D 530 -3.49 -13.66 -21.97
C LYS D 530 -2.47 -13.04 -21.02
N ASP D 531 -1.23 -12.96 -21.47
CA ASP D 531 -0.16 -12.36 -20.67
C ASP D 531 -0.17 -12.95 -19.25
N TRP D 532 -0.06 -14.27 -19.20
CA TRP D 532 -0.41 -15.08 -18.05
C TRP D 532 0.82 -15.68 -17.35
N THR D 533 0.78 -15.68 -16.00
CA THR D 533 1.83 -16.29 -15.22
C THR D 533 1.23 -17.21 -14.15
N MET D 534 2.04 -18.19 -13.72
CA MET D 534 1.68 -19.12 -12.63
C MET D 534 2.89 -19.39 -11.73
N PHE D 535 2.62 -19.90 -10.53
CA PHE D 535 3.67 -20.30 -9.59
C PHE D 535 3.09 -21.31 -8.60
N PHE D 536 3.97 -21.85 -7.78
CA PHE D 536 3.64 -22.90 -6.83
C PHE D 536 3.95 -22.43 -5.42
N MET D 537 3.29 -23.03 -4.46
CA MET D 537 3.47 -22.58 -3.08
C MET D 537 2.97 -23.71 -2.18
N GLY D 538 3.88 -24.60 -1.82
CA GLY D 538 3.66 -25.55 -0.77
C GLY D 538 5.00 -26.03 -0.23
N ASN D 539 4.96 -27.13 0.49
CA ASN D 539 6.17 -27.76 1.03
C ASN D 539 6.73 -28.80 0.05
N GLY D 540 8.05 -28.78 -0.13
CA GLY D 540 8.63 -29.77 -0.99
C GLY D 540 9.51 -30.76 -0.26
N HIS D 541 10.66 -30.24 0.21
CA HIS D 541 11.76 -31.06 0.72
C HIS D 541 11.45 -31.81 2.02
N ILE D 542 10.41 -31.38 2.76
CA ILE D 542 10.17 -31.76 4.15
C ILE D 542 8.68 -31.96 4.36
N SER D 543 8.29 -33.07 4.99
CA SER D 543 6.89 -33.25 5.40
C SER D 543 6.67 -32.69 6.80
N SER D 544 5.66 -31.82 6.95
CA SER D 544 5.44 -31.19 8.25
C SER D 544 4.85 -32.15 9.29
N ASP D 545 3.78 -32.87 8.94
CA ASP D 545 3.14 -33.82 9.83
C ASP D 545 4.01 -35.05 10.04
N TRP D 546 4.02 -35.58 11.27
CA TRP D 546 4.55 -36.93 11.51
C TRP D 546 3.40 -37.87 11.86
N GLY D 547 3.56 -39.15 11.54
CA GLY D 547 2.69 -40.17 12.06
C GLY D 547 2.87 -40.32 13.57
N LEU D 548 2.20 -41.33 14.13
CA LEU D 548 2.01 -41.42 15.58
C LEU D 548 1.99 -42.87 16.05
N MET D 549 2.75 -43.15 17.13
CA MET D 549 2.83 -44.49 17.77
C MET D 549 3.20 -45.58 16.74
N GLY D 550 4.20 -45.24 15.93
CA GLY D 550 4.43 -45.89 14.65
C GLY D 550 4.36 -44.83 13.56
N GLY D 551 3.74 -45.20 12.45
CA GLY D 551 3.16 -44.16 11.62
C GLY D 551 4.11 -43.20 10.93
N TYR D 552 3.99 -43.21 9.62
CA TYR D 552 4.91 -42.41 8.84
C TYR D 552 4.25 -41.11 8.46
N PRO D 553 5.05 -40.07 8.19
CA PRO D 553 4.47 -38.83 7.68
C PRO D 553 3.82 -39.07 6.31
N ALA D 554 2.82 -38.26 6.03
CA ALA D 554 2.29 -38.13 4.68
C ALA D 554 3.40 -37.78 3.70
N ALA D 555 3.16 -38.04 2.41
CA ALA D 555 4.06 -37.60 1.36
C ALA D 555 4.31 -36.09 1.40
N SER D 556 5.50 -35.68 0.97
CA SER D 556 5.82 -34.26 0.79
C SER D 556 5.52 -33.84 -0.65
N GLY D 557 6.00 -32.66 -1.05
CA GLY D 557 5.50 -32.07 -2.27
C GLY D 557 6.45 -32.16 -3.46
N TYR D 558 5.91 -31.95 -4.66
CA TYR D 558 6.74 -31.78 -5.83
C TYR D 558 6.00 -30.87 -6.80
N ARG D 559 6.72 -30.46 -7.84
CA ARG D 559 6.19 -29.55 -8.84
C ARG D 559 6.13 -30.23 -10.20
N PHE D 560 5.10 -29.89 -10.98
CA PHE D 560 4.99 -30.31 -12.38
C PHE D 560 4.34 -29.21 -13.20
N ALA D 561 5.09 -28.70 -14.19
CA ALA D 561 4.58 -27.83 -15.22
C ALA D 561 5.15 -28.27 -16.56
N ALA D 562 4.31 -28.18 -17.59
CA ALA D 562 4.69 -28.44 -18.97
C ALA D 562 4.48 -27.16 -19.78
N HIS D 563 5.54 -26.67 -20.41
CA HIS D 563 5.45 -25.54 -21.32
C HIS D 563 5.63 -26.03 -22.75
N LYS D 564 5.04 -25.30 -23.70
CA LYS D 564 5.14 -25.65 -25.13
C LYS D 564 4.69 -27.08 -25.38
N THR D 565 3.53 -27.41 -24.84
CA THR D 565 3.06 -28.79 -24.86
C THR D 565 2.80 -29.26 -26.28
N ASN D 566 2.65 -28.34 -27.21
CA ASN D 566 2.12 -28.65 -28.53
C ASN D 566 0.80 -29.39 -28.40
N LEU D 567 -0.03 -28.98 -27.44
CA LEU D 567 -1.23 -29.78 -27.20
C LEU D 567 -2.37 -29.44 -28.14
N LYS D 568 -2.41 -28.23 -28.70
CA LYS D 568 -3.41 -27.97 -29.72
C LYS D 568 -3.29 -28.99 -30.84
N GLU D 569 -2.07 -29.13 -31.38
CA GLU D 569 -1.86 -30.09 -32.47
C GLU D 569 -2.16 -31.51 -32.02
N LEU D 570 -1.77 -31.88 -30.80
CA LEU D 570 -2.01 -33.23 -30.31
C LEU D 570 -3.50 -33.52 -30.16
N ILE D 571 -4.23 -32.59 -29.54
CA ILE D 571 -5.69 -32.69 -29.45
C ILE D 571 -6.33 -32.85 -30.83
N ALA D 572 -5.96 -31.98 -31.76
CA ALA D 572 -6.61 -31.97 -33.09
C ALA D 572 -6.34 -33.26 -33.86
N SER D 573 -5.15 -33.84 -33.70
CA SER D 573 -4.77 -35.04 -34.43
C SER D 573 -5.18 -36.33 -33.75
N GLY D 574 -5.78 -36.26 -32.56
CA GLY D 574 -6.22 -37.49 -31.95
C GLY D 574 -5.15 -38.29 -31.24
N ALA D 575 -3.94 -37.72 -31.08
CA ALA D 575 -2.86 -38.39 -30.36
C ALA D 575 -3.23 -38.53 -28.88
N GLU D 576 -2.34 -39.20 -28.13
CA GLU D 576 -2.50 -39.31 -26.67
C GLU D 576 -2.45 -37.93 -26.01
N ILE D 577 -3.41 -37.67 -25.12
CA ILE D 577 -3.33 -36.46 -24.30
C ILE D 577 -3.35 -36.78 -22.80
N PRO D 578 -2.67 -35.97 -22.01
CA PRO D 578 -2.61 -36.21 -20.56
C PRO D 578 -3.96 -35.92 -19.90
N LEU D 579 -4.42 -36.88 -19.12
CA LEU D 579 -5.67 -36.76 -18.41
C LEU D 579 -5.51 -37.34 -17.00
N GLY D 580 -6.42 -36.91 -16.12
CA GLY D 580 -6.44 -37.45 -14.77
C GLY D 580 -5.34 -36.92 -13.88
N GLY D 581 -4.88 -37.78 -12.99
CA GLY D 581 -3.77 -37.47 -12.14
C GLY D 581 -2.44 -38.09 -12.53
N ASP D 582 -1.41 -37.61 -11.84
CA ASP D 582 -0.01 -37.97 -12.04
C ASP D 582 0.32 -39.16 -11.14
N THR D 583 -0.28 -40.29 -11.51
CA THR D 583 -0.50 -41.39 -10.59
C THR D 583 0.76 -41.86 -9.86
N ASP D 584 1.86 -42.07 -10.59
CA ASP D 584 3.14 -42.43 -10.01
C ASP D 584 4.20 -41.46 -10.54
N PRO D 585 4.52 -40.39 -9.81
CA PRO D 585 5.51 -39.44 -10.32
C PRO D 585 6.86 -40.04 -10.57
N GLU D 586 7.16 -41.20 -9.99
CA GLU D 586 8.44 -41.83 -10.29
C GLU D 586 8.39 -42.60 -11.60
N ASN D 587 7.19 -42.92 -12.08
CA ASN D 587 6.99 -43.56 -13.37
C ASN D 587 5.87 -42.84 -14.11
N PRO D 588 6.11 -41.61 -14.57
CA PRO D 588 5.05 -40.84 -15.21
C PRO D 588 4.71 -41.38 -16.59
N THR D 589 3.48 -41.09 -16.99
CA THR D 589 3.05 -41.43 -18.33
C THR D 589 2.92 -40.20 -19.21
N TRP D 590 2.72 -39.03 -18.62
CA TRP D 590 2.45 -37.85 -19.43
C TRP D 590 3.69 -37.41 -20.21
N ASP D 591 4.87 -37.52 -19.59
CA ASP D 591 6.09 -36.97 -20.17
C ASP D 591 6.35 -37.57 -21.55
N ALA D 592 6.07 -38.87 -21.70
CA ALA D 592 6.24 -39.50 -23.00
C ALA D 592 5.27 -38.95 -24.05
N MET D 593 4.06 -38.55 -23.61
CA MET D 593 3.03 -38.05 -24.50
C MET D 593 3.33 -36.66 -25.05
N LEU D 594 4.31 -35.95 -24.49
CA LEU D 594 4.57 -34.53 -24.77
C LEU D 594 6.00 -34.34 -25.24
N PRO D 595 6.34 -34.90 -26.40
CA PRO D 595 7.75 -34.94 -26.82
C PRO D 595 8.36 -33.58 -27.11
N ASP D 596 7.57 -32.53 -27.25
CA ASP D 596 8.12 -31.23 -27.57
C ASP D 596 8.16 -30.31 -26.37
N ALA D 597 7.73 -30.79 -25.21
CA ALA D 597 7.49 -29.89 -24.08
C ALA D 597 8.77 -29.56 -23.32
N GLN D 598 8.75 -28.38 -22.70
CA GLN D 598 9.66 -28.05 -21.62
C GLN D 598 8.96 -28.46 -20.32
N ILE D 599 9.38 -29.59 -19.73
CA ILE D 599 8.70 -30.13 -18.56
C ILE D 599 9.51 -29.79 -17.33
N LYS D 600 8.85 -29.18 -16.36
CA LYS D 600 9.45 -28.89 -15.08
C LYS D 600 8.85 -29.89 -14.11
N ARG D 601 9.67 -30.83 -13.65
CA ARG D 601 9.21 -31.90 -12.77
C ARG D 601 10.27 -32.12 -11.72
N ASP D 602 10.07 -31.58 -10.52
CA ASP D 602 11.12 -31.64 -9.53
C ASP D 602 10.53 -31.34 -8.16
N LYS D 603 11.41 -31.12 -7.19
CA LYS D 603 10.92 -31.01 -5.82
C LYS D 603 10.67 -29.57 -5.41
N GLN D 604 10.98 -28.61 -6.28
CA GLN D 604 10.95 -27.18 -5.94
C GLN D 604 9.49 -26.73 -5.91
N ALA D 605 8.87 -26.88 -4.74
CA ALA D 605 7.46 -26.63 -4.52
C ALA D 605 7.13 -25.16 -4.30
N ILE D 606 8.13 -24.28 -4.33
CA ILE D 606 7.95 -22.84 -4.17
C ILE D 606 8.64 -22.14 -5.33
N THR D 607 7.88 -21.38 -6.10
CA THR D 607 8.43 -20.64 -7.22
C THR D 607 7.85 -19.24 -7.21
N THR D 608 8.47 -18.37 -8.00
CA THR D 608 7.85 -17.10 -8.33
C THR D 608 7.20 -17.22 -9.70
N GLU D 609 6.40 -16.20 -10.04
CA GLU D 609 5.74 -15.99 -11.33
C GLU D 609 6.48 -16.57 -12.52
N GLU D 610 5.77 -17.25 -13.41
CA GLU D 610 6.41 -17.81 -14.59
C GLU D 610 5.45 -17.71 -15.77
N MET D 611 5.92 -17.15 -16.89
CA MET D 611 5.07 -17.05 -18.08
C MET D 611 4.47 -18.43 -18.40
N PHE D 612 3.15 -18.47 -18.57
CA PHE D 612 2.46 -19.62 -19.15
C PHE D 612 1.60 -19.14 -20.32
N SER D 613 1.22 -20.09 -21.19
CA SER D 613 0.39 -19.79 -22.34
C SER D 613 -0.67 -20.87 -22.51
N ASP D 614 -1.61 -20.58 -23.41
CA ASP D 614 -2.73 -21.50 -23.62
C ASP D 614 -2.16 -22.84 -24.09
N TYR D 615 -2.63 -23.91 -23.44
CA TYR D 615 -2.24 -25.31 -23.65
C TYR D 615 -1.04 -25.73 -22.79
N ASP D 616 -0.41 -24.83 -22.02
CA ASP D 616 0.57 -25.29 -21.04
C ASP D 616 -0.16 -26.00 -19.89
N LEU D 617 0.57 -26.81 -19.12
CA LEU D 617 -0.02 -27.61 -18.04
C LEU D 617 0.55 -27.28 -16.66
N TYR D 618 -0.32 -27.37 -15.65
CA TYR D 618 -0.01 -27.08 -14.25
C TYR D 618 -0.72 -28.13 -13.40
N LEU D 619 0.04 -28.91 -12.61
CA LEU D 619 -0.53 -29.90 -11.71
C LEU D 619 -0.73 -29.33 -10.30
N ASN D 620 -1.97 -29.28 -9.84
CA ASN D 620 -2.31 -28.82 -8.48
C ASN D 620 -2.41 -30.06 -7.60
N TYR D 621 -1.55 -30.15 -6.59
CA TYR D 621 -1.39 -31.30 -5.71
C TYR D 621 -1.75 -30.88 -4.28
N MET D 622 -2.75 -31.52 -3.68
CA MET D 622 -3.07 -31.22 -2.27
C MET D 622 -2.56 -32.37 -1.42
N ARG D 623 -1.95 -32.05 -0.28
CA ARG D 623 -1.15 -33.00 0.49
C ARG D 623 -2.05 -33.99 1.24
N GLY D 624 -1.44 -35.06 1.76
CA GLY D 624 -2.15 -36.01 2.58
C GLY D 624 -1.84 -35.81 4.06
N GLY D 625 -2.46 -36.67 4.87
CA GLY D 625 -2.27 -36.65 6.31
C GLY D 625 -1.51 -37.85 6.82
N PRO D 626 -0.91 -37.73 8.02
CA PRO D 626 -0.08 -38.82 8.56
C PRO D 626 -0.90 -39.96 9.13
N GLY D 627 -0.23 -41.11 9.23
CA GLY D 627 -0.84 -42.34 9.68
C GLY D 627 -0.56 -42.63 11.15
N PHE D 628 -1.13 -43.75 11.60
CA PHE D 628 -1.11 -44.13 13.01
C PHE D 628 -0.69 -45.59 13.14
N GLY D 629 0.24 -45.86 14.03
CA GLY D 629 0.65 -47.22 14.33
C GLY D 629 1.57 -47.81 13.27
N ASP D 630 2.26 -48.90 13.66
CA ASP D 630 3.10 -49.74 12.80
C ASP D 630 2.32 -50.24 11.58
N PRO D 631 2.80 -49.95 10.36
CA PRO D 631 2.03 -50.31 9.16
C PRO D 631 1.81 -51.80 9.00
N LEU D 632 2.70 -52.67 9.52
CA LEU D 632 2.50 -54.09 9.30
C LEU D 632 1.63 -54.73 10.36
N ASP D 633 0.92 -53.93 11.16
CA ASP D 633 -0.26 -54.37 11.91
C ASP D 633 -1.57 -54.14 11.16
N ARG D 634 -1.53 -53.46 10.03
CA ARG D 634 -2.75 -53.17 9.28
C ARG D 634 -3.42 -54.46 8.83
N GLU D 635 -4.73 -54.45 8.82
CA GLU D 635 -5.47 -55.59 8.32
C GLU D 635 -5.17 -55.70 6.84
N PRO D 636 -4.68 -56.85 6.35
CA PRO D 636 -4.23 -56.92 4.95
C PRO D 636 -5.34 -56.57 3.96
N GLN D 637 -6.58 -56.96 4.26
CA GLN D 637 -7.68 -56.63 3.37
C GLN D 637 -7.79 -55.13 3.16
N ALA D 638 -7.46 -54.33 4.15
CA ALA D 638 -7.51 -52.88 3.95
C ALA D 638 -6.47 -52.46 2.92
N VAL D 639 -5.29 -53.06 2.99
CA VAL D 639 -4.21 -52.78 2.03
C VAL D 639 -4.67 -53.13 0.62
N ALA D 640 -5.32 -54.29 0.45
CA ALA D 640 -5.83 -54.69 -0.85
C ALA D 640 -6.87 -53.71 -1.39
N ASP D 641 -7.79 -53.27 -0.53
CA ASP D 641 -8.79 -52.29 -0.96
C ASP D 641 -8.15 -50.97 -1.32
N ASP D 642 -7.18 -50.51 -0.52
CA ASP D 642 -6.47 -49.30 -0.89
C ASP D 642 -5.89 -49.38 -2.28
N ILE D 643 -5.38 -50.56 -2.67
CA ILE D 643 -4.73 -50.69 -3.98
C ILE D 643 -5.75 -50.52 -5.11
N ASN D 644 -6.87 -51.27 -5.05
CA ASN D 644 -7.95 -51.10 -6.02
C ASN D 644 -8.54 -49.69 -5.96
N GLY D 645 -8.78 -49.20 -4.76
CA GLY D 645 -9.43 -47.90 -4.69
C GLY D 645 -8.57 -46.76 -5.12
N GLY D 646 -7.30 -47.02 -5.44
CA GLY D 646 -6.41 -45.96 -5.84
C GLY D 646 -5.74 -45.20 -4.71
N TYR D 647 -5.78 -45.71 -3.48
CA TYR D 647 -5.16 -44.96 -2.39
C TYR D 647 -3.67 -45.27 -2.24
N VAL D 648 -3.24 -46.50 -2.51
CA VAL D 648 -1.84 -46.88 -2.38
C VAL D 648 -1.40 -47.61 -3.64
N LEU D 649 -0.19 -47.31 -4.12
CA LEU D 649 0.39 -47.98 -5.29
C LEU D 649 0.85 -49.39 -4.92
N GLU D 650 0.60 -50.34 -5.83
CA GLU D 650 0.77 -51.76 -5.50
C GLU D 650 2.19 -52.09 -5.02
N ARG D 651 3.18 -51.37 -5.54
CA ARG D 651 4.58 -51.52 -5.12
C ARG D 651 4.72 -51.57 -3.59
N PHE D 652 4.08 -50.63 -2.88
CA PHE D 652 4.30 -50.51 -1.45
C PHE D 652 3.40 -51.41 -0.61
N ALA D 653 2.46 -52.15 -1.22
CA ALA D 653 1.73 -53.14 -0.44
C ALA D 653 2.69 -54.07 0.27
N GLY D 654 3.64 -54.63 -0.47
CA GLY D 654 4.64 -55.50 0.11
C GLY D 654 5.73 -54.77 0.88
N GLU D 655 6.29 -53.71 0.30
CA GLU D 655 7.46 -53.09 0.91
C GLU D 655 7.14 -52.38 2.24
N VAL D 656 5.90 -51.93 2.44
CA VAL D 656 5.54 -51.12 3.59
C VAL D 656 4.66 -51.89 4.55
N TYR D 657 3.68 -52.66 4.03
CA TYR D 657 2.70 -53.32 4.89
C TYR D 657 2.95 -54.82 5.04
N GLY D 658 3.93 -55.38 4.32
CA GLY D 658 4.12 -56.82 4.33
C GLY D 658 2.93 -57.60 3.82
N VAL D 659 2.10 -56.98 3.00
CA VAL D 659 0.91 -57.63 2.48
C VAL D 659 1.21 -58.05 1.07
N VAL D 660 0.99 -59.33 0.79
CA VAL D 660 1.23 -59.88 -0.53
C VAL D 660 -0.11 -59.95 -1.20
N VAL D 661 -0.28 -59.21 -2.29
CA VAL D 661 -1.57 -59.14 -2.96
C VAL D 661 -1.47 -59.75 -4.35
N ARG D 662 -2.47 -60.54 -4.72
CA ARG D 662 -2.55 -61.25 -5.99
C ARG D 662 -3.75 -60.76 -6.79
N LYS D 663 -3.55 -60.60 -8.10
CA LYS D 663 -4.62 -60.14 -8.96
C LYS D 663 -5.55 -61.30 -9.27
N GLY D 664 -6.85 -61.06 -9.16
CA GLY D 664 -7.86 -62.06 -9.43
C GLY D 664 -8.26 -62.15 -10.90
N ALA D 665 -9.20 -63.07 -11.17
CA ALA D 665 -9.78 -63.17 -12.51
C ALA D 665 -10.44 -61.86 -12.93
N ASP D 666 -11.11 -61.20 -11.99
CA ASP D 666 -11.78 -59.91 -12.20
C ASP D 666 -10.81 -58.75 -12.38
N GLY D 667 -9.50 -58.97 -12.19
CA GLY D 667 -8.54 -57.91 -12.34
C GLY D 667 -8.26 -57.13 -11.06
N GLN D 668 -9.05 -57.32 -10.02
CA GLN D 668 -8.85 -56.66 -8.73
C GLN D 668 -7.83 -57.42 -7.86
N TYR D 669 -7.23 -56.71 -6.92
CA TYR D 669 -6.24 -57.33 -6.06
C TYR D 669 -6.91 -58.03 -4.90
N GLY D 670 -6.38 -59.20 -4.53
CA GLY D 670 -6.82 -59.90 -3.34
C GLY D 670 -5.62 -60.24 -2.46
N VAL D 671 -5.93 -60.70 -1.25
CA VAL D 671 -4.90 -60.99 -0.28
C VAL D 671 -4.39 -62.41 -0.47
N ASP D 672 -3.07 -62.56 -0.53
CA ASP D 672 -2.39 -63.85 -0.43
C ASP D 672 -2.07 -64.07 1.05
N GLU D 673 -2.86 -64.90 1.74
CA GLU D 673 -2.82 -64.87 3.21
C GLU D 673 -1.55 -65.55 3.74
N ALA D 674 -1.22 -66.73 3.22
CA ALA D 674 0.00 -67.40 3.63
C ALA D 674 1.23 -66.58 3.29
N GLY D 675 1.25 -65.98 2.10
CA GLY D 675 2.35 -65.11 1.72
C GLY D 675 2.52 -63.92 2.65
N THR D 676 1.41 -63.32 3.09
CA THR D 676 1.46 -62.09 3.89
C THR D 676 2.00 -62.37 5.30
N ALA D 677 1.63 -63.50 5.89
CA ALA D 677 2.24 -63.90 7.15
C ALA D 677 3.76 -64.01 7.03
N ALA D 678 4.24 -64.74 6.01
CA ALA D 678 5.68 -64.97 5.89
C ALA D 678 6.42 -63.67 5.62
N ALA D 679 5.83 -62.77 4.82
CA ALA D 679 6.50 -61.51 4.54
C ALA D 679 6.60 -60.67 5.81
N ARG D 680 5.54 -60.68 6.62
CA ARG D 680 5.57 -59.99 7.89
C ARG D 680 6.57 -60.65 8.84
N ALA D 681 6.60 -61.98 8.89
CA ALA D 681 7.68 -62.67 9.59
C ALA D 681 9.04 -62.21 9.10
N GLN D 682 9.17 -62.04 7.79
CA GLN D 682 10.46 -61.68 7.22
C GLN D 682 10.81 -60.22 7.46
N ILE D 683 9.82 -59.33 7.47
CA ILE D 683 10.11 -57.92 7.70
C ILE D 683 10.67 -57.70 9.11
N ARG D 684 10.17 -58.47 10.07
CA ARG D 684 10.62 -58.28 11.46
C ARG D 684 12.08 -58.67 11.64
N LYS D 685 12.51 -59.75 10.98
CA LYS D 685 13.92 -60.12 11.03
C LYS D 685 14.80 -59.09 10.31
N ASP D 686 14.33 -58.54 9.17
CA ASP D 686 15.08 -57.50 8.47
C ASP D 686 15.20 -56.24 9.31
N ARG D 687 14.14 -55.91 10.08
CA ARG D 687 14.17 -54.72 10.93
C ARG D 687 15.23 -54.87 12.02
N LEU D 688 15.27 -56.02 12.67
CA LEU D 688 16.37 -56.31 13.59
C LEU D 688 17.70 -56.17 12.88
N ALA D 689 17.83 -56.77 11.69
CA ALA D 689 19.13 -56.88 11.04
C ALA D 689 19.68 -55.54 10.57
N LYS D 690 18.81 -54.58 10.26
CA LYS D 690 19.27 -53.34 9.64
C LYS D 690 19.38 -52.18 10.62
N SER D 691 18.75 -52.30 11.78
CA SER D 691 18.85 -51.29 12.83
C SER D 691 20.10 -51.51 13.66
N VAL D 692 20.36 -50.55 14.54
CA VAL D 692 21.47 -50.62 15.49
C VAL D 692 21.00 -50.06 16.83
N PRO D 693 21.67 -50.46 17.91
CA PRO D 693 21.42 -49.81 19.20
C PRO D 693 21.55 -48.30 19.05
N VAL D 694 20.64 -47.58 19.69
CA VAL D 694 20.62 -46.13 19.52
C VAL D 694 21.91 -45.51 20.02
N SER D 695 22.47 -46.05 21.11
CA SER D 695 23.81 -45.68 21.54
C SER D 695 24.78 -45.67 20.38
N GLU D 696 24.76 -46.76 19.57
CA GLU D 696 25.70 -46.88 18.46
C GLU D 696 25.49 -45.77 17.44
N TRP D 697 24.26 -45.66 16.94
CA TRP D 697 23.90 -44.59 16.01
C TRP D 697 24.23 -43.22 16.58
N MET D 698 23.98 -43.02 17.89
CA MET D 698 24.21 -41.72 18.51
C MET D 698 25.67 -41.27 18.39
N LYS D 699 26.64 -42.18 18.61
CA LYS D 699 28.03 -41.71 18.57
C LYS D 699 28.46 -41.38 17.14
N GLY D 700 27.85 -42.05 16.16
CA GLY D 700 28.09 -41.67 14.77
C GLY D 700 27.63 -40.26 14.45
N GLU D 701 26.37 -39.96 14.78
CA GLU D 701 25.82 -38.64 14.50
C GLU D 701 26.59 -37.56 15.24
N ARG D 702 27.03 -37.86 16.46
CA ARG D 702 27.81 -36.91 17.26
C ARG D 702 29.13 -36.53 16.58
N GLU D 703 29.83 -37.48 15.98
CA GLU D 703 30.99 -37.11 15.19
C GLU D 703 30.62 -36.13 14.08
N LYS D 704 29.53 -36.40 13.36
CA LYS D 704 29.06 -35.48 12.31
C LYS D 704 28.80 -34.10 12.88
N ILE D 705 28.16 -34.00 14.04
CA ILE D 705 27.95 -32.70 14.66
C ILE D 705 29.28 -32.01 14.93
N LEU D 706 30.17 -32.70 15.64
CA LEU D 706 31.47 -32.15 15.96
C LEU D 706 32.22 -31.72 14.70
N ALA D 707 32.02 -32.45 13.60
CA ALA D 707 32.60 -32.12 12.31
C ALA D 707 31.80 -31.09 11.53
N LYS D 708 30.63 -30.70 12.04
CA LYS D 708 29.78 -29.69 11.39
C LYS D 708 29.42 -30.13 9.96
N ASP D 709 29.01 -31.38 9.85
CA ASP D 709 28.69 -32.02 8.58
C ASP D 709 27.18 -32.04 8.40
N ALA D 710 26.68 -31.01 7.73
CA ALA D 710 25.25 -30.87 7.47
C ALA D 710 25.08 -29.69 6.54
N GLY D 711 24.00 -29.69 5.77
CA GLY D 711 23.80 -28.61 4.84
C GLY D 711 23.71 -27.29 5.56
N THR D 712 24.00 -26.22 4.82
CA THR D 712 23.89 -24.89 5.42
C THR D 712 22.50 -24.66 6.03
N GLN D 713 21.46 -25.25 5.44
CA GLN D 713 20.14 -25.05 6.01
C GLN D 713 19.98 -25.82 7.30
N VAL D 714 20.68 -26.94 7.46
CA VAL D 714 20.61 -27.60 8.76
C VAL D 714 21.38 -26.78 9.80
N ARG D 715 22.55 -26.24 9.42
CA ARG D 715 23.37 -25.51 10.38
C ARG D 715 22.78 -24.15 10.74
N GLN D 716 22.04 -23.52 9.84
CA GLN D 716 21.42 -22.23 10.15
C GLN D 716 20.21 -22.38 11.08
N MET D 717 19.43 -23.46 10.91
CA MET D 717 18.29 -23.72 11.79
C MET D 717 18.74 -23.84 13.25
N PHE D 718 19.86 -24.51 13.49
CA PHE D 718 20.36 -24.67 14.86
C PHE D 718 20.97 -23.39 15.39
N ALA D 719 21.82 -22.73 14.59
CA ALA D 719 22.43 -21.49 15.03
C ALA D 719 21.38 -20.48 15.48
N ALA D 720 20.40 -20.22 14.62
CA ALA D 720 19.34 -19.27 14.95
C ALA D 720 18.55 -19.73 16.16
N SER D 721 18.23 -21.03 16.24
CA SER D 721 17.47 -21.54 17.38
C SER D 721 18.25 -21.37 18.68
N PHE D 722 19.54 -21.73 18.68
CA PHE D 722 20.35 -21.58 19.90
C PHE D 722 20.31 -20.15 20.40
N LYS D 723 20.42 -19.17 19.50
CA LYS D 723 20.49 -17.78 19.95
C LYS D 723 19.16 -17.35 20.56
N LEU D 724 18.05 -17.82 20.00
CA LEU D 724 16.74 -17.47 20.51
C LEU D 724 16.30 -18.34 21.68
N GLY D 725 16.94 -19.48 21.90
CA GLY D 725 16.46 -20.40 22.90
C GLY D 725 17.55 -21.04 23.72
N PRO D 726 18.12 -20.29 24.67
CA PRO D 726 19.25 -20.83 25.46
C PRO D 726 18.95 -22.17 26.10
N ARG D 727 17.74 -22.36 26.64
CA ARG D 727 17.40 -23.66 27.18
C ARG D 727 17.47 -24.77 26.13
N PHE D 728 17.16 -24.46 24.87
CA PHE D 728 17.30 -25.47 23.83
C PHE D 728 18.78 -25.76 23.51
N GLU D 729 19.60 -24.71 23.45
CA GLU D 729 21.04 -24.93 23.25
C GLU D 729 21.61 -25.73 24.41
N LYS D 730 21.37 -25.27 25.65
CA LYS D 730 21.77 -26.02 26.83
C LYS D 730 21.37 -27.48 26.72
N ASP D 731 20.16 -27.74 26.21
CA ASP D 731 19.66 -29.11 26.14
C ASP D 731 20.31 -29.89 24.99
N PHE D 732 20.47 -29.26 23.82
CA PHE D 732 21.17 -29.90 22.71
C PHE D 732 22.54 -30.39 23.14
N ARG D 733 23.34 -29.44 23.66
CA ARG D 733 24.68 -29.73 24.16
C ARG D 733 24.66 -30.84 25.20
N THR D 734 23.72 -30.81 26.13
CA THR D 734 23.64 -31.91 27.08
C THR D 734 23.39 -33.23 26.39
N PHE D 735 22.43 -33.26 25.44
CA PHE D 735 22.05 -34.54 24.84
C PHE D 735 23.21 -35.14 24.05
N TRP D 736 23.91 -34.32 23.25
CA TRP D 736 24.98 -34.83 22.40
C TRP D 736 26.34 -34.83 23.07
N SER D 737 26.44 -34.35 24.32
CA SER D 737 27.69 -34.41 25.08
C SER D 737 28.80 -33.61 24.43
N LEU D 738 28.53 -32.40 24.15
CA LEU D 738 29.44 -31.57 23.33
C LEU D 738 30.33 -30.68 24.19
N PRO D 739 31.61 -30.55 23.89
CA PRO D 739 32.47 -29.67 24.69
C PRO D 739 32.03 -28.22 24.56
N ASP D 740 32.45 -27.41 25.53
CA ASP D 740 32.25 -25.98 25.41
C ASP D 740 33.06 -25.39 24.28
N SER D 741 34.05 -26.14 23.77
CA SER D 741 34.87 -25.69 22.65
C SER D 741 34.11 -25.76 21.32
N TRP D 742 33.10 -26.62 21.21
CA TRP D 742 32.28 -26.71 20.02
C TRP D 742 31.24 -25.58 20.01
N THR D 743 31.26 -24.75 18.97
CA THR D 743 30.35 -23.63 18.85
C THR D 743 29.89 -23.51 17.40
N LEU D 744 28.66 -23.04 17.22
CA LEU D 744 28.04 -22.95 15.91
C LEU D 744 27.55 -21.51 15.65
N PRO D 745 28.47 -20.57 15.46
CA PRO D 745 28.04 -19.20 15.13
C PRO D 745 27.40 -19.13 13.75
N GLU D 746 26.27 -18.40 13.66
CA GLU D 746 25.53 -18.34 12.40
C GLU D 746 26.39 -17.72 11.30
N GLU D 747 27.23 -16.73 11.67
CA GLU D 747 28.05 -15.97 10.73
C GLU D 747 29.14 -16.82 10.06
N GLU D 748 29.43 -18.00 10.57
CA GLU D 748 30.41 -18.87 9.95
C GLU D 748 29.81 -19.77 8.89
N ILE D 749 28.49 -19.81 8.74
CA ILE D 749 27.92 -20.81 7.85
C ILE D 749 28.03 -20.42 6.38
N GLY D 750 28.41 -19.19 6.06
CA GLY D 750 28.57 -18.76 4.68
C GLY D 750 27.36 -18.12 4.03
N VAL D 751 26.17 -18.28 4.60
CA VAL D 751 24.91 -17.74 4.05
C VAL D 751 24.66 -16.35 4.64
N PRO D 752 23.88 -15.49 3.97
CA PRO D 752 23.51 -14.19 4.56
C PRO D 752 22.81 -14.33 5.90
N THR D 753 23.05 -13.35 6.76
CA THR D 753 22.47 -13.37 8.11
C THR D 753 21.78 -12.05 8.43
N TYR D 754 21.26 -11.36 7.41
CA TYR D 754 20.64 -10.06 7.67
C TYR D 754 19.47 -10.21 8.63
N GLY D 755 19.31 -9.22 9.51
CA GLY D 755 18.29 -9.33 10.54
C GLY D 755 18.56 -10.35 11.65
N SER D 756 19.81 -10.75 11.86
CA SER D 756 20.05 -11.75 12.91
C SER D 756 20.38 -11.13 14.26
N ARG D 757 20.95 -9.92 14.27
CA ARG D 757 21.17 -9.15 15.47
C ARG D 757 20.29 -7.91 15.51
N TYR D 758 20.24 -7.16 14.41
CA TYR D 758 19.53 -5.89 14.40
C TYR D 758 18.06 -6.08 14.03
N SER D 759 17.19 -5.40 14.77
CA SER D 759 15.75 -5.45 14.50
C SER D 759 15.09 -4.24 15.14
N MET D 760 13.93 -3.86 14.59
CA MET D 760 13.17 -2.71 15.08
C MET D 760 11.72 -3.13 15.08
N ASP D 761 11.09 -3.03 16.23
CA ASP D 761 9.75 -3.55 16.43
C ASP D 761 8.76 -2.45 16.07
N ILE D 762 7.51 -2.85 15.80
CA ILE D 762 6.47 -1.86 15.53
C ILE D 762 6.26 -0.95 16.74
N SER D 763 6.40 -1.50 17.95
CA SER D 763 6.17 -0.76 19.20
C SER D 763 7.16 0.38 19.40
N GLU D 764 8.14 0.48 18.53
CA GLU D 764 9.12 1.55 18.59
C GLU D 764 8.75 2.76 17.72
N LEU D 765 7.62 2.72 16.99
CA LEU D 765 7.14 3.88 16.25
C LEU D 765 6.27 4.78 17.14
N PRO D 766 6.13 6.05 16.83
CA PRO D 766 5.38 6.91 17.76
C PRO D 766 3.92 6.53 17.87
N ASP D 767 3.37 6.78 19.06
CA ASP D 767 1.99 6.56 19.48
C ASP D 767 1.54 5.11 19.41
N VAL D 768 2.47 4.17 19.22
CA VAL D 768 2.09 2.77 19.08
C VAL D 768 2.08 2.12 20.46
N HIS D 769 0.92 1.66 20.87
CA HIS D 769 0.74 0.92 22.11
C HIS D 769 0.24 -0.45 21.69
N THR D 770 1.08 -1.46 21.81
CA THR D 770 0.64 -2.75 21.36
C THR D 770 0.18 -3.57 22.53
N VAL D 771 -0.66 -4.53 22.23
CA VAL D 771 -1.26 -5.39 23.24
C VAL D 771 -0.46 -6.68 23.28
N GLN D 772 -0.29 -7.21 24.49
CA GLN D 772 0.47 -8.42 24.73
C GLN D 772 -0.49 -9.51 25.20
N PHE D 773 -0.43 -10.67 24.53
CA PHE D 773 -1.31 -11.79 24.85
C PHE D 773 -0.51 -13.02 25.27
N VAL D 774 0.82 -12.94 25.29
CA VAL D 774 1.74 -14.08 25.28
C VAL D 774 2.87 -13.82 26.26
N GLU D 775 3.46 -14.90 26.81
CA GLU D 775 4.49 -14.74 27.83
C GLU D 775 5.75 -14.09 27.26
N GLU D 776 6.23 -14.54 26.08
CA GLU D 776 7.24 -13.79 25.30
C GLU D 776 8.67 -13.92 25.85
N LEU E 18 -77.01 -34.09 -7.33
CA LEU E 18 -77.02 -33.83 -5.89
C LEU E 18 -75.74 -33.10 -5.48
N ARG E 19 -74.62 -33.77 -5.71
CA ARG E 19 -73.30 -33.38 -5.20
C ARG E 19 -72.28 -33.51 -6.31
N ASN E 20 -71.42 -32.51 -6.46
CA ASN E 20 -70.39 -32.53 -7.51
C ASN E 20 -69.01 -32.63 -6.86
N VAL E 21 -68.31 -33.74 -7.12
CA VAL E 21 -66.96 -33.98 -6.58
C VAL E 21 -65.94 -33.50 -7.60
N GLN E 22 -65.03 -32.61 -7.17
CA GLN E 22 -64.22 -31.85 -8.11
C GLN E 22 -62.71 -31.96 -7.89
N VAL E 23 -62.25 -32.24 -6.68
CA VAL E 23 -60.84 -32.22 -6.36
C VAL E 23 -60.49 -33.49 -5.60
N LEU E 24 -59.35 -34.09 -5.93
CA LEU E 24 -58.89 -35.29 -5.24
C LEU E 24 -57.42 -35.21 -4.90
N GLY E 25 -57.09 -35.41 -3.61
CA GLY E 25 -55.71 -35.48 -3.13
C GLY E 25 -55.34 -36.86 -2.62
N ILE E 26 -54.03 -37.17 -2.63
CA ILE E 26 -53.54 -38.54 -2.45
C ILE E 26 -52.20 -38.47 -1.72
N ASP E 27 -52.07 -39.26 -0.65
CA ASP E 27 -50.77 -39.56 -0.04
C ASP E 27 -50.64 -41.08 -0.09
N ALA E 28 -49.84 -41.55 -1.05
CA ALA E 28 -49.49 -42.97 -1.19
C ALA E 28 -48.27 -43.21 -0.31
N GLY E 29 -48.49 -43.81 0.86
CA GLY E 29 -47.44 -44.00 1.83
C GLY E 29 -47.05 -45.46 1.94
N GLY E 30 -45.94 -45.69 2.66
CA GLY E 30 -45.45 -47.05 2.89
C GLY E 30 -46.42 -47.93 3.65
N THR E 31 -47.42 -47.33 4.30
CA THR E 31 -48.38 -48.04 5.15
C THR E 31 -49.81 -47.92 4.63
N MET E 32 -50.27 -46.71 4.39
CA MET E 32 -51.65 -46.43 4.00
C MET E 32 -51.67 -45.48 2.81
N THR E 33 -52.65 -45.67 1.93
CA THR E 33 -52.91 -44.77 0.81
C THR E 33 -54.14 -43.90 1.14
N ASP E 34 -53.89 -42.60 1.32
CA ASP E 34 -54.92 -41.66 1.75
C ASP E 34 -55.54 -40.97 0.56
N THR E 35 -56.86 -40.81 0.59
CA THR E 35 -57.58 -40.08 -0.45
C THR E 35 -58.36 -38.94 0.20
N PHE E 36 -58.30 -37.76 -0.43
CA PHE E 36 -59.00 -36.57 0.03
C PHE E 36 -59.86 -36.01 -1.11
N PHE E 37 -61.17 -36.17 -1.00
CA PHE E 37 -62.14 -35.70 -1.99
C PHE E 37 -62.77 -34.39 -1.53
N VAL E 38 -62.77 -33.38 -2.40
CA VAL E 38 -63.45 -32.11 -2.19
C VAL E 38 -64.61 -31.98 -3.18
N ASP E 39 -65.76 -31.54 -2.67
CA ASP E 39 -66.90 -31.26 -3.54
C ASP E 39 -66.92 -29.77 -3.88
N GLN E 40 -67.95 -29.37 -4.65
CA GLN E 40 -68.01 -28.02 -5.21
C GLN E 40 -68.15 -26.95 -4.13
N ASP E 41 -68.91 -27.25 -3.09
CA ASP E 41 -69.14 -26.33 -1.98
C ASP E 41 -68.08 -26.44 -0.89
N GLY E 42 -67.02 -27.22 -1.11
CA GLY E 42 -65.94 -27.34 -0.17
C GLY E 42 -66.04 -28.51 0.81
N ASP E 43 -67.22 -29.11 0.98
CA ASP E 43 -67.35 -30.25 1.87
C ASP E 43 -66.41 -31.37 1.41
N PHE E 44 -65.87 -32.13 2.38
CA PHE E 44 -64.89 -33.15 2.01
C PHE E 44 -65.13 -34.44 2.80
N VAL E 45 -64.45 -35.49 2.35
CA VAL E 45 -64.49 -36.80 2.99
C VAL E 45 -63.15 -37.48 2.70
N VAL E 46 -62.80 -38.47 3.52
CA VAL E 46 -61.44 -39.03 3.50
C VAL E 46 -61.52 -40.55 3.50
N GLY E 47 -60.68 -41.18 2.68
CA GLY E 47 -60.61 -42.63 2.61
C GLY E 47 -59.25 -43.18 2.95
N LYS E 48 -59.24 -44.39 3.51
CA LYS E 48 -58.01 -45.08 3.91
C LYS E 48 -58.06 -46.53 3.45
N ALA E 49 -56.89 -47.04 3.05
CA ALA E 49 -56.69 -48.41 2.58
C ALA E 49 -55.22 -48.72 2.72
N GLN E 50 -54.92 -50.01 2.94
CA GLN E 50 -53.53 -50.43 2.93
C GLN E 50 -52.93 -50.15 1.56
N SER E 51 -51.71 -49.62 1.56
CA SER E 51 -51.01 -49.37 0.32
C SER E 51 -50.74 -50.68 -0.40
N THR E 52 -50.61 -50.59 -1.73
CA THR E 52 -50.28 -51.73 -2.58
C THR E 52 -49.02 -51.31 -3.34
N PRO E 53 -47.85 -51.45 -2.72
CA PRO E 53 -46.64 -50.81 -3.28
C PRO E 53 -46.20 -51.32 -4.64
N GLN E 54 -46.50 -52.57 -4.99
CA GLN E 54 -46.09 -53.07 -6.30
C GLN E 54 -46.99 -52.57 -7.42
N ASN E 55 -48.14 -51.99 -7.09
CA ASN E 55 -48.99 -51.28 -8.04
C ASN E 55 -49.95 -50.42 -7.21
N GLU E 56 -49.54 -49.18 -6.94
CA GLU E 56 -50.29 -48.36 -6.00
C GLU E 56 -51.72 -48.06 -6.47
N ALA E 57 -52.05 -48.33 -7.72
CA ALA E 57 -53.44 -48.16 -8.18
C ALA E 57 -54.39 -49.02 -7.37
N LEU E 58 -53.96 -50.24 -7.01
CA LEU E 58 -54.87 -51.17 -6.35
C LEU E 58 -55.39 -50.60 -5.03
N GLY E 59 -54.51 -50.00 -4.24
CA GLY E 59 -54.92 -49.38 -2.99
C GLY E 59 -55.63 -48.06 -3.21
N LEU E 60 -55.14 -47.30 -4.20
CA LEU E 60 -55.78 -46.04 -4.53
C LEU E 60 -57.26 -46.24 -4.82
N ILE E 61 -57.58 -47.25 -5.65
CA ILE E 61 -58.97 -47.58 -5.95
C ILE E 61 -59.71 -47.94 -4.66
N ALA E 62 -59.10 -48.80 -3.84
CA ALA E 62 -59.73 -49.24 -2.61
C ALA E 62 -60.01 -48.07 -1.67
N SER E 63 -58.99 -47.23 -1.44
CA SER E 63 -59.16 -46.06 -0.57
C SER E 63 -60.22 -45.12 -1.14
N SER E 64 -60.17 -44.88 -2.46
CA SER E 64 -61.17 -44.06 -3.13
C SER E 64 -62.57 -44.54 -2.81
N GLU E 65 -62.80 -45.86 -2.94
CA GLU E 65 -64.13 -46.38 -2.69
C GLU E 65 -64.52 -46.25 -1.23
N ASP E 66 -63.54 -46.28 -0.33
CA ASP E 66 -63.81 -46.11 1.09
C ASP E 66 -64.26 -44.69 1.40
N GLY E 67 -63.49 -43.69 0.97
CA GLY E 67 -63.87 -42.31 1.24
C GLY E 67 -65.20 -41.94 0.60
N LEU E 68 -65.39 -42.33 -0.66
CA LEU E 68 -66.60 -41.94 -1.37
C LEU E 68 -67.84 -42.60 -0.77
N ALA E 69 -67.71 -43.80 -0.19
CA ALA E 69 -68.89 -44.47 0.38
C ALA E 69 -69.50 -43.71 1.56
N ASN E 70 -68.73 -42.83 2.22
CA ASN E 70 -69.31 -42.02 3.27
C ASN E 70 -70.29 -40.99 2.72
N TRP E 71 -70.08 -40.56 1.48
CA TRP E 71 -71.02 -39.73 0.75
C TRP E 71 -72.03 -40.57 -0.07
N GLY E 72 -72.19 -41.85 0.26
CA GLY E 72 -73.07 -42.70 -0.53
C GLY E 72 -72.87 -42.61 -2.02
N MET E 73 -71.64 -42.57 -2.48
CA MET E 73 -71.33 -42.32 -3.87
C MET E 73 -70.35 -43.38 -4.36
N SER E 74 -70.47 -43.75 -5.64
CA SER E 74 -69.57 -44.74 -6.24
C SER E 74 -68.33 -44.06 -6.82
N LEU E 75 -67.25 -44.84 -6.93
CA LEU E 75 -66.05 -44.39 -7.62
C LEU E 75 -66.33 -44.04 -9.07
N HIS E 76 -67.18 -44.83 -9.72
CA HIS E 76 -67.56 -44.51 -11.09
C HIS E 76 -68.18 -43.11 -11.16
N GLU E 77 -69.15 -42.84 -10.29
CA GLU E 77 -69.89 -41.59 -10.36
C GLU E 77 -69.01 -40.40 -10.02
N ALA E 78 -68.11 -40.55 -9.06
CA ALA E 78 -67.28 -39.41 -8.67
C ALA E 78 -66.25 -39.05 -9.74
N LEU E 79 -65.64 -40.06 -10.38
CA LEU E 79 -64.49 -39.81 -11.27
C LEU E 79 -64.87 -39.01 -12.51
N ALA E 80 -66.09 -39.17 -12.99
CA ALA E 80 -66.52 -38.41 -14.16
C ALA E 80 -66.60 -36.91 -13.87
N GLN E 81 -66.65 -36.52 -12.60
CA GLN E 81 -66.83 -35.13 -12.21
C GLN E 81 -65.55 -34.44 -11.75
N LEU E 82 -64.54 -35.19 -11.32
CA LEU E 82 -63.28 -34.60 -10.88
C LEU E 82 -62.70 -33.71 -11.96
N GLN E 83 -62.29 -32.50 -11.57
CA GLN E 83 -61.63 -31.56 -12.48
C GLN E 83 -60.13 -31.57 -12.37
N THR E 84 -59.60 -32.01 -11.23
CA THR E 84 -58.16 -32.14 -11.09
C THR E 84 -57.87 -32.97 -9.85
N GLY E 85 -56.69 -33.60 -9.87
CA GLY E 85 -56.22 -34.40 -8.75
C GLY E 85 -54.73 -34.21 -8.56
N VAL E 86 -54.28 -34.38 -7.32
CA VAL E 86 -52.86 -34.24 -6.98
C VAL E 86 -52.39 -35.53 -6.29
N TYR E 87 -51.29 -36.09 -6.80
CA TYR E 87 -50.64 -37.25 -6.20
C TYR E 87 -49.41 -36.83 -5.40
N SER E 88 -49.22 -37.47 -4.26
CA SER E 88 -47.96 -37.40 -3.52
C SER E 88 -47.70 -38.77 -2.91
N GLY E 89 -46.42 -39.08 -2.68
CA GLY E 89 -46.07 -40.39 -2.16
C GLY E 89 -44.72 -40.39 -1.46
N THR E 90 -44.31 -41.56 -0.99
CA THR E 90 -43.03 -41.68 -0.27
C THR E 90 -42.13 -42.80 -0.77
N ALA E 91 -42.50 -43.53 -1.82
CA ALA E 91 -41.75 -44.74 -2.17
C ALA E 91 -40.36 -44.39 -2.70
N MET E 92 -40.25 -43.36 -3.53
CA MET E 92 -38.94 -43.01 -4.09
C MET E 92 -38.01 -42.49 -2.99
N LEU E 93 -38.49 -41.54 -2.18
CA LEU E 93 -37.69 -41.00 -1.07
C LEU E 93 -37.17 -42.10 -0.16
N ASN E 94 -37.98 -43.11 0.10
CA ASN E 94 -37.60 -44.20 1.00
C ASN E 94 -36.43 -44.99 0.42
N ARG E 95 -36.54 -45.38 -0.85
CA ARG E 95 -35.48 -46.11 -1.55
C ARG E 95 -34.14 -45.37 -1.46
N VAL E 96 -34.16 -44.05 -1.65
CA VAL E 96 -32.93 -43.26 -1.52
C VAL E 96 -32.37 -43.42 -0.12
N VAL E 97 -33.20 -43.14 0.88
CA VAL E 97 -32.72 -43.08 2.26
C VAL E 97 -32.14 -44.41 2.69
N GLN E 98 -32.81 -45.51 2.37
CA GLN E 98 -32.36 -46.83 2.79
C GLN E 98 -31.33 -47.43 1.83
N ARG E 99 -30.82 -46.63 0.90
CA ARG E 99 -29.89 -47.06 -0.15
C ARG E 99 -30.27 -48.44 -0.68
N LYS E 100 -31.51 -48.52 -1.16
CA LYS E 100 -32.03 -49.73 -1.78
C LYS E 100 -32.37 -49.48 -3.26
N GLY E 101 -31.61 -48.59 -3.92
CA GLY E 101 -31.84 -48.22 -5.30
C GLY E 101 -31.40 -49.28 -6.30
N LEU E 102 -31.06 -48.83 -7.51
CA LEU E 102 -30.66 -49.72 -8.59
C LEU E 102 -29.15 -49.73 -8.78
N LYS E 103 -28.64 -50.86 -9.30
CA LYS E 103 -27.23 -50.99 -9.64
C LYS E 103 -26.98 -50.11 -10.85
N CYS E 104 -26.74 -48.83 -10.59
CA CYS E 104 -26.64 -47.81 -11.61
C CYS E 104 -25.17 -47.47 -11.88
N GLY E 105 -24.88 -47.12 -13.13
CA GLY E 105 -23.52 -46.76 -13.53
C GLY E 105 -23.40 -45.37 -14.09
N LEU E 106 -22.18 -44.85 -14.21
CA LEU E 106 -21.96 -43.44 -14.53
C LEU E 106 -20.85 -43.32 -15.57
N ILE E 107 -21.03 -42.38 -16.51
CA ILE E 107 -20.03 -42.00 -17.52
C ILE E 107 -19.81 -40.51 -17.39
N VAL E 108 -18.56 -40.08 -17.18
CA VAL E 108 -18.20 -38.66 -17.05
C VAL E 108 -16.96 -38.37 -17.91
N ASN E 109 -16.39 -37.18 -17.81
CA ASN E 109 -15.20 -36.85 -18.59
C ASN E 109 -13.99 -37.64 -18.09
N ARG E 110 -13.24 -38.24 -19.01
CA ARG E 110 -12.11 -39.10 -18.68
C ARG E 110 -11.05 -38.32 -17.92
N GLY E 111 -10.49 -38.93 -16.88
CA GLY E 111 -9.59 -38.24 -15.97
C GLY E 111 -10.30 -37.64 -14.77
N MET E 112 -11.62 -37.57 -14.82
CA MET E 112 -12.38 -36.99 -13.73
C MET E 112 -13.36 -38.00 -13.18
N GLU E 113 -13.10 -39.30 -13.46
CA GLU E 113 -13.98 -40.37 -12.97
C GLU E 113 -14.16 -40.27 -11.47
N ASP E 114 -13.17 -39.73 -10.77
CA ASP E 114 -13.13 -39.76 -9.33
C ASP E 114 -14.04 -38.74 -8.68
N PHE E 115 -14.73 -37.87 -9.44
CA PHE E 115 -15.30 -36.77 -8.71
C PHE E 115 -16.55 -37.19 -7.93
N HIS E 116 -17.42 -38.03 -8.49
CA HIS E 116 -18.53 -38.58 -7.71
C HIS E 116 -18.09 -39.13 -6.34
N ARG E 117 -17.21 -40.14 -6.34
CA ARG E 117 -16.83 -40.72 -5.05
C ARG E 117 -16.04 -39.77 -4.15
N MET E 118 -15.48 -38.68 -4.68
CA MET E 118 -14.83 -37.78 -3.76
C MET E 118 -15.84 -36.91 -3.01
N GLY E 119 -17.09 -36.85 -3.48
CA GLY E 119 -18.15 -36.15 -2.77
C GLY E 119 -17.94 -34.68 -2.51
N ARG E 120 -17.03 -34.04 -3.24
CA ARG E 120 -16.65 -32.63 -3.13
C ARG E 120 -16.19 -32.22 -1.72
N ALA E 121 -15.81 -33.21 -0.88
CA ALA E 121 -15.35 -33.03 0.51
C ALA E 121 -16.53 -32.66 1.41
N VAL E 122 -17.25 -31.61 1.02
CA VAL E 122 -18.56 -31.27 1.52
C VAL E 122 -19.27 -32.48 2.10
N GLN E 123 -19.55 -33.49 1.26
CA GLN E 123 -20.45 -34.58 1.79
C GLN E 123 -19.84 -35.42 2.92
N SER E 124 -18.68 -35.10 3.48
CA SER E 124 -18.23 -35.71 4.72
C SER E 124 -18.63 -34.89 5.96
N HIS E 125 -19.55 -33.93 5.83
CA HIS E 125 -20.12 -33.19 6.97
C HIS E 125 -21.44 -32.51 6.61
N LEU E 126 -22.04 -32.90 5.48
CA LEU E 126 -23.36 -32.38 5.10
C LEU E 126 -24.38 -32.64 6.19
N GLY E 127 -25.16 -31.59 6.51
CA GLY E 127 -26.21 -31.68 7.51
C GLY E 127 -25.69 -32.02 8.90
N TYR E 128 -24.67 -31.29 9.35
CA TYR E 128 -24.09 -31.51 10.66
C TYR E 128 -24.43 -30.36 11.58
N ALA E 129 -24.77 -30.70 12.82
CA ALA E 129 -24.99 -29.70 13.86
C ALA E 129 -23.72 -28.88 14.07
N TYR E 130 -23.91 -27.67 14.60
CA TYR E 130 -22.79 -26.77 14.88
C TYR E 130 -21.60 -27.52 15.45
N GLU E 131 -21.87 -28.32 16.49
CA GLU E 131 -20.81 -28.96 17.25
C GLU E 131 -20.05 -29.98 16.40
N ASP E 132 -20.73 -30.71 15.55
CA ASP E 132 -20.06 -31.73 14.76
C ASP E 132 -19.40 -31.14 13.51
N ARG E 133 -19.88 -30.00 13.02
CA ARG E 133 -19.16 -29.32 11.95
C ARG E 133 -17.72 -29.06 12.35
N ILE E 134 -17.49 -28.62 13.59
CA ILE E 134 -16.12 -28.39 14.00
C ILE E 134 -15.47 -29.64 14.59
N HIS E 135 -16.24 -30.53 15.22
CA HIS E 135 -15.62 -31.74 15.79
C HIS E 135 -15.12 -32.60 14.64
N LEU E 136 -13.82 -32.48 14.33
CA LEU E 136 -13.28 -33.05 13.10
C LEU E 136 -13.50 -34.56 13.01
N ASN E 137 -13.17 -35.31 14.06
CA ASN E 137 -13.21 -36.77 13.99
C ASN E 137 -14.60 -37.30 13.81
N THR E 138 -15.55 -36.41 13.70
CA THR E 138 -16.95 -36.72 13.45
C THR E 138 -17.23 -36.88 11.97
N HIS E 139 -16.43 -36.27 11.11
CA HIS E 139 -16.68 -36.31 9.68
C HIS E 139 -16.58 -37.74 9.16
N ARG E 140 -17.47 -38.08 8.24
CA ARG E 140 -17.60 -39.42 7.71
C ARG E 140 -18.20 -39.36 6.29
N TYR E 141 -17.64 -40.15 5.37
CA TYR E 141 -18.15 -40.28 4.02
C TYR E 141 -19.09 -41.48 3.95
N ASP E 142 -20.22 -41.29 3.31
CA ASP E 142 -21.03 -42.45 3.03
C ASP E 142 -20.49 -43.16 1.79
N PRO E 143 -20.89 -44.40 1.56
CA PRO E 143 -20.65 -45.02 0.24
C PRO E 143 -21.19 -44.13 -0.87
N PRO E 144 -20.50 -44.07 -2.00
CA PRO E 144 -21.06 -43.33 -3.14
C PRO E 144 -22.24 -44.07 -3.77
N LEU E 145 -23.18 -43.29 -4.31
CA LEU E 145 -24.31 -43.90 -5.03
C LEU E 145 -23.82 -44.82 -6.13
N VAL E 146 -22.86 -44.37 -6.92
CA VAL E 146 -22.29 -45.18 -7.99
C VAL E 146 -20.85 -45.52 -7.62
N PRO E 147 -20.53 -46.78 -7.39
CA PRO E 147 -19.13 -47.16 -7.12
C PRO E 147 -18.21 -46.89 -8.30
N ARG E 148 -16.92 -46.93 -7.99
CA ARG E 148 -15.91 -46.60 -8.98
C ARG E 148 -15.87 -47.61 -10.11
N HIS E 149 -16.14 -48.87 -9.81
CA HIS E 149 -16.04 -49.84 -10.88
C HIS E 149 -17.21 -49.79 -11.85
N LEU E 150 -18.22 -48.95 -11.61
CA LEU E 150 -19.30 -48.77 -12.58
C LEU E 150 -19.28 -47.36 -13.18
N THR E 151 -18.22 -46.57 -12.91
CA THR E 151 -17.91 -45.30 -13.54
C THR E 151 -16.93 -45.51 -14.70
N ARG E 152 -17.09 -44.72 -15.78
CA ARG E 152 -16.13 -44.71 -16.90
C ARG E 152 -16.01 -43.29 -17.47
N GLY E 153 -15.02 -43.08 -18.32
CA GLY E 153 -14.73 -41.75 -18.83
C GLY E 153 -14.62 -41.67 -20.34
N VAL E 154 -15.13 -40.57 -20.90
CA VAL E 154 -14.96 -40.24 -22.32
C VAL E 154 -14.03 -39.05 -22.46
N VAL E 155 -13.40 -38.96 -23.62
CA VAL E 155 -12.37 -37.96 -23.88
C VAL E 155 -13.04 -36.80 -24.61
N GLU E 156 -13.48 -35.81 -23.83
CA GLU E 156 -14.15 -34.64 -24.35
C GLU E 156 -14.02 -33.53 -23.33
N ARG E 157 -13.96 -32.29 -23.83
CA ARG E 157 -13.89 -31.12 -22.96
C ARG E 157 -14.53 -29.90 -23.63
N THR E 158 -15.60 -29.38 -23.00
CA THR E 158 -16.34 -28.20 -23.46
C THR E 158 -16.24 -27.15 -22.37
N ASP E 159 -15.88 -25.92 -22.74
CA ASP E 159 -15.57 -24.94 -21.72
C ASP E 159 -16.81 -24.14 -21.34
N MET E 160 -16.66 -23.22 -20.39
CA MET E 160 -17.80 -22.55 -19.76
C MET E 160 -18.67 -21.76 -20.73
N ILE E 161 -18.30 -21.62 -22.01
CA ILE E 161 -19.20 -20.93 -22.95
C ILE E 161 -19.50 -21.78 -24.17
N GLY E 162 -19.40 -23.09 -24.03
CA GLY E 162 -19.80 -23.98 -25.09
C GLY E 162 -18.74 -24.29 -26.12
N THR E 163 -17.61 -23.59 -26.09
CA THR E 163 -16.56 -23.86 -27.06
C THR E 163 -15.96 -25.23 -26.76
N GLN E 164 -15.69 -26.00 -27.81
CA GLN E 164 -15.25 -27.39 -27.69
C GLN E 164 -13.72 -27.44 -27.79
N VAL E 165 -13.06 -27.38 -26.63
CA VAL E 165 -11.61 -27.39 -26.56
C VAL E 165 -11.02 -28.72 -27.01
N ILE E 166 -11.57 -29.82 -26.49
CA ILE E 166 -11.20 -31.17 -26.88
C ILE E 166 -12.44 -31.85 -27.43
N PRO E 167 -12.55 -31.99 -28.74
CA PRO E 167 -13.79 -32.56 -29.31
C PRO E 167 -13.96 -34.01 -28.91
N LEU E 168 -15.21 -34.46 -28.85
CA LEU E 168 -15.50 -35.81 -28.35
C LEU E 168 -14.91 -36.87 -29.27
N ARG E 169 -14.00 -37.67 -28.72
CA ARG E 169 -13.48 -38.84 -29.42
C ARG E 169 -14.45 -40.00 -29.22
N GLU E 170 -15.41 -40.12 -30.15
CA GLU E 170 -16.52 -41.07 -30.04
C GLU E 170 -16.08 -42.49 -29.73
N ASP E 171 -14.82 -42.85 -29.99
CA ASP E 171 -14.35 -44.20 -29.73
C ASP E 171 -14.34 -44.50 -28.24
N THR E 172 -13.76 -43.60 -27.44
CA THR E 172 -13.74 -43.78 -25.99
C THR E 172 -15.13 -43.85 -25.42
N ALA E 173 -16.12 -43.26 -26.12
CA ALA E 173 -17.52 -43.36 -25.73
C ALA E 173 -18.08 -44.75 -25.99
N ARG E 174 -17.66 -45.38 -27.07
CA ARG E 174 -18.20 -46.70 -27.36
C ARG E 174 -17.67 -47.74 -26.38
N ASP E 175 -16.40 -47.63 -25.98
CA ASP E 175 -15.87 -48.53 -24.96
C ASP E 175 -16.53 -48.27 -23.61
N ALA E 176 -16.72 -46.98 -23.28
CA ALA E 176 -17.40 -46.62 -22.04
C ALA E 176 -18.72 -47.38 -21.91
N ALA E 177 -19.53 -47.39 -22.97
CA ALA E 177 -20.81 -48.11 -22.89
C ALA E 177 -20.60 -49.60 -22.79
N ARG E 178 -19.68 -50.13 -23.61
CA ARG E 178 -19.45 -51.58 -23.65
C ARG E 178 -18.98 -52.10 -22.29
N ASP E 179 -18.14 -51.33 -21.60
CA ASP E 179 -17.70 -51.71 -20.26
C ASP E 179 -18.87 -51.88 -19.28
N LEU E 180 -19.74 -50.87 -19.18
CA LEU E 180 -20.85 -50.91 -18.22
C LEU E 180 -21.95 -51.87 -18.65
N ILE E 181 -22.23 -52.00 -19.96
CA ILE E 181 -23.19 -53.02 -20.37
C ILE E 181 -22.71 -54.39 -19.89
N ALA E 182 -21.40 -54.65 -20.04
CA ALA E 182 -20.81 -55.92 -19.63
C ALA E 182 -20.81 -56.07 -18.12
N ALA E 183 -20.63 -54.97 -17.39
CA ALA E 183 -20.71 -54.99 -15.93
C ALA E 183 -22.11 -55.27 -15.42
N ASP E 184 -23.08 -55.50 -16.30
CA ASP E 184 -24.48 -55.74 -15.92
C ASP E 184 -25.06 -54.58 -15.13
N ALA E 185 -24.71 -53.36 -15.54
CA ALA E 185 -25.33 -52.15 -15.04
C ALA E 185 -26.82 -52.13 -15.37
N GLU E 186 -27.60 -51.51 -14.49
CA GLU E 186 -29.05 -51.50 -14.63
C GLU E 186 -29.57 -50.16 -15.13
N GLY E 187 -28.73 -49.12 -15.16
CA GLY E 187 -29.00 -47.89 -15.87
C GLY E 187 -27.70 -47.16 -15.99
N ILE E 188 -27.63 -46.21 -16.92
CA ILE E 188 -26.39 -45.47 -17.20
C ILE E 188 -26.66 -43.97 -17.25
N VAL E 189 -25.88 -43.20 -16.47
CA VAL E 189 -26.01 -41.76 -16.34
C VAL E 189 -24.80 -41.11 -17.02
N ILE E 190 -25.02 -39.99 -17.72
CA ILE E 190 -23.97 -39.33 -18.49
C ILE E 190 -23.89 -37.88 -18.05
N SER E 191 -22.73 -37.47 -17.56
CA SER E 191 -22.55 -36.13 -17.02
C SER E 191 -21.20 -35.61 -17.48
N LEU E 192 -21.23 -34.66 -18.40
CA LEU E 192 -20.04 -34.04 -18.93
C LEU E 192 -20.05 -32.58 -18.53
N LEU E 193 -18.86 -32.04 -18.27
CA LEU E 193 -18.76 -30.68 -17.75
C LEU E 193 -19.29 -29.64 -18.74
N HIS E 194 -20.07 -28.69 -18.19
CA HIS E 194 -20.66 -27.57 -18.91
C HIS E 194 -21.64 -28.01 -20.00
N SER E 195 -22.22 -29.18 -19.85
CA SER E 195 -23.19 -29.63 -20.85
C SER E 195 -24.46 -28.79 -20.82
N TYR E 196 -24.84 -28.27 -19.65
CA TYR E 196 -25.99 -27.39 -19.55
C TYR E 196 -25.85 -26.24 -20.55
N LYS E 197 -24.61 -25.81 -20.85
CA LYS E 197 -24.42 -24.69 -21.75
C LYS E 197 -24.44 -25.12 -23.22
N ASN E 198 -23.72 -26.19 -23.55
CA ASN E 198 -23.67 -26.75 -24.91
C ASN E 198 -23.85 -28.26 -24.78
N PRO E 199 -25.03 -28.80 -25.11
CA PRO E 199 -25.29 -30.23 -24.93
C PRO E 199 -24.93 -31.11 -26.11
N GLU E 200 -24.23 -30.60 -27.13
CA GLU E 200 -23.93 -31.45 -28.28
C GLU E 200 -23.21 -32.72 -27.88
N ASN E 201 -22.03 -32.58 -27.27
CA ASN E 201 -21.24 -33.79 -26.99
C ASN E 201 -21.95 -34.71 -26.00
N GLU E 202 -22.65 -34.14 -25.01
CA GLU E 202 -23.26 -35.02 -24.02
C GLU E 202 -24.43 -35.79 -24.61
N ARG E 203 -25.11 -35.21 -25.60
CA ARG E 203 -26.20 -35.91 -26.27
C ARG E 203 -25.67 -36.85 -27.34
N ARG E 204 -24.52 -36.55 -27.94
CA ARG E 204 -23.91 -37.54 -28.82
C ARG E 204 -23.53 -38.79 -28.03
N VAL E 205 -22.87 -38.61 -26.87
CA VAL E 205 -22.48 -39.74 -26.02
C VAL E 205 -23.70 -40.62 -25.70
N ARG E 206 -24.79 -39.97 -25.27
CA ARG E 206 -26.03 -40.69 -24.97
C ARG E 206 -26.52 -41.52 -26.16
N ASP E 207 -26.48 -40.94 -27.37
CA ASP E 207 -26.91 -41.66 -28.57
C ASP E 207 -26.03 -42.89 -28.80
N ILE E 208 -24.72 -42.74 -28.63
CA ILE E 208 -23.82 -43.87 -28.79
C ILE E 208 -24.13 -44.95 -27.76
N VAL E 209 -24.28 -44.55 -26.48
CA VAL E 209 -24.61 -45.53 -25.43
C VAL E 209 -25.92 -46.23 -25.76
N LEU E 210 -26.97 -45.45 -26.06
CA LEU E 210 -28.24 -46.03 -26.49
C LEU E 210 -28.04 -47.03 -27.63
N GLU E 211 -27.18 -46.70 -28.60
CA GLU E 211 -26.90 -47.65 -29.68
C GLU E 211 -26.31 -48.95 -29.14
N GLU E 212 -25.33 -48.85 -28.23
CA GLU E 212 -24.66 -50.06 -27.75
C GLU E 212 -25.57 -50.91 -26.87
N VAL E 213 -26.49 -50.30 -26.13
CA VAL E 213 -27.45 -51.07 -25.35
C VAL E 213 -28.43 -51.78 -26.29
N GLU E 214 -28.73 -51.18 -27.44
CA GLU E 214 -29.54 -51.84 -28.45
C GLU E 214 -28.87 -53.13 -28.95
N LYS E 215 -27.58 -53.04 -29.30
CA LYS E 215 -26.88 -54.21 -29.81
C LYS E 215 -26.83 -55.33 -28.77
N SER E 216 -26.73 -54.98 -27.49
CA SER E 216 -26.59 -56.01 -26.45
C SER E 216 -27.89 -56.76 -26.18
N GLY E 217 -29.03 -56.19 -26.57
CA GLY E 217 -30.29 -56.76 -26.21
C GLY E 217 -30.70 -56.47 -24.79
N LYS E 218 -29.83 -55.88 -23.99
CA LYS E 218 -30.14 -55.67 -22.59
C LYS E 218 -31.09 -54.49 -22.44
N LYS E 219 -31.81 -54.47 -21.32
CA LYS E 219 -32.70 -53.36 -20.98
C LYS E 219 -31.98 -52.46 -19.99
N ILE E 220 -31.30 -51.44 -20.52
CA ILE E 220 -30.55 -50.48 -19.72
C ILE E 220 -30.97 -49.08 -20.16
N PRO E 221 -31.64 -48.31 -19.30
CA PRO E 221 -32.01 -46.94 -19.66
C PRO E 221 -30.92 -45.93 -19.33
N VAL E 222 -30.88 -44.88 -20.16
CA VAL E 222 -29.80 -43.91 -20.23
C VAL E 222 -30.31 -42.55 -19.77
N PHE E 223 -29.49 -41.82 -19.02
CA PHE E 223 -29.87 -40.49 -18.53
C PHE E 223 -28.76 -39.49 -18.81
N ALA E 224 -28.99 -38.60 -19.78
CA ALA E 224 -28.09 -37.47 -19.97
C ALA E 224 -28.48 -36.35 -19.01
N SER E 225 -27.51 -35.80 -18.29
CA SER E 225 -27.81 -34.78 -17.29
C SER E 225 -28.43 -33.55 -17.93
N ALA E 226 -28.04 -33.24 -19.18
CA ALA E 226 -28.61 -32.10 -19.90
C ALA E 226 -30.08 -32.31 -20.25
N ASP E 227 -30.54 -33.55 -20.30
CA ASP E 227 -31.95 -33.81 -20.55
C ASP E 227 -32.81 -33.58 -19.32
N TYR E 228 -32.22 -33.71 -18.14
CA TYR E 228 -32.99 -33.72 -16.90
C TYR E 228 -32.76 -32.47 -16.07
N TYR E 229 -31.53 -32.16 -15.66
CA TYR E 229 -31.26 -31.06 -14.75
C TYR E 229 -30.16 -30.17 -15.32
N PRO E 230 -30.45 -29.45 -16.39
CA PRO E 230 -29.41 -28.67 -17.06
C PRO E 230 -28.96 -27.45 -16.27
N VAL E 231 -28.25 -27.67 -15.16
CA VAL E 231 -27.80 -26.56 -14.32
C VAL E 231 -26.37 -26.80 -13.88
N ARG E 232 -25.64 -25.69 -13.68
CA ARG E 232 -24.24 -25.67 -13.24
C ARG E 232 -23.98 -26.45 -11.95
N LYS E 233 -22.70 -26.58 -11.58
CA LYS E 233 -22.24 -27.36 -10.44
C LYS E 233 -22.42 -28.85 -10.74
N GLU E 234 -21.32 -29.52 -11.09
CA GLU E 234 -21.44 -30.87 -11.63
C GLU E 234 -21.68 -31.91 -10.54
N THR E 235 -21.26 -31.62 -9.31
CA THR E 235 -21.54 -32.53 -8.22
C THR E 235 -23.03 -32.55 -7.90
N HIS E 236 -23.65 -31.37 -7.96
CA HIS E 236 -25.10 -31.28 -7.74
C HIS E 236 -25.87 -31.94 -8.87
N ARG E 237 -25.53 -31.59 -10.11
CA ARG E 237 -26.27 -32.09 -11.27
C ARG E 237 -26.15 -33.59 -11.40
N THR E 238 -24.96 -34.14 -11.11
CA THR E 238 -24.78 -35.57 -11.35
C THR E 238 -25.52 -36.40 -10.31
N ASN E 239 -25.42 -35.98 -9.04
CA ASN E 239 -26.21 -36.58 -7.96
C ASN E 239 -27.71 -36.55 -8.30
N THR E 240 -28.22 -35.37 -8.67
CA THR E 240 -29.63 -35.28 -9.03
C THR E 240 -29.98 -36.21 -10.21
N THR E 241 -29.16 -36.22 -11.26
CA THR E 241 -29.41 -37.09 -12.40
C THR E 241 -29.28 -38.56 -12.03
N ILE E 242 -28.24 -38.93 -11.26
CA ILE E 242 -28.11 -40.33 -10.83
C ILE E 242 -29.36 -40.83 -10.12
N LEU E 243 -30.01 -39.94 -9.34
CA LEU E 243 -31.21 -40.32 -8.59
C LEU E 243 -32.30 -40.86 -9.51
N GLU E 244 -32.45 -40.27 -10.71
CA GLU E 244 -33.41 -40.79 -11.67
C GLU E 244 -33.10 -42.24 -12.02
N GLY E 245 -31.82 -42.60 -12.09
CA GLY E 245 -31.44 -43.96 -12.37
C GLY E 245 -31.51 -44.83 -11.14
N TYR E 246 -31.03 -44.29 -10.02
CA TYR E 246 -30.89 -45.05 -8.80
C TYR E 246 -32.25 -45.46 -8.22
N ALA E 247 -33.09 -44.46 -7.91
CA ALA E 247 -34.31 -44.65 -7.12
C ALA E 247 -35.59 -44.36 -7.86
N ALA E 248 -35.59 -43.43 -8.81
CA ALA E 248 -36.81 -43.04 -9.48
C ALA E 248 -37.37 -44.17 -10.35
N GLU E 249 -36.49 -44.93 -10.99
CA GLU E 249 -36.90 -45.90 -11.99
C GLU E 249 -37.98 -46.88 -11.50
N PRO E 250 -37.86 -47.51 -10.32
CA PRO E 250 -38.95 -48.39 -9.88
C PRO E 250 -40.33 -47.73 -9.84
N SER E 251 -40.44 -46.54 -9.26
CA SER E 251 -41.74 -45.91 -9.16
C SER E 251 -42.11 -45.13 -10.42
N ARG E 252 -41.32 -45.29 -11.48
CA ARG E 252 -41.67 -44.71 -12.78
C ARG E 252 -42.93 -45.36 -13.34
N GLN E 253 -43.05 -46.69 -13.22
CA GLN E 253 -44.30 -47.33 -13.60
C GLN E 253 -45.48 -46.73 -12.85
N THR E 254 -45.26 -46.33 -11.59
CA THR E 254 -46.39 -46.11 -10.68
C THR E 254 -47.28 -44.96 -11.14
N LEU E 255 -46.69 -43.86 -11.61
CA LEU E 255 -47.54 -42.73 -12.04
C LEU E 255 -48.24 -43.02 -13.36
N SER E 256 -47.71 -43.93 -14.17
CA SER E 256 -48.46 -44.30 -15.36
C SER E 256 -49.47 -45.43 -15.11
N LYS E 257 -49.23 -46.30 -14.12
CA LYS E 257 -50.25 -47.28 -13.79
C LYS E 257 -51.47 -46.61 -13.17
N ILE E 258 -51.23 -45.68 -12.24
CA ILE E 258 -52.31 -44.91 -11.63
C ILE E 258 -53.02 -44.08 -12.68
N SER E 259 -52.25 -43.33 -13.47
CA SER E 259 -52.86 -42.48 -14.48
C SER E 259 -53.63 -43.29 -15.50
N ASN E 260 -53.09 -44.44 -15.92
CA ASN E 260 -53.86 -45.26 -16.86
C ASN E 260 -55.12 -45.80 -16.22
N ALA E 261 -55.03 -46.26 -14.96
CA ALA E 261 -56.21 -46.84 -14.32
C ALA E 261 -57.33 -45.81 -14.16
N PHE E 262 -57.00 -44.53 -14.05
CA PHE E 262 -58.02 -43.52 -13.83
C PHE E 262 -58.67 -42.99 -15.10
N LYS E 263 -57.91 -42.93 -16.20
CA LYS E 263 -58.49 -42.54 -17.48
C LYS E 263 -59.32 -43.67 -18.08
N GLU E 264 -58.84 -44.90 -17.92
CA GLU E 264 -59.60 -46.13 -18.09
C GLU E 264 -60.99 -45.97 -17.50
N ARG E 265 -61.05 -45.39 -16.29
CA ARG E 265 -62.26 -45.24 -15.50
C ARG E 265 -62.94 -43.90 -15.68
N GLY E 266 -62.43 -43.03 -16.55
CA GLY E 266 -63.15 -41.87 -16.98
C GLY E 266 -62.69 -40.53 -16.45
N THR E 267 -61.47 -40.41 -15.95
CA THR E 267 -61.03 -39.08 -15.56
C THR E 267 -60.77 -38.25 -16.80
N LYS E 268 -61.04 -36.95 -16.69
CA LYS E 268 -60.89 -36.01 -17.78
C LYS E 268 -59.81 -34.96 -17.48
N PHE E 269 -58.83 -35.31 -16.65
CA PHE E 269 -57.76 -34.42 -16.25
C PHE E 269 -56.44 -35.20 -16.21
N ASP E 270 -55.34 -34.45 -16.19
CA ASP E 270 -54.00 -34.99 -16.02
C ASP E 270 -53.56 -34.77 -14.58
N PHE E 271 -53.07 -35.83 -13.93
CA PHE E 271 -52.68 -35.71 -12.54
C PHE E 271 -51.53 -34.72 -12.36
N ARG E 272 -51.50 -34.10 -11.19
CA ARG E 272 -50.36 -33.29 -10.77
C ARG E 272 -49.68 -33.97 -9.60
N VAL E 273 -48.43 -33.58 -9.35
CA VAL E 273 -47.63 -34.17 -8.28
C VAL E 273 -47.09 -33.06 -7.41
N MET E 274 -47.00 -33.29 -6.10
CA MET E 274 -46.31 -32.32 -5.26
C MET E 274 -44.81 -32.42 -5.46
N ALA E 275 -44.16 -31.27 -5.58
CA ALA E 275 -42.76 -31.21 -5.98
C ALA E 275 -41.92 -30.55 -4.88
N THR E 276 -40.61 -30.65 -5.04
CA THR E 276 -39.71 -30.28 -3.95
C THR E 276 -39.89 -28.84 -3.48
N HIS E 277 -40.36 -27.93 -4.34
CA HIS E 277 -40.48 -26.51 -3.99
C HIS E 277 -41.86 -26.13 -3.44
N GLY E 278 -42.74 -27.10 -3.17
CA GLY E 278 -44.09 -26.86 -2.69
C GLY E 278 -45.15 -26.59 -3.76
N GLY E 279 -44.79 -26.66 -5.04
CA GLY E 279 -45.75 -26.46 -6.10
C GLY E 279 -46.04 -27.75 -6.84
N THR E 280 -47.13 -27.77 -7.59
CA THR E 280 -47.49 -28.96 -8.33
C THR E 280 -46.90 -28.93 -9.72
N ILE E 281 -46.52 -30.09 -10.22
CA ILE E 281 -46.07 -30.26 -11.58
C ILE E 281 -46.90 -31.39 -12.19
N SER E 282 -46.66 -31.66 -13.47
CA SER E 282 -47.42 -32.69 -14.14
C SER E 282 -46.85 -34.09 -13.87
N TRP E 283 -47.75 -35.07 -13.79
CA TRP E 283 -47.32 -36.47 -13.64
C TRP E 283 -46.50 -36.95 -14.82
N LYS E 284 -46.62 -36.29 -15.98
CA LYS E 284 -45.95 -36.74 -17.20
C LYS E 284 -44.45 -36.45 -17.19
N ALA E 285 -44.00 -35.47 -16.39
CA ALA E 285 -42.61 -35.03 -16.40
C ALA E 285 -41.65 -36.20 -16.22
N LYS E 286 -40.59 -36.21 -17.04
CA LYS E 286 -39.61 -37.29 -16.97
C LYS E 286 -38.77 -37.21 -15.71
N GLU E 287 -38.74 -36.04 -15.05
CA GLU E 287 -37.88 -35.77 -13.89
C GLU E 287 -38.59 -36.14 -12.59
N LEU E 288 -38.72 -37.45 -12.37
CA LEU E 288 -39.36 -37.94 -11.14
C LEU E 288 -38.66 -37.50 -9.87
N ALA E 289 -37.37 -37.13 -9.93
CA ALA E 289 -36.70 -36.69 -8.71
C ALA E 289 -37.26 -35.39 -8.18
N ARG E 290 -37.95 -34.60 -9.02
CA ARG E 290 -38.65 -33.42 -8.54
C ARG E 290 -39.70 -33.78 -7.49
N THR E 291 -40.22 -35.01 -7.54
CA THR E 291 -41.34 -35.45 -6.72
C THR E 291 -40.92 -36.35 -5.57
N ILE E 292 -39.67 -36.22 -5.10
CA ILE E 292 -39.12 -37.21 -4.19
C ILE E 292 -39.63 -37.00 -2.75
N VAL E 293 -39.78 -35.74 -2.29
CA VAL E 293 -40.35 -35.50 -0.96
C VAL E 293 -41.79 -34.99 -1.07
N SER E 294 -42.57 -35.61 -1.96
CA SER E 294 -43.92 -35.12 -2.25
C SER E 294 -44.87 -35.28 -1.07
N GLY E 295 -44.83 -36.42 -0.39
CA GLY E 295 -45.70 -36.67 0.73
C GLY E 295 -45.51 -35.69 1.87
N PRO E 296 -44.29 -35.61 2.43
CA PRO E 296 -44.05 -34.63 3.50
C PRO E 296 -44.48 -33.23 3.15
N ILE E 297 -44.17 -32.78 1.93
CA ILE E 297 -44.58 -31.44 1.55
C ILE E 297 -46.11 -31.34 1.46
N GLY E 298 -46.78 -32.46 1.16
CA GLY E 298 -48.23 -32.49 1.28
C GLY E 298 -48.73 -32.03 2.64
N GLY E 299 -48.09 -32.52 3.71
CA GLY E 299 -48.49 -32.11 5.06
C GLY E 299 -48.22 -30.64 5.34
N VAL E 300 -47.00 -30.17 5.06
CA VAL E 300 -46.67 -28.77 5.33
C VAL E 300 -47.62 -27.84 4.58
N ILE E 301 -48.06 -28.25 3.38
CA ILE E 301 -48.89 -27.38 2.55
C ILE E 301 -50.27 -27.27 3.14
N GLY E 302 -50.80 -28.39 3.66
CA GLY E 302 -52.05 -28.34 4.40
C GLY E 302 -51.94 -27.53 5.69
N ALA E 303 -50.86 -27.76 6.45
CA ALA E 303 -50.66 -27.00 7.69
C ALA E 303 -50.56 -25.51 7.39
N LYS E 304 -49.90 -25.16 6.29
CA LYS E 304 -49.83 -23.76 5.87
C LYS E 304 -51.21 -23.24 5.49
N TYR E 305 -51.94 -24.00 4.68
CA TYR E 305 -53.29 -23.60 4.28
C TYR E 305 -54.18 -23.42 5.49
N LEU E 306 -54.26 -24.46 6.33
CA LEU E 306 -55.08 -24.38 7.53
C LEU E 306 -54.69 -23.15 8.35
N GLY E 307 -53.38 -22.92 8.50
CA GLY E 307 -52.93 -21.71 9.18
C GLY E 307 -53.51 -20.43 8.58
N GLU E 308 -53.50 -20.32 7.25
CA GLU E 308 -54.00 -19.10 6.61
C GLU E 308 -55.47 -18.88 6.91
N VAL E 309 -56.25 -19.97 6.98
CA VAL E 309 -57.67 -19.83 7.24
C VAL E 309 -57.91 -19.34 8.66
N LEU E 310 -57.12 -19.82 9.62
CA LEU E 310 -57.37 -19.54 11.03
C LEU E 310 -56.35 -18.60 11.65
N GLY E 311 -55.52 -17.96 10.83
CA GLY E 311 -54.60 -16.95 11.33
C GLY E 311 -53.36 -17.44 12.06
N TYR E 312 -53.07 -18.75 12.06
CA TYR E 312 -51.80 -19.25 12.61
C TYR E 312 -50.68 -18.99 11.61
N LYS E 313 -49.80 -18.05 11.95
CA LYS E 313 -48.71 -17.66 11.07
C LYS E 313 -47.39 -18.37 11.39
N ASN E 314 -47.17 -18.80 12.62
CA ASN E 314 -45.93 -19.49 12.99
C ASN E 314 -46.33 -20.86 13.55
N ILE E 315 -46.15 -21.89 12.73
CA ILE E 315 -46.64 -23.24 12.97
C ILE E 315 -45.48 -24.21 12.85
N ALA E 316 -45.37 -25.13 13.80
CA ALA E 316 -44.44 -26.24 13.71
C ALA E 316 -45.23 -27.46 13.28
N CYS E 317 -44.85 -28.05 12.14
CA CYS E 317 -45.54 -29.20 11.58
C CYS E 317 -44.88 -30.47 12.06
N SER E 318 -45.69 -31.45 12.50
CA SER E 318 -45.17 -32.71 13.02
C SER E 318 -46.07 -33.86 12.58
N ASP E 319 -45.45 -34.81 11.87
CA ASP E 319 -46.09 -35.94 11.20
C ASP E 319 -45.40 -37.23 11.67
N ILE E 320 -46.18 -38.23 12.11
CA ILE E 320 -45.65 -39.55 12.42
C ILE E 320 -46.44 -40.57 11.60
N GLY E 321 -45.79 -41.18 10.62
CA GLY E 321 -46.52 -42.05 9.73
C GLY E 321 -46.14 -43.51 9.65
N GLY E 322 -45.95 -44.20 10.78
CA GLY E 322 -45.67 -45.60 10.69
C GLY E 322 -44.27 -45.95 10.19
N THR E 323 -43.59 -45.02 9.53
CA THR E 323 -42.20 -45.25 9.13
C THR E 323 -41.26 -44.16 9.62
N SER E 324 -41.65 -42.88 9.57
CA SER E 324 -40.76 -41.81 10.05
C SER E 324 -41.59 -40.68 10.69
N PHE E 325 -40.86 -39.64 11.13
CA PHE E 325 -41.40 -38.52 11.90
C PHE E 325 -40.98 -37.22 11.22
N ASP E 326 -41.89 -36.59 10.48
CA ASP E 326 -41.55 -35.44 9.65
C ASP E 326 -41.84 -34.13 10.37
N VAL E 327 -40.93 -33.17 10.22
CA VAL E 327 -40.92 -31.94 11.00
C VAL E 327 -40.40 -30.79 10.16
N ALA E 328 -41.20 -29.73 10.05
CA ALA E 328 -40.75 -28.49 9.42
C ALA E 328 -41.50 -27.35 10.07
N LEU E 329 -40.98 -26.14 9.84
CA LEU E 329 -41.53 -24.92 10.44
C LEU E 329 -42.18 -24.05 9.37
N ILE E 330 -43.36 -23.54 9.70
CA ILE E 330 -44.00 -22.51 8.91
C ILE E 330 -43.75 -21.22 9.69
N THR E 331 -42.86 -20.41 9.15
CA THR E 331 -42.31 -19.26 9.84
C THR E 331 -42.87 -18.02 9.15
N GLN E 332 -43.78 -17.33 9.85
CA GLN E 332 -44.48 -16.10 9.40
C GLN E 332 -45.15 -16.23 8.03
N GLY E 333 -46.04 -17.23 7.93
CA GLY E 333 -46.91 -17.38 6.79
C GLY E 333 -46.35 -18.14 5.62
N GLU E 334 -45.04 -18.38 5.58
CA GLU E 334 -44.41 -19.00 4.43
C GLU E 334 -43.56 -20.19 4.86
N MET E 335 -43.27 -21.08 3.91
CA MET E 335 -42.22 -22.06 4.12
C MET E 335 -40.90 -21.55 3.54
N THR E 336 -39.82 -22.09 4.06
CA THR E 336 -38.48 -21.76 3.60
C THR E 336 -38.06 -22.77 2.54
N ILE E 337 -37.52 -22.27 1.42
CA ILE E 337 -37.13 -23.10 0.28
C ILE E 337 -35.64 -22.90 0.01
N LYS E 338 -34.86 -23.97 0.16
CA LYS E 338 -33.41 -23.92 -0.04
C LYS E 338 -33.09 -24.22 -1.51
N ASN E 339 -32.18 -23.45 -2.08
CA ASN E 339 -31.96 -23.54 -3.51
C ASN E 339 -31.06 -24.71 -3.90
N ASP E 340 -29.80 -24.72 -3.49
CA ASP E 340 -29.00 -25.85 -3.96
C ASP E 340 -28.74 -26.77 -2.79
N PRO E 341 -29.75 -27.52 -2.36
CA PRO E 341 -29.75 -28.02 -0.98
C PRO E 341 -28.90 -29.27 -0.88
N ASP E 342 -28.87 -29.81 0.32
CA ASP E 342 -28.40 -31.15 0.55
C ASP E 342 -29.58 -31.95 1.07
N MET E 343 -29.58 -33.24 0.78
CA MET E 343 -30.64 -34.11 1.29
C MET E 343 -30.08 -35.53 1.30
N ALA E 344 -30.24 -36.21 2.42
CA ALA E 344 -29.58 -37.49 2.64
C ALA E 344 -28.08 -37.35 2.36
N ARG E 345 -27.50 -36.29 2.97
CA ARG E 345 -26.07 -35.99 2.87
C ARG E 345 -25.62 -36.02 1.40
N LEU E 346 -26.42 -35.42 0.53
CA LEU E 346 -26.16 -35.39 -0.91
C LEU E 346 -26.43 -34.00 -1.41
N VAL E 347 -25.51 -33.46 -2.18
CA VAL E 347 -25.77 -32.17 -2.81
C VAL E 347 -26.62 -32.40 -4.04
N LEU E 348 -27.59 -31.50 -4.26
CA LEU E 348 -28.57 -31.65 -5.33
C LEU E 348 -28.82 -30.31 -5.99
N SER E 349 -29.43 -30.34 -7.17
CA SER E 349 -29.73 -29.13 -7.93
C SER E 349 -31.21 -28.77 -7.89
N LEU E 350 -32.00 -29.39 -7.04
CA LEU E 350 -33.38 -28.96 -7.16
C LEU E 350 -33.85 -28.21 -5.92
N PRO E 351 -34.59 -27.10 -6.09
CA PRO E 351 -35.02 -26.30 -4.92
C PRO E 351 -35.89 -27.12 -3.99
N LEU E 352 -35.65 -26.99 -2.69
CA LEU E 352 -36.24 -27.89 -1.72
C LEU E 352 -36.88 -27.13 -0.55
N VAL E 353 -38.01 -27.63 -0.07
CA VAL E 353 -38.63 -27.06 1.12
C VAL E 353 -37.88 -27.59 2.33
N ALA E 354 -37.56 -26.69 3.26
CA ALA E 354 -36.78 -27.04 4.45
C ALA E 354 -37.62 -27.89 5.40
N MET E 355 -37.21 -29.16 5.60
CA MET E 355 -37.89 -30.10 6.49
C MET E 355 -36.84 -30.93 7.23
N ASP E 356 -37.30 -31.83 8.12
CA ASP E 356 -36.44 -32.79 8.82
C ASP E 356 -37.27 -34.00 9.22
N SER E 357 -36.60 -35.13 9.44
CA SER E 357 -37.29 -36.31 9.96
C SER E 357 -36.34 -37.22 10.73
N VAL E 358 -36.93 -38.23 11.38
CA VAL E 358 -36.22 -39.30 12.07
C VAL E 358 -36.94 -40.60 11.74
N GLY E 359 -36.16 -41.66 11.50
CA GLY E 359 -36.72 -42.91 10.98
C GLY E 359 -37.58 -43.77 11.90
N ALA E 360 -38.49 -43.13 12.65
CA ALA E 360 -39.24 -43.79 13.70
C ALA E 360 -40.74 -43.63 13.45
N GLY E 361 -41.49 -44.72 13.62
CA GLY E 361 -42.92 -44.69 13.34
C GLY E 361 -43.56 -46.00 13.72
N ALA E 362 -44.89 -46.03 13.58
CA ALA E 362 -45.69 -47.14 14.11
C ALA E 362 -45.22 -48.50 13.60
N GLY E 363 -44.78 -48.58 12.35
CA GLY E 363 -44.33 -49.87 11.85
C GLY E 363 -42.84 -50.16 11.99
N SER E 364 -42.09 -49.28 12.64
CA SER E 364 -40.64 -49.46 12.79
C SER E 364 -40.34 -50.69 13.64
N PHE E 365 -39.31 -51.43 13.25
CA PHE E 365 -39.01 -52.71 13.88
C PHE E 365 -38.18 -52.55 15.17
N ILE E 366 -38.58 -53.33 16.20
CA ILE E 366 -38.02 -53.25 17.56
C ILE E 366 -37.05 -54.41 17.77
N ARG E 367 -35.77 -54.10 17.80
CA ARG E 367 -34.72 -55.10 17.96
C ARG E 367 -33.79 -54.71 19.10
N LEU E 368 -33.16 -55.72 19.69
CA LEU E 368 -32.15 -55.55 20.74
C LEU E 368 -30.76 -55.84 20.18
N ASP E 369 -29.80 -54.96 20.47
CA ASP E 369 -28.41 -55.25 20.14
C ASP E 369 -28.05 -56.59 20.80
N PRO E 370 -27.52 -57.56 20.03
CA PRO E 370 -27.23 -58.88 20.65
C PRO E 370 -26.26 -58.80 21.81
N TYR E 371 -25.28 -57.89 21.72
CA TYR E 371 -24.22 -57.75 22.72
C TYR E 371 -24.56 -56.72 23.78
N THR E 372 -25.13 -55.58 23.37
CA THR E 372 -25.51 -54.54 24.30
C THR E 372 -26.83 -54.84 25.01
N ARG E 373 -27.71 -55.61 24.36
CA ARG E 373 -29.08 -55.83 24.82
C ARG E 373 -29.84 -54.51 25.00
N ALA E 374 -29.47 -53.51 24.19
CA ALA E 374 -30.11 -52.21 24.14
C ALA E 374 -31.14 -52.19 23.01
N ILE E 375 -32.16 -51.36 23.15
CA ILE E 375 -33.25 -51.26 22.17
C ILE E 375 -32.82 -50.42 20.99
N LYS E 376 -33.01 -50.95 19.77
CA LYS E 376 -32.80 -50.21 18.54
C LYS E 376 -34.11 -50.15 17.78
N LEU E 377 -34.63 -48.94 17.57
CA LEU E 377 -35.86 -48.73 16.79
C LEU E 377 -35.49 -48.56 15.32
N GLY E 378 -36.20 -49.25 14.45
CA GLY E 378 -35.96 -49.11 13.03
C GLY E 378 -34.57 -49.58 12.63
N PRO E 379 -34.05 -49.03 11.53
CA PRO E 379 -34.66 -47.95 10.75
C PRO E 379 -35.72 -48.46 9.77
N ASP E 380 -35.66 -49.75 9.44
CA ASP E 380 -36.65 -50.34 8.56
C ASP E 380 -38.00 -50.45 9.27
N SER E 381 -39.05 -50.59 8.46
CA SER E 381 -40.42 -50.55 8.94
C SER E 381 -41.19 -51.75 8.43
N ALA E 382 -42.36 -51.98 9.04
CA ALA E 382 -43.23 -53.07 8.64
C ALA E 382 -44.21 -52.66 7.55
N GLY E 383 -44.63 -51.41 7.53
CA GLY E 383 -45.39 -50.88 6.41
C GLY E 383 -46.86 -51.20 6.49
N TYR E 384 -47.44 -51.63 5.36
CA TYR E 384 -48.85 -52.02 5.33
C TYR E 384 -49.11 -53.28 6.15
N ARG E 385 -48.15 -54.20 6.20
CA ARG E 385 -48.16 -55.23 7.23
C ARG E 385 -47.90 -54.56 8.57
N VAL E 386 -48.84 -54.67 9.51
CA VAL E 386 -48.78 -53.78 10.66
C VAL E 386 -47.73 -54.23 11.66
N GLY E 387 -47.48 -55.53 11.74
CA GLY E 387 -46.61 -56.13 12.72
C GLY E 387 -47.09 -57.52 13.06
N VAL E 388 -46.65 -58.02 14.22
CA VAL E 388 -47.01 -59.38 14.62
C VAL E 388 -48.51 -59.49 14.90
N CYS E 389 -49.12 -58.41 15.40
CA CYS E 389 -50.51 -58.45 15.86
C CYS E 389 -51.47 -58.86 14.74
N TRP E 390 -51.12 -58.56 13.50
CA TRP E 390 -51.93 -58.95 12.36
C TRP E 390 -51.52 -60.35 11.92
N LYS E 391 -52.45 -61.31 12.04
CA LYS E 391 -52.16 -62.72 11.82
C LYS E 391 -51.60 -62.95 10.43
N GLU E 392 -52.15 -62.27 9.42
CA GLU E 392 -51.85 -62.55 8.03
C GLU E 392 -50.65 -61.78 7.48
N SER E 393 -50.00 -60.93 8.29
CA SER E 393 -48.89 -60.12 7.80
C SER E 393 -47.58 -60.89 7.65
N GLY E 394 -47.44 -62.06 8.29
CA GLY E 394 -46.22 -62.81 8.22
C GLY E 394 -45.01 -62.15 8.83
N ILE E 395 -45.21 -61.03 9.52
CA ILE E 395 -44.11 -60.32 10.16
C ILE E 395 -43.80 -61.00 11.48
N GLU E 396 -42.54 -61.37 11.69
CA GLU E 396 -42.12 -62.10 12.88
C GLU E 396 -41.49 -61.22 13.95
N THR E 397 -40.66 -60.25 13.53
CA THR E 397 -40.08 -59.26 14.45
C THR E 397 -41.14 -58.28 14.91
N VAL E 398 -41.11 -57.92 16.19
CA VAL E 398 -42.12 -57.03 16.75
C VAL E 398 -41.93 -55.63 16.22
N THR E 399 -43.02 -54.85 16.20
CA THR E 399 -43.01 -53.46 15.77
C THR E 399 -43.54 -52.57 16.89
N ILE E 400 -43.26 -51.27 16.78
CA ILE E 400 -43.79 -50.32 17.74
C ILE E 400 -45.30 -50.44 17.88
N SER E 401 -45.99 -50.70 16.76
CA SER E 401 -47.44 -50.94 16.81
C SER E 401 -47.78 -52.10 17.74
N ASP E 402 -46.87 -53.06 17.93
CA ASP E 402 -47.14 -54.13 18.88
C ASP E 402 -47.15 -53.63 20.31
N CYS E 403 -46.32 -52.63 20.64
CA CYS E 403 -46.38 -52.04 21.98
C CYS E 403 -47.65 -51.25 22.18
N HIS E 404 -48.12 -50.60 21.12
CA HIS E 404 -49.41 -49.90 21.17
C HIS E 404 -50.51 -50.83 21.62
N MET E 405 -50.57 -52.04 21.03
CA MET E 405 -51.58 -53.02 21.39
C MET E 405 -51.37 -53.52 22.81
N VAL E 406 -50.11 -53.74 23.21
CA VAL E 406 -49.80 -54.29 24.52
C VAL E 406 -50.22 -53.32 25.61
N LEU E 407 -49.98 -52.02 25.38
CA LEU E 407 -50.27 -51.00 26.37
C LEU E 407 -51.72 -50.52 26.33
N GLY E 408 -52.49 -50.92 25.32
CA GLY E 408 -53.87 -50.47 25.20
C GLY E 408 -54.07 -49.12 24.55
N TYR E 409 -53.03 -48.55 23.90
CA TYR E 409 -53.23 -47.32 23.14
C TYR E 409 -54.25 -47.53 22.02
N LEU E 410 -54.00 -48.53 21.17
CA LEU E 410 -54.85 -48.82 20.01
C LEU E 410 -55.92 -49.85 20.35
N ASN E 411 -57.02 -49.77 19.60
CA ASN E 411 -58.12 -50.72 19.72
C ASN E 411 -57.90 -51.88 18.76
N PRO E 412 -57.74 -53.11 19.25
CA PRO E 412 -57.57 -54.26 18.35
C PRO E 412 -58.68 -54.41 17.31
N ASP E 413 -59.91 -54.01 17.64
CA ASP E 413 -61.09 -54.25 16.82
C ASP E 413 -61.58 -52.99 16.11
N ASN E 414 -60.73 -51.97 15.99
CA ASN E 414 -61.12 -50.80 15.22
C ASN E 414 -59.99 -50.33 14.32
N PHE E 415 -59.06 -51.22 13.98
CA PHE E 415 -58.09 -50.87 12.96
C PHE E 415 -58.78 -50.77 11.60
N LEU E 416 -58.70 -49.58 10.96
CA LEU E 416 -59.40 -49.29 9.70
C LEU E 416 -60.91 -49.49 9.86
N GLY E 417 -61.42 -49.13 11.04
CA GLY E 417 -62.82 -49.31 11.37
C GLY E 417 -63.22 -50.73 11.70
N GLY E 418 -62.26 -51.59 12.00
CA GLY E 418 -62.57 -52.99 12.19
C GLY E 418 -62.54 -53.80 10.92
N ALA E 419 -62.04 -53.21 9.83
CA ALA E 419 -61.78 -53.97 8.61
C ALA E 419 -60.53 -54.84 8.71
N VAL E 420 -59.68 -54.63 9.73
CA VAL E 420 -58.43 -55.39 9.88
C VAL E 420 -58.38 -56.03 11.26
N LYS E 421 -58.25 -57.36 11.25
CA LYS E 421 -58.16 -58.23 12.42
C LYS E 421 -56.80 -58.08 13.10
N LEU E 422 -56.76 -57.43 14.27
CA LEU E 422 -55.53 -57.28 15.04
C LEU E 422 -55.65 -58.00 16.37
N ASP E 423 -54.80 -59.00 16.61
CA ASP E 423 -54.90 -59.84 17.80
C ASP E 423 -53.87 -59.37 18.83
N ARG E 424 -54.37 -59.03 20.02
CA ARG E 424 -53.47 -58.48 21.03
C ARG E 424 -52.55 -59.55 21.59
N GLN E 425 -53.07 -60.79 21.73
CA GLN E 425 -52.28 -61.88 22.30
C GLN E 425 -51.09 -62.25 21.42
N ARG E 426 -51.16 -62.03 20.09
CA ARG E 426 -49.97 -62.21 19.25
C ARG E 426 -48.89 -61.23 19.63
N SER E 427 -49.26 -59.95 19.82
CA SER E 427 -48.31 -58.93 20.25
C SER E 427 -47.69 -59.28 21.60
N VAL E 428 -48.49 -59.86 22.50
CA VAL E 428 -48.00 -60.14 23.85
C VAL E 428 -46.94 -61.24 23.82
N ASP E 429 -47.20 -62.30 23.05
CA ASP E 429 -46.29 -63.43 22.99
C ASP E 429 -44.98 -63.08 22.32
N ALA E 430 -45.05 -62.28 21.24
CA ALA E 430 -43.83 -61.89 20.53
C ALA E 430 -43.02 -60.84 21.30
N ILE E 431 -43.67 -60.04 22.14
CA ILE E 431 -42.92 -59.08 22.96
C ILE E 431 -42.24 -59.79 24.11
N LYS E 432 -42.92 -60.79 24.70
CA LYS E 432 -42.30 -61.63 25.72
C LYS E 432 -41.04 -62.29 25.18
N ALA E 433 -41.18 -63.05 24.08
CA ALA E 433 -40.08 -63.85 23.58
C ALA E 433 -38.91 -62.98 23.12
N GLN E 434 -39.19 -61.90 22.39
CA GLN E 434 -38.15 -61.12 21.75
C GLN E 434 -37.54 -60.08 22.67
N ILE E 435 -38.36 -59.28 23.37
CA ILE E 435 -37.85 -58.16 24.15
C ILE E 435 -37.87 -58.49 25.64
N ALA E 436 -39.04 -58.88 26.16
CA ALA E 436 -39.23 -58.92 27.61
C ALA E 436 -38.36 -59.98 28.27
N ASP E 437 -38.36 -61.19 27.72
CA ASP E 437 -37.67 -62.29 28.41
C ASP E 437 -36.15 -62.19 28.29
N PRO E 438 -35.58 -61.81 27.13
CA PRO E 438 -34.14 -61.51 27.10
C PRO E 438 -33.74 -60.35 27.98
N LEU E 439 -34.67 -59.49 28.38
CA LEU E 439 -34.35 -58.34 29.22
C LEU E 439 -34.79 -58.51 30.67
N GLY E 440 -35.39 -59.65 31.02
CA GLY E 440 -35.87 -59.87 32.37
C GLY E 440 -36.84 -58.82 32.87
N LEU E 441 -37.87 -58.54 32.06
CA LEU E 441 -38.91 -57.61 32.45
C LEU E 441 -40.25 -58.19 32.06
N SER E 442 -41.31 -57.65 32.66
CA SER E 442 -42.65 -58.03 32.25
C SER E 442 -42.93 -57.50 30.85
N VAL E 443 -43.94 -58.09 30.21
CA VAL E 443 -44.32 -57.65 28.86
C VAL E 443 -44.80 -56.19 28.90
N GLU E 444 -45.49 -55.78 29.98
CA GLU E 444 -45.87 -54.39 30.16
C GLU E 444 -44.66 -53.48 30.16
N ASP E 445 -43.65 -53.82 30.95
CA ASP E 445 -42.46 -52.98 31.06
C ASP E 445 -41.60 -53.02 29.80
N ALA E 446 -41.58 -54.16 29.10
CA ALA E 446 -40.94 -54.21 27.79
C ALA E 446 -41.59 -53.20 26.84
N ALA E 447 -42.91 -53.25 26.70
CA ALA E 447 -43.60 -52.38 25.75
C ALA E 447 -43.60 -50.92 26.20
N ALA E 448 -43.73 -50.67 27.51
CA ALA E 448 -43.81 -49.28 27.97
C ALA E 448 -42.48 -48.56 27.85
N GLY E 449 -41.35 -49.29 28.00
CA GLY E 449 -40.05 -48.68 27.84
C GLY E 449 -39.70 -48.34 26.40
N VAL E 450 -40.21 -49.11 25.44
CA VAL E 450 -40.08 -48.73 24.04
C VAL E 450 -40.84 -47.44 23.76
N ILE E 451 -42.07 -47.35 24.28
CA ILE E 451 -42.87 -46.13 24.12
C ILE E 451 -42.19 -44.96 24.81
N GLU E 452 -41.58 -45.21 25.95
CA GLU E 452 -40.85 -44.16 26.65
C GLU E 452 -39.64 -43.70 25.86
N LEU E 453 -38.87 -44.64 25.31
CA LEU E 453 -37.70 -44.31 24.51
C LEU E 453 -38.08 -43.46 23.29
N LEU E 454 -39.12 -43.89 22.57
CA LEU E 454 -39.57 -43.14 21.40
C LEU E 454 -40.00 -41.73 21.79
N ASP E 455 -40.77 -41.61 22.88
CA ASP E 455 -41.24 -40.29 23.31
C ASP E 455 -40.08 -39.34 23.55
N SER E 456 -39.06 -39.78 24.27
CA SER E 456 -37.96 -38.87 24.51
C SER E 456 -37.19 -38.62 23.22
N ASP E 457 -37.00 -39.66 22.41
CA ASP E 457 -36.27 -39.52 21.17
C ASP E 457 -36.92 -38.49 20.25
N LEU E 458 -38.23 -38.62 20.05
CA LEU E 458 -38.94 -37.66 19.20
C LEU E 458 -38.92 -36.26 19.82
N ARG E 459 -39.09 -36.18 21.14
CA ARG E 459 -39.21 -34.90 21.82
C ARG E 459 -37.89 -34.14 21.82
N ASP E 460 -36.79 -34.84 22.10
CA ASP E 460 -35.49 -34.17 22.07
C ASP E 460 -35.13 -33.78 20.64
N TYR E 461 -35.65 -34.50 19.64
CA TYR E 461 -35.43 -34.09 18.26
C TYR E 461 -36.22 -32.82 17.94
N LEU E 462 -37.54 -32.85 18.17
CA LEU E 462 -38.36 -31.67 17.90
C LEU E 462 -37.84 -30.43 18.61
N ARG E 463 -37.42 -30.59 19.87
CA ARG E 463 -36.90 -29.46 20.62
C ARG E 463 -35.65 -28.89 19.97
N SER E 464 -34.83 -29.75 19.37
CA SER E 464 -33.52 -29.29 18.95
C SER E 464 -33.56 -28.60 17.58
N MET E 465 -34.34 -29.14 16.63
CA MET E 465 -34.50 -28.46 15.34
C MET E 465 -34.98 -27.04 15.54
N ILE E 466 -35.82 -26.83 16.56
CA ILE E 466 -36.27 -25.48 16.87
C ILE E 466 -35.14 -24.67 17.53
N SER E 467 -34.48 -25.24 18.56
CA SER E 467 -33.27 -24.62 19.11
C SER E 467 -32.30 -24.27 18.01
N GLY E 468 -32.12 -25.20 17.06
CA GLY E 468 -31.15 -25.00 16.02
C GLY E 468 -31.44 -23.77 15.18
N LYS E 469 -32.71 -23.60 14.78
CA LYS E 469 -33.04 -22.46 13.93
C LYS E 469 -33.16 -21.15 14.72
N GLY E 470 -32.91 -21.17 16.02
CA GLY E 470 -32.89 -19.94 16.80
C GLY E 470 -34.19 -19.56 17.46
N TYR E 471 -35.17 -20.46 17.49
CA TYR E 471 -36.49 -20.14 17.99
C TYR E 471 -36.73 -20.78 19.36
N SER E 472 -37.72 -20.22 20.09
CA SER E 472 -38.28 -20.94 21.23
C SER E 472 -39.55 -21.68 20.80
N PRO E 473 -39.86 -22.85 21.36
CA PRO E 473 -41.12 -23.53 20.99
C PRO E 473 -42.36 -22.72 21.34
N ALA E 474 -42.27 -21.75 22.26
CA ALA E 474 -43.41 -20.92 22.63
C ALA E 474 -43.73 -19.85 21.60
N SER E 475 -42.89 -19.68 20.57
CA SER E 475 -43.17 -18.76 19.49
C SER E 475 -44.07 -19.37 18.44
N PHE E 476 -44.41 -20.65 18.58
CA PHE E 476 -45.04 -21.43 17.53
C PHE E 476 -46.26 -22.14 18.09
N VAL E 477 -47.13 -22.55 17.17
CA VAL E 477 -48.20 -23.50 17.44
C VAL E 477 -47.83 -24.80 16.75
N CYS E 478 -48.08 -25.92 17.42
CA CYS E 478 -47.65 -27.23 16.93
C CYS E 478 -48.85 -27.98 16.33
N PHE E 479 -48.84 -28.12 15.00
CA PHE E 479 -49.78 -28.99 14.30
C PHE E 479 -49.25 -30.42 14.30
N SER E 480 -50.09 -31.35 14.72
CA SER E 480 -49.69 -32.75 14.88
C SER E 480 -50.65 -33.63 14.10
N TYR E 481 -50.12 -34.42 13.15
CA TYR E 481 -51.05 -35.03 12.21
C TYR E 481 -50.52 -36.23 11.47
N GLY E 482 -49.78 -37.10 12.12
CA GLY E 482 -49.28 -38.25 11.40
C GLY E 482 -50.36 -39.16 10.82
N GLY E 483 -51.52 -39.23 11.46
CA GLY E 483 -52.34 -40.41 11.40
C GLY E 483 -51.95 -41.43 12.46
N ALA E 484 -50.66 -41.49 12.79
CA ALA E 484 -50.16 -42.07 14.02
C ALA E 484 -49.43 -41.04 14.87
N GLY E 485 -49.32 -39.81 14.40
CA GLY E 485 -48.78 -38.74 15.19
C GLY E 485 -49.69 -38.35 16.34
N PRO E 486 -51.03 -38.41 16.12
CA PRO E 486 -51.97 -38.23 17.24
C PRO E 486 -51.90 -39.31 18.33
N VAL E 487 -51.06 -40.34 18.13
CA VAL E 487 -50.84 -41.33 19.18
C VAL E 487 -49.75 -40.90 20.17
N HIS E 488 -48.83 -40.00 19.77
CA HIS E 488 -47.75 -39.56 20.65
C HIS E 488 -47.65 -38.04 20.78
N THR E 489 -48.69 -37.31 20.38
CA THR E 489 -48.72 -35.86 20.62
C THR E 489 -48.34 -35.51 22.06
N TYR E 490 -48.79 -36.31 23.04
CA TYR E 490 -48.43 -36.09 24.44
C TYR E 490 -46.92 -36.22 24.66
N GLY E 491 -46.31 -37.18 23.98
CA GLY E 491 -44.95 -37.56 24.28
C GLY E 491 -44.02 -36.48 23.85
N TYR E 492 -43.96 -36.24 22.53
CA TYR E 492 -42.96 -35.35 21.97
C TYR E 492 -43.28 -33.88 22.17
N THR E 493 -44.46 -33.55 22.70
CA THR E 493 -44.82 -32.16 22.96
C THR E 493 -44.68 -31.78 24.44
N GLU E 494 -44.62 -32.78 25.32
CA GLU E 494 -44.69 -32.62 26.77
C GLU E 494 -43.69 -31.59 27.31
N GLY E 495 -44.22 -30.52 27.88
CA GLY E 495 -43.38 -29.55 28.53
C GLY E 495 -42.49 -28.75 27.60
N LEU E 496 -42.68 -28.89 26.29
CA LEU E 496 -41.87 -28.10 25.37
C LEU E 496 -42.21 -26.62 25.44
N GLY E 497 -43.42 -26.29 25.88
CA GLY E 497 -43.83 -24.92 25.94
C GLY E 497 -44.37 -24.38 24.64
N PHE E 498 -45.00 -25.23 23.81
CA PHE E 498 -45.66 -24.73 22.62
C PHE E 498 -46.83 -23.84 22.99
N GLU E 499 -47.04 -22.77 22.20
CA GLU E 499 -48.15 -21.85 22.45
C GLU E 499 -49.47 -22.61 22.53
N ASP E 500 -49.73 -23.48 21.56
CA ASP E 500 -50.86 -24.40 21.56
C ASP E 500 -50.49 -25.61 20.69
N VAL E 501 -51.19 -26.72 20.93
CA VAL E 501 -50.99 -27.97 20.21
C VAL E 501 -52.34 -28.43 19.69
N ILE E 502 -52.45 -28.61 18.37
CA ILE E 502 -53.72 -28.87 17.73
C ILE E 502 -53.65 -30.21 17.00
N VAL E 503 -54.63 -31.07 17.26
CA VAL E 503 -54.80 -32.28 16.47
C VAL E 503 -56.08 -32.07 15.67
N PRO E 504 -55.96 -31.72 14.38
CA PRO E 504 -57.15 -31.56 13.56
C PRO E 504 -57.83 -32.90 13.38
N ALA E 505 -59.15 -32.85 13.22
CA ALA E 505 -59.94 -34.07 13.21
C ALA E 505 -59.57 -34.95 12.03
N TRP E 506 -59.16 -34.36 10.91
CA TRP E 506 -58.80 -35.16 9.75
C TRP E 506 -57.32 -35.51 9.74
N ALA E 507 -56.71 -35.70 10.92
CA ALA E 507 -55.25 -35.73 11.04
C ALA E 507 -54.63 -36.84 10.20
N ALA E 508 -55.37 -37.93 9.97
CA ALA E 508 -54.82 -39.14 9.38
C ALA E 508 -54.60 -39.00 7.86
N GLY E 509 -55.43 -38.22 7.17
CA GLY E 509 -55.16 -37.93 5.77
C GLY E 509 -54.66 -36.51 5.56
N PHE E 510 -53.79 -36.02 6.43
CA PHE E 510 -53.50 -34.60 6.42
C PHE E 510 -52.68 -34.21 5.21
N SER E 511 -51.72 -35.06 4.80
CA SER E 511 -50.94 -34.79 3.60
C SER E 511 -51.84 -34.74 2.37
N ALA E 512 -52.68 -35.77 2.18
CA ALA E 512 -53.68 -35.73 1.11
C ALA E 512 -54.61 -34.54 1.25
N PHE E 513 -54.74 -33.98 2.46
CA PHE E 513 -55.48 -32.74 2.65
C PHE E 513 -54.75 -31.57 2.02
N GLY E 514 -53.44 -31.48 2.26
CA GLY E 514 -52.65 -30.43 1.61
C GLY E 514 -52.57 -30.56 0.12
N CYS E 515 -52.76 -31.77 -0.42
CA CYS E 515 -52.69 -31.95 -1.86
C CYS E 515 -53.95 -31.48 -2.56
N ALA E 516 -55.11 -31.71 -1.94
CA ALA E 516 -56.35 -31.17 -2.46
C ALA E 516 -56.41 -29.66 -2.27
N ALA E 517 -55.65 -29.15 -1.31
CA ALA E 517 -55.58 -27.72 -1.04
C ALA E 517 -54.61 -26.99 -1.95
N ALA E 518 -53.79 -27.71 -2.71
CA ALA E 518 -52.71 -27.07 -3.45
C ALA E 518 -53.29 -26.27 -4.61
N ASP E 519 -52.77 -25.03 -4.78
CA ASP E 519 -53.20 -24.14 -5.86
C ASP E 519 -53.01 -24.79 -7.23
N PHE E 520 -53.94 -24.53 -8.14
CA PHE E 520 -53.79 -24.94 -9.53
C PHE E 520 -52.93 -23.88 -10.22
N GLU E 521 -51.63 -24.13 -10.26
CA GLU E 521 -50.65 -23.19 -10.77
C GLU E 521 -49.66 -23.87 -11.72
N TYR E 522 -49.37 -23.21 -12.86
CA TYR E 522 -48.29 -23.57 -13.76
C TYR E 522 -47.22 -22.49 -13.74
N ARG E 523 -45.96 -22.90 -13.86
CA ARG E 523 -44.83 -21.97 -13.91
C ARG E 523 -44.00 -22.22 -15.17
N TYR E 524 -43.46 -21.15 -15.75
CA TYR E 524 -42.65 -21.25 -16.95
C TYR E 524 -41.54 -20.23 -16.88
N ASP E 525 -40.34 -20.65 -17.31
CA ASP E 525 -39.12 -19.88 -17.18
C ASP E 525 -38.39 -19.80 -18.52
N LYS E 526 -37.68 -18.69 -18.71
CA LYS E 526 -36.75 -18.51 -19.81
C LYS E 526 -35.62 -17.64 -19.27
N SER E 527 -34.36 -18.06 -19.49
CA SER E 527 -33.24 -17.26 -19.02
C SER E 527 -32.98 -16.09 -19.95
N LEU E 528 -32.05 -15.21 -19.55
CA LEU E 528 -31.85 -13.92 -20.22
C LEU E 528 -30.42 -13.42 -19.96
N ASP E 529 -30.03 -12.44 -20.76
CA ASP E 529 -28.68 -11.88 -20.76
C ASP E 529 -28.71 -10.36 -20.93
N ILE E 530 -29.47 -9.69 -20.09
CA ILE E 530 -29.56 -8.24 -20.12
C ILE E 530 -28.49 -7.66 -19.19
N ASN E 531 -27.60 -6.83 -19.76
CA ASN E 531 -26.51 -6.17 -19.03
C ASN E 531 -26.67 -4.67 -19.13
N MET E 532 -26.78 -3.99 -17.99
CA MET E 532 -26.95 -2.55 -17.98
C MET E 532 -25.93 -1.94 -17.02
N PRO E 533 -25.17 -0.94 -17.45
CA PRO E 533 -24.42 -0.13 -16.48
C PRO E 533 -25.36 0.71 -15.62
N THR E 534 -24.78 1.38 -14.63
CA THR E 534 -25.58 2.24 -13.75
C THR E 534 -26.20 3.37 -14.55
N GLU E 535 -25.36 4.27 -15.06
CA GLU E 535 -25.79 5.33 -15.96
C GLU E 535 -25.93 4.74 -17.36
N THR E 536 -27.16 4.64 -17.86
CA THR E 536 -27.42 4.07 -19.16
C THR E 536 -28.45 4.95 -19.87
N PRO E 537 -28.34 5.10 -21.19
CA PRO E 537 -29.30 5.93 -21.91
C PRO E 537 -30.68 5.29 -21.98
N ASP E 538 -31.68 6.14 -22.22
CA ASP E 538 -33.04 5.62 -22.27
C ASP E 538 -33.30 4.86 -23.51
N THR E 539 -32.32 4.49 -24.32
CA THR E 539 -32.58 3.64 -25.48
C THR E 539 -32.07 2.22 -25.25
N ASP E 540 -30.84 2.07 -24.76
CA ASP E 540 -30.45 0.78 -24.20
C ASP E 540 -31.43 0.35 -23.13
N LYS E 541 -32.06 1.32 -22.48
CA LYS E 541 -33.00 1.02 -21.42
C LYS E 541 -34.31 0.53 -21.98
N GLU E 542 -34.75 1.11 -23.09
CA GLU E 542 -35.97 0.59 -23.71
C GLU E 542 -35.68 -0.73 -24.43
N LYS E 543 -34.49 -0.86 -25.04
CA LYS E 543 -34.11 -2.14 -25.63
C LYS E 543 -34.12 -3.24 -24.57
N ALA E 544 -33.55 -2.95 -23.40
CA ALA E 544 -33.56 -3.92 -22.31
C ALA E 544 -35.00 -4.29 -21.93
N ALA E 545 -35.87 -3.30 -21.78
CA ALA E 545 -37.26 -3.61 -21.45
C ALA E 545 -37.96 -4.33 -22.59
N ALA E 546 -37.46 -4.19 -23.81
CA ALA E 546 -38.04 -4.90 -24.94
C ALA E 546 -37.76 -6.40 -24.84
N THR E 547 -36.52 -6.77 -24.52
CA THR E 547 -36.16 -8.18 -24.51
C THR E 547 -36.86 -8.92 -23.37
N LEU E 548 -37.01 -8.27 -22.22
CA LEU E 548 -37.80 -8.88 -21.14
C LEU E 548 -39.28 -8.91 -21.50
N GLN E 549 -39.80 -7.82 -22.09
CA GLN E 549 -41.20 -7.77 -22.47
C GLN E 549 -41.55 -8.88 -23.45
N ALA E 550 -40.62 -9.18 -24.37
CA ALA E 550 -40.79 -10.28 -25.31
C ALA E 550 -40.85 -11.61 -24.59
N ALA E 551 -39.89 -11.85 -23.67
CA ALA E 551 -39.83 -13.12 -22.96
C ALA E 551 -41.12 -13.38 -22.18
N TRP E 552 -41.68 -12.34 -21.55
CA TRP E 552 -42.96 -12.49 -20.87
C TRP E 552 -44.07 -12.90 -21.83
N GLU E 553 -44.05 -12.37 -23.05
CA GLU E 553 -45.07 -12.76 -24.03
C GLU E 553 -44.87 -14.20 -24.51
N GLU E 554 -43.62 -14.61 -24.76
CA GLU E 554 -43.37 -16.00 -25.12
C GLU E 554 -43.76 -16.94 -23.98
N LEU E 555 -43.44 -16.56 -22.75
CA LEU E 555 -43.80 -17.38 -21.58
C LEU E 555 -45.29 -17.37 -21.30
N THR E 556 -45.93 -16.19 -21.42
CA THR E 556 -47.36 -16.12 -21.14
C THR E 556 -48.16 -17.02 -22.09
N LYS E 557 -47.76 -17.10 -23.37
CA LYS E 557 -48.50 -17.99 -24.27
C LYS E 557 -48.25 -19.46 -23.94
N ASN E 558 -47.14 -19.78 -23.26
CA ASN E 558 -46.92 -21.15 -22.80
C ASN E 558 -47.87 -21.51 -21.66
N VAL E 559 -48.04 -20.59 -20.71
CA VAL E 559 -48.97 -20.82 -19.60
C VAL E 559 -50.40 -20.98 -20.13
N LEU E 560 -50.83 -20.07 -21.01
CA LEU E 560 -52.20 -20.16 -21.49
C LEU E 560 -52.38 -21.34 -22.44
N GLU E 561 -51.39 -21.66 -23.26
CA GLU E 561 -51.55 -22.80 -24.14
C GLU E 561 -51.60 -24.11 -23.36
N GLU E 562 -50.88 -24.22 -22.24
CA GLU E 562 -51.03 -25.45 -21.47
C GLU E 562 -52.33 -25.47 -20.69
N PHE E 563 -52.84 -24.32 -20.27
CA PHE E 563 -54.15 -24.31 -19.61
C PHE E 563 -55.29 -24.60 -20.60
N LYS E 564 -55.10 -24.33 -21.89
CA LYS E 564 -56.11 -24.72 -22.88
C LYS E 564 -56.25 -26.23 -22.96
N LEU E 565 -55.12 -26.94 -23.06
CA LEU E 565 -55.14 -28.39 -23.17
C LEU E 565 -55.77 -29.07 -21.96
N ASN E 566 -55.91 -28.34 -20.84
CA ASN E 566 -56.55 -28.85 -19.65
C ASN E 566 -57.97 -28.31 -19.46
N GLY E 567 -58.54 -27.66 -20.48
CA GLY E 567 -59.93 -27.25 -20.43
C GLY E 567 -60.21 -25.92 -19.74
N TYR E 568 -59.21 -25.06 -19.66
CA TYR E 568 -59.34 -23.77 -18.99
C TYR E 568 -59.12 -22.69 -20.02
N SER E 569 -60.11 -21.82 -20.19
CA SER E 569 -59.94 -20.70 -21.10
C SER E 569 -58.99 -19.66 -20.50
N ALA E 570 -58.48 -18.79 -21.37
CA ALA E 570 -57.56 -17.75 -20.93
C ALA E 570 -58.21 -16.80 -19.93
N ASP E 571 -59.54 -16.76 -19.90
CA ASP E 571 -60.26 -15.82 -19.03
C ASP E 571 -60.14 -16.18 -17.56
N GLN E 572 -59.97 -17.47 -17.26
CA GLN E 572 -59.92 -17.95 -15.89
C GLN E 572 -58.52 -17.92 -15.31
N VAL E 573 -57.51 -17.71 -16.14
CA VAL E 573 -56.13 -17.72 -15.71
C VAL E 573 -55.76 -16.35 -15.16
N THR E 574 -55.30 -16.33 -13.92
CA THR E 574 -54.71 -15.13 -13.33
C THR E 574 -53.19 -15.24 -13.52
N LEU E 575 -52.57 -14.14 -13.96
CA LEU E 575 -51.19 -14.15 -14.42
C LEU E 575 -50.34 -13.26 -13.53
N GLN E 576 -49.11 -13.72 -13.24
CA GLN E 576 -48.20 -13.00 -12.34
C GLN E 576 -46.79 -13.06 -12.94
N PRO E 577 -46.35 -11.97 -13.57
CA PRO E 577 -45.00 -11.96 -14.15
C PRO E 577 -43.95 -11.71 -13.09
N GLY E 578 -42.78 -12.32 -13.31
CA GLY E 578 -41.65 -12.16 -12.41
C GLY E 578 -40.35 -12.31 -13.17
N TYR E 579 -39.25 -11.92 -12.53
CA TYR E 579 -37.96 -11.94 -13.19
C TYR E 579 -36.83 -12.12 -12.18
N ARG E 580 -35.64 -12.46 -12.69
CA ARG E 580 -34.44 -12.69 -11.89
C ARG E 580 -33.39 -11.64 -12.19
N MET E 581 -32.89 -10.96 -11.16
CA MET E 581 -31.93 -9.87 -11.32
C MET E 581 -30.75 -10.07 -10.36
N GLN E 582 -29.68 -9.31 -10.59
CA GLN E 582 -28.47 -9.43 -9.78
C GLN E 582 -27.54 -8.26 -10.11
N TYR E 583 -26.57 -8.00 -9.23
CA TYR E 583 -25.45 -7.15 -9.59
C TYR E 583 -24.51 -7.93 -10.52
N ARG E 584 -23.73 -7.19 -11.30
CA ARG E 584 -23.23 -7.73 -12.57
C ARG E 584 -22.31 -8.94 -12.38
N GLY E 585 -21.33 -8.86 -11.50
CA GLY E 585 -20.43 -10.00 -11.51
C GLY E 585 -20.81 -11.25 -10.72
N GLN E 586 -22.00 -11.28 -10.11
CA GLN E 586 -22.38 -12.22 -9.04
C GLN E 586 -22.68 -13.62 -9.58
N LEU E 587 -22.86 -14.56 -8.64
CA LEU E 587 -23.13 -15.98 -8.92
C LEU E 587 -24.55 -16.40 -8.62
N ASN E 588 -25.21 -15.71 -7.71
CA ASN E 588 -26.57 -15.99 -7.33
C ASN E 588 -27.42 -14.80 -7.71
N ASP E 589 -28.72 -15.07 -7.90
CA ASP E 589 -29.71 -14.05 -8.25
C ASP E 589 -30.87 -14.09 -7.27
N LEU E 590 -31.76 -13.11 -7.36
CA LEU E 590 -32.96 -13.02 -6.55
C LEU E 590 -34.17 -13.04 -7.51
N GLU E 591 -35.16 -13.87 -7.20
CA GLU E 591 -36.45 -13.78 -7.89
C GLU E 591 -37.24 -12.58 -7.36
N ILE E 592 -37.86 -11.85 -8.28
CA ILE E 592 -38.65 -10.67 -7.96
C ILE E 592 -39.98 -10.74 -8.69
N GLU E 593 -41.05 -10.50 -7.95
CA GLU E 593 -42.37 -10.41 -8.57
C GLU E 593 -42.48 -9.08 -9.27
N SER E 594 -42.85 -9.11 -10.54
CA SER E 594 -42.85 -7.89 -11.33
C SER E 594 -43.90 -6.93 -10.79
N PRO E 595 -43.53 -5.67 -10.53
CA PRO E 595 -44.55 -4.66 -10.14
C PRO E 595 -45.42 -4.21 -11.29
N LEU E 596 -44.93 -4.32 -12.53
CA LEU E 596 -45.65 -3.94 -13.74
C LEU E 596 -46.17 -5.19 -14.44
N ALA E 597 -47.28 -5.02 -15.16
CA ALA E 597 -47.76 -6.12 -15.98
C ALA E 597 -46.98 -6.26 -17.29
N GLN E 598 -46.27 -5.20 -17.71
CA GLN E 598 -46.09 -5.01 -19.14
C GLN E 598 -44.81 -4.32 -19.62
N ALA E 599 -43.89 -3.89 -18.76
CA ALA E 599 -42.57 -3.40 -19.21
C ALA E 599 -42.59 -2.17 -20.15
N HIS E 600 -41.88 -2.28 -21.29
CA HIS E 600 -41.89 -1.32 -22.41
C HIS E 600 -40.98 -0.10 -22.32
N THR E 601 -41.32 0.90 -21.50
CA THR E 601 -40.86 2.29 -21.72
C THR E 601 -39.98 2.82 -20.60
N ALA E 602 -38.66 2.68 -20.74
CA ALA E 602 -37.71 3.50 -19.99
C ALA E 602 -37.93 3.57 -18.48
N ALA E 603 -38.81 4.47 -18.05
CA ALA E 603 -39.18 4.60 -16.64
C ALA E 603 -39.64 3.27 -16.06
N ASP E 604 -40.22 2.41 -16.89
CA ASP E 604 -40.63 1.08 -16.44
C ASP E 604 -39.42 0.21 -16.13
N TRP E 605 -38.40 0.24 -16.98
CA TRP E 605 -37.15 -0.41 -16.62
C TRP E 605 -36.57 0.19 -15.36
N ASP E 606 -36.79 1.48 -15.13
CA ASP E 606 -36.35 2.08 -13.88
C ASP E 606 -37.07 1.47 -12.68
N GLN E 607 -38.36 1.18 -12.82
CA GLN E 607 -39.06 0.52 -11.71
C GLN E 607 -38.52 -0.89 -11.44
N LEU E 608 -38.10 -1.61 -12.49
CA LEU E 608 -37.66 -2.98 -12.30
C LEU E 608 -36.33 -3.05 -11.54
N THR E 609 -35.38 -2.18 -11.89
CA THR E 609 -34.18 -2.05 -11.09
C THR E 609 -34.51 -1.65 -9.66
N ASP E 610 -35.37 -0.62 -9.50
CA ASP E 610 -35.72 -0.12 -8.18
C ASP E 610 -36.29 -1.24 -7.31
N ALA E 611 -37.21 -2.04 -7.88
CA ALA E 611 -37.75 -3.18 -7.14
C ALA E 611 -36.65 -4.08 -6.62
N PHE E 612 -35.72 -4.45 -7.51
CA PHE E 612 -34.60 -5.29 -7.18
C PHE E 612 -33.84 -4.75 -5.98
N ASN E 613 -33.17 -3.59 -6.12
CA ASN E 613 -32.54 -2.90 -5.01
C ASN E 613 -33.32 -3.05 -3.71
N ALA E 614 -34.61 -2.65 -3.75
CA ALA E 614 -35.43 -2.68 -2.56
C ALA E 614 -35.37 -4.05 -1.88
N THR E 615 -35.64 -5.12 -2.63
CA THR E 615 -35.64 -6.46 -2.06
C THR E 615 -34.25 -6.87 -1.60
N TYR E 616 -33.20 -6.46 -2.32
CA TYR E 616 -31.84 -6.76 -1.91
C TYR E 616 -31.55 -6.14 -0.55
N GLY E 617 -32.12 -4.97 -0.29
CA GLY E 617 -32.02 -4.41 1.06
C GLY E 617 -32.71 -5.28 2.09
N ARG E 618 -33.87 -5.82 1.72
CA ARG E 618 -34.57 -6.72 2.64
C ARG E 618 -33.82 -8.02 2.80
N VAL E 619 -33.42 -8.64 1.68
CA VAL E 619 -32.79 -9.94 1.79
C VAL E 619 -31.49 -9.84 2.56
N TYR E 620 -30.75 -8.75 2.36
CA TYR E 620 -29.46 -8.65 3.01
C TYR E 620 -29.43 -7.50 4.00
N ALA E 621 -29.03 -6.33 3.51
CA ALA E 621 -28.85 -5.14 4.32
C ALA E 621 -28.70 -3.96 3.38
N ALA E 622 -29.36 -2.86 3.70
CA ALA E 622 -29.29 -1.66 2.87
C ALA E 622 -27.88 -1.39 2.37
N SER E 623 -26.88 -1.56 3.21
CA SER E 623 -25.52 -1.24 2.81
C SER E 623 -24.86 -2.37 2.04
N ALA E 624 -25.54 -3.51 1.85
CA ALA E 624 -25.05 -4.53 0.94
C ALA E 624 -25.12 -4.09 -0.50
N ARG E 625 -25.95 -3.09 -0.80
CA ARG E 625 -26.28 -2.72 -2.17
C ARG E 625 -25.09 -2.09 -2.87
N SER E 626 -24.78 -2.59 -4.08
CA SER E 626 -23.61 -2.18 -4.86
C SER E 626 -24.02 -1.78 -6.27
N PRO E 627 -24.92 -0.79 -6.42
CA PRO E 627 -25.42 -0.42 -7.76
C PRO E 627 -24.33 -0.10 -8.76
N GLU E 628 -23.21 0.47 -8.31
CA GLU E 628 -22.12 0.87 -9.20
C GLU E 628 -21.55 -0.28 -10.02
N LEU E 629 -21.87 -1.53 -9.69
CA LEU E 629 -21.42 -2.64 -10.52
C LEU E 629 -22.30 -2.80 -11.75
N GLY E 630 -23.43 -2.11 -11.79
CA GLY E 630 -24.43 -2.37 -12.80
C GLY E 630 -25.23 -3.62 -12.49
N TYR E 631 -26.20 -3.84 -13.35
CA TYR E 631 -27.22 -4.86 -13.14
C TYR E 631 -27.16 -5.90 -14.25
N SER E 632 -27.72 -7.07 -13.94
CA SER E 632 -27.77 -8.19 -14.88
C SER E 632 -29.10 -8.87 -14.64
N VAL E 633 -29.96 -8.90 -15.67
CA VAL E 633 -31.23 -9.64 -15.65
C VAL E 633 -30.98 -11.00 -16.28
N THR E 634 -31.21 -12.06 -15.49
CA THR E 634 -30.75 -13.41 -15.78
C THR E 634 -31.85 -14.36 -16.24
N GLY E 635 -33.11 -14.03 -16.00
CA GLY E 635 -34.22 -14.87 -16.45
C GLY E 635 -35.55 -14.13 -16.38
N ALA E 636 -36.58 -14.81 -16.89
CA ALA E 636 -37.95 -14.32 -16.84
C ALA E 636 -38.88 -15.47 -16.45
N ILE E 637 -39.93 -15.12 -15.71
CA ILE E 637 -40.84 -16.10 -15.14
C ILE E 637 -42.27 -15.66 -15.35
N MET E 638 -43.17 -16.65 -15.49
CA MET E 638 -44.61 -16.41 -15.62
C MET E 638 -45.38 -17.50 -14.88
N ARG E 639 -46.21 -17.09 -13.91
CA ARG E 639 -47.09 -17.97 -13.16
C ARG E 639 -48.51 -17.88 -13.71
N GLY E 640 -49.27 -18.98 -13.56
CA GLY E 640 -50.65 -19.02 -14.00
C GLY E 640 -51.58 -19.78 -13.07
N MET E 641 -52.51 -19.10 -12.41
CA MET E 641 -53.45 -19.69 -11.46
C MET E 641 -54.85 -19.76 -12.05
N VAL E 642 -55.51 -20.91 -11.87
CA VAL E 642 -56.95 -21.00 -12.13
C VAL E 642 -57.63 -21.40 -10.84
N PRO E 643 -58.86 -20.96 -10.58
CA PRO E 643 -59.52 -21.26 -9.30
C PRO E 643 -59.96 -22.71 -9.17
N ILE E 644 -60.03 -23.15 -7.92
CA ILE E 644 -60.30 -24.52 -7.52
C ILE E 644 -61.09 -24.43 -6.23
N PRO E 645 -62.05 -25.31 -5.98
CA PRO E 645 -62.66 -25.41 -4.66
C PRO E 645 -61.64 -25.81 -3.59
N LYS E 646 -61.30 -24.92 -2.62
CA LYS E 646 -60.40 -25.38 -1.56
C LYS E 646 -61.19 -26.08 -0.45
N PRO E 647 -60.58 -27.02 0.27
CA PRO E 647 -61.31 -27.72 1.34
C PRO E 647 -61.85 -26.74 2.37
N LYS E 648 -63.14 -26.90 2.70
CA LYS E 648 -63.88 -25.94 3.50
C LYS E 648 -63.77 -26.26 4.99
N ILE E 649 -63.18 -25.34 5.75
CA ILE E 649 -62.92 -25.54 7.18
C ILE E 649 -64.22 -25.37 7.97
N PRO E 650 -64.60 -26.33 8.81
CA PRO E 650 -65.85 -26.20 9.56
C PRO E 650 -65.88 -24.95 10.43
N LYS E 651 -67.08 -24.39 10.57
CA LYS E 651 -67.32 -23.21 11.39
C LYS E 651 -68.55 -23.48 12.25
N GLU E 652 -68.46 -24.51 13.11
CA GLU E 652 -69.61 -24.92 13.91
C GLU E 652 -69.85 -23.99 15.10
N PRO E 653 -71.11 -23.85 15.47
CA PRO E 653 -71.45 -23.13 16.72
C PRO E 653 -71.06 -23.94 17.95
N GLU E 654 -70.41 -23.29 18.89
CA GLU E 654 -69.86 -23.97 20.04
C GLU E 654 -70.93 -24.25 21.09
N GLU E 655 -70.85 -25.42 21.73
CA GLU E 655 -71.82 -25.75 22.77
C GLU E 655 -71.12 -26.10 24.08
N GLY E 656 -71.83 -26.81 24.95
CA GLY E 656 -71.36 -27.00 26.32
C GLY E 656 -70.09 -27.82 26.41
N GLU E 657 -69.41 -27.67 27.55
CA GLU E 657 -68.19 -28.43 27.81
C GLU E 657 -68.49 -29.88 28.16
N THR E 658 -69.69 -30.17 28.61
CA THR E 658 -70.07 -31.52 28.92
C THR E 658 -70.40 -32.27 27.64
N PRO E 659 -69.68 -33.33 27.30
CA PRO E 659 -69.95 -34.05 26.03
C PRO E 659 -71.12 -35.00 26.21
N PRO E 660 -71.80 -35.38 25.12
CA PRO E 660 -72.98 -36.25 25.24
C PRO E 660 -72.60 -37.64 25.71
N GLU E 661 -73.53 -38.26 26.46
CA GLU E 661 -73.30 -39.64 26.86
C GLU E 661 -73.14 -40.56 25.65
N SER E 662 -73.65 -40.15 24.49
CA SER E 662 -73.51 -40.93 23.27
C SER E 662 -72.05 -41.20 22.93
N ALA E 663 -71.13 -40.30 23.30
CA ALA E 663 -69.75 -40.44 22.87
C ALA E 663 -68.95 -41.47 23.65
N LYS E 664 -69.44 -41.89 24.82
CA LYS E 664 -68.70 -42.86 25.63
C LYS E 664 -68.84 -44.26 25.04
N ILE E 665 -67.70 -44.91 24.76
CA ILE E 665 -67.70 -46.25 24.19
C ILE E 665 -67.01 -47.24 25.14
N GLY E 666 -67.11 -47.02 26.44
CA GLY E 666 -66.47 -47.88 27.42
C GLY E 666 -65.04 -47.46 27.69
N THR E 667 -64.26 -48.40 28.22
CA THR E 667 -62.88 -48.13 28.61
C THR E 667 -61.96 -49.23 28.11
N ARG E 668 -60.66 -48.94 28.14
CA ARG E 668 -59.61 -49.91 27.84
C ARG E 668 -58.57 -49.91 28.95
N LYS E 669 -57.96 -51.08 29.16
CA LYS E 669 -56.83 -51.17 30.08
C LYS E 669 -55.63 -50.43 29.48
N PHE E 670 -55.19 -49.37 30.17
CA PHE E 670 -54.16 -48.45 29.69
C PHE E 670 -53.02 -48.44 30.70
N TYR E 671 -51.78 -48.65 30.21
CA TYR E 671 -50.60 -48.77 31.05
C TYR E 671 -49.59 -47.68 30.68
N ARG E 672 -49.27 -46.79 31.64
CA ARG E 672 -48.19 -45.82 31.40
C ARG E 672 -47.15 -45.91 32.52
N LYS E 673 -47.11 -44.95 33.44
CA LYS E 673 -45.95 -44.87 34.34
C LYS E 673 -46.11 -45.89 35.46
N LYS E 674 -45.71 -47.12 35.12
CA LYS E 674 -45.81 -48.31 35.98
C LYS E 674 -47.21 -48.46 36.58
N ARG E 675 -48.23 -48.08 35.81
CA ARG E 675 -49.59 -48.04 36.33
C ARG E 675 -50.59 -48.44 35.25
N TRP E 676 -51.60 -49.21 35.65
CA TRP E 676 -52.76 -49.53 34.82
C TRP E 676 -53.93 -48.64 35.22
N VAL E 677 -54.62 -48.05 34.23
CA VAL E 677 -55.82 -47.27 34.48
C VAL E 677 -56.85 -47.61 33.41
N ASP E 678 -58.12 -47.58 33.80
CA ASP E 678 -59.23 -47.81 32.86
C ASP E 678 -59.54 -46.49 32.17
N ALA E 679 -59.02 -46.32 30.95
CA ALA E 679 -59.10 -45.06 30.22
C ALA E 679 -60.37 -45.00 29.40
N GLN E 680 -61.11 -43.89 29.53
CA GLN E 680 -62.37 -43.73 28.83
C GLN E 680 -62.16 -43.80 27.32
N LEU E 681 -63.21 -44.21 26.62
CA LEU E 681 -63.21 -44.24 25.16
C LEU E 681 -64.26 -43.29 24.61
N TYR E 682 -63.87 -42.48 23.63
CA TYR E 682 -64.73 -41.50 22.99
C TYR E 682 -64.74 -41.65 21.47
N HIS E 683 -65.92 -41.55 20.89
CA HIS E 683 -66.07 -41.54 19.43
C HIS E 683 -65.79 -40.13 18.91
N MET E 684 -64.72 -39.96 18.13
CA MET E 684 -64.30 -38.64 17.67
C MET E 684 -65.46 -37.86 17.07
N GLU E 685 -66.20 -38.49 16.14
CA GLU E 685 -67.28 -37.79 15.45
C GLU E 685 -68.37 -37.36 16.42
N SER E 686 -68.55 -38.10 17.51
CA SER E 686 -69.60 -37.89 18.50
C SER E 686 -69.28 -36.80 19.52
N LEU E 687 -68.12 -36.17 19.44
CA LEU E 687 -67.79 -35.05 20.31
C LEU E 687 -68.29 -33.73 19.71
N ARG E 688 -68.64 -32.78 20.59
CA ARG E 688 -69.22 -31.51 20.16
C ARG E 688 -68.28 -30.34 20.45
N PRO E 689 -68.33 -29.28 19.65
CA PRO E 689 -67.46 -28.12 19.91
C PRO E 689 -67.64 -27.60 21.33
N GLY E 690 -66.52 -27.45 22.03
CA GLY E 690 -66.52 -26.96 23.37
C GLY E 690 -66.34 -28.03 24.42
N ASN E 691 -66.56 -29.30 24.06
CA ASN E 691 -66.41 -30.40 25.01
C ASN E 691 -65.02 -30.41 25.62
N ARG E 692 -64.90 -31.10 26.75
CA ARG E 692 -63.61 -31.36 27.36
C ARG E 692 -63.48 -32.85 27.67
N VAL E 693 -62.27 -33.36 27.51
CA VAL E 693 -61.96 -34.76 27.79
C VAL E 693 -60.74 -34.76 28.70
N MET E 694 -60.93 -35.16 29.96
CA MET E 694 -59.83 -35.33 30.89
C MET E 694 -59.22 -36.72 30.74
N GLY E 695 -57.90 -36.78 30.59
CA GLY E 695 -57.17 -38.04 30.58
C GLY E 695 -57.29 -38.74 31.92
N PRO E 696 -57.22 -40.07 31.91
CA PRO E 696 -56.93 -40.92 30.76
C PRO E 696 -58.16 -41.32 29.90
N ALA E 697 -58.03 -41.05 28.60
CA ALA E 697 -59.03 -41.46 27.63
C ALA E 697 -58.35 -41.57 26.27
N VAL E 698 -58.93 -42.40 25.41
CA VAL E 698 -58.52 -42.48 24.02
C VAL E 698 -59.70 -42.02 23.17
N ILE E 699 -59.43 -41.15 22.22
CA ILE E 699 -60.44 -40.67 21.29
C ILE E 699 -60.18 -41.38 19.97
N GLU E 700 -61.14 -42.21 19.56
CA GLU E 700 -61.00 -43.08 18.38
C GLU E 700 -62.07 -42.76 17.35
N SER E 701 -61.69 -42.80 16.08
CA SER E 701 -62.64 -42.74 14.98
C SER E 701 -62.31 -43.92 14.06
N ASP E 702 -62.85 -43.87 12.83
CA ASP E 702 -62.55 -44.92 11.87
C ASP E 702 -61.04 -45.07 11.70
N ALA E 703 -60.30 -43.95 11.64
CA ALA E 703 -58.90 -44.06 11.28
C ALA E 703 -57.96 -43.07 11.99
N THR E 704 -58.34 -42.49 13.12
CA THR E 704 -57.36 -41.79 13.94
C THR E 704 -57.57 -42.13 15.40
N THR E 705 -56.47 -42.40 16.10
CA THR E 705 -56.48 -42.71 17.53
C THR E 705 -55.68 -41.62 18.23
N PHE E 706 -56.38 -40.80 19.02
CA PHE E 706 -55.84 -39.62 19.68
C PHE E 706 -55.71 -39.95 21.15
N VAL E 707 -54.47 -39.95 21.65
CA VAL E 707 -54.13 -40.48 22.97
C VAL E 707 -53.97 -39.35 23.97
N VAL E 708 -54.75 -39.39 25.03
CA VAL E 708 -54.67 -38.40 26.13
C VAL E 708 -54.44 -39.12 27.45
N PRO E 709 -53.20 -39.38 27.87
CA PRO E 709 -52.97 -40.15 29.12
C PRO E 709 -53.43 -39.40 30.37
N ASP E 710 -53.41 -40.11 31.51
CA ASP E 710 -53.59 -39.41 32.78
C ASP E 710 -52.53 -38.33 32.87
N GLY E 711 -52.95 -37.15 33.30
CA GLY E 711 -52.08 -36.01 33.32
C GLY E 711 -52.25 -35.06 32.15
N PHE E 712 -53.23 -35.30 31.28
CA PHE E 712 -53.51 -34.41 30.16
C PHE E 712 -55.00 -34.15 30.04
N GLU E 713 -55.32 -33.21 29.15
CA GLU E 713 -56.70 -32.82 28.86
C GLU E 713 -56.79 -32.33 27.41
N THR E 714 -57.97 -32.49 26.79
CA THR E 714 -58.25 -31.97 25.46
C THR E 714 -59.62 -31.29 25.42
N TRP E 715 -59.76 -30.35 24.49
CA TRP E 715 -61.06 -29.79 24.13
C TRP E 715 -61.11 -29.62 22.60
N LEU E 716 -62.34 -29.66 22.08
CA LEU E 716 -62.63 -29.51 20.67
C LEU E 716 -63.22 -28.13 20.41
N ASP E 717 -62.78 -27.48 19.35
CA ASP E 717 -63.26 -26.15 19.00
C ASP E 717 -64.21 -26.24 17.81
N GLY E 718 -64.71 -25.09 17.39
CA GLY E 718 -65.65 -25.01 16.29
C GLY E 718 -65.10 -25.39 14.92
N HIS E 719 -63.79 -25.54 14.80
CA HIS E 719 -63.19 -25.91 13.53
C HIS E 719 -62.82 -27.38 13.48
N ARG E 720 -63.41 -28.20 14.34
CA ARG E 720 -63.08 -29.62 14.43
C ARG E 720 -61.61 -29.84 14.72
N LEU E 721 -60.99 -28.93 15.46
CA LEU E 721 -59.64 -29.08 15.96
C LEU E 721 -59.68 -29.49 17.44
N PHE E 722 -58.75 -30.35 17.84
CA PHE E 722 -58.57 -30.60 19.26
C PHE E 722 -57.40 -29.77 19.77
N HIS E 723 -57.34 -29.62 21.10
CA HIS E 723 -56.28 -28.86 21.73
C HIS E 723 -55.76 -29.67 22.91
N LEU E 724 -54.47 -29.98 22.91
CA LEU E 724 -53.85 -30.61 24.06
C LEU E 724 -53.44 -29.55 25.08
N ARG E 725 -53.83 -29.76 26.34
CA ARG E 725 -53.35 -28.99 27.48
C ARG E 725 -52.44 -29.85 28.35
N GLU E 726 -51.49 -29.19 29.01
CA GLU E 726 -50.60 -29.88 29.96
C GLU E 726 -51.37 -30.38 31.18
N VAL E 727 -51.95 -29.47 31.96
CA VAL E 727 -52.88 -29.85 33.05
C VAL E 727 -52.23 -30.69 34.17
N ALA F 2 -20.73 -45.73 31.32
CA ALA F 2 -21.97 -45.80 30.57
C ALA F 2 -21.88 -46.81 29.43
N TYR F 3 -20.81 -46.76 28.65
CA TYR F 3 -20.73 -47.58 27.45
C TYR F 3 -20.52 -49.04 27.80
N THR F 4 -21.18 -49.92 27.03
CA THR F 4 -21.02 -51.37 27.15
C THR F 4 -19.56 -51.80 26.95
N ARG F 5 -19.17 -52.84 27.69
CA ARG F 5 -17.78 -53.30 27.66
C ARG F 5 -17.41 -53.81 26.27
N SER F 6 -18.28 -54.64 25.65
CA SER F 6 -17.98 -55.16 24.32
C SER F 6 -17.79 -54.05 23.30
N LYS F 7 -18.42 -52.90 23.50
CA LYS F 7 -18.26 -51.77 22.60
C LYS F 7 -16.91 -51.10 22.79
N ILE F 8 -16.39 -51.04 24.02
CA ILE F 8 -15.07 -50.46 24.24
C ILE F 8 -13.99 -51.44 23.79
N VAL F 9 -14.30 -52.73 23.74
CA VAL F 9 -13.37 -53.66 23.11
C VAL F 9 -13.33 -53.39 21.62
N ASP F 10 -14.50 -53.30 20.98
CA ASP F 10 -14.58 -52.97 19.56
C ASP F 10 -13.82 -51.69 19.24
N LEU F 11 -13.88 -50.71 20.14
CA LEU F 11 -13.16 -49.48 19.90
C LEU F 11 -11.66 -49.72 19.91
N VAL F 12 -11.17 -50.69 20.69
CA VAL F 12 -9.75 -51.02 20.74
C VAL F 12 -9.34 -51.80 19.49
N ASP F 13 -10.16 -52.80 19.13
CA ASP F 13 -10.03 -53.63 17.95
C ASP F 13 -10.36 -52.90 16.66
N GLY F 14 -10.67 -51.60 16.69
CA GLY F 14 -11.00 -50.87 15.49
C GLY F 14 -12.19 -51.41 14.74
N LYS F 15 -13.18 -51.97 15.43
CA LYS F 15 -14.30 -52.62 14.78
C LYS F 15 -15.64 -52.04 15.22
N ILE F 16 -15.65 -50.87 15.82
CA ILE F 16 -16.86 -50.34 16.45
C ILE F 16 -17.82 -49.78 15.38
N ASP F 17 -19.12 -49.81 15.68
CA ASP F 17 -20.17 -49.34 14.79
C ASP F 17 -20.21 -47.82 14.71
N PRO F 18 -20.72 -47.26 13.60
CA PRO F 18 -20.70 -45.80 13.48
C PRO F 18 -21.59 -45.10 14.49
N ASP F 19 -22.74 -45.68 14.83
CA ASP F 19 -23.66 -44.99 15.73
C ASP F 19 -23.02 -44.78 17.10
N THR F 20 -22.38 -45.83 17.66
CA THR F 20 -21.74 -45.69 18.97
C THR F 20 -20.48 -44.86 18.87
N LEU F 21 -19.82 -44.88 17.72
CA LEU F 21 -18.65 -44.02 17.54
C LEU F 21 -19.04 -42.55 17.58
N HIS F 22 -20.18 -42.21 16.97
CA HIS F 22 -20.64 -40.83 17.04
C HIS F 22 -21.05 -40.46 18.46
N GLN F 23 -21.76 -41.37 19.14
CA GLN F 23 -22.16 -41.14 20.53
C GLN F 23 -20.93 -40.89 21.42
N MET F 24 -19.90 -41.74 21.31
CA MET F 24 -18.68 -41.52 22.09
C MET F 24 -18.10 -40.14 21.83
N LEU F 25 -18.27 -39.61 20.63
CA LEU F 25 -17.65 -38.34 20.28
C LEU F 25 -18.49 -37.17 20.72
N SER F 26 -19.79 -37.25 20.54
CA SER F 26 -20.65 -36.08 20.65
C SER F 26 -21.20 -35.85 22.05
N THR F 27 -20.95 -36.74 22.99
CA THR F 27 -21.52 -36.68 24.33
C THR F 27 -20.38 -36.61 25.34
N PRO F 28 -20.67 -36.22 26.58
CA PRO F 28 -19.62 -36.23 27.61
C PRO F 28 -19.06 -37.62 27.78
N LYS F 29 -17.77 -37.69 28.09
CA LYS F 29 -17.09 -38.97 28.18
C LYS F 29 -17.51 -39.72 29.45
N ASP F 30 -17.33 -41.03 29.41
CA ASP F 30 -17.62 -41.94 30.51
C ASP F 30 -16.42 -41.97 31.46
N PRO F 31 -16.58 -41.42 32.66
CA PRO F 31 -15.44 -41.33 33.60
C PRO F 31 -14.74 -42.66 33.79
N GLU F 32 -15.49 -43.75 33.65
CA GLU F 32 -15.08 -45.13 33.83
C GLU F 32 -14.18 -45.64 32.73
N ARG F 33 -13.92 -44.82 31.70
CA ARG F 33 -13.29 -45.35 30.49
C ARG F 33 -11.94 -45.96 30.82
N PHE F 34 -11.07 -45.19 31.47
CA PHE F 34 -9.70 -45.62 31.67
C PHE F 34 -9.62 -46.98 32.34
N VAL F 35 -10.41 -47.18 33.40
CA VAL F 35 -10.30 -48.43 34.15
C VAL F 35 -10.76 -49.61 33.30
N THR F 36 -11.81 -49.43 32.49
CA THR F 36 -12.26 -50.52 31.61
C THR F 36 -11.26 -50.83 30.51
N TYR F 37 -10.68 -49.79 29.91
CA TYR F 37 -9.70 -49.90 28.84
C TYR F 37 -8.47 -50.69 29.30
N VAL F 38 -7.80 -50.18 30.34
CA VAL F 38 -6.61 -50.81 30.88
C VAL F 38 -6.91 -52.24 31.33
N GLU F 39 -8.11 -52.51 31.82
CA GLU F 39 -8.41 -53.91 32.14
C GLU F 39 -8.50 -54.75 30.86
N ILE F 40 -9.08 -54.18 29.77
CA ILE F 40 -9.21 -54.89 28.50
C ILE F 40 -7.82 -55.22 27.91
N LEU F 41 -6.89 -54.27 27.98
CA LEU F 41 -5.53 -54.51 27.54
C LEU F 41 -4.85 -55.57 28.37
N GLN F 42 -5.10 -55.57 29.68
CA GLN F 42 -4.40 -56.48 30.58
C GLN F 42 -4.63 -57.92 30.17
N GLU F 43 -5.90 -58.31 29.98
CA GLU F 43 -6.24 -59.70 29.65
C GLU F 43 -5.69 -60.14 28.28
N ARG F 44 -5.17 -59.21 27.49
CA ARG F 44 -4.57 -59.50 26.19
C ARG F 44 -3.05 -59.53 26.22
N MET F 45 -2.41 -59.31 27.41
CA MET F 45 -0.97 -59.46 27.55
C MET F 45 -0.62 -60.89 27.94
N PRO F 46 0.58 -61.38 27.57
CA PRO F 46 0.96 -62.76 27.93
C PRO F 46 1.83 -62.79 29.19
N TRP F 47 1.85 -61.68 29.92
CA TRP F 47 2.55 -61.53 31.18
C TRP F 47 1.63 -60.84 32.17
N ASP F 48 1.55 -61.36 33.38
CA ASP F 48 0.52 -61.00 34.33
C ASP F 48 0.83 -59.70 35.09
N ASP F 49 1.96 -59.05 34.83
CA ASP F 49 2.26 -57.80 35.51
C ASP F 49 1.23 -56.71 35.18
N LYS F 50 0.87 -55.92 36.19
CA LYS F 50 -0.16 -54.90 36.04
C LYS F 50 0.27 -53.82 35.04
N ILE F 51 -0.68 -53.33 34.24
CA ILE F 51 -0.43 -52.20 33.35
C ILE F 51 -0.78 -50.91 34.09
N ILE F 52 0.10 -49.91 34.00
CA ILE F 52 -0.09 -48.63 34.68
C ILE F 52 -0.52 -47.54 33.72
N LEU F 53 0.05 -47.50 32.52
CA LEU F 53 -0.38 -46.51 31.54
C LEU F 53 -0.03 -46.99 30.14
N PRO F 54 -1.00 -47.06 29.22
CA PRO F 54 -0.64 -47.42 27.84
C PRO F 54 0.06 -46.27 27.12
N LEU F 55 1.19 -46.59 26.48
CA LEU F 55 2.01 -45.64 25.75
C LEU F 55 1.83 -45.72 24.24
N GLY F 56 1.37 -46.85 23.73
CA GLY F 56 1.06 -47.04 22.34
C GLY F 56 0.27 -48.33 22.19
N PRO F 57 -0.04 -48.69 20.95
CA PRO F 57 -0.84 -49.92 20.73
C PRO F 57 -0.15 -51.17 21.28
N LYS F 58 1.19 -51.19 21.29
CA LYS F 58 2.00 -52.32 21.73
C LYS F 58 3.09 -51.89 22.73
N LEU F 59 2.79 -50.90 23.57
CA LEU F 59 3.80 -50.29 24.43
C LEU F 59 3.11 -49.78 25.69
N PHE F 60 3.70 -50.05 26.86
CA PHE F 60 3.01 -49.73 28.11
C PHE F 60 4.02 -49.41 29.20
N ILE F 61 3.58 -48.62 30.19
CA ILE F 61 4.28 -48.57 31.48
C ILE F 61 3.65 -49.60 32.38
N VAL F 62 4.49 -50.36 33.07
CA VAL F 62 4.08 -51.60 33.73
C VAL F 62 4.70 -51.64 35.12
N GLN F 63 4.05 -52.37 36.02
CA GLN F 63 4.49 -52.53 37.39
C GLN F 63 4.95 -53.98 37.56
N GLN F 64 6.24 -54.16 37.79
CA GLN F 64 6.79 -55.50 37.94
C GLN F 64 6.13 -56.22 39.10
N LYS F 65 5.65 -57.44 38.85
CA LYS F 65 4.80 -58.12 39.82
C LYS F 65 5.46 -58.23 41.20
N VAL F 66 6.78 -58.36 41.24
CA VAL F 66 7.50 -58.66 42.48
C VAL F 66 8.22 -57.44 43.02
N SER F 67 9.06 -56.80 42.20
CA SER F 67 9.85 -55.69 42.68
C SER F 67 9.06 -54.41 42.85
N LYS F 68 7.95 -54.27 42.13
CA LYS F 68 7.11 -53.09 42.14
C LYS F 68 7.79 -51.90 41.45
N LYS F 69 8.80 -52.18 40.64
CA LYS F 69 9.41 -51.15 39.83
C LYS F 69 8.56 -50.89 38.58
N TRP F 70 8.57 -49.64 38.15
CA TRP F 70 7.84 -49.23 36.95
C TRP F 70 8.78 -49.23 35.76
N THR F 71 8.33 -49.82 34.65
CA THR F 71 9.16 -49.88 33.44
C THR F 71 8.31 -49.67 32.20
N VAL F 72 8.99 -49.35 31.10
CA VAL F 72 8.41 -49.30 29.78
C VAL F 72 8.53 -50.72 29.21
N ARG F 73 7.42 -51.28 28.75
CA ARG F 73 7.49 -52.64 28.27
C ARG F 73 6.73 -52.79 26.95
N CYS F 74 7.30 -53.59 26.06
CA CYS F 74 6.65 -54.06 24.86
C CYS F 74 5.54 -55.06 25.22
N GLU F 75 4.64 -55.31 24.26
CA GLU F 75 3.68 -56.39 24.47
C GLU F 75 4.34 -57.77 24.50
N CYS F 76 5.43 -57.97 23.75
CA CYS F 76 6.08 -59.27 23.68
C CYS F 76 6.77 -59.61 25.00
N GLY F 77 7.31 -58.62 25.69
CA GLY F 77 7.86 -58.82 27.02
C GLY F 77 8.98 -57.87 27.39
N HIS F 78 9.63 -57.31 26.37
CA HIS F 78 10.89 -56.61 26.58
C HIS F 78 10.68 -55.34 27.40
N ASP F 79 11.36 -55.27 28.54
CA ASP F 79 11.44 -54.03 29.29
C ASP F 79 12.57 -53.18 28.73
N PHE F 80 12.27 -51.92 28.45
CA PHE F 80 13.27 -51.02 27.92
C PHE F 80 14.05 -50.31 29.03
N CYS F 81 13.37 -49.72 30.00
CA CYS F 81 14.05 -48.79 30.90
C CYS F 81 13.12 -48.46 32.06
N ASP F 82 13.61 -47.61 32.96
CA ASP F 82 12.79 -47.06 34.03
C ASP F 82 11.76 -46.12 33.45
N TRP F 83 10.61 -46.01 34.10
CA TRP F 83 9.51 -45.26 33.47
C TRP F 83 9.83 -43.78 33.28
N LYS F 84 10.77 -43.23 34.04
CA LYS F 84 11.17 -41.85 33.83
C LYS F 84 12.16 -41.67 32.70
N ASP F 85 12.71 -42.76 32.14
CA ASP F 85 13.69 -42.64 31.07
C ASP F 85 13.05 -42.81 29.70
N ASN F 86 13.72 -42.25 28.70
CA ASN F 86 13.31 -42.35 27.30
C ASN F 86 13.52 -43.78 26.80
N TRP F 87 12.42 -44.49 26.48
CA TRP F 87 12.57 -45.86 25.97
C TRP F 87 13.36 -45.87 24.66
N LYS F 88 13.17 -44.84 23.80
CA LYS F 88 13.85 -44.83 22.50
C LYS F 88 15.36 -44.88 22.65
N LEU F 89 15.90 -44.35 23.76
CA LEU F 89 17.33 -44.44 24.01
C LEU F 89 17.80 -45.88 24.22
N SER F 90 16.91 -46.79 24.58
CA SER F 90 17.28 -48.19 24.78
C SER F 90 16.63 -49.09 23.74
N ALA F 91 16.31 -48.54 22.59
CA ALA F 91 15.71 -49.24 21.47
C ALA F 91 16.75 -49.38 20.36
N ARG F 92 16.34 -49.97 19.24
CA ARG F 92 17.14 -49.98 18.02
C ARG F 92 16.49 -49.07 16.98
N VAL F 93 17.32 -48.43 16.16
CA VAL F 93 16.86 -47.39 15.25
C VAL F 93 17.29 -47.69 13.81
N HIS F 94 16.39 -47.46 12.85
CA HIS F 94 16.74 -47.43 11.43
C HIS F 94 16.56 -46.01 10.92
N VAL F 95 17.60 -45.43 10.32
CA VAL F 95 17.57 -44.06 9.79
C VAL F 95 17.55 -44.08 8.25
N ARG F 96 16.51 -43.51 7.66
CA ARG F 96 16.44 -43.37 6.21
C ARG F 96 17.08 -42.03 5.80
N ASP F 97 18.35 -42.06 5.42
CA ASP F 97 19.05 -40.81 5.11
C ASP F 97 19.55 -40.77 3.67
N THR F 98 19.11 -41.69 2.82
CA THR F 98 19.42 -41.61 1.40
C THR F 98 18.14 -41.81 0.58
N PRO F 99 18.12 -41.27 -0.63
CA PRO F 99 16.99 -41.53 -1.54
C PRO F 99 16.65 -43.01 -1.73
N GLN F 100 17.61 -43.93 -1.67
CA GLN F 100 17.28 -45.35 -1.80
C GLN F 100 16.41 -45.82 -0.63
N LYS F 101 16.69 -45.32 0.57
CA LYS F 101 15.86 -45.67 1.72
C LYS F 101 14.53 -44.94 1.68
N MET F 102 14.52 -43.67 1.25
CA MET F 102 13.25 -42.94 1.16
C MET F 102 12.34 -43.49 0.08
N GLU F 103 12.92 -43.96 -1.03
CA GLU F 103 12.11 -44.49 -2.12
C GLU F 103 11.63 -45.91 -1.85
N GLU F 104 11.91 -46.43 -0.66
CA GLU F 104 11.37 -47.70 -0.21
C GLU F 104 10.02 -47.52 0.44
N ILE F 105 9.66 -46.29 0.81
CA ILE F 105 8.38 -46.03 1.45
C ILE F 105 7.65 -44.84 0.85
N TYR F 106 8.19 -44.23 -0.19
CA TYR F 106 7.57 -43.12 -0.87
C TYR F 106 7.95 -43.29 -2.34
N PRO F 107 7.06 -42.98 -3.27
CA PRO F 107 7.51 -42.86 -4.64
C PRO F 107 8.40 -41.64 -4.73
N ARG F 108 9.38 -41.72 -5.63
CA ARG F 108 10.28 -40.61 -5.85
C ARG F 108 9.47 -39.36 -6.15
N LEU F 109 10.08 -38.20 -5.87
CA LEU F 109 9.44 -36.88 -5.94
C LEU F 109 8.49 -36.61 -4.78
N MET F 110 7.77 -37.63 -4.31
CA MET F 110 6.94 -37.49 -3.12
C MET F 110 7.70 -37.80 -1.83
N ALA F 111 8.91 -38.37 -1.94
CA ALA F 111 9.76 -38.58 -0.78
C ALA F 111 10.33 -37.27 -0.25
N PRO F 112 10.58 -37.16 1.05
CA PRO F 112 11.35 -36.03 1.55
C PRO F 112 12.79 -36.09 1.03
N THR F 113 13.45 -34.94 1.07
CA THR F 113 14.87 -34.86 0.77
C THR F 113 15.67 -35.14 2.05
N PRO F 114 16.59 -36.10 2.06
CA PRO F 114 17.19 -36.54 3.33
C PRO F 114 18.27 -35.61 3.86
N SER F 115 18.81 -34.70 3.04
CA SER F 115 19.62 -33.62 3.57
C SER F 115 18.80 -32.51 4.23
N TRP F 116 17.47 -32.57 4.22
CA TRP F 116 16.67 -31.64 4.99
C TRP F 116 15.89 -32.30 6.10
N GLN F 117 15.51 -33.56 5.91
CA GLN F 117 14.60 -34.25 6.80
C GLN F 117 14.86 -35.74 6.69
N VAL F 118 14.92 -36.39 7.82
CA VAL F 118 15.26 -37.80 7.91
C VAL F 118 14.14 -38.54 8.64
N ILE F 119 13.89 -39.78 8.23
CA ILE F 119 12.93 -40.68 8.87
C ILE F 119 13.71 -41.63 9.80
N ARG F 120 13.47 -41.53 11.12
CA ARG F 120 14.10 -42.39 12.11
C ARG F 120 13.12 -43.41 12.68
N GLU F 121 13.25 -44.66 12.31
CA GLU F 121 12.35 -45.69 12.81
C GLU F 121 12.91 -46.35 14.07
N TYR F 122 12.03 -46.64 15.04
CA TYR F 122 12.42 -47.15 16.36
C TYR F 122 11.74 -48.50 16.65
N PHE F 123 12.55 -49.55 16.87
CA PHE F 123 12.04 -50.91 17.03
C PHE F 123 12.32 -51.49 18.41
N CYS F 124 11.43 -52.40 18.82
CA CYS F 124 11.70 -53.22 19.99
C CYS F 124 12.82 -54.20 19.64
N PRO F 125 13.73 -54.47 20.57
CA PRO F 125 14.84 -55.36 20.24
C PRO F 125 14.43 -56.80 20.05
N GLU F 126 13.34 -57.25 20.66
CA GLU F 126 13.04 -58.68 20.61
C GLU F 126 12.11 -59.08 19.48
N CYS F 127 11.12 -58.26 19.13
CA CYS F 127 10.09 -58.69 18.20
C CYS F 127 10.04 -57.89 16.90
N GLY F 128 10.88 -56.86 16.74
CA GLY F 128 10.87 -56.06 15.54
C GLY F 128 9.68 -55.13 15.38
N THR F 129 8.90 -54.92 16.44
CA THR F 129 7.72 -54.08 16.30
C THR F 129 8.11 -52.61 16.24
N LEU F 130 7.50 -51.88 15.32
CA LEU F 130 7.79 -50.47 15.13
C LEU F 130 6.93 -49.65 16.08
N HIS F 131 7.53 -49.17 17.17
CA HIS F 131 6.79 -48.43 18.18
C HIS F 131 6.72 -46.93 17.92
N ASP F 132 7.65 -46.37 17.13
CA ASP F 132 7.61 -44.92 16.87
C ASP F 132 8.50 -44.57 15.68
N VAL F 133 8.07 -43.57 14.89
CA VAL F 133 8.84 -43.01 13.78
C VAL F 133 8.89 -41.50 13.97
N GLU F 134 10.10 -40.95 14.02
CA GLU F 134 10.35 -39.51 14.02
C GLU F 134 10.75 -39.06 12.63
N ALA F 135 10.51 -37.77 12.32
CA ALA F 135 10.91 -37.18 11.03
C ALA F 135 11.60 -35.83 11.24
N PRO F 136 12.72 -35.79 12.01
CA PRO F 136 13.42 -34.52 12.22
C PRO F 136 14.44 -34.21 11.14
N THR F 137 15.30 -33.24 11.45
CA THR F 137 16.46 -32.94 10.63
C THR F 137 17.64 -33.79 11.05
N PRO F 138 18.71 -33.79 10.27
CA PRO F 138 19.99 -34.26 10.80
C PRO F 138 20.40 -33.46 12.03
N TRP F 139 21.14 -34.13 12.93
CA TRP F 139 21.67 -33.62 14.20
C TRP F 139 20.62 -33.61 15.32
N TYR F 140 19.35 -33.74 14.98
CA TYR F 140 18.32 -33.37 15.95
C TYR F 140 18.26 -34.40 17.07
N PRO F 141 18.23 -33.98 18.32
CA PRO F 141 18.20 -34.96 19.41
C PRO F 141 17.05 -35.92 19.28
N VAL F 142 17.15 -37.04 19.99
CA VAL F 142 16.03 -37.93 20.18
C VAL F 142 15.04 -37.25 21.12
N ILE F 143 13.76 -37.54 20.94
CA ILE F 143 12.69 -36.79 21.60
C ILE F 143 12.04 -37.67 22.68
N HIS F 144 11.99 -37.15 23.91
CA HIS F 144 11.27 -37.81 24.98
C HIS F 144 9.83 -37.34 24.87
N ASP F 145 8.99 -38.19 24.27
CA ASP F 145 7.65 -37.78 23.84
C ASP F 145 6.79 -37.34 25.01
N PHE F 146 6.76 -38.13 26.09
CA PHE F 146 5.72 -38.04 27.12
C PHE F 146 6.25 -38.44 28.49
N SER F 147 6.11 -37.53 29.45
CA SER F 147 6.45 -37.72 30.87
C SER F 147 5.19 -37.51 31.69
N PRO F 148 4.44 -38.58 32.00
CA PRO F 148 3.13 -38.41 32.67
C PRO F 148 3.21 -38.32 34.19
N ASP F 149 2.37 -37.46 34.75
CA ASP F 149 2.17 -37.37 36.19
C ASP F 149 1.18 -38.44 36.61
N ILE F 150 1.70 -39.67 36.76
CA ILE F 150 0.88 -40.84 37.03
C ILE F 150 0.19 -40.71 38.39
N GLU F 151 0.90 -40.18 39.39
CA GLU F 151 0.29 -39.99 40.72
C GLU F 151 -0.94 -39.11 40.66
N GLY F 152 -0.75 -37.88 40.16
CA GLY F 152 -1.88 -36.97 40.07
C GLY F 152 -3.00 -37.56 39.24
N PHE F 153 -2.65 -38.28 38.18
CA PHE F 153 -3.69 -38.85 37.33
C PHE F 153 -4.54 -39.82 38.13
N TYR F 154 -3.90 -40.84 38.70
CA TYR F 154 -4.61 -41.85 39.48
C TYR F 154 -5.29 -41.26 40.70
N GLN F 155 -4.62 -40.35 41.40
CA GLN F 155 -5.04 -39.90 42.72
C GLN F 155 -6.07 -38.78 42.66
N GLU F 156 -5.78 -37.74 41.87
CA GLU F 156 -6.62 -36.55 41.78
C GLU F 156 -7.68 -36.64 40.68
N TRP F 157 -7.35 -37.19 39.50
CA TRP F 157 -8.33 -37.24 38.43
C TRP F 157 -9.15 -38.50 38.44
N LEU F 158 -8.63 -39.60 38.97
CA LEU F 158 -9.34 -40.85 38.89
C LEU F 158 -9.96 -41.31 40.20
N GLY F 159 -9.55 -40.74 41.32
CA GLY F 159 -10.02 -41.21 42.63
C GLY F 159 -9.51 -42.59 42.96
N LEU F 160 -8.33 -42.92 42.46
CA LEU F 160 -7.73 -44.23 42.62
C LEU F 160 -6.40 -44.12 43.34
N PRO F 161 -6.05 -45.11 44.16
CA PRO F 161 -4.71 -45.15 44.73
C PRO F 161 -3.64 -45.39 43.67
N VAL F 162 -2.46 -44.82 43.92
CA VAL F 162 -1.30 -45.06 43.05
C VAL F 162 -0.82 -46.49 43.26
N PRO F 163 -0.40 -47.20 42.21
CA PRO F 163 0.18 -48.53 42.41
C PRO F 163 1.46 -48.46 43.22
N GLU F 164 1.75 -49.55 43.93
CA GLU F 164 3.01 -49.65 44.66
C GLU F 164 4.18 -49.35 43.74
N ARG F 165 5.22 -48.72 44.27
CA ARG F 165 6.34 -48.34 43.42
C ARG F 165 7.66 -48.34 44.18
N ALA F 166 8.66 -49.02 43.62
CA ALA F 166 10.08 -48.96 44.02
C ALA F 166 10.87 -48.15 42.99
N ASP F 167 12.19 -48.05 43.21
CA ASP F 167 13.08 -47.34 42.27
C ASP F 167 13.94 -48.26 41.39
MN MN G . 10.25 13.39 -6.34
S SO4 H . 30.62 57.09 4.48
O1 SO4 H . 30.92 56.40 3.21
O2 SO4 H . 29.55 58.09 4.32
O3 SO4 H . 30.16 56.16 5.53
O4 SO4 H . 31.82 57.80 4.88
ZN ZN I . 31.92 24.46 -46.26
MN MN J . -6.76 -16.16 4.12
S SO4 K . -48.31 -43.69 6.09
O1 SO4 K . -47.86 -44.74 5.18
O2 SO4 K . -49.45 -42.94 5.58
O3 SO4 K . -48.72 -44.34 7.32
O4 SO4 K . -47.18 -42.79 6.28
ZN ZN L . 8.93 -56.45 21.56
#